data_4A7H
#
_entry.id   4A7H
#
_cell.length_a   1.000
_cell.length_b   1.000
_cell.length_c   1.000
_cell.angle_alpha   90.00
_cell.angle_beta   90.00
_cell.angle_gamma   90.00
#
_symmetry.space_group_name_H-M   'P 1'
#
loop_
_entity.id
_entity.type
_entity.pdbx_description
1 polymer 'ACTIN, ALPHA SKELETAL MUSCLE'
2 polymer 'TROPOMYOSIN 1-ALPHA CHAIN'
3 polymer 'MYOSIN IE HEAVY CHAIN'
4 non-polymer "ADENOSINE-5'-DIPHOSPHATE"
5 non-polymer 'CALCIUM ION'
#
loop_
_entity_poly.entity_id
_entity_poly.type
_entity_poly.pdbx_seq_one_letter_code
_entity_poly.pdbx_strand_id
1 'polypeptide(L)'
;DEDETTALVCDNGSGLVKAGFAGDDAPRAVFPSIVGRPRHQGVMVGMGQKDSYVGDEAQSKRGILTLKYPIE(HIC)GII
TNWDDMEKIWHHTFYNELRVAPEEHPTLLTEAPLNPKANREKMTQIMFETFNVPAMYVAIQAVLSLYASGRTTGIVLDSG
DGVTHNVPIYEGYALPHAIMRLDLAGRDLTDYLMKILTERGYSFVTTAEREIVRDIKEKLCYVALDFENEMATAASSSSL
EKSYELPDGQVITIGNERFRCPETLFQPSFIGMESAGIHETTYNSIMKCDIDIRKDLYANNVMSGGTTMYPGIADRMQKE
ITALAPSTMKIKIIAPPERKYSVWIGGSILASLSTFQQMWITKQEYDEAGPSIVHRKCF
;
A,D,E,F,G
2 'polypeptide(L)'
;ELDRAQERLATALQKLEEAEKAADESERGMKVIESRAQKDEEKMEIQEIQLKEAKHIAEDADRKYEEVARKLVIIESDLE
RAEERAELSEGKCAELEEELKTVTNNLKSLEAQAEKYSQKEDKYEEEIKVLSDKLK
;
B,H
3 'polypeptide(L)'
;MIPKTKAEGVPDFVLLNQITENAFIENLTMRHKSDNIYTYIGDVVISTNPFKNLNIYKESDIKAYNGRYKYEMPPHMYAL
ANDAYRSMRQSQENQCVIISGESGAGKTEASKKIMQFLTFVSSNQSPNGERISKMLLDSNPLLEAFGNAKTLRNDNSSRF
GKYMEMQFNAVGSPIGGKITNYLLEKSRVVGRTQGERSFHIFYQMLKGLSQSKLDELGLTPNAPAYEYLKKSGCFDVSTI
DDSGEFKIIVKAMETLGLKESDQNSIWRILAAILHIGNITFAEAAEQRTGTTTVKVSDTKSLAAAASCLKTDQQSLSIAL
CYRSISTGVGKRCEVISVPMDCNQAAYSRDALAKALYERLFNWLVSKINTIINCTTEKGPVIGILDIYGFEVFQNNSFEQ
LNINFCNEKLQQLFIELTLKSEQEEYVREGIEWKNIEYFNNKPICELIEKKPIGLISLLDEACLIAKSTDQTFLDSICKQ
FEKNPHLQSYVVSKDRSIGDTCFRLKHYAGDVTYDVRGFLDKNKDTLFGDLISSMQSSSDPLVQGLFPPTRPEDSKKRPE
TAGSQFRNAMNALITTLLACSPHYVRCIKSNDNKQAGVIDEDRVRHQVRYLGLLENVRVRRAGFAGRIEYTRFYNRYKML
CKKTWPSFNGTAKQATELILQQHNIDKEEIRMGKTKVFIRNPTTLFYFEEKRELEMP
;
C,I,J
#
loop_
_chem_comp.id
_chem_comp.type
_chem_comp.name
_chem_comp.formula
ADP non-polymer ADENOSINE-5'-DIPHOSPHATE 'C10 H15 N5 O10 P2'
CA non-polymer 'CALCIUM ION' 'Ca 2'
#
# COMPACT_ATOMS: atom_id res chain seq x y z
N ASP A 1 12.93 10.02 3.31
CA ASP A 1 13.58 10.42 4.60
C ASP A 1 14.29 11.77 4.47
N GLU A 2 15.15 11.89 3.46
CA GLU A 2 15.91 13.11 3.25
C GLU A 2 16.03 13.44 1.76
N ASP A 3 16.74 12.59 1.02
CA ASP A 3 16.93 12.79 -0.40
C ASP A 3 15.63 12.52 -1.13
N GLU A 4 15.42 13.20 -2.25
CA GLU A 4 14.18 13.08 -3.03
C GLU A 4 13.01 13.67 -2.26
N THR A 5 12.19 14.45 -2.94
CA THR A 5 11.11 15.22 -2.29
C THR A 5 10.35 14.40 -1.25
N THR A 6 10.08 13.14 -1.56
CA THR A 6 9.37 12.23 -0.66
C THR A 6 7.95 12.72 -0.39
N ALA A 7 6.98 11.98 -0.90
CA ALA A 7 5.57 12.39 -0.80
C ALA A 7 4.86 11.78 0.40
N LEU A 8 3.84 12.48 0.89
CA LEU A 8 3.06 12.02 2.03
C LEU A 8 1.96 11.08 1.58
N VAL A 9 1.22 10.53 2.54
CA VAL A 9 0.09 9.65 2.25
C VAL A 9 -1.09 10.03 3.12
N CYS A 10 -2.25 10.23 2.50
CA CYS A 10 -3.44 10.66 3.23
C CYS A 10 -4.71 10.03 2.64
N ASP A 11 -5.78 10.06 3.43
CA ASP A 11 -7.07 9.53 2.99
C ASP A 11 -8.19 10.13 3.83
N ASN A 12 -8.75 11.24 3.37
CA ASN A 12 -9.79 11.95 4.09
C ASN A 12 -11.19 11.42 3.76
N GLY A 13 -11.99 11.20 4.78
CA GLY A 13 -13.36 10.77 4.61
C GLY A 13 -14.33 11.79 5.18
N SER A 14 -15.56 11.35 5.43
CA SER A 14 -16.59 12.23 6.00
C SER A 14 -16.86 11.87 7.45
N GLY A 15 -15.88 11.27 8.11
CA GLY A 15 -16.02 10.85 9.49
C GLY A 15 -14.69 10.70 10.20
N LEU A 16 -13.74 10.06 9.54
CA LEU A 16 -12.42 9.82 10.12
C LEU A 16 -11.32 10.09 9.09
N VAL A 17 -10.32 10.86 9.50
CA VAL A 17 -9.22 11.21 8.61
C VAL A 17 -8.02 10.31 8.86
N LYS A 18 -7.45 9.78 7.77
CA LYS A 18 -6.29 8.91 7.85
C LYS A 18 -5.08 9.56 7.20
N ALA A 19 -4.05 9.84 8.01
CA ALA A 19 -2.85 10.49 7.51
C ALA A 19 -1.65 10.15 8.41
N GLY A 20 -0.49 9.99 7.79
CA GLY A 20 0.73 9.70 8.51
C GLY A 20 1.93 10.40 7.89
N PHE A 21 3.12 9.91 8.20
CA PHE A 21 4.34 10.48 7.62
C PHE A 21 4.45 10.09 6.15
N ALA A 22 5.67 9.93 5.66
CA ALA A 22 5.88 9.60 4.25
C ALA A 22 6.52 8.22 4.07
N GLY A 23 6.16 7.55 2.99
CA GLY A 23 6.70 6.24 2.69
C GLY A 23 6.33 5.19 3.72
N ASP A 24 5.22 5.40 4.41
CA ASP A 24 4.76 4.49 5.46
C ASP A 24 3.84 3.41 4.88
N ASP A 25 3.43 2.49 5.74
CA ASP A 25 2.55 1.39 5.33
C ASP A 25 1.13 1.60 5.84
N ALA A 26 1.01 2.24 7.00
CA ALA A 26 -0.28 2.45 7.64
C ALA A 26 -0.36 3.85 8.24
N PRO A 27 -1.59 4.36 8.46
CA PRO A 27 -1.74 5.71 9.01
C PRO A 27 -1.13 5.86 10.40
N ARG A 28 -0.41 6.95 10.63
CA ARG A 28 0.24 7.20 11.90
C ARG A 28 -0.60 8.08 12.81
N ALA A 29 -1.42 8.94 12.20
CA ALA A 29 -2.31 9.81 12.96
C ALA A 29 -3.72 9.78 12.38
N VAL A 30 -4.66 9.24 13.16
CA VAL A 30 -6.04 9.15 12.73
C VAL A 30 -6.95 9.92 13.69
N PHE A 31 -7.02 11.24 13.50
CA PHE A 31 -7.82 12.10 14.36
C PHE A 31 -9.26 12.15 13.85
N PRO A 32 -10.22 12.33 14.77
CA PRO A 32 -11.64 12.40 14.38
C PRO A 32 -12.00 13.72 13.71
N SER A 33 -13.00 13.69 12.84
CA SER A 33 -13.42 14.87 12.11
C SER A 33 -14.56 15.57 12.85
N ILE A 34 -14.21 16.42 13.81
CA ILE A 34 -15.19 17.15 14.59
C ILE A 34 -14.76 18.60 14.81
N VAL A 35 -15.72 19.51 14.72
CA VAL A 35 -15.45 20.93 14.91
C VAL A 35 -16.73 21.70 15.26
N GLY A 36 -16.89 21.99 16.54
CA GLY A 36 -18.06 22.70 17.02
C GLY A 36 -17.71 24.01 17.70
N ARG A 37 -18.70 24.66 18.28
CA ARG A 37 -18.50 25.93 18.97
C ARG A 37 -18.81 25.81 20.46
N PRO A 38 -18.61 26.90 21.19
CA PRO A 38 -18.87 26.91 22.64
C PRO A 38 -20.14 27.72 22.80
N ARG A 39 -21.23 27.08 22.42
CA ARG A 39 -22.55 27.70 22.40
C ARG A 39 -22.78 28.54 23.70
N HIS A 40 -22.09 28.00 24.73
CA HIS A 40 -21.93 28.44 26.06
C HIS A 40 -21.20 29.80 26.38
N GLN A 41 -20.05 30.21 25.67
CA GLN A 41 -19.17 31.50 25.90
C GLN A 41 -17.77 31.22 26.55
N GLY A 42 -17.14 30.08 26.14
CA GLY A 42 -15.74 29.62 26.50
C GLY A 42 -15.06 29.92 27.85
N VAL A 43 -15.61 30.77 28.69
CA VAL A 43 -14.99 31.43 29.83
C VAL A 43 -14.66 32.90 29.13
N MET A 44 -14.79 32.83 27.71
CA MET A 44 -14.59 33.83 26.58
C MET A 44 -13.22 34.50 26.55
N VAL A 45 -12.75 34.86 27.78
CA VAL A 45 -11.40 35.34 28.13
C VAL A 45 -10.46 34.11 28.52
N GLY A 46 -11.01 32.96 29.08
CA GLY A 46 -10.17 31.73 29.41
C GLY A 46 -9.84 30.88 28.16
N MET A 47 -9.55 31.75 27.19
CA MET A 47 -9.12 31.68 25.82
C MET A 47 -10.25 32.19 24.90
N GLY A 48 -9.82 33.01 23.84
CA GLY A 48 -10.71 33.63 22.79
C GLY A 48 -11.33 32.58 21.95
N GLN A 49 -12.07 31.74 22.73
CA GLN A 49 -12.68 30.48 22.40
C GLN A 49 -12.16 29.84 21.07
N LYS A 50 -12.66 30.49 19.98
CA LYS A 50 -12.58 30.14 18.59
C LYS A 50 -12.75 28.62 18.27
N ASP A 51 -11.55 27.98 18.31
CA ASP A 51 -11.14 26.64 17.88
C ASP A 51 -12.08 25.50 17.95
N SER A 52 -13.43 25.71 17.77
CA SER A 52 -14.54 24.70 17.83
C SER A 52 -14.28 23.32 18.55
N TYR A 53 -12.99 23.25 18.86
CA TYR A 53 -12.14 22.24 19.33
C TYR A 53 -12.06 21.12 18.28
N VAL A 54 -10.86 20.58 18.08
CA VAL A 54 -10.66 19.51 17.11
C VAL A 54 -9.61 18.51 17.60
N GLY A 55 -9.32 17.52 16.77
CA GLY A 55 -8.35 16.50 17.11
C GLY A 55 -8.58 15.92 18.49
N ASP A 56 -7.62 15.14 18.97
CA ASP A 56 -7.72 14.52 20.29
C ASP A 56 -8.12 15.55 21.35
N GLU A 57 -8.00 16.82 21.00
CA GLU A 57 -8.35 17.89 21.92
C GLU A 57 -9.86 18.00 22.10
N ALA A 58 -10.59 17.97 21.00
CA ALA A 58 -12.05 18.05 21.04
C ALA A 58 -12.66 16.73 21.50
N GLN A 59 -12.21 15.63 20.91
CA GLN A 59 -12.74 14.31 21.25
C GLN A 59 -12.56 14.00 22.73
N SER A 60 -11.49 14.52 23.33
CA SER A 60 -11.22 14.29 24.74
C SER A 60 -12.26 14.98 25.61
N LYS A 61 -12.66 16.19 25.21
CA LYS A 61 -13.64 16.96 25.97
C LYS A 61 -14.78 17.41 25.06
N ARG A 62 -15.75 16.53 24.85
CA ARG A 62 -16.92 16.88 24.06
C ARG A 62 -17.82 17.82 24.86
N GLY A 63 -18.19 17.36 26.05
CA GLY A 63 -19.05 18.10 26.96
C GLY A 63 -19.54 19.45 26.48
N ILE A 64 -18.63 20.42 26.43
CA ILE A 64 -19.02 21.80 26.16
C ILE A 64 -18.74 22.17 24.70
N LEU A 65 -18.98 21.22 23.80
CA LEU A 65 -18.75 21.44 22.38
C LEU A 65 -19.99 21.12 21.56
N THR A 66 -20.49 22.12 20.84
CA THR A 66 -21.61 21.92 19.92
C THR A 66 -21.07 21.41 18.60
N LEU A 67 -20.71 20.13 18.56
CA LEU A 67 -20.09 19.53 17.38
C LEU A 67 -20.88 19.83 16.11
N LYS A 68 -20.31 20.69 15.28
CA LYS A 68 -20.94 21.09 14.03
C LYS A 68 -20.33 20.31 12.86
N TYR A 69 -21.16 19.53 12.18
CA TYR A 69 -20.69 18.69 11.08
C TYR A 69 -20.57 19.50 9.79
N PRO A 70 -19.34 19.67 9.28
CA PRO A 70 -19.17 20.46 8.06
C PRO A 70 -19.42 19.67 6.78
N ILE A 71 -18.90 18.46 6.70
CA ILE A 71 -19.01 17.66 5.48
C ILE A 71 -20.13 16.63 5.58
N GLU A 72 -21.23 16.90 4.89
CA GLU A 72 -22.34 15.95 4.79
C GLU A 72 -22.49 15.50 3.34
N HIC A 73 -22.31 14.20 3.09
CA HIC A 73 -22.26 13.59 1.65
C HIC A 73 -22.39 14.68 0.50
O HIC A 73 -23.52 15.07 0.18
CB HIC A 73 -23.39 12.53 1.36
CG HIC A 73 -24.73 13.15 1.51
ND1 HIC A 73 -25.63 13.26 0.44
CD2 HIC A 73 -25.26 13.70 2.67
CE1 HIC A 73 -26.72 13.88 0.95
NE2 HIC A 73 -26.53 14.15 2.31
CZ HIC A 73 -27.47 14.80 3.20
N GLY A 74 -21.26 15.11 -0.06
CA GLY A 74 -21.27 16.05 -1.17
C GLY A 74 -21.13 17.49 -0.73
N ILE A 75 -22.15 18.01 -0.06
CA ILE A 75 -22.17 19.42 0.34
C ILE A 75 -21.34 19.68 1.60
N ILE A 76 -20.48 20.68 1.52
CA ILE A 76 -19.73 21.15 2.68
C ILE A 76 -20.33 22.48 3.14
N THR A 77 -21.07 22.44 4.25
CA THR A 77 -21.77 23.62 4.75
C THR A 77 -20.85 24.83 4.83
N ASN A 78 -19.57 24.59 5.12
CA ASN A 78 -18.60 25.67 5.23
C ASN A 78 -17.17 25.18 5.00
N TRP A 79 -16.44 25.87 4.13
CA TRP A 79 -15.08 25.50 3.79
C TRP A 79 -14.06 26.15 4.71
N ASP A 80 -14.44 27.27 5.31
CA ASP A 80 -13.52 28.05 6.14
C ASP A 80 -12.90 27.20 7.25
N ASP A 81 -13.66 26.26 7.79
CA ASP A 81 -13.19 25.43 8.89
C ASP A 81 -12.18 24.40 8.40
N MET A 82 -12.38 23.88 7.20
CA MET A 82 -11.49 22.87 6.62
C MET A 82 -10.06 23.38 6.49
N GLU A 83 -9.91 24.68 6.29
CA GLU A 83 -8.59 25.28 6.11
C GLU A 83 -7.73 25.08 7.35
N LYS A 84 -8.31 25.28 8.53
CA LYS A 84 -7.57 25.16 9.78
C LYS A 84 -7.54 23.73 10.31
N ILE A 85 -8.24 22.83 9.63
CA ILE A 85 -8.20 21.41 9.98
C ILE A 85 -6.97 20.76 9.34
N TRP A 86 -6.61 21.24 8.16
CA TRP A 86 -5.45 20.72 7.44
C TRP A 86 -4.18 21.43 7.90
N HIS A 87 -4.33 22.58 8.53
CA HIS A 87 -3.19 23.32 9.07
C HIS A 87 -2.66 22.66 10.34
N HIS A 88 -3.40 21.68 10.84
CA HIS A 88 -3.01 20.98 12.06
C HIS A 88 -2.30 19.66 11.73
N THR A 89 -2.79 18.98 10.70
CA THR A 89 -2.28 17.67 10.34
C THR A 89 -0.79 17.68 9.98
N PHE A 90 -0.45 18.39 8.91
CA PHE A 90 0.92 18.38 8.38
C PHE A 90 1.97 18.92 9.35
N TYR A 91 1.54 19.75 10.30
CA TYR A 91 2.49 20.49 11.12
C TYR A 91 2.54 19.98 12.56
N ASN A 92 1.41 20.04 13.26
CA ASN A 92 1.37 19.70 14.69
C ASN A 92 1.87 18.30 15.02
N GLU A 93 1.74 17.37 14.08
CA GLU A 93 2.19 16.00 14.32
C GLU A 93 3.31 15.59 13.37
N LEU A 94 3.06 15.71 12.07
CA LEU A 94 4.02 15.26 11.07
C LEU A 94 5.26 16.14 11.08
N ARG A 95 5.10 17.41 11.45
CA ARG A 95 6.23 18.34 11.56
C ARG A 95 6.94 18.50 10.22
N VAL A 96 6.19 18.41 9.12
CA VAL A 96 6.73 18.58 7.79
C VAL A 96 5.85 19.54 7.00
N ALA A 97 6.46 20.27 6.05
CA ALA A 97 5.74 21.27 5.28
C ALA A 97 5.24 20.70 3.94
N PRO A 98 3.98 20.98 3.60
CA PRO A 98 3.46 20.58 2.28
C PRO A 98 4.10 21.41 1.16
N GLU A 99 4.70 22.54 1.52
CA GLU A 99 5.44 23.36 0.56
C GLU A 99 6.83 22.78 0.37
N GLU A 100 6.89 21.48 0.07
CA GLU A 100 8.15 20.76 -0.02
C GLU A 100 7.91 19.35 -0.55
N HIS A 101 6.83 18.72 -0.08
CA HIS A 101 6.50 17.37 -0.49
C HIS A 101 5.17 17.34 -1.26
N PRO A 102 5.02 16.38 -2.18
CA PRO A 102 3.74 16.23 -2.88
C PRO A 102 2.61 15.86 -1.93
N THR A 103 1.45 15.49 -2.47
CA THR A 103 0.31 15.13 -1.64
C THR A 103 -0.64 14.18 -2.38
N LEU A 104 -1.21 13.24 -1.65
CA LEU A 104 -2.15 12.28 -2.23
C LEU A 104 -3.47 12.29 -1.45
N LEU A 105 -4.58 12.31 -2.18
CA LEU A 105 -5.90 12.31 -1.56
C LEU A 105 -6.80 11.26 -2.19
N THR A 106 -7.98 11.09 -1.62
CA THR A 106 -8.95 10.12 -2.13
C THR A 106 -10.11 10.84 -2.81
N GLU A 107 -10.73 10.18 -3.78
CA GLU A 107 -11.83 10.76 -4.52
C GLU A 107 -13.14 10.04 -4.22
N ALA A 108 -14.12 10.77 -3.71
CA ALA A 108 -15.45 10.23 -3.48
C ALA A 108 -16.21 10.19 -4.80
N PRO A 109 -16.42 8.98 -5.36
CA PRO A 109 -17.06 8.86 -6.67
C PRO A 109 -18.31 9.72 -6.80
N LEU A 110 -18.47 10.35 -7.96
CA LEU A 110 -19.65 11.16 -8.24
C LEU A 110 -19.76 12.34 -7.29
N ASN A 111 -18.67 13.06 -7.12
CA ASN A 111 -18.66 14.27 -6.29
C ASN A 111 -18.71 15.52 -7.18
N PRO A 112 -19.54 16.50 -6.81
CA PRO A 112 -19.68 17.73 -7.61
C PRO A 112 -18.35 18.22 -8.18
N LYS A 113 -18.35 18.56 -9.46
CA LYS A 113 -17.15 18.98 -10.16
C LYS A 113 -16.51 20.22 -9.52
N ALA A 114 -17.34 21.04 -8.89
CA ALA A 114 -16.88 22.29 -8.30
C ALA A 114 -16.04 22.07 -7.05
N ASN A 115 -16.22 20.91 -6.41
CA ASN A 115 -15.52 20.61 -5.17
C ASN A 115 -14.06 20.24 -5.39
N ARG A 116 -13.79 19.45 -6.43
CA ARG A 116 -12.44 18.98 -6.71
C ARG A 116 -11.52 20.14 -7.08
N GLU A 117 -12.11 21.24 -7.54
CA GLU A 117 -11.36 22.42 -7.92
C GLU A 117 -11.17 23.36 -6.74
N LYS A 118 -12.19 23.43 -5.88
CA LYS A 118 -12.13 24.28 -4.70
C LYS A 118 -11.00 23.83 -3.78
N MET A 119 -10.85 22.52 -3.64
CA MET A 119 -9.80 21.96 -2.80
C MET A 119 -8.43 22.28 -3.38
N THR A 120 -8.24 21.93 -4.66
CA THR A 120 -6.96 22.16 -5.33
C THR A 120 -6.55 23.63 -5.25
N GLN A 121 -7.54 24.51 -5.24
CA GLN A 121 -7.29 25.94 -5.14
C GLN A 121 -6.60 26.29 -3.83
N ILE A 122 -6.95 25.57 -2.78
CA ILE A 122 -6.36 25.80 -1.46
C ILE A 122 -4.89 25.40 -1.45
N MET A 123 -4.55 24.38 -2.22
CA MET A 123 -3.19 23.87 -2.27
C MET A 123 -2.30 24.72 -3.18
N PHE A 124 -2.67 24.81 -4.45
CA PHE A 124 -1.87 25.50 -5.45
C PHE A 124 -1.68 26.99 -5.17
N GLU A 125 -2.74 27.64 -4.68
CA GLU A 125 -2.71 29.09 -4.51
C GLU A 125 -2.06 29.51 -3.19
N THR A 126 -2.31 28.75 -2.13
CA THR A 126 -1.82 29.12 -0.80
C THR A 126 -0.73 28.18 -0.29
N PHE A 127 -0.99 26.88 -0.32
CA PHE A 127 -0.04 25.90 0.20
C PHE A 127 0.98 25.48 -0.85
N ASN A 128 0.99 26.19 -1.98
CA ASN A 128 1.96 25.96 -3.06
C ASN A 128 2.32 24.49 -3.23
N VAL A 129 1.49 23.76 -3.97
CA VAL A 129 1.70 22.34 -4.20
C VAL A 129 1.93 22.08 -5.69
N PRO A 130 3.21 22.01 -6.11
CA PRO A 130 3.53 21.75 -7.51
C PRO A 130 3.13 20.36 -7.99
N ALA A 131 2.91 19.43 -7.06
CA ALA A 131 2.59 18.05 -7.41
C ALA A 131 1.62 17.43 -6.41
N MET A 132 0.50 16.93 -6.92
CA MET A 132 -0.47 16.22 -6.10
C MET A 132 -1.44 15.45 -6.99
N TYR A 133 -2.36 14.71 -6.37
CA TYR A 133 -3.34 13.93 -7.10
C TYR A 133 -4.45 13.46 -6.16
N VAL A 134 -5.58 13.06 -6.74
CA VAL A 134 -6.70 12.57 -5.96
C VAL A 134 -7.26 11.29 -6.59
N ALA A 135 -6.90 10.15 -6.01
CA ALA A 135 -7.24 8.85 -6.58
C ALA A 135 -8.59 8.34 -6.06
N ILE A 136 -9.07 7.25 -6.66
CA ILE A 136 -10.40 6.73 -6.36
C ILE A 136 -10.36 5.61 -5.32
N GLN A 137 -11.00 5.87 -4.18
CA GLN A 137 -11.05 4.95 -3.05
C GLN A 137 -10.84 3.47 -3.42
N ALA A 138 -11.87 2.84 -3.97
CA ALA A 138 -11.88 1.39 -4.17
C ALA A 138 -10.68 0.88 -4.96
N VAL A 139 -10.37 1.54 -6.07
CA VAL A 139 -9.31 1.07 -6.97
C VAL A 139 -7.97 0.89 -6.25
N LEU A 140 -7.76 1.63 -5.16
CA LEU A 140 -6.51 1.54 -4.41
C LEU A 140 -6.47 0.26 -3.60
N SER A 141 -7.58 -0.08 -2.97
CA SER A 141 -7.68 -1.31 -2.19
C SER A 141 -7.40 -2.52 -3.07
N LEU A 142 -7.62 -2.36 -4.37
CA LEU A 142 -7.36 -3.43 -5.32
C LEU A 142 -5.85 -3.70 -5.43
N TYR A 143 -5.15 -2.87 -6.19
CA TYR A 143 -3.73 -3.07 -6.46
C TYR A 143 -2.92 -3.37 -5.19
N ALA A 144 -3.14 -4.55 -4.62
CA ALA A 144 -2.43 -4.97 -3.41
C ALA A 144 -2.75 -6.41 -3.05
N SER A 145 -2.52 -7.34 -3.97
CA SER A 145 -2.80 -8.75 -3.71
C SER A 145 -2.05 -9.64 -4.70
N GLY A 146 -2.69 -10.02 -5.80
CA GLY A 146 -2.04 -10.87 -6.78
C GLY A 146 -2.97 -11.40 -7.85
N ARG A 147 -3.73 -10.50 -8.46
CA ARG A 147 -4.59 -10.86 -9.59
C ARG A 147 -5.20 -9.61 -10.21
N THR A 148 -5.56 -9.70 -11.49
CA THR A 148 -6.16 -8.58 -12.20
C THR A 148 -7.61 -8.87 -12.56
N THR A 149 -8.25 -9.73 -11.77
CA THR A 149 -9.64 -10.09 -11.99
C THR A 149 -10.31 -10.48 -10.65
N GLY A 150 -11.02 -9.46 -9.93
CA GLY A 150 -11.79 -9.16 -8.54
C GLY A 150 -12.75 -7.98 -8.51
N ILE A 151 -13.87 -8.16 -7.83
CA ILE A 151 -14.86 -7.10 -7.66
C ILE A 151 -14.74 -6.52 -6.25
N VAL A 152 -14.78 -5.20 -6.13
CA VAL A 152 -14.54 -4.54 -4.85
C VAL A 152 -15.76 -3.80 -4.34
N LEU A 153 -15.96 -3.82 -3.03
CA LEU A 153 -17.01 -3.07 -2.38
C LEU A 153 -16.40 -2.28 -1.23
N ASP A 154 -16.07 -1.02 -1.49
CA ASP A 154 -15.39 -0.18 -0.50
C ASP A 154 -16.33 0.86 0.07
N SER A 155 -16.30 1.00 1.40
CA SER A 155 -17.12 1.98 2.10
C SER A 155 -16.70 2.10 3.55
N GLY A 156 -17.15 3.16 4.22
CA GLY A 156 -16.81 3.39 5.61
C GLY A 156 -17.81 4.29 6.30
N ASP A 157 -17.55 5.60 6.24
CA ASP A 157 -18.45 6.58 6.84
C ASP A 157 -19.16 7.42 5.78
N GLY A 158 -18.54 7.56 4.62
CA GLY A 158 -19.11 8.33 3.53
C GLY A 158 -20.34 7.66 2.96
N VAL A 159 -20.20 7.04 1.79
CA VAL A 159 -21.31 6.37 1.14
C VAL A 159 -20.85 5.02 0.59
N THR A 160 -21.79 4.09 0.45
CA THR A 160 -21.47 2.74 -0.02
C THR A 160 -21.16 2.72 -1.51
N HIS A 161 -20.16 1.95 -1.90
CA HIS A 161 -19.77 1.83 -3.30
C HIS A 161 -19.61 0.37 -3.71
N ASN A 162 -20.44 -0.07 -4.66
CA ASN A 162 -20.33 -1.41 -5.22
C ASN A 162 -19.60 -1.36 -6.56
N VAL A 163 -18.27 -1.33 -6.51
CA VAL A 163 -17.47 -1.15 -7.71
C VAL A 163 -16.86 -2.47 -8.20
N PRO A 164 -17.43 -3.04 -9.27
CA PRO A 164 -16.84 -4.27 -9.83
C PRO A 164 -15.61 -3.96 -10.68
N ILE A 165 -14.59 -3.40 -10.04
CA ILE A 165 -13.34 -3.06 -10.73
C ILE A 165 -12.36 -4.23 -10.68
N TYR A 166 -12.18 -4.88 -11.83
CA TYR A 166 -11.25 -6.00 -11.91
C TYR A 166 -10.35 -5.88 -13.14
N GLU A 167 -10.94 -5.98 -14.31
CA GLU A 167 -10.18 -5.89 -15.56
C GLU A 167 -10.11 -4.44 -16.05
N GLY A 168 -11.16 -3.68 -15.76
CA GLY A 168 -11.22 -2.28 -16.16
C GLY A 168 -12.26 -1.52 -15.34
N TYR A 169 -12.45 -0.24 -15.67
CA TYR A 169 -13.43 0.58 -14.96
C TYR A 169 -14.35 1.36 -15.91
N ALA A 170 -15.63 1.44 -15.52
CA ALA A 170 -16.63 2.25 -16.23
C ALA A 170 -17.05 1.66 -17.58
N LEU A 171 -18.32 1.26 -17.67
CA LEU A 171 -18.90 0.78 -18.93
C LEU A 171 -20.40 1.14 -19.06
N PRO A 172 -21.31 0.42 -18.35
CA PRO A 172 -22.68 0.93 -18.46
C PRO A 172 -23.11 1.71 -17.21
N HIS A 173 -23.31 1.00 -16.11
CA HIS A 173 -23.72 1.61 -14.85
C HIS A 173 -23.15 0.81 -13.68
N ALA A 174 -23.28 -0.50 -13.76
CA ALA A 174 -22.72 -1.43 -12.77
C ALA A 174 -22.50 -0.78 -11.41
N ILE A 175 -21.50 0.09 -11.32
CA ILE A 175 -21.15 0.74 -10.05
C ILE A 175 -22.37 1.41 -9.43
N MET A 176 -22.38 1.50 -8.11
CA MET A 176 -23.49 2.08 -7.37
C MET A 176 -23.00 3.02 -6.28
N ARG A 177 -23.79 4.05 -5.98
CA ARG A 177 -23.48 4.98 -4.90
C ARG A 177 -24.67 5.05 -3.95
N LEU A 178 -24.46 4.67 -2.71
CA LEU A 178 -25.55 4.61 -1.74
C LEU A 178 -25.19 5.33 -0.44
N ASP A 179 -25.94 6.38 -0.12
CA ASP A 179 -25.72 7.13 1.11
C ASP A 179 -26.24 6.34 2.30
N LEU A 180 -25.44 5.39 2.78
CA LEU A 180 -25.84 4.52 3.88
C LEU A 180 -24.63 3.82 4.48
N ALA A 181 -23.81 4.57 5.21
CA ALA A 181 -22.60 4.01 5.80
C ALA A 181 -22.10 4.83 6.99
N GLY A 182 -21.61 4.15 8.02
CA GLY A 182 -21.04 4.80 9.18
C GLY A 182 -21.97 5.80 9.84
N ARG A 183 -21.84 7.07 9.46
CA ARG A 183 -22.63 8.13 10.04
C ARG A 183 -24.13 7.80 10.04
N ASP A 184 -24.58 7.06 9.03
CA ASP A 184 -25.97 6.67 8.92
C ASP A 184 -26.35 5.68 10.01
N LEU A 185 -25.41 4.81 10.36
CA LEU A 185 -25.64 3.81 11.39
C LEU A 185 -25.68 4.45 12.77
N THR A 186 -24.84 5.47 12.97
CA THR A 186 -24.77 6.19 14.23
C THR A 186 -26.03 7.01 14.45
N ASP A 187 -26.66 7.42 13.36
CA ASP A 187 -27.84 8.27 13.43
C ASP A 187 -29.12 7.47 13.65
N TYR A 188 -29.11 6.21 13.22
CA TYR A 188 -30.31 5.38 13.26
C TYR A 188 -30.55 4.76 14.63
N LEU A 189 -29.48 4.46 15.37
CA LEU A 189 -29.61 3.78 16.65
C LEU A 189 -30.36 4.63 17.67
N MET A 190 -29.98 5.90 17.78
CA MET A 190 -30.60 6.79 18.75
C MET A 190 -32.10 6.89 18.55
N LYS A 191 -32.55 6.79 17.30
CA LYS A 191 -33.97 6.85 16.98
C LYS A 191 -34.69 5.61 17.50
N ILE A 192 -34.04 4.46 17.37
CA ILE A 192 -34.67 3.19 17.75
C ILE A 192 -34.61 2.97 19.26
N LEU A 193 -33.63 3.58 19.92
CA LEU A 193 -33.48 3.46 21.37
C LEU A 193 -34.62 4.15 22.10
N THR A 194 -35.30 5.08 21.42
CA THR A 194 -36.38 5.84 22.02
C THR A 194 -37.57 4.95 22.39
N GLU A 195 -37.64 3.76 21.79
CA GLU A 195 -38.73 2.84 22.07
C GLU A 195 -38.62 2.28 23.48
N ARG A 196 -37.41 2.25 24.01
CA ARG A 196 -37.16 1.73 25.35
C ARG A 196 -37.07 2.86 26.37
N GLY A 197 -37.07 4.09 25.88
CA GLY A 197 -37.00 5.25 26.74
C GLY A 197 -35.70 6.02 26.57
N TYR A 198 -34.61 5.27 26.37
CA TYR A 198 -33.29 5.87 26.17
C TYR A 198 -33.31 6.81 24.95
N SER A 199 -32.89 8.05 25.16
CA SER A 199 -32.88 9.04 24.10
C SER A 199 -31.64 9.92 24.17
N PHE A 200 -30.56 9.46 23.54
CA PHE A 200 -29.33 10.25 23.45
C PHE A 200 -29.56 11.42 22.49
N VAL A 201 -29.90 12.57 23.04
CA VAL A 201 -30.38 13.70 22.25
C VAL A 201 -29.27 14.45 21.52
N THR A 202 -28.51 15.27 22.24
CA THR A 202 -27.50 16.13 21.62
C THR A 202 -26.49 15.35 20.80
N THR A 203 -25.77 16.06 19.94
CA THR A 203 -24.84 15.45 18.99
C THR A 203 -23.54 14.97 19.66
N ALA A 204 -23.34 15.35 20.91
CA ALA A 204 -22.15 14.94 21.65
C ALA A 204 -22.24 13.46 22.04
N GLU A 205 -23.34 13.10 22.71
CA GLU A 205 -23.57 11.72 23.11
C GLU A 205 -23.89 10.85 21.88
N ARG A 206 -24.28 11.50 20.80
CA ARG A 206 -24.50 10.82 19.53
C ARG A 206 -23.25 10.05 19.14
N GLU A 207 -22.10 10.63 19.44
CA GLU A 207 -20.81 10.00 19.13
C GLU A 207 -20.55 8.82 20.06
N ILE A 208 -21.01 8.93 21.30
CA ILE A 208 -20.83 7.85 22.27
C ILE A 208 -21.47 6.57 21.75
N VAL A 209 -22.59 6.70 21.05
CA VAL A 209 -23.24 5.56 20.42
C VAL A 209 -22.28 4.81 19.50
N ARG A 210 -21.57 5.56 18.66
CA ARG A 210 -20.61 4.98 17.74
C ARG A 210 -19.47 4.29 18.50
N ASP A 211 -19.06 4.88 19.61
CA ASP A 211 -17.97 4.34 20.41
C ASP A 211 -18.39 3.02 21.05
N ILE A 212 -19.58 3.00 21.64
CA ILE A 212 -20.12 1.80 22.28
C ILE A 212 -20.40 0.71 21.25
N LYS A 213 -20.87 1.12 20.07
CA LYS A 213 -21.23 0.20 19.00
C LYS A 213 -20.10 -0.76 18.64
N GLU A 214 -18.90 -0.21 18.48
CA GLU A 214 -17.76 -0.98 17.99
C GLU A 214 -17.06 -1.78 19.08
N LYS A 215 -17.83 -2.35 19.99
CA LYS A 215 -17.26 -3.13 21.08
C LYS A 215 -18.05 -4.41 21.36
N LEU A 216 -19.36 -4.37 21.15
CA LEU A 216 -20.23 -5.50 21.46
C LEU A 216 -21.29 -5.75 20.38
N CYS A 217 -21.88 -4.69 19.87
CA CYS A 217 -22.95 -4.80 18.88
C CYS A 217 -22.56 -5.71 17.72
N TYR A 218 -23.52 -6.47 17.23
CA TYR A 218 -23.28 -7.41 16.13
C TYR A 218 -24.51 -7.47 15.21
N VAL A 219 -24.38 -8.22 14.12
CA VAL A 219 -25.43 -8.29 13.11
C VAL A 219 -26.24 -9.57 13.25
N ALA A 220 -27.55 -9.46 13.03
CA ALA A 220 -28.45 -10.60 13.15
C ALA A 220 -28.25 -11.57 11.99
N LEU A 221 -27.98 -12.83 12.31
CA LEU A 221 -27.88 -13.87 11.29
C LEU A 221 -29.26 -14.10 10.68
N ASP A 222 -30.24 -14.30 11.55
CA ASP A 222 -31.63 -14.47 11.13
C ASP A 222 -32.55 -13.91 12.22
N PHE A 223 -33.09 -12.73 11.97
CA PHE A 223 -33.89 -12.02 12.97
C PHE A 223 -35.06 -12.87 13.49
N GLU A 224 -35.54 -13.79 12.67
CA GLU A 224 -36.68 -14.62 13.04
C GLU A 224 -36.34 -15.54 14.21
N ASN A 225 -35.27 -16.32 14.06
CA ASN A 225 -34.87 -17.28 15.09
C ASN A 225 -34.29 -16.59 16.32
N GLU A 226 -33.66 -15.44 16.11
CA GLU A 226 -33.04 -14.71 17.21
C GLU A 226 -34.08 -14.01 18.08
N MET A 227 -35.28 -13.81 17.53
CA MET A 227 -36.34 -13.15 18.26
C MET A 227 -36.90 -14.09 19.34
N ALA A 228 -37.06 -15.36 18.98
CA ALA A 228 -37.53 -16.36 19.91
C ALA A 228 -36.50 -16.61 21.02
N THR A 229 -35.24 -16.34 20.70
CA THR A 229 -34.15 -16.54 21.65
C THR A 229 -34.21 -15.48 22.76
N ALA A 230 -34.93 -14.39 22.51
CA ALA A 230 -35.04 -13.31 23.47
C ALA A 230 -35.58 -13.79 24.82
N ALA A 231 -36.31 -14.91 24.79
CA ALA A 231 -36.88 -15.48 26.01
C ALA A 231 -35.79 -15.74 27.04
N SER A 232 -34.59 -16.06 26.56
CA SER A 232 -33.46 -16.34 27.44
C SER A 232 -32.68 -15.06 27.73
N SER A 233 -32.04 -15.02 28.89
CA SER A 233 -31.26 -13.85 29.29
C SER A 233 -29.79 -14.21 29.46
N SER A 234 -29.15 -14.63 28.37
CA SER A 234 -27.75 -15.00 28.40
C SER A 234 -27.02 -14.46 27.17
N SER A 235 -27.55 -14.75 25.99
CA SER A 235 -26.96 -14.28 24.75
C SER A 235 -27.47 -12.88 24.40
N LEU A 236 -28.55 -12.47 25.04
CA LEU A 236 -29.15 -11.16 24.79
C LEU A 236 -28.54 -10.09 25.68
N GLU A 237 -28.95 -10.08 26.95
CA GLU A 237 -28.54 -9.04 27.89
C GLU A 237 -27.02 -8.91 27.96
N LYS A 238 -26.50 -7.82 27.39
CA LYS A 238 -25.07 -7.56 27.36
C LYS A 238 -24.72 -6.45 28.35
N SER A 239 -23.58 -6.59 29.02
CA SER A 239 -23.17 -5.66 30.07
C SER A 239 -22.24 -4.57 29.53
N TYR A 240 -22.56 -3.32 29.82
CA TYR A 240 -21.73 -2.19 29.44
C TYR A 240 -22.04 -1.00 30.35
N GLU A 241 -21.50 -1.04 31.55
CA GLU A 241 -21.71 0.04 32.51
C GLU A 241 -21.18 1.35 31.96
N LEU A 242 -22.10 2.28 31.67
CA LEU A 242 -21.72 3.59 31.13
C LEU A 242 -20.57 4.18 31.94
N PRO A 243 -19.51 4.63 31.25
CA PRO A 243 -18.42 5.32 31.97
C PRO A 243 -18.96 6.45 32.85
N ASP A 244 -20.15 6.95 32.53
CA ASP A 244 -20.81 7.94 33.37
C ASP A 244 -21.33 7.24 34.63
N GLY A 245 -22.35 6.41 34.48
CA GLY A 245 -22.88 5.65 35.61
C GLY A 245 -24.32 5.20 35.42
N GLN A 246 -24.54 4.33 34.43
CA GLN A 246 -25.86 3.76 34.20
C GLN A 246 -25.79 2.66 33.14
N VAL A 247 -25.95 1.41 33.56
CA VAL A 247 -25.84 0.28 32.65
C VAL A 247 -26.90 0.32 31.55
N ILE A 248 -26.51 -0.10 30.35
CA ILE A 248 -27.45 -0.21 29.24
C ILE A 248 -27.40 -1.64 28.67
N THR A 249 -28.36 -2.46 29.07
CA THR A 249 -28.40 -3.86 28.63
C THR A 249 -28.77 -3.96 27.16
N ILE A 250 -27.79 -3.74 26.28
CA ILE A 250 -28.02 -3.85 24.84
C ILE A 250 -28.18 -5.32 24.42
N GLY A 251 -29.40 -5.83 24.50
CA GLY A 251 -29.68 -7.20 24.11
C GLY A 251 -30.23 -7.30 22.71
N ASN A 252 -31.50 -6.92 22.55
CA ASN A 252 -32.15 -6.96 21.25
C ASN A 252 -31.88 -5.67 20.47
N GLU A 253 -31.06 -4.80 21.04
CA GLU A 253 -30.72 -3.54 20.40
C GLU A 253 -29.49 -3.67 19.52
N ARG A 254 -28.68 -4.70 19.79
CA ARG A 254 -27.44 -4.91 19.06
C ARG A 254 -27.70 -5.38 17.63
N PHE A 255 -28.54 -6.39 17.48
CA PHE A 255 -28.78 -6.99 16.18
C PHE A 255 -30.06 -6.47 15.53
N ARG A 256 -30.54 -5.33 16.02
CA ARG A 256 -31.74 -4.72 15.47
C ARG A 256 -31.38 -3.67 14.42
N CYS A 257 -30.45 -2.79 14.76
CA CYS A 257 -30.02 -1.73 13.86
C CYS A 257 -29.38 -2.25 12.57
N PRO A 258 -28.46 -3.23 12.69
CA PRO A 258 -27.79 -3.74 11.49
C PRO A 258 -28.77 -4.32 10.46
N GLU A 259 -29.95 -4.74 10.92
CA GLU A 259 -30.95 -5.29 10.03
C GLU A 259 -31.32 -4.30 8.92
N THR A 260 -31.17 -3.01 9.22
CA THR A 260 -31.46 -1.96 8.26
C THR A 260 -30.59 -2.10 7.01
N LEU A 261 -29.37 -2.60 7.20
CA LEU A 261 -28.45 -2.81 6.08
C LEU A 261 -29.12 -3.65 5.01
N PHE A 262 -29.65 -4.80 5.42
CA PHE A 262 -30.30 -5.72 4.50
C PHE A 262 -31.71 -5.28 4.16
N GLN A 263 -32.28 -4.41 5.01
CA GLN A 263 -33.64 -3.92 4.81
C GLN A 263 -33.68 -2.39 4.81
N PRO A 264 -33.26 -1.77 3.69
CA PRO A 264 -33.33 -0.31 3.54
C PRO A 264 -34.77 0.22 3.57
N SER A 265 -35.75 -0.68 3.63
CA SER A 265 -37.14 -0.27 3.73
C SER A 265 -37.40 0.46 5.04
N PHE A 266 -36.51 0.27 6.01
CA PHE A 266 -36.65 0.89 7.33
C PHE A 266 -36.06 2.31 7.35
N ILE A 267 -35.54 2.77 6.22
CA ILE A 267 -35.01 4.12 6.12
C ILE A 267 -35.56 4.86 4.91
N GLY A 268 -36.79 4.52 4.52
CA GLY A 268 -37.49 5.23 3.47
C GLY A 268 -36.76 5.23 2.14
N MET A 269 -36.67 4.06 1.51
CA MET A 269 -36.03 3.92 0.21
C MET A 269 -36.45 2.61 -0.44
N GLU A 270 -36.22 2.50 -1.74
CA GLU A 270 -36.60 1.29 -2.49
C GLU A 270 -35.39 0.38 -2.68
N SER A 271 -34.22 0.87 -2.27
CA SER A 271 -32.99 0.08 -2.38
C SER A 271 -33.16 -1.25 -1.67
N ALA A 272 -32.70 -2.32 -2.31
CA ALA A 272 -32.78 -3.65 -1.74
C ALA A 272 -31.52 -3.96 -0.95
N GLY A 273 -31.49 -5.13 -0.32
CA GLY A 273 -30.34 -5.55 0.46
C GLY A 273 -29.07 -5.54 -0.36
N ILE A 274 -27.92 -5.53 0.31
CA ILE A 274 -26.63 -5.49 -0.37
C ILE A 274 -26.37 -6.73 -1.24
N HIS A 275 -27.21 -7.74 -1.11
CA HIS A 275 -27.05 -8.96 -1.91
C HIS A 275 -27.83 -8.86 -3.22
N GLU A 276 -28.75 -7.89 -3.30
CA GLU A 276 -29.46 -7.62 -4.54
C GLU A 276 -28.61 -6.68 -5.40
N THR A 277 -28.04 -5.66 -4.77
CA THR A 277 -27.16 -4.74 -5.47
C THR A 277 -25.97 -5.49 -6.08
N THR A 278 -25.60 -6.61 -5.45
CA THR A 278 -24.56 -7.46 -5.99
C THR A 278 -24.97 -7.99 -7.35
N TYR A 279 -26.22 -8.44 -7.45
CA TYR A 279 -26.76 -8.91 -8.72
C TYR A 279 -26.87 -7.75 -9.70
N ASN A 280 -27.24 -6.58 -9.18
CA ASN A 280 -27.41 -5.39 -10.00
C ASN A 280 -26.13 -5.00 -10.73
N SER A 281 -24.98 -5.40 -10.18
CA SER A 281 -23.70 -5.07 -10.78
C SER A 281 -23.14 -6.21 -11.62
N ILE A 282 -23.75 -7.39 -11.49
CA ILE A 282 -23.30 -8.58 -12.19
C ILE A 282 -24.12 -8.82 -13.46
N MET A 283 -25.42 -8.58 -13.38
CA MET A 283 -26.32 -8.82 -14.50
C MET A 283 -26.07 -7.88 -15.66
N LYS A 284 -25.45 -6.74 -15.38
CA LYS A 284 -25.21 -5.73 -16.42
C LYS A 284 -24.06 -6.15 -17.34
N CYS A 285 -22.97 -6.60 -16.74
CA CYS A 285 -21.79 -6.99 -17.51
C CYS A 285 -22.08 -8.19 -18.41
N ASP A 286 -21.06 -8.63 -19.14
CA ASP A 286 -21.19 -9.73 -20.08
C ASP A 286 -21.64 -11.01 -19.38
N ILE A 287 -21.97 -12.04 -20.16
CA ILE A 287 -22.42 -13.31 -19.62
C ILE A 287 -21.25 -14.18 -19.14
N ASP A 288 -20.17 -14.18 -19.91
CA ASP A 288 -19.01 -15.01 -19.60
C ASP A 288 -18.04 -14.30 -18.65
N ILE A 289 -18.59 -13.46 -17.78
CA ILE A 289 -17.77 -12.71 -16.83
C ILE A 289 -18.10 -13.08 -15.39
N ARG A 290 -19.22 -13.77 -15.20
CA ARG A 290 -19.75 -14.01 -13.86
C ARG A 290 -18.99 -15.09 -13.10
N LYS A 291 -18.82 -16.25 -13.72
CA LYS A 291 -18.22 -17.40 -13.06
C LYS A 291 -16.96 -17.07 -12.25
N ASP A 292 -16.21 -16.07 -12.69
CA ASP A 292 -14.98 -15.69 -12.00
C ASP A 292 -15.19 -14.55 -11.00
N LEU A 293 -16.29 -13.82 -11.15
CA LEU A 293 -16.61 -12.74 -10.21
C LEU A 293 -17.01 -13.32 -8.86
N TYR A 294 -17.83 -14.37 -8.88
CA TYR A 294 -18.24 -15.04 -7.67
C TYR A 294 -17.04 -15.66 -6.96
N ALA A 295 -16.03 -16.02 -7.74
CA ALA A 295 -14.82 -16.64 -7.20
C ALA A 295 -13.96 -15.61 -6.49
N ASN A 296 -14.31 -14.33 -6.63
CA ASN A 296 -13.55 -13.26 -6.01
C ASN A 296 -14.38 -12.01 -5.77
N ASN A 297 -14.66 -11.72 -4.50
CA ASN A 297 -15.40 -10.52 -4.13
C ASN A 297 -14.70 -9.80 -2.98
N VAL A 298 -14.08 -8.67 -3.30
CA VAL A 298 -13.36 -7.89 -2.30
C VAL A 298 -14.29 -7.05 -1.44
N MET A 299 -14.19 -7.19 -0.13
CA MET A 299 -15.00 -6.42 0.82
C MET A 299 -14.11 -5.59 1.73
N SER A 300 -13.94 -4.31 1.38
CA SER A 300 -13.09 -3.41 2.16
C SER A 300 -13.93 -2.44 2.99
N GLY A 301 -13.31 -1.91 4.04
CA GLY A 301 -13.99 -1.00 4.96
C GLY A 301 -14.12 -1.59 6.34
N GLY A 302 -13.69 -0.83 7.35
CA GLY A 302 -13.74 -1.29 8.73
C GLY A 302 -15.16 -1.54 9.21
N THR A 303 -16.14 -1.03 8.45
CA THR A 303 -17.54 -1.25 8.76
C THR A 303 -17.87 -2.74 8.68
N THR A 304 -17.11 -3.47 7.88
CA THR A 304 -17.35 -4.89 7.67
C THR A 304 -16.60 -5.73 8.70
N MET A 305 -16.56 -5.24 9.94
CA MET A 305 -15.95 -5.97 11.04
C MET A 305 -17.01 -6.40 12.06
N TYR A 306 -18.25 -6.02 11.82
CA TYR A 306 -19.36 -6.38 12.70
C TYR A 306 -19.57 -7.90 12.67
N PRO A 307 -19.55 -8.55 13.84
CA PRO A 307 -19.76 -10.00 13.86
C PRO A 307 -21.09 -10.40 13.22
N GLY A 308 -21.02 -11.15 12.13
CA GLY A 308 -22.20 -11.58 11.41
C GLY A 308 -22.45 -10.77 10.16
N ILE A 309 -21.38 -10.42 9.47
CA ILE A 309 -21.46 -9.59 8.27
C ILE A 309 -21.06 -10.36 7.01
N ALA A 310 -20.17 -11.34 7.16
CA ALA A 310 -19.67 -12.11 6.04
C ALA A 310 -20.46 -13.41 5.84
N ASP A 311 -20.77 -14.08 6.94
CA ASP A 311 -21.49 -15.35 6.89
C ASP A 311 -22.89 -15.20 6.31
N ARG A 312 -23.44 -13.99 6.38
CA ARG A 312 -24.77 -13.74 5.85
C ARG A 312 -24.75 -13.66 4.33
N MET A 313 -23.63 -13.19 3.78
CA MET A 313 -23.49 -13.01 2.34
C MET A 313 -23.64 -14.32 1.59
N GLN A 314 -23.05 -15.39 2.13
CA GLN A 314 -23.10 -16.70 1.50
C GLN A 314 -24.53 -17.26 1.47
N LYS A 315 -25.37 -16.76 2.38
CA LYS A 315 -26.74 -17.26 2.49
C LYS A 315 -27.66 -16.64 1.45
N GLU A 316 -27.45 -15.34 1.19
CA GLU A 316 -28.35 -14.58 0.32
C GLU A 316 -27.90 -14.59 -1.14
N ILE A 317 -26.59 -14.64 -1.36
CA ILE A 317 -26.04 -14.62 -2.71
C ILE A 317 -26.30 -15.94 -3.44
N THR A 318 -26.14 -17.04 -2.70
CA THR A 318 -26.33 -18.38 -3.29
C THR A 318 -27.81 -18.67 -3.54
N ALA A 319 -28.69 -17.81 -3.05
CA ALA A 319 -30.12 -18.03 -3.17
C ALA A 319 -30.63 -17.70 -4.57
N LEU A 320 -30.70 -16.41 -4.89
CA LEU A 320 -31.22 -15.97 -6.18
C LEU A 320 -30.09 -15.60 -7.13
N ALA A 321 -29.29 -16.59 -7.51
CA ALA A 321 -28.19 -16.38 -8.44
C ALA A 321 -27.67 -17.72 -8.95
N PRO A 322 -26.97 -17.71 -10.10
CA PRO A 322 -26.37 -18.93 -10.62
C PRO A 322 -25.59 -19.69 -9.55
N SER A 323 -25.70 -21.01 -9.54
CA SER A 323 -25.09 -21.82 -8.48
C SER A 323 -24.39 -23.05 -9.05
N THR A 324 -23.34 -22.81 -9.83
CA THR A 324 -22.50 -23.90 -10.34
C THR A 324 -21.03 -23.48 -10.44
N MET A 325 -20.69 -22.34 -9.85
CA MET A 325 -19.30 -21.90 -9.78
C MET A 325 -18.88 -21.79 -8.32
N LYS A 326 -17.65 -21.33 -8.10
CA LYS A 326 -17.12 -21.17 -6.75
C LYS A 326 -17.54 -19.82 -6.16
N ILE A 327 -18.54 -19.84 -5.29
CA ILE A 327 -18.94 -18.64 -4.57
C ILE A 327 -17.91 -18.32 -3.50
N LYS A 328 -17.25 -17.17 -3.64
CA LYS A 328 -16.13 -16.83 -2.76
C LYS A 328 -15.98 -15.32 -2.61
N ILE A 329 -16.05 -14.85 -1.36
CA ILE A 329 -15.90 -13.42 -1.07
C ILE A 329 -14.63 -13.14 -0.29
N ILE A 330 -13.75 -12.33 -0.86
CA ILE A 330 -12.53 -11.92 -0.17
C ILE A 330 -12.83 -10.73 0.73
N ALA A 331 -12.94 -10.98 2.02
CA ALA A 331 -13.12 -9.93 3.01
C ALA A 331 -11.84 -9.76 3.82
N PRO A 332 -10.91 -8.92 3.32
CA PRO A 332 -9.64 -8.74 4.03
C PRO A 332 -9.86 -8.56 5.53
N PRO A 333 -9.03 -9.22 6.36
CA PRO A 333 -9.20 -9.12 7.82
C PRO A 333 -9.20 -7.67 8.31
N GLU A 334 -8.08 -6.98 8.15
CA GLU A 334 -8.03 -5.55 8.42
C GLU A 334 -8.24 -4.83 7.09
N ARG A 335 -9.50 -4.67 6.73
CA ARG A 335 -9.86 -4.14 5.41
C ARG A 335 -10.13 -2.64 5.45
N LYS A 336 -9.89 -2.03 6.59
CA LYS A 336 -10.11 -0.59 6.74
C LYS A 336 -8.96 0.20 6.13
N TYR A 337 -7.75 -0.34 6.24
CA TYR A 337 -6.56 0.33 5.74
C TYR A 337 -6.20 -0.12 4.32
N SER A 338 -7.04 -0.98 3.74
CA SER A 338 -6.80 -1.48 2.39
C SER A 338 -6.59 -0.33 1.41
N VAL A 339 -7.24 0.80 1.66
CA VAL A 339 -7.08 1.97 0.82
C VAL A 339 -5.73 2.64 1.10
N TRP A 340 -5.31 2.60 2.36
CA TRP A 340 -4.05 3.22 2.77
C TRP A 340 -2.87 2.42 2.23
N ILE A 341 -3.02 1.10 2.15
CA ILE A 341 -1.97 0.25 1.61
C ILE A 341 -1.75 0.58 0.14
N GLY A 342 -2.84 0.78 -0.59
CA GLY A 342 -2.76 1.14 -1.99
C GLY A 342 -2.32 2.58 -2.20
N GLY A 343 -2.61 3.42 -1.22
CA GLY A 343 -2.23 4.83 -1.29
C GLY A 343 -0.73 5.01 -1.27
N SER A 344 -0.05 4.29 -0.39
CA SER A 344 1.39 4.37 -0.28
C SER A 344 2.07 3.96 -1.58
N ILE A 345 1.35 3.20 -2.41
CA ILE A 345 1.87 2.72 -3.67
C ILE A 345 1.86 3.83 -4.74
N LEU A 346 0.67 4.37 -5.00
CA LEU A 346 0.51 5.42 -5.99
C LEU A 346 1.48 6.57 -5.76
N ALA A 347 1.72 6.90 -4.50
CA ALA A 347 2.62 7.99 -4.14
C ALA A 347 4.06 7.66 -4.50
N SER A 348 4.35 6.37 -4.69
CA SER A 348 5.71 5.93 -4.99
C SER A 348 5.88 5.49 -6.44
N LEU A 349 4.77 5.36 -7.16
CA LEU A 349 4.82 4.94 -8.56
C LEU A 349 5.52 6.01 -9.40
N SER A 350 6.13 5.59 -10.49
CA SER A 350 6.77 6.51 -11.41
C SER A 350 5.83 6.77 -12.58
N THR A 351 5.11 5.74 -13.00
CA THR A 351 4.07 5.89 -14.02
C THR A 351 3.06 6.93 -13.54
N PHE A 352 3.01 7.12 -12.22
CA PHE A 352 2.19 8.14 -11.60
C PHE A 352 2.33 9.49 -12.30
N GLN A 353 3.51 9.74 -12.86
CA GLN A 353 3.76 10.98 -13.59
C GLN A 353 2.80 11.13 -14.78
N GLN A 354 2.42 10.00 -15.36
CA GLN A 354 1.47 10.00 -16.48
C GLN A 354 0.07 10.43 -16.04
N MET A 355 -0.17 10.41 -14.74
CA MET A 355 -1.50 10.66 -14.21
C MET A 355 -1.59 11.94 -13.38
N TRP A 356 -0.58 12.18 -12.55
CA TRP A 356 -0.62 13.31 -11.62
C TRP A 356 -0.70 14.66 -12.31
N ILE A 357 -0.83 15.73 -11.52
CA ILE A 357 -0.93 17.08 -12.05
C ILE A 357 0.25 17.93 -11.60
N THR A 358 0.85 18.63 -12.56
CA THR A 358 1.99 19.51 -12.27
C THR A 358 1.50 20.95 -12.12
N LYS A 359 2.28 21.75 -11.39
CA LYS A 359 1.93 23.16 -11.16
C LYS A 359 1.39 23.85 -12.41
N GLN A 360 2.19 23.84 -13.48
CA GLN A 360 1.85 24.56 -14.69
C GLN A 360 0.62 23.96 -15.38
N GLU A 361 0.44 22.65 -15.24
CA GLU A 361 -0.67 21.96 -15.89
C GLU A 361 -2.03 22.46 -15.41
N TYR A 362 -2.06 23.03 -14.20
CA TYR A 362 -3.31 23.52 -13.62
C TYR A 362 -3.71 24.86 -14.23
N ASP A 363 -2.74 25.60 -14.74
CA ASP A 363 -3.00 26.93 -15.29
C ASP A 363 -3.27 26.87 -16.78
N GLU A 364 -2.69 25.89 -17.46
CA GLU A 364 -2.83 25.77 -18.91
C GLU A 364 -4.23 25.32 -19.31
N ALA A 365 -4.76 24.33 -18.60
CA ALA A 365 -6.08 23.80 -18.91
C ALA A 365 -7.15 24.32 -17.95
N GLY A 366 -6.77 25.30 -17.13
CA GLY A 366 -7.71 25.87 -16.17
C GLY A 366 -7.92 24.97 -14.99
N PRO A 367 -8.93 25.29 -14.16
CA PRO A 367 -9.22 24.51 -12.94
C PRO A 367 -9.70 23.09 -13.22
N SER A 368 -10.45 22.92 -14.32
CA SER A 368 -11.02 21.62 -14.66
C SER A 368 -9.95 20.59 -15.03
N ILE A 369 -8.72 21.06 -15.18
CA ILE A 369 -7.59 20.20 -15.57
C ILE A 369 -7.70 18.77 -15.05
N VAL A 370 -8.13 18.61 -13.81
CA VAL A 370 -8.14 17.29 -13.17
C VAL A 370 -9.13 16.34 -13.86
N HIS A 371 -10.41 16.47 -13.55
CA HIS A 371 -11.41 15.52 -14.02
C HIS A 371 -11.91 15.83 -15.43
N ARG A 372 -11.20 16.71 -16.14
CA ARG A 372 -11.50 16.99 -17.54
C ARG A 372 -10.62 16.12 -18.42
N LYS A 373 -9.53 15.62 -17.86
CA LYS A 373 -8.61 14.77 -18.60
C LYS A 373 -8.64 13.33 -18.10
N CYS A 374 -8.58 13.16 -16.79
CA CYS A 374 -8.60 11.82 -16.19
C CYS A 374 -10.04 11.37 -15.95
N PHE A 375 -10.18 10.26 -15.22
CA PHE A 375 -11.49 9.75 -14.85
C PHE A 375 -11.55 9.42 -13.36
N GLU B 1 -0.06 44.31 105.54
CA GLU B 1 -0.41 43.01 104.98
C GLU B 1 -1.18 43.17 103.67
N LEU B 2 -1.97 44.23 103.58
CA LEU B 2 -2.75 44.50 102.38
C LEU B 2 -1.83 44.73 101.18
N ASP B 3 -0.76 45.48 101.38
CA ASP B 3 0.20 45.76 100.32
C ASP B 3 0.85 44.48 99.83
N ARG B 4 1.14 43.58 100.76
CA ARG B 4 1.77 42.30 100.41
C ARG B 4 0.79 41.40 99.67
N ALA B 5 -0.47 41.43 100.09
CA ALA B 5 -1.51 40.64 99.45
C ALA B 5 -1.79 41.14 98.04
N GLN B 6 -1.80 42.47 97.89
CA GLN B 6 -2.02 43.09 96.58
C GLN B 6 -0.91 42.69 95.61
N GLU B 7 0.32 42.65 96.12
CA GLU B 7 1.47 42.26 95.31
C GLU B 7 1.34 40.82 94.86
N ARG B 8 0.91 39.95 95.76
CA ARG B 8 0.73 38.54 95.46
C ARG B 8 -0.45 38.33 94.51
N LEU B 9 -1.46 39.20 94.62
CA LEU B 9 -2.64 39.10 93.78
C LEU B 9 -2.32 39.53 92.35
N ALA B 10 -1.45 40.51 92.20
CA ALA B 10 -1.05 41.01 90.89
C ALA B 10 -0.37 39.91 90.07
N THR B 11 0.58 39.24 90.68
CA THR B 11 1.33 38.17 90.01
C THR B 11 0.46 36.92 89.86
N ALA B 12 -0.51 36.75 90.75
CA ALA B 12 -1.39 35.59 90.70
C ALA B 12 -2.30 35.66 89.48
N LEU B 13 -2.86 36.84 89.22
CA LEU B 13 -3.74 37.04 88.07
C LEU B 13 -2.95 36.91 86.77
N GLN B 14 -1.68 37.30 86.80
CA GLN B 14 -0.82 37.20 85.63
C GLN B 14 -0.57 35.74 85.27
N LYS B 15 -0.34 34.92 86.29
CA LYS B 15 -0.13 33.48 86.08
C LYS B 15 -1.44 32.82 85.66
N LEU B 16 -2.55 33.32 86.19
CA LEU B 16 -3.87 32.79 85.86
C LEU B 16 -4.18 33.02 84.39
N GLU B 17 -3.88 34.23 83.91
CA GLU B 17 -4.12 34.58 82.52
C GLU B 17 -3.27 33.72 81.59
N GLU B 18 -2.05 33.42 82.01
CA GLU B 18 -1.14 32.59 81.23
C GLU B 18 -1.61 31.14 81.20
N ALA B 19 -2.11 30.66 82.34
CA ALA B 19 -2.58 29.29 82.44
C ALA B 19 -3.82 29.07 81.58
N GLU B 20 -4.76 30.01 81.65
CA GLU B 20 -5.99 29.91 80.87
C GLU B 20 -5.69 29.99 79.38
N LYS B 21 -4.72 30.82 79.02
CA LYS B 21 -4.32 30.97 77.63
C LYS B 21 -3.73 29.67 77.09
N ALA B 22 -2.90 29.02 77.91
CA ALA B 22 -2.29 27.76 77.53
C ALA B 22 -3.35 26.67 77.38
N ALA B 23 -4.35 26.70 78.25
CA ALA B 23 -5.44 25.73 78.21
C ALA B 23 -6.33 25.96 77.00
N ASP B 24 -6.54 27.23 76.67
CA ASP B 24 -7.40 27.61 75.55
C ASP B 24 -6.80 27.12 74.23
N GLU B 25 -5.49 27.22 74.10
CA GLU B 25 -4.79 26.78 72.89
C GLU B 25 -4.67 25.25 72.85
N SER B 26 -4.62 24.63 74.03
CA SER B 26 -4.49 23.19 74.13
C SER B 26 -5.82 22.50 73.80
N GLU B 27 -6.90 23.03 74.34
CA GLU B 27 -8.22 22.46 74.11
C GLU B 27 -8.63 22.63 72.64
N ARG B 28 -8.16 23.70 72.02
CA ARG B 28 -8.44 23.95 70.62
C ARG B 28 -7.66 22.98 69.73
N GLY B 29 -6.38 22.79 70.06
CA GLY B 29 -5.53 21.87 69.33
C GLY B 29 -6.05 20.44 69.40
N MET B 30 -6.54 20.07 70.57
CA MET B 30 -7.11 18.73 70.78
C MET B 30 -8.37 18.56 69.95
N LYS B 31 -9.13 19.65 69.80
CA LYS B 31 -10.39 19.61 69.07
C LYS B 31 -10.15 19.42 67.57
N VAL B 32 -9.39 20.34 66.98
CA VAL B 32 -9.14 20.31 65.55
C VAL B 32 -8.56 18.95 65.12
N ILE B 33 -7.74 18.35 65.98
CA ILE B 33 -7.18 17.04 65.70
C ILE B 33 -8.24 15.95 65.84
N GLU B 34 -9.12 16.10 66.83
CA GLU B 34 -10.22 15.16 67.03
C GLU B 34 -11.13 15.15 65.82
N SER B 35 -11.38 16.33 65.26
CA SER B 35 -12.22 16.46 64.07
C SER B 35 -11.55 15.78 62.88
N ARG B 36 -10.24 15.98 62.74
CA ARG B 36 -9.47 15.36 61.68
C ARG B 36 -9.43 13.85 61.85
N ALA B 37 -9.35 13.41 63.11
CA ALA B 37 -9.33 11.98 63.41
C ALA B 37 -10.62 11.31 62.94
N GLN B 38 -11.74 11.94 63.26
CA GLN B 38 -13.05 11.43 62.84
C GLN B 38 -13.19 11.53 61.33
N LYS B 39 -12.62 12.59 60.75
CA LYS B 39 -12.67 12.79 59.31
C LYS B 39 -11.89 11.69 58.59
N ASP B 40 -10.78 11.27 59.20
CA ASP B 40 -9.96 10.20 58.64
C ASP B 40 -10.60 8.84 58.88
N GLU B 41 -11.27 8.70 60.02
CA GLU B 41 -11.93 7.45 60.37
C GLU B 41 -13.00 7.10 59.34
N GLU B 42 -13.81 8.10 58.97
CA GLU B 42 -14.86 7.91 57.98
C GLU B 42 -14.26 7.55 56.63
N LYS B 43 -13.15 8.21 56.30
CA LYS B 43 -12.46 7.95 55.04
C LYS B 43 -11.87 6.54 55.03
N MET B 44 -11.47 6.07 56.20
CA MET B 44 -10.89 4.74 56.33
C MET B 44 -11.97 3.65 56.14
N GLU B 45 -13.15 3.93 56.66
CA GLU B 45 -14.26 2.96 56.58
C GLU B 45 -14.82 2.88 55.17
N ILE B 46 -15.04 4.02 54.55
CA ILE B 46 -15.62 4.05 53.20
C ILE B 46 -14.67 3.41 52.19
N GLN B 47 -13.37 3.53 52.43
CA GLN B 47 -12.37 2.91 51.56
C GLN B 47 -12.19 1.43 51.88
N GLU B 48 -12.44 1.06 53.14
CA GLU B 48 -12.36 -0.33 53.56
C GLU B 48 -13.34 -1.17 52.76
N ILE B 49 -14.48 -0.58 52.40
CA ILE B 49 -15.49 -1.26 51.60
C ILE B 49 -15.06 -1.32 50.14
N GLN B 50 -14.44 -0.25 49.67
CA GLN B 50 -13.94 -0.18 48.29
C GLN B 50 -12.83 -1.20 48.08
N LEU B 51 -11.95 -1.32 49.07
CA LEU B 51 -10.84 -2.25 49.00
C LEU B 51 -11.35 -3.68 48.85
N LYS B 52 -12.33 -4.05 49.67
CA LYS B 52 -12.94 -5.37 49.60
C LYS B 52 -13.60 -5.57 48.24
N GLU B 53 -14.39 -4.58 47.82
CA GLU B 53 -15.06 -4.64 46.52
C GLU B 53 -14.05 -4.78 45.39
N ALA B 54 -12.91 -4.10 45.53
CA ALA B 54 -11.86 -4.15 44.52
C ALA B 54 -11.21 -5.52 44.48
N LYS B 55 -11.17 -6.19 45.62
CA LYS B 55 -10.58 -7.52 45.72
C LYS B 55 -11.55 -8.58 45.18
N HIS B 56 -12.81 -8.49 45.58
CA HIS B 56 -13.82 -9.46 45.16
C HIS B 56 -14.02 -9.42 43.65
N ILE B 57 -14.16 -8.22 43.10
CA ILE B 57 -14.36 -8.05 41.65
C ILE B 57 -13.18 -8.64 40.88
N ALA B 58 -11.99 -8.55 41.47
CA ALA B 58 -10.79 -9.11 40.85
C ALA B 58 -10.85 -10.63 40.85
N GLU B 59 -11.29 -11.20 41.97
CA GLU B 59 -11.43 -12.64 42.10
C GLU B 59 -12.54 -13.15 41.20
N ASP B 60 -13.61 -12.38 41.08
CA ASP B 60 -14.73 -12.74 40.22
C ASP B 60 -14.30 -12.72 38.75
N ALA B 61 -13.45 -11.76 38.41
CA ALA B 61 -12.93 -11.65 37.06
C ALA B 61 -12.06 -12.86 36.72
N ASP B 62 -11.30 -13.33 37.71
CA ASP B 62 -10.44 -14.49 37.54
C ASP B 62 -11.29 -15.74 37.33
N ARG B 63 -12.34 -15.88 38.13
CA ARG B 63 -13.26 -17.01 37.98
C ARG B 63 -13.97 -16.95 36.65
N LYS B 64 -14.30 -15.74 36.21
CA LYS B 64 -14.94 -15.51 34.93
C LYS B 64 -14.00 -15.87 33.79
N TYR B 65 -12.71 -15.61 34.00
CA TYR B 65 -11.70 -15.92 33.00
C TYR B 65 -11.46 -17.43 32.91
N GLU B 66 -11.56 -18.11 34.04
CA GLU B 66 -11.36 -19.55 34.08
C GLU B 66 -12.46 -20.29 33.33
N GLU B 67 -13.68 -19.76 33.39
CA GLU B 67 -14.82 -20.37 32.72
C GLU B 67 -14.65 -20.32 31.20
N VAL B 68 -14.40 -19.13 30.68
CA VAL B 68 -14.23 -18.93 29.24
C VAL B 68 -12.99 -19.67 28.74
N ALA B 69 -12.00 -19.83 29.62
CA ALA B 69 -10.76 -20.53 29.26
C ALA B 69 -11.04 -21.99 28.95
N ARG B 70 -11.91 -22.62 29.74
CA ARG B 70 -12.28 -24.01 29.52
C ARG B 70 -13.10 -24.15 28.24
N LYS B 71 -13.98 -23.20 28.00
CA LYS B 71 -14.83 -23.21 26.82
C LYS B 71 -13.98 -23.06 25.56
N LEU B 72 -12.84 -22.38 25.69
CA LEU B 72 -11.93 -22.19 24.56
C LEU B 72 -11.32 -23.52 24.13
N VAL B 73 -11.23 -24.46 25.08
CA VAL B 73 -10.66 -25.77 24.79
C VAL B 73 -11.73 -26.72 24.24
N ILE B 74 -12.96 -26.56 24.72
CA ILE B 74 -14.07 -27.42 24.30
C ILE B 74 -14.49 -27.10 22.87
N ILE B 75 -14.53 -25.82 22.53
CA ILE B 75 -14.98 -25.38 21.20
C ILE B 75 -14.11 -25.95 20.09
N GLU B 76 -12.84 -26.21 20.40
CA GLU B 76 -11.90 -26.72 19.41
C GLU B 76 -12.14 -28.21 19.12
N SER B 77 -12.68 -28.92 20.10
CA SER B 77 -12.92 -30.35 19.96
C SER B 77 -13.96 -30.65 18.89
N ASP B 78 -14.89 -29.73 18.69
CA ASP B 78 -15.96 -29.93 17.72
C ASP B 78 -15.56 -29.45 16.32
N LEU B 79 -14.58 -28.55 16.25
CA LEU B 79 -14.14 -27.99 14.98
C LEU B 79 -13.49 -29.05 14.10
N GLU B 80 -12.54 -29.80 14.67
CA GLU B 80 -11.79 -30.79 13.91
C GLU B 80 -12.69 -31.89 13.36
N ARG B 81 -13.81 -32.14 14.03
CA ARG B 81 -14.73 -33.20 13.63
C ARG B 81 -15.44 -32.85 12.32
N ALA B 82 -15.83 -31.59 12.18
CA ALA B 82 -16.55 -31.14 10.99
C ALA B 82 -15.61 -31.00 9.80
N GLU B 83 -14.36 -30.63 10.08
CA GLU B 83 -13.37 -30.46 9.03
C GLU B 83 -13.03 -31.80 8.36
N GLU B 84 -12.90 -32.84 9.16
CA GLU B 84 -12.57 -34.17 8.64
C GLU B 84 -13.74 -34.75 7.84
N ARG B 85 -14.95 -34.57 8.35
CA ARG B 85 -16.14 -35.09 7.68
C ARG B 85 -16.37 -34.37 6.35
N ALA B 86 -15.94 -33.12 6.27
CA ALA B 86 -16.06 -32.34 5.04
C ALA B 86 -15.01 -32.78 4.03
N GLU B 87 -13.80 -33.04 4.51
CA GLU B 87 -12.71 -33.48 3.65
C GLU B 87 -12.97 -34.88 3.13
N LEU B 88 -13.47 -35.75 4.01
CA LEU B 88 -13.77 -37.13 3.64
C LEU B 88 -14.84 -37.18 2.56
N SER B 89 -15.83 -36.30 2.67
CA SER B 89 -16.91 -36.22 1.70
C SER B 89 -16.40 -35.67 0.38
N GLU B 90 -15.60 -34.61 0.44
CA GLU B 90 -15.05 -33.98 -0.75
C GLU B 90 -14.20 -34.98 -1.55
N GLY B 91 -13.52 -35.88 -0.84
CA GLY B 91 -12.68 -36.88 -1.47
C GLY B 91 -13.50 -37.83 -2.33
N LYS B 92 -14.62 -38.29 -1.80
CA LYS B 92 -15.48 -39.22 -2.52
C LYS B 92 -16.32 -38.48 -3.56
N CYS B 93 -16.76 -37.28 -3.21
CA CYS B 93 -17.57 -36.48 -4.13
C CYS B 93 -16.83 -36.23 -5.43
N ALA B 94 -15.54 -35.91 -5.33
CA ALA B 94 -14.71 -35.68 -6.50
C ALA B 94 -14.54 -36.96 -7.30
N GLU B 95 -14.42 -38.09 -6.61
CA GLU B 95 -14.27 -39.38 -7.26
C GLU B 95 -15.54 -39.76 -8.01
N LEU B 96 -16.69 -39.50 -7.39
CA LEU B 96 -17.98 -39.78 -8.01
C LEU B 96 -18.19 -38.91 -9.25
N GLU B 97 -17.77 -37.65 -9.15
CA GLU B 97 -17.89 -36.72 -10.27
C GLU B 97 -17.03 -37.17 -11.45
N GLU B 98 -15.81 -37.64 -11.13
CA GLU B 98 -14.90 -38.14 -12.15
C GLU B 98 -15.47 -39.41 -12.79
N GLU B 99 -16.04 -40.28 -11.97
CA GLU B 99 -16.65 -41.50 -12.46
C GLU B 99 -17.84 -41.19 -13.34
N LEU B 100 -18.66 -40.23 -12.90
CA LEU B 100 -19.83 -39.81 -13.66
C LEU B 100 -19.41 -39.26 -15.03
N LYS B 101 -18.31 -38.52 -15.06
CA LYS B 101 -17.81 -37.95 -16.30
C LYS B 101 -17.43 -39.04 -17.29
N THR B 102 -16.94 -40.17 -16.77
CA THR B 102 -16.53 -41.29 -17.62
C THR B 102 -17.75 -42.08 -18.09
N VAL B 103 -18.71 -42.28 -17.20
CA VAL B 103 -19.92 -43.03 -17.51
C VAL B 103 -20.78 -42.29 -18.52
N THR B 104 -20.99 -41.00 -18.29
CA THR B 104 -21.82 -40.19 -19.18
C THR B 104 -21.18 -40.09 -20.58
N ASN B 105 -19.87 -40.23 -20.63
CA ASN B 105 -19.15 -40.21 -21.91
C ASN B 105 -19.47 -41.44 -22.74
N ASN B 106 -19.53 -42.60 -22.08
CA ASN B 106 -19.87 -43.85 -22.75
C ASN B 106 -21.37 -43.98 -22.96
N LEU B 107 -22.15 -43.32 -22.10
CA LEU B 107 -23.61 -43.35 -22.21
C LEU B 107 -24.04 -42.79 -23.56
N LYS B 108 -23.62 -41.58 -23.85
CA LYS B 108 -23.96 -40.94 -25.12
C LYS B 108 -23.28 -41.66 -26.29
N SER B 109 -22.14 -42.29 -26.02
CA SER B 109 -21.42 -43.03 -27.03
C SER B 109 -22.23 -44.25 -27.47
N LEU B 110 -22.74 -44.99 -26.49
CA LEU B 110 -23.57 -46.17 -26.76
C LEU B 110 -24.90 -45.75 -27.38
N GLU B 111 -25.42 -44.60 -26.94
CA GLU B 111 -26.67 -44.07 -27.48
C GLU B 111 -26.51 -43.74 -28.96
N ALA B 112 -25.35 -43.21 -29.33
CA ALA B 112 -25.07 -42.87 -30.71
C ALA B 112 -25.01 -44.14 -31.56
N GLN B 113 -24.37 -45.17 -31.02
CA GLN B 113 -24.28 -46.46 -31.70
C GLN B 113 -25.65 -47.11 -31.81
N ALA B 114 -26.43 -47.03 -30.73
CA ALA B 114 -27.77 -47.59 -30.71
C ALA B 114 -28.65 -46.94 -31.79
N GLU B 115 -28.52 -45.62 -31.93
CA GLU B 115 -29.25 -44.89 -32.95
C GLU B 115 -28.79 -45.29 -34.34
N LYS B 116 -27.48 -45.54 -34.47
CA LYS B 116 -26.91 -45.95 -35.75
C LYS B 116 -27.39 -47.35 -36.12
N TYR B 117 -27.36 -48.26 -35.14
CA TYR B 117 -27.83 -49.62 -35.36
C TYR B 117 -29.29 -49.63 -35.76
N SER B 118 -30.09 -48.75 -35.13
CA SER B 118 -31.50 -48.63 -35.46
C SER B 118 -31.69 -48.13 -36.88
N GLN B 119 -30.77 -47.28 -37.33
CA GLN B 119 -30.82 -46.74 -38.68
C GLN B 119 -30.48 -47.81 -39.70
N LYS B 120 -29.58 -48.71 -39.33
CA LYS B 120 -29.15 -49.78 -40.21
C LYS B 120 -30.27 -50.77 -40.47
N GLU B 121 -30.87 -51.28 -39.40
CA GLU B 121 -31.93 -52.27 -39.51
C GLU B 121 -33.12 -51.73 -40.31
N ASP B 122 -33.39 -50.43 -40.17
CA ASP B 122 -34.50 -49.81 -40.90
C ASP B 122 -34.23 -49.83 -42.40
N LYS B 123 -32.98 -49.58 -42.78
CA LYS B 123 -32.60 -49.58 -44.19
C LYS B 123 -32.52 -51.00 -44.73
N TYR B 124 -32.05 -51.92 -43.88
CA TYR B 124 -31.97 -53.33 -44.25
C TYR B 124 -33.36 -53.89 -44.56
N GLU B 125 -34.27 -53.76 -43.60
CA GLU B 125 -35.63 -54.26 -43.76
C GLU B 125 -36.28 -53.68 -45.01
N GLU B 126 -35.98 -52.43 -45.31
CA GLU B 126 -36.54 -51.76 -46.48
C GLU B 126 -36.00 -52.39 -47.76
N GLU B 127 -34.69 -52.64 -47.80
CA GLU B 127 -34.06 -53.26 -48.96
C GLU B 127 -34.50 -54.72 -49.09
N ILE B 128 -34.52 -55.44 -47.97
CA ILE B 128 -34.95 -56.83 -47.97
C ILE B 128 -36.37 -56.96 -48.52
N LYS B 129 -37.22 -56.01 -48.16
CA LYS B 129 -38.60 -55.99 -48.63
C LYS B 129 -38.63 -55.93 -50.16
N VAL B 130 -37.72 -55.14 -50.73
CA VAL B 130 -37.62 -55.00 -52.18
C VAL B 130 -37.09 -56.28 -52.81
N LEU B 131 -36.08 -56.88 -52.17
CA LEU B 131 -35.49 -58.11 -52.67
C LEU B 131 -36.54 -59.22 -52.74
N SER B 132 -37.42 -59.25 -51.75
CA SER B 132 -38.48 -60.25 -51.70
C SER B 132 -39.44 -60.09 -52.87
N ASP B 133 -39.78 -58.84 -53.18
CA ASP B 133 -40.69 -58.55 -54.28
C ASP B 133 -40.08 -58.96 -55.61
N LYS B 134 -38.81 -58.63 -55.81
CA LYS B 134 -38.10 -58.98 -57.04
C LYS B 134 -37.93 -60.49 -57.16
N LEU B 135 -37.77 -61.15 -56.02
CA LEU B 135 -37.61 -62.60 -55.98
C LEU B 135 -38.89 -63.29 -56.45
N LYS B 136 -40.04 -62.76 -56.02
CA LYS B 136 -41.33 -63.33 -56.40
C LYS B 136 -41.65 -62.99 -57.86
N GLY C 9 66.26 -5.57 -28.77
CA GLY C 9 65.88 -5.94 -27.42
C GLY C 9 64.38 -5.87 -27.21
N VAL C 10 63.85 -4.66 -27.06
CA VAL C 10 62.42 -4.44 -26.88
C VAL C 10 61.92 -5.15 -25.62
N PRO C 11 62.15 -4.53 -24.44
CA PRO C 11 61.63 -5.06 -23.18
C PRO C 11 60.26 -4.49 -22.82
N ASP C 12 59.69 -4.96 -21.71
CA ASP C 12 58.44 -4.43 -21.17
C ASP C 12 57.23 -4.62 -22.09
N PHE C 13 56.77 -3.56 -22.75
CA PHE C 13 55.53 -3.62 -23.53
C PHE C 13 55.43 -2.48 -24.55
N VAL C 14 55.88 -1.28 -24.17
CA VAL C 14 55.70 -0.10 -25.00
C VAL C 14 56.87 0.08 -25.97
N LEU C 15 57.34 -1.03 -26.53
CA LEU C 15 58.40 -0.99 -27.54
C LEU C 15 58.24 -2.13 -28.54
N LEU C 16 57.06 -2.75 -28.55
CA LEU C 16 56.79 -3.91 -29.39
C LEU C 16 57.23 -3.69 -30.84
N ASN C 17 57.78 -4.75 -31.43
CA ASN C 17 58.22 -4.70 -32.83
C ASN C 17 57.06 -4.40 -33.77
N GLN C 18 55.93 -5.06 -33.53
CA GLN C 18 54.70 -4.78 -34.26
C GLN C 18 53.61 -4.36 -33.30
N ILE C 19 53.30 -3.06 -33.31
CA ILE C 19 52.29 -2.52 -32.41
C ILE C 19 50.89 -2.82 -32.95
N THR C 20 50.34 -3.94 -32.51
CA THR C 20 49.00 -4.36 -32.94
C THR C 20 48.26 -5.04 -31.80
N GLU C 21 47.02 -5.43 -32.05
CA GLU C 21 46.20 -6.09 -31.03
C GLU C 21 46.73 -7.50 -30.75
N ASN C 22 46.96 -8.28 -31.81
CA ASN C 22 47.45 -9.64 -31.67
C ASN C 22 48.76 -9.71 -30.90
N ALA C 23 49.73 -8.87 -31.30
CA ALA C 23 51.03 -8.83 -30.66
C ALA C 23 50.91 -8.45 -29.19
N PHE C 24 49.89 -7.67 -28.86
CA PHE C 24 49.66 -7.23 -27.49
C PHE C 24 49.34 -8.40 -26.58
N ILE C 25 48.51 -9.32 -27.07
CA ILE C 25 48.14 -10.50 -26.31
C ILE C 25 49.32 -11.47 -26.22
N GLU C 26 49.97 -11.71 -27.35
CA GLU C 26 51.11 -12.62 -27.39
C GLU C 26 52.20 -12.16 -26.42
N ASN C 27 52.41 -10.86 -26.33
CA ASN C 27 53.39 -10.30 -25.41
C ASN C 27 52.92 -10.43 -23.96
N LEU C 28 51.70 -10.00 -23.70
CA LEU C 28 51.12 -10.06 -22.36
C LEU C 28 51.19 -11.50 -21.84
N THR C 29 50.97 -12.46 -22.74
CA THR C 29 51.06 -13.88 -22.39
C THR C 29 52.49 -14.24 -22.01
N MET C 30 53.44 -13.86 -22.86
CA MET C 30 54.86 -14.12 -22.62
C MET C 30 55.32 -13.43 -21.34
N ARG C 31 54.68 -12.31 -21.01
CA ARG C 31 54.99 -11.57 -19.80
C ARG C 31 54.64 -12.40 -18.56
N HIS C 32 53.36 -12.72 -18.41
CA HIS C 32 52.90 -13.53 -17.29
C HIS C 32 53.58 -14.89 -17.27
N LYS C 33 53.98 -15.37 -18.44
CA LYS C 33 54.62 -16.66 -18.56
C LYS C 33 56.08 -16.62 -18.09
N SER C 34 56.58 -15.40 -17.86
CA SER C 34 57.97 -15.21 -17.45
C SER C 34 58.05 -14.42 -16.14
N ASP C 35 57.10 -14.67 -15.25
CA ASP C 35 57.09 -14.04 -13.93
C ASP C 35 57.01 -12.51 -14.00
N ASN C 36 56.45 -11.99 -15.08
CA ASN C 36 56.19 -10.56 -15.21
C ASN C 36 54.70 -10.28 -15.04
N ILE C 37 54.26 -10.17 -13.80
CA ILE C 37 52.85 -10.02 -13.48
C ILE C 37 52.33 -8.61 -13.74
N TYR C 38 52.82 -7.66 -12.95
CA TYR C 38 52.34 -6.28 -13.02
C TYR C 38 52.54 -5.67 -14.41
N THR C 39 51.51 -5.00 -14.91
CA THR C 39 51.56 -4.38 -16.22
C THR C 39 50.85 -3.03 -16.18
N TYR C 40 51.37 -2.06 -16.93
CA TYR C 40 50.81 -0.72 -16.93
C TYR C 40 50.00 -0.42 -18.20
N ILE C 41 49.04 0.48 -18.06
CA ILE C 41 48.27 0.97 -19.20
C ILE C 41 48.09 2.47 -19.04
N GLY C 42 49.02 3.24 -19.60
CA GLY C 42 49.02 4.68 -19.43
C GLY C 42 49.49 5.05 -18.04
N ASP C 43 48.68 4.71 -17.04
CA ASP C 43 49.02 4.95 -15.64
C ASP C 43 48.11 4.17 -14.71
N VAL C 44 47.76 2.95 -15.13
CA VAL C 44 46.86 2.10 -14.36
C VAL C 44 47.49 0.73 -14.11
N VAL C 45 47.26 0.18 -12.92
CA VAL C 45 47.88 -1.07 -12.52
C VAL C 45 47.07 -2.27 -12.99
N ILE C 46 47.78 -3.30 -13.47
CA ILE C 46 47.15 -4.54 -13.88
C ILE C 46 47.95 -5.73 -13.34
N SER C 47 47.39 -6.40 -12.34
CA SER C 47 48.10 -7.49 -11.66
C SER C 47 47.29 -8.78 -11.66
N THR C 48 47.84 -9.82 -11.07
CA THR C 48 47.17 -11.10 -10.95
C THR C 48 47.46 -11.73 -9.60
N ASN C 49 46.71 -12.77 -9.26
CA ASN C 49 46.89 -13.46 -7.98
C ASN C 49 47.28 -14.92 -8.14
N PRO C 50 48.57 -15.24 -7.95
CA PRO C 50 49.04 -16.63 -8.05
C PRO C 50 48.45 -17.54 -6.97
N PHE C 51 47.93 -16.95 -5.90
CA PHE C 51 47.39 -17.71 -4.77
C PHE C 51 48.43 -18.61 -4.11
N LYS C 52 49.70 -18.26 -4.26
CA LYS C 52 50.77 -19.01 -3.62
C LYS C 52 52.03 -18.16 -3.47
N ASN C 53 53.10 -18.76 -2.97
CA ASN C 53 54.34 -18.03 -2.68
C ASN C 53 55.24 -17.88 -3.91
N LEU C 54 55.53 -16.64 -4.27
CA LEU C 54 56.50 -16.33 -5.30
C LEU C 54 57.69 -15.59 -4.68
N ASN C 55 58.89 -15.84 -5.19
CA ASN C 55 60.10 -15.26 -4.63
C ASN C 55 60.28 -13.80 -5.04
N ILE C 56 59.27 -12.98 -4.74
CA ILE C 56 59.34 -11.55 -5.04
C ILE C 56 58.66 -10.72 -3.95
N TYR C 57 58.50 -11.31 -2.77
CA TYR C 57 57.83 -10.63 -1.67
C TYR C 57 58.69 -10.63 -0.41
N LYS C 58 59.62 -9.67 -0.33
CA LYS C 58 60.46 -9.52 0.85
C LYS C 58 60.64 -8.05 1.22
N GLU C 59 61.42 -7.80 2.27
CA GLU C 59 61.67 -6.44 2.74
C GLU C 59 62.46 -5.62 1.73
N SER C 60 63.33 -6.30 0.98
CA SER C 60 64.18 -5.64 0.01
C SER C 60 63.36 -5.03 -1.13
N ASP C 61 62.41 -5.80 -1.65
CA ASP C 61 61.58 -5.33 -2.75
C ASP C 61 60.70 -4.17 -2.32
N ILE C 62 60.08 -4.31 -1.14
CA ILE C 62 59.19 -3.28 -0.62
C ILE C 62 59.94 -1.96 -0.40
N LYS C 63 61.17 -2.06 0.12
CA LYS C 63 61.98 -0.89 0.39
C LYS C 63 62.49 -0.26 -0.91
N ALA C 64 62.47 -1.04 -1.98
CA ALA C 64 62.97 -0.57 -3.27
C ALA C 64 62.00 0.39 -3.95
N TYR C 65 60.70 0.15 -3.77
CA TYR C 65 59.67 0.97 -4.40
C TYR C 65 59.28 2.15 -3.51
N ASN C 66 60.26 2.99 -3.19
CA ASN C 66 60.01 4.19 -2.40
C ASN C 66 61.14 5.20 -2.56
N GLY C 67 60.82 6.34 -3.18
CA GLY C 67 61.81 7.37 -3.42
C GLY C 67 62.33 7.32 -4.85
N ARG C 68 61.54 6.71 -5.73
CA ARG C 68 61.91 6.59 -7.14
C ARG C 68 60.71 6.84 -8.04
N TYR C 69 60.92 6.75 -9.35
CA TYR C 69 59.84 6.95 -10.31
C TYR C 69 59.48 5.64 -11.04
N LYS C 70 58.48 5.72 -11.90
CA LYS C 70 57.98 4.55 -12.63
C LYS C 70 58.93 4.14 -13.74
N TYR C 71 59.56 5.12 -14.38
CA TYR C 71 60.46 4.85 -15.50
C TYR C 71 61.85 4.44 -15.03
N GLU C 72 61.98 4.09 -13.75
CA GLU C 72 63.26 3.68 -13.18
C GLU C 72 63.25 2.22 -12.77
N MET C 73 62.11 1.75 -12.26
CA MET C 73 62.00 0.37 -11.78
C MET C 73 60.83 -0.35 -12.45
N PRO C 74 60.86 -1.70 -12.42
CA PRO C 74 59.78 -2.50 -13.01
C PRO C 74 58.40 -2.15 -12.47
N PRO C 75 57.33 -2.55 -13.19
CA PRO C 75 55.96 -2.23 -12.79
C PRO C 75 55.60 -2.71 -11.39
N HIS C 76 55.12 -1.81 -10.54
CA HIS C 76 54.70 -2.17 -9.20
C HIS C 76 54.13 -0.97 -8.43
N MET C 77 54.81 0.17 -8.52
CA MET C 77 54.46 1.35 -7.73
C MET C 77 53.62 2.35 -8.51
N TYR C 78 53.60 2.22 -9.83
CA TYR C 78 52.85 3.12 -10.73
C TYR C 78 52.88 4.58 -10.27
N ALA C 79 53.71 5.36 -10.95
CA ALA C 79 53.95 6.77 -10.60
C ALA C 79 52.67 7.56 -10.33
N LEU C 80 51.57 7.20 -10.97
CA LEU C 80 50.31 7.91 -10.77
C LEU C 80 50.07 8.10 -9.28
N ALA C 81 50.41 7.08 -8.50
CA ALA C 81 50.36 7.20 -7.04
C ALA C 81 51.43 8.17 -6.59
N ASN C 82 52.68 7.84 -6.91
CA ASN C 82 53.81 8.70 -6.55
C ASN C 82 53.55 10.16 -6.89
N ASP C 83 52.65 10.41 -7.84
CA ASP C 83 52.26 11.77 -8.20
C ASP C 83 51.01 12.19 -7.43
N ALA C 84 49.95 11.40 -7.54
CA ALA C 84 48.69 11.72 -6.88
C ALA C 84 48.80 11.56 -5.37
N TYR C 85 49.30 10.41 -4.93
CA TYR C 85 49.51 10.15 -3.51
C TYR C 85 50.43 11.20 -2.90
N ARG C 86 51.19 11.87 -3.76
CA ARG C 86 52.06 12.96 -3.33
C ARG C 86 51.38 14.31 -3.59
N SER C 87 50.51 14.36 -4.60
CA SER C 87 49.80 15.58 -4.93
C SER C 87 49.02 16.09 -3.71
N MET C 88 48.50 15.16 -2.91
CA MET C 88 47.74 15.52 -1.72
C MET C 88 48.65 15.62 -0.50
N ARG C 89 49.96 15.51 -0.73
CA ARG C 89 50.94 15.61 0.34
C ARG C 89 51.44 17.05 0.47
N GLN C 90 51.23 17.84 -0.58
CA GLN C 90 51.64 19.24 -0.59
C GLN C 90 51.29 19.94 0.72
N SER C 91 48.51 18.44 0.33
CA SER C 91 47.57 19.07 1.26
C SER C 91 47.44 18.26 2.54
N GLN C 92 48.30 17.27 2.71
CA GLN C 92 48.25 16.37 3.85
C GLN C 92 46.84 15.79 3.99
N GLU C 93 46.33 15.26 2.89
CA GLU C 93 44.98 14.74 2.83
C GLU C 93 44.99 13.22 2.65
N ASN C 94 43.82 12.60 2.77
CA ASN C 94 43.71 11.14 2.68
C ASN C 94 43.24 10.67 1.30
N GLN C 95 43.45 9.39 1.01
CA GLN C 95 43.14 8.83 -0.30
C GLN C 95 42.20 7.64 -0.18
N CYS C 96 42.00 6.94 -1.31
CA CYS C 96 41.16 5.75 -1.34
C CYS C 96 41.44 4.95 -2.60
N VAL C 97 41.43 3.63 -2.48
CA VAL C 97 41.74 2.75 -3.59
C VAL C 97 40.56 1.84 -3.92
N ILE C 98 40.32 1.63 -5.20
CA ILE C 98 39.24 0.76 -5.66
C ILE C 98 39.82 -0.44 -6.41
N ILE C 99 39.23 -1.61 -6.17
CA ILE C 99 39.70 -2.84 -6.80
C ILE C 99 38.52 -3.60 -7.41
N SER C 100 38.70 -4.06 -8.64
CA SER C 100 37.64 -4.80 -9.34
C SER C 100 38.19 -6.05 -10.00
N GLY C 101 37.31 -7.01 -10.26
CA GLY C 101 37.70 -8.27 -10.86
C GLY C 101 36.78 -9.40 -10.46
N GLU C 102 37.13 -10.62 -10.83
CA GLU C 102 36.31 -11.78 -10.53
C GLU C 102 36.21 -12.01 -9.02
N SER C 103 35.05 -12.52 -8.60
CA SER C 103 34.79 -12.78 -7.18
C SER C 103 35.87 -13.66 -6.55
N GLY C 104 36.28 -13.29 -5.35
CA GLY C 104 37.27 -14.05 -4.59
C GLY C 104 38.50 -14.41 -5.40
N ALA C 105 38.92 -13.52 -6.28
CA ALA C 105 40.11 -13.74 -7.09
C ALA C 105 41.24 -12.82 -6.64
N GLY C 106 41.31 -12.56 -5.34
CA GLY C 106 42.34 -11.70 -4.78
C GLY C 106 42.06 -10.24 -5.04
N LYS C 107 41.11 -9.69 -4.30
CA LYS C 107 40.75 -8.28 -4.42
C LYS C 107 41.10 -7.52 -3.15
N THR C 108 41.87 -9.95 -1.50
CA THR C 108 42.53 -10.72 -0.46
C THR C 108 44.04 -10.69 -0.63
N GLU C 109 44.50 -10.68 -1.88
CA GLU C 109 45.92 -10.60 -2.19
C GLU C 109 46.27 -9.29 -2.90
N ALA C 110 45.27 -8.67 -3.51
CA ALA C 110 45.47 -7.37 -4.15
C ALA C 110 45.60 -6.28 -3.10
N SER C 111 44.83 -6.41 -2.03
CA SER C 111 44.92 -5.48 -0.91
C SER C 111 46.24 -5.67 -0.18
N LYS C 112 46.74 -6.91 -0.17
CA LYS C 112 48.02 -7.22 0.43
C LYS C 112 49.12 -6.33 -0.15
N LYS C 113 49.11 -6.15 -1.46
CA LYS C 113 50.08 -5.28 -2.12
C LYS C 113 49.99 -3.87 -1.56
N ILE C 114 48.77 -3.36 -1.42
CA ILE C 114 48.55 -2.03 -0.89
C ILE C 114 49.09 -1.92 0.53
N MET C 115 48.80 -2.93 1.35
CA MET C 115 49.25 -2.95 2.72
C MET C 115 50.77 -3.07 2.80
N GLN C 116 51.33 -4.06 2.10
CA GLN C 116 52.77 -4.24 2.07
C GLN C 116 53.47 -2.99 1.56
N PHE C 117 52.80 -2.26 0.66
CA PHE C 117 53.31 -0.98 0.17
C PHE C 117 53.08 0.11 1.20
N LEU C 118 51.96 0.03 1.91
CA LEU C 118 51.63 1.03 2.92
C LEU C 118 52.65 1.01 4.06
N THR C 119 52.87 -0.16 4.63
CA THR C 119 53.88 -0.33 5.66
C THR C 119 55.26 0.06 5.13
N PHE C 120 56.25 0.13 6.02
CA PHE C 120 57.59 0.60 5.66
C PHE C 120 57.55 2.05 5.17
N VAL C 121 56.79 2.29 4.10
CA VAL C 121 56.56 3.65 3.63
C VAL C 121 55.95 4.49 4.75
N SER C 122 54.99 3.91 5.45
CA SER C 122 54.37 4.58 6.59
C SER C 122 55.28 4.52 7.80
N SER C 123 55.98 3.39 7.96
CA SER C 123 56.91 3.22 9.07
C SER C 123 58.20 3.97 8.81
N ASN C 124 58.72 -0.63 11.59
CA ASN C 124 60.06 -0.10 11.42
C ASN C 124 61.12 -1.19 11.61
N GLN C 125 61.07 -0.90 15.02
CA GLN C 125 61.44 -0.68 16.41
C GLN C 125 60.44 -1.34 17.35
N SER C 126 59.19 -0.88 17.30
CA SER C 126 58.13 -1.37 18.17
C SER C 126 57.94 -2.89 18.02
N PRO C 127 58.27 -3.65 19.06
CA PRO C 127 58.04 -5.10 19.03
C PRO C 127 56.56 -5.45 18.94
N ASN C 128 55.70 -4.51 19.33
CA ASN C 128 54.26 -4.72 19.29
C ASN C 128 53.65 -4.20 18.00
N GLY C 129 54.45 -4.19 16.93
CA GLY C 129 54.00 -3.71 15.64
C GLY C 129 54.02 -4.80 14.60
N GLU C 130 55.22 -5.29 14.29
CA GLU C 130 55.38 -6.34 13.29
C GLU C 130 54.78 -7.66 13.76
N ARG C 131 54.64 -7.82 15.07
CA ARG C 131 54.09 -9.04 15.63
C ARG C 131 52.57 -9.07 15.47
N ILE C 132 51.91 -7.96 15.81
CA ILE C 132 50.46 -7.85 15.66
C ILE C 132 50.08 -7.67 14.20
N SER C 133 51.07 -7.35 13.37
CA SER C 133 50.85 -7.24 11.94
C SER C 133 50.57 -8.62 11.35
N LYS C 134 51.10 -9.65 11.99
CA LYS C 134 50.91 -11.03 11.54
C LYS C 134 49.47 -11.46 11.71
N MET C 135 48.89 -11.19 12.88
CA MET C 135 47.50 -11.56 13.14
C MET C 135 46.56 -10.75 12.25
N LEU C 136 47.01 -9.56 11.85
CA LEU C 136 46.21 -8.71 10.98
C LEU C 136 46.26 -9.19 9.53
N LEU C 137 47.42 -9.69 9.12
CA LEU C 137 47.56 -10.25 7.78
C LEU C 137 46.85 -11.60 7.68
N ASP C 138 46.66 -12.24 8.83
CA ASP C 138 45.96 -13.50 8.90
C ASP C 138 44.46 -13.27 9.12
N SER C 139 44.05 -12.01 9.11
CA SER C 139 42.64 -11.66 9.26
C SER C 139 41.88 -11.85 7.95
N ASN C 140 42.61 -11.83 6.84
CA ASN C 140 42.00 -12.04 5.53
C ASN C 140 41.48 -13.46 5.37
N PRO C 141 42.35 -14.47 5.54
CA PRO C 141 41.85 -15.85 5.46
C PRO C 141 40.92 -16.20 6.61
N LEU C 142 40.96 -15.40 7.67
CA LEU C 142 40.09 -15.59 8.82
C LEU C 142 38.63 -15.40 8.41
N LEU C 143 38.34 -14.25 7.82
CA LEU C 143 36.96 -13.90 7.46
C LEU C 143 36.51 -14.60 6.17
N GLU C 144 37.44 -15.27 5.50
CA GLU C 144 37.12 -15.97 4.26
C GLU C 144 36.66 -17.41 4.53
N ALA C 145 36.46 -17.74 5.79
CA ALA C 145 36.04 -19.10 6.17
C ALA C 145 34.67 -19.09 6.82
N PHE C 146 34.17 -17.91 7.16
CA PHE C 146 32.88 -17.80 7.84
C PHE C 146 31.80 -17.22 6.93
N GLY C 147 32.06 -16.03 6.38
CA GLY C 147 31.07 -15.34 5.58
C GLY C 147 31.07 -15.74 4.12
N ASN C 148 32.18 -16.32 3.67
CA ASN C 148 32.31 -16.72 2.28
C ASN C 148 31.54 -18.00 1.94
N ALA C 149 31.23 -18.17 0.66
CA ALA C 149 30.56 -19.37 0.17
C ALA C 149 31.11 -19.74 -1.21
N LYS C 150 30.51 -20.73 -1.84
CA LYS C 150 30.99 -21.21 -3.14
C LYS C 150 30.19 -20.67 -4.32
N THR C 151 30.89 -20.34 -5.40
CA THR C 151 30.26 -19.98 -6.67
C THR C 151 30.93 -20.76 -7.80
N LEU C 152 30.20 -20.99 -8.87
CA LEU C 152 30.73 -21.74 -10.01
C LEU C 152 31.90 -21.03 -10.68
N ARG C 153 32.02 -19.73 -10.42
CA ARG C 153 33.12 -18.95 -10.97
C ARG C 153 34.30 -18.87 -9.98
N ASN C 154 34.01 -18.95 -8.68
CA ASN C 154 35.07 -18.94 -7.69
C ASN C 154 34.66 -19.66 -6.40
N ASP C 155 35.63 -20.32 -5.77
CA ASP C 155 35.36 -21.05 -4.54
C ASP C 155 35.33 -20.12 -3.32
N ASN C 156 36.30 -19.23 -3.20
CA ASN C 156 36.39 -18.32 -2.07
C ASN C 156 35.58 -17.05 -2.31
N SER C 157 34.29 -17.22 -2.58
CA SER C 157 33.42 -16.09 -2.88
C SER C 157 32.95 -15.39 -1.61
N SER C 158 33.41 -14.16 -1.41
CA SER C 158 32.98 -13.37 -0.26
C SER C 158 31.52 -13.00 -0.41
N ARG C 159 30.79 -13.03 0.69
CA ARG C 159 29.35 -12.76 0.66
C ARG C 159 28.99 -11.62 1.61
N PHE C 160 29.69 -10.50 1.46
CA PHE C 160 29.41 -9.30 2.23
C PHE C 160 30.23 -8.13 1.71
N GLY C 161 29.56 -7.02 1.43
CA GLY C 161 30.24 -5.81 0.99
C GLY C 161 31.30 -5.39 1.98
N LYS C 162 32.36 -4.75 1.50
CA LYS C 162 33.46 -4.36 2.36
C LYS C 162 34.22 -3.15 1.82
N TYR C 163 34.13 -2.04 2.54
CA TYR C 163 34.88 -0.83 2.20
C TYR C 163 35.82 -0.52 3.36
N MET C 164 36.97 -1.17 3.36
CA MET C 164 37.93 -1.02 4.46
C MET C 164 38.49 0.40 4.50
N GLU C 165 39.01 0.77 5.67
CA GLU C 165 39.61 2.08 5.87
C GLU C 165 40.90 1.95 6.67
N MET C 166 41.96 2.61 6.22
CA MET C 166 43.26 2.51 6.88
C MET C 166 43.63 3.81 7.59
N GLN C 167 43.80 3.73 8.91
CA GLN C 167 44.26 4.86 9.69
C GLN C 167 45.73 4.65 10.07
N PHE C 168 46.32 5.61 10.77
CA PHE C 168 47.75 5.56 11.07
C PHE C 168 48.05 5.86 12.54
N ASN C 169 49.24 5.45 12.98
CA ASN C 169 49.69 5.67 14.35
C ASN C 169 50.75 6.78 14.40
N ALA C 170 51.04 7.27 15.60
CA ALA C 170 52.04 8.31 15.77
C ALA C 170 53.43 7.81 15.42
N VAL C 171 53.66 6.50 15.54
CA VAL C 171 54.96 5.92 15.24
C VAL C 171 55.12 5.65 13.75
N GLY C 172 54.00 5.41 13.06
CA GLY C 172 54.02 5.15 11.64
C GLY C 172 53.09 4.01 11.25
N SER C 173 53.11 2.94 12.03
CA SER C 173 52.26 1.78 11.79
C SER C 173 50.79 2.20 11.82
N PRO C 174 49.89 1.34 11.31
CA PRO C 174 48.46 1.66 11.38
C PRO C 174 47.86 1.41 12.76
N ILE C 175 46.69 1.99 13.03
CA ILE C 175 46.03 1.84 14.33
C ILE C 175 44.79 0.95 14.22
N GLY C 176 44.07 1.06 13.11
CA GLY C 176 42.87 0.28 12.90
C GLY C 176 42.06 0.76 11.72
N GLY C 177 40.84 0.25 11.60
CA GLY C 177 39.97 0.60 10.50
C GLY C 177 38.55 0.08 10.72
N LYS C 178 37.59 0.68 10.02
CA LYS C 178 36.20 0.26 10.13
C LYS C 178 35.78 -0.51 8.89
N ILE C 179 34.62 -1.16 8.96
CA ILE C 179 34.11 -1.96 7.85
C ILE C 179 32.65 -1.62 7.60
N THR C 180 32.26 -1.61 6.32
CA THR C 180 30.89 -1.28 5.93
C THR C 180 30.43 -2.19 4.80
N ASN C 181 29.20 -2.69 4.91
CA ASN C 181 28.63 -3.56 3.88
C ASN C 181 27.30 -3.00 3.37
N TYR C 182 26.70 -3.69 2.41
CA TYR C 182 25.43 -3.26 1.84
C TYR C 182 24.65 -4.44 1.25
N LEU C 183 23.32 -4.35 1.36
CA LEU C 183 22.42 -5.34 0.74
C LEU C 183 22.60 -6.74 1.30
N LEU C 184 23.75 -7.35 1.03
CA LEU C 184 24.00 -8.75 1.38
C LEU C 184 23.08 -9.67 0.59
N GLU C 185 23.67 -10.60 -0.14
CA GLU C 185 22.89 -11.58 -0.90
C GLU C 185 22.12 -12.46 0.08
N LYS C 186 20.82 -12.52 -0.08
CA LYS C 186 19.95 -13.21 0.88
C LYS C 186 18.83 -13.98 0.19
N SER C 187 19.09 -14.43 -1.04
CA SER C 187 18.13 -15.26 -1.77
C SER C 187 18.68 -16.67 -1.96
N ARG C 188 19.94 -16.86 -1.60
CA ARG C 188 20.60 -18.15 -1.75
C ARG C 188 20.17 -19.14 -0.68
N VAL C 189 19.67 -18.63 0.44
CA VAL C 189 19.27 -19.49 1.55
C VAL C 189 18.03 -20.30 1.19
N VAL C 190 17.23 -19.79 0.26
CA VAL C 190 15.96 -20.43 -0.08
C VAL C 190 15.92 -20.96 -1.52
N GLY C 191 16.73 -20.38 -2.40
CA GLY C 191 16.72 -20.76 -3.80
C GLY C 191 18.07 -20.65 -4.48
N ARG C 192 18.36 -21.61 -5.34
CA ARG C 192 19.64 -21.64 -6.06
C ARG C 192 19.66 -22.74 -7.12
N THR C 193 20.63 -22.66 -8.02
CA THR C 193 20.76 -23.62 -9.11
C THR C 193 21.29 -24.95 -8.62
N GLN C 194 20.94 -26.03 -9.32
CA GLN C 194 21.41 -27.37 -8.97
C GLN C 194 22.94 -27.42 -9.04
N GLY C 195 23.55 -28.17 -8.13
CA GLY C 195 24.99 -28.30 -8.09
C GLY C 195 25.62 -27.30 -7.14
N GLU C 196 25.13 -26.07 -7.18
CA GLU C 196 25.63 -25.02 -6.29
C GLU C 196 25.34 -25.37 -4.84
N ARG C 197 25.86 -24.56 -3.92
CA ARG C 197 25.68 -24.83 -2.50
C ARG C 197 25.47 -23.52 -1.73
N SER C 198 24.68 -23.59 -0.67
CA SER C 198 24.35 -22.41 0.13
C SER C 198 25.56 -21.98 0.97
N PHE C 199 25.32 -21.11 1.94
CA PHE C 199 26.39 -20.59 2.79
C PHE C 199 27.20 -21.73 3.43
N HIS C 200 28.47 -21.45 3.70
CA HIS C 200 29.38 -22.48 4.23
C HIS C 200 29.04 -22.87 5.67
N ILE C 201 28.71 -21.87 6.49
CA ILE C 201 28.51 -22.10 7.91
C ILE C 201 27.50 -23.20 8.23
N PHE C 202 26.55 -23.44 7.33
CA PHE C 202 25.49 -24.41 7.57
C PHE C 202 25.96 -25.85 7.33
N TYR C 203 26.99 -26.02 6.52
CA TYR C 203 27.45 -27.36 6.15
C TYR C 203 28.77 -27.71 6.83
N GLN C 204 29.66 -26.73 6.94
CA GLN C 204 30.94 -26.94 7.60
C GLN C 204 30.76 -27.19 9.09
N MET C 205 29.69 -26.63 9.65
CA MET C 205 29.40 -26.77 11.07
C MET C 205 28.96 -28.19 11.41
N LEU C 206 28.21 -28.81 10.50
CA LEU C 206 27.72 -30.16 10.72
C LEU C 206 28.85 -31.18 10.72
N LYS C 207 29.56 -31.30 9.60
CA LYS C 207 30.66 -32.24 9.49
C LYS C 207 31.87 -31.74 10.26
N GLY C 208 31.77 -31.74 11.59
CA GLY C 208 32.85 -31.27 12.43
C GLY C 208 32.53 -31.37 13.90
N LEU C 209 31.53 -30.60 14.35
CA LEU C 209 31.14 -30.60 15.75
C LEU C 209 30.81 -32.01 16.22
N SER C 210 31.18 -32.32 17.46
CA SER C 210 30.89 -33.63 18.03
C SER C 210 29.38 -33.84 18.09
N GLN C 211 28.95 -35.06 17.77
CA GLN C 211 27.54 -35.41 17.82
C GLN C 211 26.87 -34.90 19.10
N SER C 212 27.60 -34.89 20.20
CA SER C 212 27.08 -34.41 21.48
C SER C 212 26.67 -32.94 21.38
N LYS C 213 27.46 -32.16 20.64
CA LYS C 213 27.20 -30.74 20.48
C LYS C 213 25.99 -30.49 19.59
N LEU C 214 25.74 -31.43 18.68
CA LEU C 214 24.62 -31.30 17.75
C LEU C 214 23.28 -31.53 18.44
N ASP C 215 23.22 -32.59 19.25
CA ASP C 215 21.99 -32.93 19.94
C ASP C 215 21.55 -31.81 20.90
N GLU C 216 22.52 -31.13 21.49
CA GLU C 216 22.24 -30.03 22.40
C GLU C 216 21.52 -28.90 21.67
N LEU C 217 21.78 -28.76 20.38
CA LEU C 217 21.14 -27.74 19.57
C LEU C 217 19.85 -28.28 18.95
N GLY C 218 19.44 -29.47 19.37
CA GLY C 218 18.26 -30.11 18.81
C GLY C 218 18.44 -30.42 17.34
N LEU C 219 19.56 -31.08 17.02
CA LEU C 219 19.88 -31.38 15.63
C LEU C 219 20.12 -32.87 15.42
N THR C 220 19.84 -33.34 14.20
CA THR C 220 20.07 -34.72 13.84
C THR C 220 20.91 -34.79 12.57
N PRO C 221 21.83 -35.78 12.49
CA PRO C 221 22.70 -35.86 11.31
C PRO C 221 21.93 -36.22 10.04
N ASN C 222 21.12 -35.28 9.57
CA ASN C 222 20.33 -35.49 8.35
C ASN C 222 19.72 -34.17 7.86
N ALA C 223 20.30 -33.62 6.80
CA ALA C 223 19.86 -32.34 6.26
C ALA C 223 18.40 -32.36 5.76
N PRO C 224 18.02 -33.40 5.01
CA PRO C 224 16.64 -33.47 4.49
C PRO C 224 15.58 -33.23 5.57
N ALA C 225 15.90 -33.59 6.82
CA ALA C 225 14.95 -33.46 7.93
C ALA C 225 14.56 -32.02 8.18
N TYR C 226 15.46 -31.09 7.88
CA TYR C 226 15.20 -29.67 8.12
C TYR C 226 14.53 -29.02 6.91
N GLU C 227 14.33 -27.70 6.99
CA GLU C 227 13.76 -26.94 5.89
C GLU C 227 14.82 -26.05 5.26
N TYR C 228 15.67 -25.46 6.11
CA TYR C 228 16.74 -24.59 5.66
C TYR C 228 17.63 -25.28 4.61
N LEU C 229 17.73 -26.60 4.70
CA LEU C 229 18.59 -27.36 3.81
C LEU C 229 17.78 -28.18 2.81
N LYS C 230 16.46 -28.15 2.94
CA LYS C 230 15.58 -28.91 2.06
C LYS C 230 15.07 -28.06 0.90
N LYS C 231 15.05 -26.75 1.08
CA LYS C 231 14.56 -25.83 0.05
C LYS C 231 15.35 -25.96 -1.24
N SER C 232 16.57 -26.50 -1.16
CA SER C 232 17.41 -26.67 -2.34
C SER C 232 17.18 -28.04 -2.98
N GLY C 233 17.47 -29.09 -2.22
CA GLY C 233 17.37 -30.45 -2.73
C GLY C 233 18.71 -31.14 -2.79
N CYS C 234 19.78 -30.37 -2.62
CA CYS C 234 21.14 -30.91 -2.62
C CYS C 234 21.69 -30.88 -1.20
N PHE C 235 22.61 -31.80 -0.90
CA PHE C 235 23.17 -31.91 0.44
C PHE C 235 24.66 -32.20 0.37
N ASP C 236 25.04 -33.28 -0.33
CA ASP C 236 26.43 -33.68 -0.42
C ASP C 236 27.08 -33.13 -1.68
N VAL C 237 28.27 -32.56 -1.52
CA VAL C 237 29.04 -32.03 -2.65
C VAL C 237 30.22 -32.96 -2.95
N SER C 238 30.49 -33.18 -4.23
CA SER C 238 31.52 -34.12 -4.65
C SER C 238 32.93 -33.58 -4.40
N THR C 239 33.10 -32.28 -4.60
CA THR C 239 34.43 -31.66 -4.52
C THR C 239 34.84 -31.36 -3.08
N ILE C 240 33.88 -30.99 -2.25
CA ILE C 240 34.17 -30.55 -0.88
C ILE C 240 34.10 -31.68 0.14
N ASP C 241 35.03 -31.67 1.08
CA ASP C 241 35.04 -32.62 2.19
C ASP C 241 35.11 -31.84 3.51
N ASP C 242 33.97 -31.34 3.95
CA ASP C 242 33.91 -30.48 5.12
C ASP C 242 34.43 -31.18 6.38
N SER C 243 34.36 -32.51 6.39
CA SER C 243 34.83 -33.28 7.53
C SER C 243 36.29 -32.98 7.85
N GLY C 244 37.08 -32.78 6.80
CA GLY C 244 38.49 -32.47 6.96
C GLY C 244 38.75 -30.97 6.98
N GLU C 245 37.98 -30.23 6.19
CA GLU C 245 38.13 -28.79 6.10
C GLU C 245 37.74 -28.10 7.41
N PHE C 246 36.93 -28.79 8.21
CA PHE C 246 36.45 -28.23 9.47
C PHE C 246 37.61 -27.89 10.42
N LYS C 247 38.68 -28.69 10.37
CA LYS C 247 39.82 -28.48 11.25
C LYS C 247 40.59 -27.21 10.88
N ILE C 248 40.38 -26.71 9.67
CA ILE C 248 41.04 -25.49 9.23
C ILE C 248 40.32 -24.27 9.76
N ILE C 249 39.01 -24.38 9.92
CA ILE C 249 38.19 -23.28 10.42
C ILE C 249 38.35 -23.14 11.93
N VAL C 250 38.40 -24.27 12.63
CA VAL C 250 38.55 -24.27 14.07
C VAL C 250 39.91 -23.70 14.47
N LYS C 251 40.93 -23.97 13.66
CA LYS C 251 42.26 -23.44 13.90
C LYS C 251 42.23 -21.91 13.81
N ALA C 252 41.24 -21.39 13.09
CA ALA C 252 41.08 -19.95 12.95
C ALA C 252 40.18 -19.38 14.05
N MET C 253 39.33 -20.24 14.60
CA MET C 253 38.44 -19.83 15.68
C MET C 253 39.22 -19.41 16.93
N GLU C 254 40.02 -20.34 17.46
CA GLU C 254 40.69 -20.13 18.73
C GLU C 254 41.96 -19.27 18.60
N THR C 255 42.64 -19.40 17.46
CA THR C 255 43.89 -18.69 17.24
C THR C 255 43.72 -17.18 17.39
N LEU C 256 42.72 -16.62 16.72
CA LEU C 256 42.48 -15.18 16.75
C LEU C 256 42.07 -14.74 18.16
N GLY C 257 40.87 -15.18 18.58
CA GLY C 257 40.35 -14.81 19.88
C GLY C 257 38.86 -15.02 20.00
N LEU C 258 38.37 -16.11 19.41
CA LEU C 258 36.95 -16.45 19.49
C LEU C 258 36.78 -17.74 20.27
N LYS C 259 36.85 -17.64 21.60
CA LYS C 259 36.76 -18.82 22.47
C LYS C 259 35.41 -19.50 22.29
N GLU C 260 35.34 -20.77 22.70
CA GLU C 260 34.12 -21.55 22.57
C GLU C 260 32.94 -20.83 23.22
N SER C 261 33.21 -20.05 24.26
CA SER C 261 32.18 -19.28 24.94
C SER C 261 31.53 -18.31 23.96
N ASP C 262 32.35 -17.59 23.21
CA ASP C 262 31.87 -16.65 22.21
C ASP C 262 31.23 -17.39 21.04
N GLN C 263 31.74 -18.59 20.76
CA GLN C 263 31.21 -19.42 19.68
C GLN C 263 29.79 -19.85 20.00
N ASN C 264 29.61 -20.51 21.14
CA ASN C 264 28.29 -20.94 21.57
C ASN C 264 27.30 -19.79 21.54
N SER C 265 27.76 -18.62 22.00
CA SER C 265 26.92 -17.42 22.00
C SER C 265 26.39 -17.17 20.59
N ILE C 266 27.28 -17.20 19.61
CA ILE C 266 26.89 -16.98 18.22
C ILE C 266 25.98 -18.10 17.74
N TRP C 267 26.24 -19.33 18.18
CA TRP C 267 25.45 -20.47 17.76
C TRP C 267 24.03 -20.42 18.32
N ARG C 268 23.87 -19.78 19.48
CA ARG C 268 22.55 -19.63 20.08
C ARG C 268 21.60 -18.88 19.15
N ILE C 269 22.18 -18.11 18.22
CA ILE C 269 21.38 -17.39 17.24
C ILE C 269 20.93 -18.36 16.15
N LEU C 270 21.86 -19.18 15.66
CA LEU C 270 21.55 -20.17 14.65
C LEU C 270 20.73 -21.31 15.26
N ALA C 271 21.02 -21.63 16.51
CA ALA C 271 20.27 -22.65 17.24
C ALA C 271 18.79 -22.31 17.22
N ALA C 272 18.50 -21.02 17.42
CA ALA C 272 17.12 -20.53 17.35
C ALA C 272 16.61 -20.61 15.92
N ILE C 273 17.38 -20.05 14.99
CA ILE C 273 17.01 -20.06 13.58
C ILE C 273 16.70 -21.47 13.10
N LEU C 274 17.51 -22.43 13.53
CA LEU C 274 17.30 -23.83 13.16
C LEU C 274 16.03 -24.38 13.82
N HIS C 275 15.64 -23.77 14.93
CA HIS C 275 14.40 -24.13 15.59
C HIS C 275 13.21 -23.40 14.95
N ILE C 276 13.50 -22.25 14.34
CA ILE C 276 12.49 -21.48 13.65
C ILE C 276 12.34 -21.96 12.21
N GLY C 277 13.44 -22.43 11.63
CA GLY C 277 13.45 -22.88 10.25
C GLY C 277 12.51 -24.05 10.00
N ASN C 278 12.37 -24.92 10.99
CA ASN C 278 11.51 -26.09 10.86
C ASN C 278 10.05 -25.72 10.62
N ILE C 279 9.68 -24.49 10.94
CA ILE C 279 8.31 -24.03 10.76
C ILE C 279 7.92 -24.07 9.29
N THR C 280 7.35 -25.20 8.86
CA THR C 280 6.80 -25.32 7.51
C THR C 280 5.27 -25.29 7.61
N PHE C 281 4.60 -25.25 6.46
CA PHE C 281 3.14 -25.16 6.44
C PHE C 281 2.51 -26.11 5.44
N ALA C 282 1.31 -26.60 5.77
CA ALA C 282 0.55 -27.44 4.86
C ALA C 282 -0.65 -26.66 4.35
N GLU C 283 -0.44 -25.93 3.26
CA GLU C 283 -1.45 -25.03 2.68
C GLU C 283 -2.81 -25.14 3.36
N ALA C 284 -3.05 -24.24 4.32
CA ALA C 284 -4.30 -24.26 5.08
C ALA C 284 -5.41 -23.51 4.35
N ALA C 285 -6.38 -24.27 3.86
CA ALA C 285 -7.55 -23.69 3.21
C ALA C 285 -8.65 -23.52 4.25
N GLU C 286 -8.32 -22.88 5.36
CA GLU C 286 -9.24 -22.79 6.49
C GLU C 286 -10.43 -21.89 6.15
N GLN C 287 -10.14 -20.67 5.72
CA GLN C 287 -11.18 -19.72 5.33
C GLN C 287 -12.14 -20.33 4.32
N ARG C 288 -13.41 -20.43 4.72
CA ARG C 288 -14.46 -20.90 3.83
C ARG C 288 -14.33 -20.34 2.42
N THR C 289 -13.90 -19.08 2.31
CA THR C 289 -13.83 -18.41 1.02
C THR C 289 -12.62 -17.50 0.90
N GLY C 290 -12.64 -16.40 1.67
CA GLY C 290 -11.63 -15.36 1.59
C GLY C 290 -10.28 -15.75 1.04
N THR C 291 -9.31 -15.93 1.92
CA THR C 291 -7.94 -16.22 1.52
C THR C 291 -7.35 -17.35 2.36
N THR C 292 -6.70 -18.30 1.70
CA THR C 292 -6.09 -19.42 2.40
C THR C 292 -5.12 -18.93 3.48
N THR C 293 -5.34 -19.37 4.71
CA THR C 293 -4.51 -18.97 5.84
C THR C 293 -3.31 -19.90 5.97
N VAL C 294 -2.52 -19.72 7.03
CA VAL C 294 -1.35 -20.54 7.28
C VAL C 294 -1.44 -21.21 8.64
N LYS C 295 -1.62 -22.53 8.64
CA LYS C 295 -1.80 -23.29 9.87
C LYS C 295 -0.53 -24.08 10.22
N VAL C 296 -0.23 -24.14 11.52
CA VAL C 296 0.92 -24.89 12.00
C VAL C 296 0.50 -25.94 13.04
N SER C 297 0.23 -27.15 12.57
CA SER C 297 -0.15 -28.25 13.45
C SER C 297 1.04 -28.69 14.31
N ASP C 298 2.16 -28.94 13.65
CA ASP C 298 3.39 -29.28 14.34
C ASP C 298 3.91 -28.04 15.06
N THR C 299 3.29 -27.73 16.20
CA THR C 299 3.58 -26.49 16.92
C THR C 299 4.93 -26.51 17.63
N LYS C 300 5.44 -27.69 17.96
CA LYS C 300 6.70 -27.78 18.69
C LYS C 300 7.83 -27.07 17.95
N SER C 301 7.70 -26.95 16.64
CA SER C 301 8.66 -26.21 15.83
C SER C 301 8.47 -24.72 16.04
N LEU C 302 7.22 -24.29 16.07
CA LEU C 302 6.88 -22.89 16.33
C LEU C 302 7.02 -22.60 17.82
N ALA C 303 6.93 -23.65 18.64
CA ALA C 303 7.09 -23.50 20.08
C ALA C 303 8.57 -23.35 20.42
N ALA C 304 9.39 -24.23 19.86
CA ALA C 304 10.83 -24.17 20.06
C ALA C 304 11.37 -22.87 19.49
N ALA C 305 10.67 -22.34 18.49
CA ALA C 305 11.03 -21.07 17.87
C ALA C 305 11.00 -19.95 18.91
N ALA C 306 10.00 -19.98 19.78
CA ALA C 306 9.83 -18.94 20.80
C ALA C 306 10.52 -19.32 22.10
N SER C 307 10.87 -20.59 22.25
CA SER C 307 11.55 -21.06 23.45
C SER C 307 12.91 -20.40 23.62
N CYS C 308 13.62 -20.24 22.50
CA CYS C 308 14.93 -19.60 22.52
C CYS C 308 14.78 -18.11 22.78
N LEU C 309 13.74 -17.51 22.19
CA LEU C 309 13.44 -16.11 22.40
C LEU C 309 12.73 -15.92 23.74
N LYS C 310 12.22 -17.02 24.28
CA LYS C 310 11.52 -17.01 25.57
C LYS C 310 10.37 -16.01 25.55
N THR C 311 9.64 -15.99 24.44
CA THR C 311 8.46 -15.13 24.32
C THR C 311 7.21 -15.98 24.21
N ASP C 312 6.05 -15.35 24.41
CA ASP C 312 4.78 -16.07 24.36
C ASP C 312 4.57 -16.69 22.99
N GLN C 313 4.65 -18.02 22.94
CA GLN C 313 4.47 -18.76 21.69
C GLN C 313 3.22 -18.31 20.93
N GLN C 314 2.12 -18.13 21.66
CA GLN C 314 0.86 -17.76 21.05
C GLN C 314 0.90 -16.33 20.52
N SER C 315 1.13 -15.38 21.42
CA SER C 315 1.13 -13.97 21.05
C SER C 315 2.09 -13.70 19.88
N LEU C 316 3.23 -14.36 19.88
CA LEU C 316 4.21 -14.20 18.81
C LEU C 316 3.57 -14.45 17.45
N SER C 317 2.94 -15.62 17.30
CA SER C 317 2.29 -15.98 16.05
C SER C 317 1.12 -15.06 15.76
N ILE C 318 0.51 -14.52 16.81
CA ILE C 318 -0.65 -13.66 16.67
C ILE C 318 -0.24 -12.21 16.38
N ALA C 319 1.04 -11.90 16.61
CA ALA C 319 1.52 -10.53 16.45
C ALA C 319 2.48 -10.35 15.28
N LEU C 320 2.80 -11.44 14.59
CA LEU C 320 3.72 -11.38 13.46
C LEU C 320 3.04 -11.81 12.16
N CYS C 321 2.60 -13.08 12.13
CA CYS C 321 1.87 -13.58 10.98
C CYS C 321 0.62 -12.74 10.77
N TYR C 322 0.17 -12.09 11.84
CA TYR C 322 -0.98 -11.21 11.79
C TYR C 322 -0.57 -9.76 12.07
N ARG C 323 -0.93 -8.86 11.16
CA ARG C 323 -0.61 -7.45 11.32
C ARG C 323 -1.66 -6.74 12.15
N SER C 324 -1.27 -5.68 12.84
CA SER C 324 -2.19 -4.98 13.74
C SER C 324 -1.80 -3.52 13.97
N ILE C 325 -2.81 -2.66 14.08
CA ILE C 325 -2.61 -1.25 14.37
C ILE C 325 -3.93 -0.60 14.82
N SER C 326 -3.83 0.35 15.74
CA SER C 326 -4.99 1.09 16.23
C SER C 326 -4.70 2.59 16.20
N THR C 327 -3.81 3.04 17.08
CA THR C 327 -3.32 4.43 17.10
C THR C 327 -4.22 5.45 17.80
N GLY C 328 -3.59 6.44 18.45
CA GLY C 328 -4.28 7.58 19.01
C GLY C 328 -3.38 8.36 19.97
N VAL C 329 -2.34 8.98 19.43
CA VAL C 329 -1.39 9.76 20.21
C VAL C 329 -0.49 8.88 21.09
N GLY C 330 -1.05 7.81 21.66
CA GLY C 330 -0.27 6.85 22.43
C GLY C 330 0.61 6.06 21.48
N LYS C 331 0.38 4.75 21.41
CA LYS C 331 1.05 3.92 20.40
C LYS C 331 0.34 2.57 20.18
N ARG C 332 -0.99 2.61 20.05
CA ARG C 332 -1.77 1.46 19.57
C ARG C 332 -1.80 0.26 20.53
N CYS C 333 -2.79 -0.62 20.33
CA CYS C 333 -2.83 -1.90 21.01
C CYS C 333 -2.83 -3.03 19.98
N GLU C 334 -1.72 -3.76 19.93
CA GLU C 334 -1.50 -4.77 18.89
C GLU C 334 -2.18 -6.10 19.22
N VAL C 335 -3.08 -6.54 18.34
CA VAL C 335 -3.76 -7.82 18.51
C VAL C 335 -4.55 -8.22 17.26
N ILE C 336 -5.23 -7.26 16.65
CA ILE C 336 -6.05 -7.54 15.47
C ILE C 336 -5.29 -8.41 14.48
N SER C 337 -6.02 -9.20 13.70
CA SER C 337 -5.43 -10.28 12.93
C SER C 337 -5.49 -10.05 11.42
N VAL C 338 -4.43 -10.47 10.73
CA VAL C 338 -4.38 -10.43 9.28
C VAL C 338 -3.66 -11.66 8.71
N PRO C 339 -4.35 -12.81 8.67
CA PRO C 339 -3.71 -13.95 8.01
C PRO C 339 -3.56 -13.69 6.51
N MET C 340 -2.43 -14.06 5.94
CA MET C 340 -2.15 -13.80 4.53
C MET C 340 -1.67 -15.08 3.84
N ASP C 341 -1.51 -14.99 2.53
CA ASP C 341 -1.12 -16.14 1.72
C ASP C 341 0.22 -16.71 2.14
N CYS C 342 0.57 -17.86 1.58
CA CYS C 342 1.81 -18.55 1.92
C CYS C 342 3.01 -17.76 1.43
N ASN C 343 2.92 -17.20 0.23
CA ASN C 343 4.02 -16.43 -0.34
C ASN C 343 4.43 -15.27 0.55
N GLN C 344 3.45 -14.48 0.98
CA GLN C 344 3.71 -13.35 1.86
C GLN C 344 4.16 -13.85 3.23
N ALA C 345 3.62 -14.98 3.67
CA ALA C 345 4.02 -15.58 4.93
C ALA C 345 5.47 -16.04 4.87
N ALA C 346 5.83 -16.70 3.77
CA ALA C 346 7.20 -17.16 3.56
C ALA C 346 8.11 -15.95 3.36
N TYR C 347 7.57 -14.91 2.74
CA TYR C 347 8.31 -13.68 2.52
C TYR C 347 8.71 -13.04 3.86
N SER C 348 7.72 -12.89 4.74
CA SER C 348 7.97 -12.33 6.06
C SER C 348 8.92 -13.21 6.86
N ARG C 349 8.73 -14.52 6.75
CA ARG C 349 9.58 -15.48 7.45
C ARG C 349 11.05 -15.25 7.12
N ASP C 350 11.37 -15.22 5.83
CA ASP C 350 12.74 -15.03 5.37
C ASP C 350 13.23 -13.62 5.67
N ALA C 351 12.44 -12.63 5.28
CA ALA C 351 12.81 -11.23 5.45
C ALA C 351 13.51 -10.96 6.78
N LEU C 352 13.04 -11.61 7.83
CA LEU C 352 13.62 -11.45 9.16
C LEU C 352 14.87 -12.33 9.29
N ALA C 353 14.76 -13.56 8.80
CA ALA C 353 15.85 -14.53 8.92
C ALA C 353 17.16 -14.02 8.34
N LYS C 354 17.07 -13.11 7.38
CA LYS C 354 18.25 -12.58 6.70
C LYS C 354 18.84 -11.40 7.45
N ALA C 355 18.03 -10.36 7.62
CA ALA C 355 18.48 -9.12 8.26
C ALA C 355 18.99 -9.38 9.67
N LEU C 356 18.47 -10.42 10.31
CA LEU C 356 18.89 -10.78 11.66
C LEU C 356 20.38 -11.14 11.68
N TYR C 357 20.82 -11.84 10.64
CA TYR C 357 22.21 -12.30 10.57
C TYR C 357 23.12 -11.27 9.92
N GLU C 358 22.55 -10.39 9.10
CA GLU C 358 23.31 -9.36 8.41
C GLU C 358 23.91 -8.37 9.41
N ARG C 359 23.06 -7.87 10.31
CA ARG C 359 23.50 -6.90 11.31
C ARG C 359 24.53 -7.51 12.25
N LEU C 360 24.34 -8.78 12.58
CA LEU C 360 25.25 -9.48 13.48
C LEU C 360 26.65 -9.55 12.92
N PHE C 361 26.77 -10.06 11.70
CA PHE C 361 28.07 -10.24 11.07
C PHE C 361 28.86 -8.92 11.02
N ASN C 362 28.18 -7.84 10.68
CA ASN C 362 28.81 -6.54 10.59
C ASN C 362 29.18 -5.99 11.98
N TRP C 363 28.42 -6.40 12.99
CA TRP C 363 28.72 -6.02 14.36
C TRP C 363 29.72 -6.99 14.97
N LEU C 364 29.83 -8.18 14.37
CA LEU C 364 30.77 -9.19 14.84
C LEU C 364 32.18 -8.80 14.44
N VAL C 365 32.35 -8.46 13.16
CA VAL C 365 33.66 -8.06 12.65
C VAL C 365 34.20 -6.84 13.41
N SER C 366 33.29 -6.00 13.89
CA SER C 366 33.68 -4.84 14.68
C SER C 366 34.16 -5.27 16.06
N LYS C 367 33.60 -6.37 16.57
CA LYS C 367 34.01 -6.91 17.85
C LYS C 367 35.24 -7.80 17.69
N ILE C 368 35.50 -8.24 16.47
CA ILE C 368 36.75 -8.93 16.16
C ILE C 368 37.89 -7.93 16.26
N ASN C 369 37.59 -6.67 15.95
CA ASN C 369 38.57 -5.60 16.04
C ASN C 369 38.72 -5.06 17.47
N THR C 370 37.85 -5.50 18.37
CA THR C 370 37.94 -5.11 19.78
C THR C 370 39.31 -5.46 20.35
N ILE C 371 39.90 -6.55 19.86
CA ILE C 371 41.22 -6.97 20.32
C ILE C 371 42.25 -6.73 19.21
N ILE C 372 42.00 -5.70 18.43
CA ILE C 372 42.86 -5.37 17.29
C ILE C 372 42.90 -3.86 17.05
N ASN C 373 41.71 -3.26 16.93
CA ASN C 373 41.60 -1.83 16.68
C ASN C 373 42.15 -0.99 17.83
N CYS C 374 42.72 0.16 17.49
CA CYS C 374 43.27 1.08 18.49
C CYS C 374 42.43 2.34 18.59
N THR C 375 42.51 3.02 19.74
CA THR C 375 41.75 4.25 19.96
C THR C 375 42.63 5.29 20.64
N THR C 376 43.80 5.52 20.07
CA THR C 376 44.75 6.48 20.64
C THR C 376 44.86 7.74 19.77
N GLU C 377 44.85 7.57 18.46
CA GLU C 377 44.91 8.70 17.54
C GLU C 377 43.71 8.72 16.59
N LYS C 378 43.42 9.90 16.07
CA LYS C 378 42.43 10.06 15.00
C LYS C 378 43.01 10.91 13.88
N GLY C 379 43.02 10.37 12.67
CA GLY C 379 43.62 11.05 11.54
C GLY C 379 43.14 10.54 10.19
N PRO C 380 43.82 10.98 9.12
CA PRO C 380 43.50 10.59 7.73
C PRO C 380 43.09 9.13 7.58
N VAL C 381 42.29 8.86 6.55
CA VAL C 381 41.80 7.50 6.29
C VAL C 381 41.97 7.10 4.83
N ILE C 382 42.76 6.05 4.61
CA ILE C 382 42.93 5.48 3.27
C ILE C 382 41.98 4.31 3.09
N GLY C 383 41.01 4.47 2.19
CA GLY C 383 39.99 3.45 1.98
C GLY C 383 40.36 2.42 0.94
N ILE C 384 39.81 1.23 1.07
CA ILE C 384 40.00 0.15 0.10
C ILE C 384 38.66 -0.50 -0.24
N LEU C 385 38.32 -0.50 -1.51
CA LEU C 385 37.03 -1.02 -1.96
C LEU C 385 37.10 -2.51 -2.28
N ASP C 386 36.02 -3.23 -1.99
CA ASP C 386 35.94 -4.65 -2.28
C ASP C 386 34.48 -5.11 -2.25
N ILE C 387 33.94 -5.41 -3.43
CA ILE C 387 32.53 -5.80 -3.55
C ILE C 387 32.41 -7.03 -4.46
N TYR C 388 31.25 -7.68 -4.39
CA TYR C 388 30.98 -8.84 -5.23
C TYR C 388 31.34 -8.60 -6.69
N GLY C 389 31.89 -9.63 -7.34
CA GLY C 389 32.37 -9.50 -8.72
C GLY C 389 31.32 -9.82 -9.75
N PHE C 390 31.57 -9.38 -10.98
CA PHE C 390 30.65 -9.60 -12.09
C PHE C 390 30.65 -11.07 -12.49
N GLU C 391 29.69 -11.83 -11.97
CA GLU C 391 29.60 -13.26 -12.26
C GLU C 391 28.90 -13.49 -13.60
N VAL C 392 29.29 -14.54 -14.30
CA VAL C 392 28.74 -14.84 -15.61
C VAL C 392 28.33 -16.31 -15.73
N PHE C 393 27.05 -16.53 -16.01
CA PHE C 393 26.54 -17.87 -16.25
C PHE C 393 25.94 -17.92 -17.65
N GLN C 394 25.48 -19.10 -18.06
CA GLN C 394 24.80 -19.25 -19.33
C GLN C 394 23.29 -19.17 -19.12
N ASN C 395 22.89 -18.59 -17.99
CA ASN C 395 21.49 -18.46 -17.62
C ASN C 395 21.34 -17.56 -16.40
N ASN C 396 20.95 -16.32 -16.62
CA ASN C 396 20.87 -15.33 -15.56
C ASN C 396 19.46 -15.14 -15.01
N SER C 397 19.36 -14.40 -13.92
CA SER C 397 18.09 -14.13 -13.27
C SER C 397 18.16 -12.80 -12.53
N PHE C 398 17.24 -12.57 -11.59
CA PHE C 398 17.21 -11.31 -10.85
C PHE C 398 18.46 -11.09 -10.03
N GLU C 399 18.82 -12.07 -9.21
CA GLU C 399 19.97 -11.94 -8.32
C GLU C 399 21.23 -11.51 -9.07
N GLN C 400 21.28 -11.82 -10.37
CA GLN C 400 22.40 -11.39 -11.20
C GLN C 400 22.32 -9.89 -11.50
N LEU C 401 21.09 -9.39 -11.66
CA LEU C 401 20.88 -7.98 -12.01
C LEU C 401 21.56 -7.05 -11.00
N ASN C 402 21.31 -7.30 -9.72
CA ASN C 402 21.89 -6.47 -8.66
C ASN C 402 23.42 -6.44 -8.74
N ILE C 403 24.03 -7.59 -9.00
CA ILE C 403 25.47 -7.69 -9.10
C ILE C 403 25.95 -7.01 -10.38
N ASN C 404 25.27 -7.29 -11.49
CA ASN C 404 25.61 -6.68 -12.77
C ASN C 404 25.34 -5.18 -12.77
N PHE C 405 24.35 -4.77 -11.98
CA PHE C 405 24.02 -3.34 -11.85
C PHE C 405 25.18 -2.55 -11.25
N CYS C 406 25.90 -3.17 -10.33
CA CYS C 406 27.03 -2.52 -9.68
C CYS C 406 28.13 -2.20 -10.69
N ASN C 407 28.30 -3.09 -11.66
CA ASN C 407 29.30 -2.89 -12.71
C ASN C 407 28.93 -1.72 -13.62
N GLU C 408 27.63 -1.54 -13.84
CA GLU C 408 27.15 -0.39 -14.61
C GLU C 408 27.51 0.90 -13.89
N LYS C 409 27.53 0.84 -12.56
CA LYS C 409 27.91 1.99 -11.75
C LYS C 409 29.43 2.09 -11.66
N LEU C 410 30.10 0.95 -11.75
CA LEU C 410 31.55 0.89 -11.68
C LEU C 410 32.17 1.50 -12.94
N GLN C 411 31.57 1.19 -14.09
CA GLN C 411 32.03 1.76 -15.35
C GLN C 411 31.78 3.26 -15.36
N GLN C 412 30.65 3.68 -14.80
CA GLN C 412 30.33 5.09 -14.66
C GLN C 412 31.36 5.78 -13.77
N LEU C 413 31.86 5.05 -12.78
CA LEU C 413 32.85 5.59 -11.86
C LEU C 413 34.12 5.99 -12.60
N PHE C 414 34.65 5.07 -13.40
CA PHE C 414 35.86 5.33 -14.16
C PHE C 414 35.67 6.50 -15.12
N ILE C 415 34.62 6.43 -15.93
CA ILE C 415 34.32 7.50 -16.89
C ILE C 415 34.19 8.84 -16.17
N GLU C 416 33.73 8.80 -14.93
CA GLU C 416 33.63 10.00 -14.12
C GLU C 416 35.01 10.45 -13.64
N LEU C 417 35.92 9.48 -13.53
CA LEU C 417 37.25 9.75 -13.00
C LEU C 417 38.30 9.89 -14.11
N THR C 418 38.53 8.81 -14.85
CA THR C 418 39.61 8.77 -15.84
C THR C 418 39.25 9.49 -17.13
N LEU C 419 38.04 10.05 -17.21
CA LEU C 419 37.59 10.72 -18.42
C LEU C 419 36.99 12.11 -18.16
N LYS C 420 36.51 12.34 -16.94
CA LYS C 420 35.88 13.61 -16.62
C LYS C 420 36.68 14.41 -15.60
N SER C 421 36.72 13.94 -14.36
CA SER C 421 37.39 14.67 -13.29
C SER C 421 38.88 14.87 -13.58
N GLU C 422 39.46 13.96 -14.36
CA GLU C 422 40.88 14.02 -14.68
C GLU C 422 41.14 14.97 -15.84
N GLN C 423 40.24 14.97 -16.82
CA GLN C 423 40.36 15.88 -17.96
C GLN C 423 40.20 17.32 -17.53
N GLU C 424 39.32 17.56 -16.55
CA GLU C 424 39.12 18.90 -16.00
C GLU C 424 40.37 19.36 -15.26
N GLU C 425 41.15 18.41 -14.77
CA GLU C 425 42.39 18.72 -14.06
C GLU C 425 43.48 19.12 -15.07
N TYR C 426 43.39 18.57 -16.27
CA TYR C 426 44.35 18.90 -17.33
C TYR C 426 44.27 20.39 -17.66
N VAL C 427 43.07 20.86 -17.97
CA VAL C 427 42.86 22.25 -18.35
C VAL C 427 43.09 23.19 -17.16
N ARG C 428 42.89 22.68 -15.94
CA ARG C 428 43.11 23.48 -14.74
C ARG C 428 44.60 23.83 -14.61
N GLU C 429 45.45 22.93 -15.09
CA GLU C 429 46.88 23.16 -15.10
C GLU C 429 47.25 24.06 -16.27
N GLY C 430 46.44 24.02 -17.31
CA GLY C 430 46.65 24.85 -18.49
C GLY C 430 47.60 24.20 -19.48
N ILE C 431 47.55 22.86 -19.55
CA ILE C 431 48.44 22.12 -20.43
C ILE C 431 47.68 21.62 -21.67
N GLU C 432 48.37 21.58 -22.80
CA GLU C 432 47.77 21.19 -24.08
C GLU C 432 46.83 20.01 -23.92
N TRP C 433 45.58 20.21 -24.34
CA TRP C 433 44.58 19.15 -24.30
C TRP C 433 43.38 19.50 -25.16
N LYS C 434 42.89 18.51 -25.90
CA LYS C 434 41.72 18.68 -26.76
C LYS C 434 40.85 17.44 -26.71
N ASN C 435 39.54 17.63 -26.64
CA ASN C 435 38.60 16.53 -26.48
C ASN C 435 38.66 15.56 -27.66
N ILE C 436 39.37 14.45 -27.47
CA ILE C 436 39.49 13.42 -28.48
C ILE C 436 38.30 12.47 -28.40
N GLU C 437 37.87 11.95 -29.55
CA GLU C 437 36.67 11.11 -29.64
C GLU C 437 36.20 10.56 -28.30
N TYR C 438 35.24 11.26 -27.69
CA TYR C 438 34.69 10.85 -26.40
C TYR C 438 33.43 10.00 -26.61
N PHE C 439 33.56 8.69 -26.41
CA PHE C 439 32.42 7.80 -26.55
C PHE C 439 31.38 8.15 -25.50
N ASN C 440 30.13 7.76 -25.75
CA ASN C 440 29.03 8.12 -24.89
C ASN C 440 29.40 8.03 -23.41
N ASN C 441 29.10 9.11 -22.66
CA ASN C 441 29.35 9.15 -21.23
C ASN C 441 28.38 8.23 -20.49
N LYS C 442 27.50 7.59 -21.25
CA LYS C 442 26.47 6.70 -20.70
C LYS C 442 25.84 7.16 -19.38
N PRO C 443 25.38 8.43 -19.33
CA PRO C 443 24.57 8.81 -18.17
C PRO C 443 23.13 8.32 -18.36
N ILE C 444 22.84 7.84 -19.57
CA ILE C 444 21.53 7.28 -19.88
C ILE C 444 21.33 5.99 -19.08
N CYS C 445 22.40 5.20 -18.97
CA CYS C 445 22.36 3.96 -18.21
C CYS C 445 22.15 4.24 -16.71
N GLU C 446 22.33 5.50 -16.32
CA GLU C 446 22.10 5.91 -14.95
C GLU C 446 20.70 6.49 -14.78
N LEU C 447 20.32 7.34 -15.73
CA LEU C 447 19.00 7.95 -15.72
C LEU C 447 17.91 6.93 -16.02
N ILE C 448 18.31 5.81 -16.63
CA ILE C 448 17.38 4.74 -16.98
C ILE C 448 16.96 3.95 -15.74
N GLU C 449 17.57 4.26 -14.59
CA GLU C 449 17.26 3.54 -13.36
C GLU C 449 17.54 4.38 -12.11
N LYS C 450 16.99 5.59 -12.07
CA LYS C 450 17.12 6.45 -10.90
C LYS C 450 15.96 7.43 -10.80
N LYS C 451 16.01 8.49 -11.60
CA LYS C 451 14.96 9.51 -11.60
C LYS C 451 13.66 8.92 -12.13
N PRO C 452 12.54 9.64 -11.94
CA PRO C 452 11.26 9.12 -12.45
C PRO C 452 11.37 8.66 -13.90
N ILE C 453 10.55 7.69 -14.28
CA ILE C 453 10.62 7.05 -15.60
C ILE C 453 11.97 6.35 -15.75
N GLY C 454 12.20 5.35 -14.90
CA GLY C 454 13.42 4.57 -14.95
C GLY C 454 13.18 3.14 -14.52
N LEU C 455 14.10 2.24 -14.89
CA LEU C 455 13.97 0.82 -14.58
C LEU C 455 13.57 0.56 -13.12
N ILE C 456 14.52 0.73 -12.20
CA ILE C 456 14.24 0.46 -10.79
C ILE C 456 13.12 1.36 -10.28
N SER C 457 12.94 2.51 -10.94
CA SER C 457 11.84 3.41 -10.60
C SER C 457 10.53 2.82 -11.10
N LEU C 458 10.62 2.03 -12.17
CA LEU C 458 9.46 1.32 -12.70
C LEU C 458 9.39 -0.09 -12.13
N LEU C 459 10.51 -0.56 -11.57
CA LEU C 459 10.58 -1.90 -11.02
C LEU C 459 10.08 -1.91 -9.59
N ASP C 460 10.78 -1.17 -8.72
CA ASP C 460 10.40 -1.06 -7.32
C ASP C 460 8.95 -0.63 -7.17
N GLU C 461 8.46 0.14 -8.14
CA GLU C 461 7.07 0.59 -8.13
C GLU C 461 6.14 -0.60 -8.33
N ALA C 462 6.58 -1.57 -9.13
CA ALA C 462 5.80 -2.77 -9.38
C ALA C 462 5.89 -3.74 -8.21
N CYS C 463 7.01 -3.69 -7.49
CA CYS C 463 7.21 -4.52 -6.31
C CYS C 463 6.11 -4.28 -5.28
N LEU C 464 5.60 -3.05 -5.24
CA LEU C 464 4.54 -2.70 -4.30
C LEU C 464 3.18 -3.09 -4.87
N ILE C 465 2.99 -2.87 -6.17
CA ILE C 465 1.78 -3.32 -6.84
C ILE C 465 1.80 -4.85 -6.92
N ALA C 466 1.34 -5.49 -5.85
CA ALA C 466 1.40 -6.94 -5.76
C ALA C 466 0.54 -7.62 -6.82
N LYS C 467 -0.49 -6.92 -7.27
CA LYS C 467 -1.38 -7.46 -8.29
C LYS C 467 -0.72 -7.45 -9.66
N SER C 468 0.42 -6.78 -9.76
CA SER C 468 1.23 -6.83 -10.97
C SER C 468 2.34 -7.87 -10.78
N THR C 469 2.06 -9.10 -11.17
CA THR C 469 2.98 -10.20 -10.92
C THR C 469 4.28 -10.07 -11.74
N ASP C 470 4.50 -10.99 -12.67
CA ASP C 470 5.72 -10.99 -13.46
C ASP C 470 5.43 -10.71 -14.94
N GLN C 471 4.35 -11.28 -15.45
CA GLN C 471 3.98 -11.09 -16.84
C GLN C 471 3.50 -9.67 -17.10
N THR C 472 2.73 -9.12 -16.17
CA THR C 472 2.25 -7.75 -16.28
C THR C 472 3.41 -6.78 -16.08
N PHE C 473 4.30 -7.12 -15.16
CA PHE C 473 5.49 -6.31 -14.89
C PHE C 473 6.38 -6.23 -16.12
N LEU C 474 6.51 -7.34 -16.83
CA LEU C 474 7.30 -7.40 -18.05
C LEU C 474 6.83 -6.33 -19.04
N ASP C 475 5.51 -6.21 -19.17
CA ASP C 475 4.92 -5.30 -20.13
C ASP C 475 5.16 -3.83 -19.77
N SER C 476 5.50 -3.60 -18.50
CA SER C 476 5.77 -2.25 -18.02
C SER C 476 7.21 -1.83 -18.32
N ILE C 477 7.98 -2.76 -18.88
CA ILE C 477 9.39 -2.49 -19.22
C ILE C 477 9.54 -2.32 -20.72
N CYS C 478 9.00 -3.28 -21.48
CA CYS C 478 9.13 -3.28 -22.93
C CYS C 478 8.53 -2.00 -23.53
N LYS C 479 7.43 -1.53 -22.95
CA LYS C 479 6.77 -0.32 -23.44
C LYS C 479 7.51 0.92 -23.00
N GLN C 480 7.90 0.95 -21.73
CA GLN C 480 8.63 2.10 -21.19
C GLN C 480 9.96 2.28 -21.92
N PHE C 481 10.55 1.16 -22.34
CA PHE C 481 11.83 1.19 -23.04
C PHE C 481 11.70 0.55 -24.42
N GLU C 482 12.74 -0.14 -24.88
CA GLU C 482 12.76 -0.70 -26.24
C GLU C 482 12.47 0.42 -27.24
N LYS C 483 12.98 1.61 -26.92
CA LYS C 483 12.78 2.80 -27.73
C LYS C 483 13.87 3.78 -27.31
N ASN C 484 14.02 3.92 -25.99
CA ASN C 484 15.21 4.54 -25.41
C ASN C 484 16.43 3.75 -25.89
N PRO C 485 17.55 4.45 -26.15
CA PRO C 485 18.68 3.71 -26.74
C PRO C 485 19.37 2.77 -25.76
N HIS C 486 19.98 1.72 -26.30
CA HIS C 486 20.78 0.77 -25.53
C HIS C 486 19.93 -0.18 -24.69
N LEU C 487 18.99 -0.87 -25.35
CA LEU C 487 18.17 -1.88 -24.70
C LEU C 487 17.29 -2.58 -25.72
N GLN C 488 17.43 -3.90 -25.82
CA GLN C 488 16.73 -4.69 -26.83
C GLN C 488 15.85 -5.78 -26.23
N SER C 489 15.24 -6.56 -27.10
CA SER C 489 14.40 -7.69 -26.68
C SER C 489 14.09 -8.55 -27.91
N TYR C 490 13.08 -9.40 -27.81
CA TYR C 490 12.68 -10.22 -28.95
C TYR C 490 11.86 -9.42 -29.96
N VAL C 491 10.91 -8.63 -29.45
CA VAL C 491 9.98 -7.89 -30.30
C VAL C 491 10.71 -6.99 -31.30
N VAL C 492 11.46 -6.02 -30.78
CA VAL C 492 12.17 -5.08 -31.64
C VAL C 492 13.28 -5.80 -32.41
N SER C 493 14.23 -6.37 -31.66
CA SER C 493 15.30 -7.15 -32.27
C SER C 493 14.82 -8.58 -32.49
N LYS C 494 14.38 -8.88 -33.71
CA LYS C 494 13.83 -10.19 -34.04
C LYS C 494 14.88 -11.28 -33.89
N ASP C 495 15.12 -11.70 -32.64
CA ASP C 495 16.06 -12.77 -32.36
C ASP C 495 15.38 -13.85 -31.54
N ARG C 496 15.48 -15.09 -32.01
CA ARG C 496 14.78 -16.21 -31.37
C ARG C 496 15.42 -16.59 -30.03
N SER C 497 16.68 -16.20 -29.85
CA SER C 497 17.39 -16.52 -28.61
C SER C 497 16.69 -15.92 -27.40
N ILE C 498 15.95 -14.84 -27.63
CA ILE C 498 15.21 -14.17 -26.56
C ILE C 498 13.79 -14.71 -26.47
N GLY C 499 13.38 -15.14 -25.28
CA GLY C 499 12.03 -15.64 -25.08
C GLY C 499 11.02 -14.52 -25.09
N ASP C 500 9.75 -14.87 -25.23
CA ASP C 500 8.68 -13.88 -25.26
C ASP C 500 8.48 -13.25 -23.89
N THR C 501 8.97 -13.92 -22.85
CA THR C 501 8.84 -13.44 -21.48
C THR C 501 10.14 -12.79 -21.01
N CYS C 502 11.22 -13.03 -21.75
CA CYS C 502 12.53 -12.49 -21.39
C CYS C 502 12.87 -11.26 -22.24
N PHE C 503 14.03 -10.67 -21.98
CA PHE C 503 14.46 -9.48 -22.70
C PHE C 503 15.99 -9.45 -22.85
N ARG C 504 16.47 -8.56 -23.72
CA ARG C 504 17.90 -8.43 -24.00
C ARG C 504 18.44 -7.11 -23.44
N LEU C 505 19.24 -7.21 -22.37
CA LEU C 505 19.84 -6.04 -21.76
C LEU C 505 21.30 -5.90 -22.16
N LYS C 506 21.62 -4.82 -22.88
CA LYS C 506 22.99 -4.58 -23.32
C LYS C 506 23.77 -3.79 -22.28
N HIS C 507 24.80 -4.41 -21.73
CA HIS C 507 25.71 -3.74 -20.81
C HIS C 507 26.80 -3.03 -21.61
N TYR C 508 27.84 -2.58 -20.92
CA TYR C 508 28.98 -1.95 -21.59
C TYR C 508 29.97 -3.01 -22.05
N ALA C 509 29.48 -4.25 -22.18
CA ALA C 509 30.35 -5.37 -22.51
C ALA C 509 29.72 -6.27 -23.59
N GLY C 510 28.79 -7.13 -23.18
CA GLY C 510 28.17 -8.07 -24.10
C GLY C 510 26.66 -8.10 -23.99
N ASP C 511 26.09 -9.31 -24.03
CA ASP C 511 24.65 -9.49 -23.98
C ASP C 511 24.26 -10.47 -22.87
N VAL C 512 23.15 -10.18 -22.20
CA VAL C 512 22.66 -11.04 -21.12
C VAL C 512 21.14 -11.12 -21.15
N THR C 513 20.62 -12.33 -20.96
CA THR C 513 19.17 -12.55 -20.91
C THR C 513 18.77 -13.02 -19.53
N TYR C 514 17.62 -12.54 -19.04
CA TYR C 514 17.16 -12.86 -17.69
C TYR C 514 15.84 -13.61 -17.71
N ASP C 515 15.61 -14.39 -16.65
CA ASP C 515 14.35 -15.11 -16.48
C ASP C 515 13.39 -14.24 -15.67
N VAL C 516 12.45 -14.87 -14.98
CA VAL C 516 11.48 -14.12 -14.18
C VAL C 516 11.08 -14.83 -12.88
N ARG C 517 11.49 -16.07 -12.73
CA ARG C 517 11.13 -16.87 -11.55
C ARG C 517 11.42 -16.14 -10.25
N GLY C 518 10.36 -15.79 -9.52
CA GLY C 518 10.49 -15.25 -8.18
C GLY C 518 10.80 -13.77 -8.11
N PHE C 519 10.89 -13.11 -9.27
CA PHE C 519 11.25 -11.69 -9.33
C PHE C 519 10.75 -10.88 -8.14
N LEU C 520 9.43 -10.84 -7.96
CA LEU C 520 8.82 -9.99 -6.93
C LEU C 520 9.37 -10.26 -5.54
N ASP C 521 8.92 -11.34 -4.92
CA ASP C 521 9.25 -11.65 -3.53
C ASP C 521 10.74 -11.54 -3.24
N LYS C 522 11.56 -11.75 -4.26
CA LYS C 522 13.02 -11.70 -4.10
C LYS C 522 13.52 -10.26 -4.18
N ASN C 523 12.80 -9.43 -4.93
CA ASN C 523 13.23 -8.05 -5.15
C ASN C 523 12.60 -7.06 -4.18
N LYS C 524 11.32 -7.29 -3.86
CA LYS C 524 10.58 -6.37 -3.00
C LYS C 524 11.46 -5.84 -1.86
N ASP C 525 11.95 -6.76 -1.04
CA ASP C 525 12.83 -6.41 0.07
C ASP C 525 12.10 -5.65 1.17
N THR C 526 10.88 -5.19 0.87
CA THR C 526 10.09 -4.42 1.82
C THR C 526 10.06 -5.08 3.19
N LEU C 527 10.65 -4.42 4.18
CA LEU C 527 10.68 -4.94 5.54
C LEU C 527 10.08 -3.93 6.52
N PHE C 528 8.79 -4.06 6.77
CA PHE C 528 8.08 -3.14 7.67
C PHE C 528 8.51 -3.37 9.12
N GLY C 529 8.03 -2.51 10.02
CA GLY C 529 8.40 -2.57 11.41
C GLY C 529 7.49 -3.46 12.25
N ASP C 530 7.25 -4.67 11.76
CA ASP C 530 6.45 -5.65 12.49
C ASP C 530 7.29 -6.88 12.81
N LEU C 531 8.16 -7.25 11.88
CA LEU C 531 9.07 -8.38 12.07
C LEU C 531 10.31 -7.93 12.83
N ILE C 532 10.62 -6.64 12.74
CA ILE C 532 11.82 -6.09 13.37
C ILE C 532 11.61 -5.83 14.85
N SER C 533 10.44 -5.28 15.19
CA SER C 533 10.16 -4.85 16.56
C SER C 533 10.05 -6.03 17.53
N SER C 534 9.65 -7.19 17.02
CA SER C 534 9.45 -8.36 17.87
C SER C 534 10.69 -8.69 18.67
N MET C 535 11.80 -8.92 17.96
CA MET C 535 13.05 -9.29 18.60
C MET C 535 13.56 -8.19 19.53
N GLN C 536 13.26 -6.94 19.20
CA GLN C 536 13.72 -5.81 20.02
C GLN C 536 13.09 -5.85 21.41
N SER C 537 11.86 -6.32 21.49
CA SER C 537 11.12 -6.37 22.76
C SER C 537 11.34 -7.68 23.51
N SER C 538 12.25 -8.52 23.01
CA SER C 538 12.53 -9.80 23.64
C SER C 538 13.46 -9.63 24.83
N SER C 539 13.65 -10.70 25.59
CA SER C 539 14.51 -10.66 26.76
C SER C 539 15.69 -11.62 26.60
N ASP C 540 16.79 -11.12 26.03
CA ASP C 540 17.98 -11.91 25.81
C ASP C 540 19.16 -10.97 25.53
N PRO C 541 20.35 -11.30 26.06
CA PRO C 541 21.50 -10.40 25.88
C PRO C 541 21.98 -10.33 24.42
N LEU C 542 21.51 -11.24 23.57
CA LEU C 542 21.91 -11.26 22.18
C LEU C 542 20.79 -10.84 21.24
N VAL C 543 19.60 -11.41 21.44
CA VAL C 543 18.46 -11.14 20.57
C VAL C 543 18.30 -9.64 20.35
N GLN C 544 18.43 -8.86 21.41
CA GLN C 544 18.38 -7.41 21.31
C GLN C 544 19.76 -6.85 20.97
N GLY C 545 20.79 -7.65 21.23
CA GLY C 545 22.15 -7.26 20.93
C GLY C 545 22.45 -7.28 19.44
N LEU C 546 21.77 -8.17 18.71
CA LEU C 546 21.94 -8.24 17.25
C LEU C 546 21.48 -6.92 16.66
N PHE C 547 20.51 -6.28 17.32
CA PHE C 547 20.10 -4.93 16.98
C PHE C 547 20.89 -3.95 17.86
N PRO C 548 22.06 -3.51 17.38
CA PRO C 548 22.99 -2.77 18.23
C PRO C 548 22.51 -1.35 18.53
N PRO C 549 23.24 -0.61 19.39
CA PRO C 549 22.90 0.79 19.66
C PRO C 549 22.22 1.46 18.48
N THR C 550 20.96 1.84 18.66
CA THR C 550 20.14 2.36 17.57
C THR C 550 20.86 3.42 16.76
N ARG C 551 20.68 3.37 15.44
CA ARG C 551 21.19 4.40 14.53
C ARG C 551 22.72 4.39 14.40
N PRO C 552 23.27 3.40 13.69
CA PRO C 552 24.71 3.41 13.36
C PRO C 552 24.96 3.88 11.94
N GLU C 553 25.33 5.16 11.78
CA GLU C 553 25.59 5.74 10.46
C GLU C 553 24.38 5.69 9.55
N ASP C 554 23.21 5.37 10.11
CA ASP C 554 21.97 5.33 9.34
C ASP C 554 20.79 5.58 10.26
N SER C 555 20.31 6.83 10.25
CA SER C 555 19.25 7.23 11.17
C SER C 555 18.08 7.86 10.43
N LYS C 556 18.14 9.18 10.23
CA LYS C 556 17.05 9.91 9.59
C LYS C 556 15.71 9.51 10.19
N LYS C 557 14.93 8.70 9.47
CA LYS C 557 13.68 8.16 10.00
C LYS C 557 13.60 6.67 9.71
N ARG C 558 13.06 5.91 10.65
CA ARG C 558 13.11 4.46 10.59
C ARG C 558 11.96 3.82 9.78
N PRO C 559 10.71 4.14 10.13
CA PRO C 559 9.59 3.41 9.49
C PRO C 559 9.43 3.73 8.01
N GLU C 560 9.86 2.81 7.15
CA GLU C 560 9.70 2.97 5.70
C GLU C 560 10.18 1.72 4.97
N THR C 561 9.50 1.37 3.89
CA THR C 561 9.85 0.21 3.08
C THR C 561 11.34 0.15 2.81
N ALA C 562 11.88 -1.06 2.72
CA ALA C 562 13.30 -1.24 2.49
C ALA C 562 13.65 -1.00 1.02
N GLY C 563 12.64 -1.01 0.16
CA GLY C 563 12.85 -0.70 -1.24
C GLY C 563 13.60 0.60 -1.42
N SER C 564 13.35 1.55 -0.52
CA SER C 564 14.04 2.83 -0.57
C SER C 564 15.32 2.79 0.27
N GLN C 565 15.33 1.94 1.28
CA GLN C 565 16.49 1.79 2.15
C GLN C 565 17.70 1.29 1.36
N PHE C 566 17.48 0.28 0.51
CA PHE C 566 18.55 -0.25 -0.32
C PHE C 566 18.99 0.78 -1.35
N ARG C 567 18.04 1.57 -1.84
CA ARG C 567 18.34 2.64 -2.79
C ARG C 567 19.29 3.65 -2.16
N ASN C 568 19.17 3.86 -0.86
CA ASN C 568 20.06 4.77 -0.14
C ASN C 568 21.44 4.15 0.06
N ALA C 569 21.48 2.83 0.16
CA ALA C 569 22.72 2.11 0.36
C ALA C 569 23.66 2.28 -0.84
N MET C 570 23.09 2.22 -2.05
CA MET C 570 23.88 2.37 -3.26
C MET C 570 24.26 3.83 -3.48
N ASN C 571 23.36 4.73 -3.09
CA ASN C 571 23.63 6.16 -3.20
C ASN C 571 24.72 6.61 -2.22
N ALA C 572 24.84 5.89 -1.11
CA ALA C 572 25.89 6.18 -0.13
C ALA C 572 27.24 5.68 -0.64
N LEU C 573 27.21 4.90 -1.71
CA LEU C 573 28.43 4.34 -2.29
C LEU C 573 28.97 5.26 -3.39
N ILE C 574 28.04 5.86 -4.15
CA ILE C 574 28.42 6.70 -5.29
C ILE C 574 28.86 8.10 -4.84
N THR C 575 28.00 8.77 -4.08
CA THR C 575 28.26 10.14 -3.64
C THR C 575 29.61 10.27 -2.95
N THR C 576 30.00 9.25 -2.20
CA THR C 576 31.26 9.32 -1.43
C THR C 576 32.47 9.00 -2.29
N LEU C 577 32.25 8.59 -3.54
CA LEU C 577 33.35 8.27 -4.45
C LEU C 577 33.62 9.41 -5.43
N LEU C 578 32.63 10.27 -5.63
CA LEU C 578 32.75 11.35 -6.60
C LEU C 578 33.77 12.39 -6.14
N ALA C 579 33.52 13.00 -4.99
CA ALA C 579 34.38 14.06 -4.48
C ALA C 579 35.57 13.48 -3.71
N CYS C 580 36.56 12.98 -4.43
CA CYS C 580 37.75 12.42 -3.82
C CYS C 580 38.85 12.17 -4.85
N SER C 581 39.92 11.48 -4.44
CA SER C 581 41.03 11.15 -5.32
C SER C 581 41.30 9.65 -5.30
N PRO C 582 40.44 8.86 -5.95
CA PRO C 582 40.56 7.39 -5.95
C PRO C 582 41.84 6.90 -6.64
N HIS C 583 42.11 5.61 -6.49
CA HIS C 583 43.23 4.96 -7.17
C HIS C 583 42.75 3.65 -7.79
N TYR C 584 43.23 3.36 -9.00
CA TYR C 584 42.68 2.26 -9.78
C TYR C 584 43.54 1.00 -9.72
N VAL C 585 42.90 -0.13 -9.41
CA VAL C 585 43.56 -1.43 -9.43
C VAL C 585 42.63 -2.48 -10.01
N ARG C 586 43.04 -3.09 -11.12
CA ARG C 586 42.24 -4.10 -11.79
C ARG C 586 43.08 -5.35 -12.03
N CYS C 587 42.53 -6.51 -11.68
CA CYS C 587 43.26 -7.77 -11.80
C CYS C 587 42.59 -8.73 -12.77
N ILE C 588 43.38 -9.65 -13.31
CA ILE C 588 42.89 -10.67 -14.23
C ILE C 588 43.30 -12.05 -13.70
N LYS C 589 42.44 -13.05 -13.92
CA LYS C 589 42.72 -14.40 -13.45
C LYS C 589 43.47 -15.20 -14.51
N SER C 590 44.49 -15.93 -14.09
CA SER C 590 45.30 -16.73 -15.01
C SER C 590 44.47 -17.85 -15.63
N ASN C 591 43.96 -18.74 -14.79
CA ASN C 591 43.15 -19.86 -15.26
C ASN C 591 42.24 -20.40 -14.15
N ASP C 592 41.25 -21.19 -14.53
CA ASP C 592 40.27 -21.72 -13.58
C ASP C 592 40.78 -22.96 -12.85
N ASN C 593 41.96 -23.45 -13.25
CA ASN C 593 42.53 -24.65 -12.65
C ASN C 593 43.64 -24.32 -11.64
N LYS C 594 43.80 -23.04 -11.31
CA LYS C 594 44.82 -22.60 -10.37
C LYS C 594 46.21 -23.13 -10.75
N GLN C 595 46.45 -23.22 -12.06
CA GLN C 595 47.73 -23.71 -12.57
C GLN C 595 48.72 -22.57 -12.74
N ALA C 596 49.97 -22.82 -12.38
CA ALA C 596 51.03 -21.82 -12.52
C ALA C 596 51.84 -22.08 -13.78
N GLY C 597 51.32 -21.60 -14.92
CA GLY C 597 51.99 -21.78 -16.19
C GLY C 597 51.01 -21.91 -17.35
N VAL C 598 49.77 -22.29 -17.04
CA VAL C 598 48.76 -22.48 -18.06
C VAL C 598 47.94 -21.21 -18.29
N ILE C 599 47.82 -20.81 -19.56
CA ILE C 599 47.04 -19.63 -19.93
C ILE C 599 45.88 -20.01 -20.84
N ASP C 600 44.66 -19.72 -20.39
CA ASP C 600 43.46 -19.97 -21.18
C ASP C 600 43.21 -18.78 -22.11
N GLU C 601 43.52 -18.95 -23.38
CA GLU C 601 43.42 -17.87 -24.35
C GLU C 601 42.03 -17.24 -24.39
N ASP C 602 41.01 -18.06 -24.57
CA ASP C 602 39.64 -17.58 -24.70
C ASP C 602 39.19 -16.81 -23.45
N ARG C 603 39.41 -17.41 -22.28
CA ARG C 603 38.98 -16.81 -21.03
C ARG C 603 39.68 -15.48 -20.77
N VAL C 604 41.01 -15.47 -20.91
CA VAL C 604 41.79 -14.26 -20.68
C VAL C 604 41.42 -13.17 -21.69
N ARG C 605 41.37 -13.54 -22.97
CA ARG C 605 41.01 -12.59 -24.01
C ARG C 605 39.64 -11.99 -23.74
N HIS C 606 38.72 -12.80 -23.21
CA HIS C 606 37.38 -12.33 -22.91
C HIS C 606 37.41 -11.28 -21.80
N GLN C 607 38.23 -11.51 -20.79
CA GLN C 607 38.35 -10.57 -19.67
C GLN C 607 38.86 -9.22 -20.14
N VAL C 608 39.86 -9.24 -21.01
CA VAL C 608 40.41 -8.02 -21.58
C VAL C 608 39.36 -7.36 -22.49
N ARG C 609 38.44 -8.17 -23.01
CA ARG C 609 37.40 -7.67 -23.90
C ARG C 609 36.26 -6.97 -23.15
N TYR C 610 35.58 -7.71 -22.28
CA TYR C 610 34.37 -7.19 -21.66
C TYR C 610 34.64 -6.09 -20.64
N LEU C 611 35.92 -5.89 -20.31
CA LEU C 611 36.30 -4.83 -19.39
C LEU C 611 36.62 -3.54 -20.14
N GLY C 612 36.81 -3.66 -21.46
CA GLY C 612 37.11 -2.50 -22.29
C GLY C 612 38.39 -1.81 -21.87
N LEU C 613 39.49 -2.55 -21.89
CA LEU C 613 40.79 -2.01 -21.49
C LEU C 613 41.61 -1.59 -22.71
N LEU C 614 41.56 -2.41 -23.76
CA LEU C 614 42.27 -2.10 -24.99
C LEU C 614 41.65 -0.90 -25.69
N GLU C 615 40.40 -0.59 -25.35
CA GLU C 615 39.75 0.60 -25.89
C GLU C 615 40.33 1.84 -25.22
N ASN C 616 40.57 1.75 -23.92
CA ASN C 616 41.24 2.83 -23.19
C ASN C 616 42.63 3.05 -23.76
N VAL C 617 43.27 1.96 -24.18
CA VAL C 617 44.58 2.04 -24.83
C VAL C 617 44.49 2.88 -26.11
N ARG C 618 43.28 3.03 -26.64
CA ARG C 618 43.06 3.83 -27.84
C ARG C 618 42.28 5.10 -27.51
N VAL C 619 41.83 5.23 -26.27
CA VAL C 619 41.10 6.42 -25.85
C VAL C 619 41.88 7.17 -24.78
N ARG C 620 42.08 6.55 -23.62
CA ARG C 620 42.90 7.16 -22.56
C ARG C 620 44.19 7.68 -23.16
N ARG C 621 44.73 6.93 -24.11
CA ARG C 621 45.86 7.38 -24.92
C ARG C 621 45.34 8.39 -25.95
N ALA C 622 44.84 7.88 -27.07
CA ALA C 622 44.20 8.71 -28.10
C ALA C 622 43.80 7.87 -29.31
N GLY C 623 44.65 6.92 -29.69
CA GLY C 623 44.32 5.97 -30.74
C GLY C 623 45.10 6.13 -32.04
N PHE C 624 45.98 5.18 -32.33
CA PHE C 624 46.72 5.13 -33.58
C PHE C 624 47.67 3.92 -33.64
N ALA C 625 48.82 4.07 -34.30
CA ALA C 625 49.75 2.96 -34.49
C ALA C 625 50.83 2.90 -33.39
N GLY C 626 52.02 3.42 -33.69
CA GLY C 626 53.15 3.33 -32.77
C GLY C 626 53.09 4.36 -31.66
N ARG C 627 53.11 3.89 -30.41
CA ARG C 627 52.89 4.78 -29.27
C ARG C 627 54.08 4.85 -28.31
N ILE C 628 54.34 6.04 -27.80
CA ILE C 628 55.40 6.27 -26.81
C ILE C 628 54.93 7.31 -25.79
N GLU C 629 55.53 7.28 -24.60
CA GLU C 629 55.11 8.15 -23.50
C GLU C 629 55.75 9.53 -23.61
N TYR C 630 55.62 10.33 -22.56
CA TYR C 630 56.36 11.57 -22.42
C TYR C 630 57.45 11.38 -21.38
N THR C 631 57.07 10.79 -20.24
CA THR C 631 58.01 10.53 -19.16
C THR C 631 59.09 9.55 -19.58
N ARG C 632 58.69 8.45 -20.18
CA ARG C 632 59.64 7.43 -20.63
C ARG C 632 60.37 7.86 -21.90
N PHE C 633 59.69 8.64 -22.72
CA PHE C 633 60.32 9.19 -23.93
C PHE C 633 61.36 10.23 -23.53
N TYR C 634 61.12 10.92 -22.43
CA TYR C 634 62.06 11.92 -21.93
C TYR C 634 63.43 11.30 -21.69
N ASN C 635 63.52 10.47 -20.66
CA ASN C 635 64.77 9.80 -20.32
C ASN C 635 65.19 8.80 -21.40
N ARG C 636 65.46 9.31 -22.59
CA ARG C 636 65.83 8.48 -23.73
C ARG C 636 66.35 9.36 -24.86
N TYR C 637 65.65 10.46 -25.12
CA TYR C 637 66.05 11.41 -26.15
C TYR C 637 66.36 12.76 -25.52
N LYS C 638 67.06 12.75 -24.40
CA LYS C 638 67.41 13.98 -23.69
C LYS C 638 68.49 14.77 -24.43
N MET C 639 69.52 14.06 -24.89
CA MET C 639 70.66 14.70 -25.52
C MET C 639 70.47 14.88 -27.02
N LEU C 640 69.21 14.93 -27.45
CA LEU C 640 68.88 15.13 -28.86
C LEU C 640 68.07 16.41 -29.08
N CYS C 641 67.67 17.05 -27.99
CA CYS C 641 66.84 18.25 -28.08
C CYS C 641 67.45 19.42 -27.32
N LYS C 642 66.97 20.62 -27.62
CA LYS C 642 67.48 21.83 -26.99
C LYS C 642 66.52 22.35 -25.91
N LYS C 643 67.08 22.93 -24.86
CA LYS C 643 66.29 23.54 -23.79
C LYS C 643 65.34 22.53 -23.15
N THR C 644 65.72 21.26 -23.19
CA THR C 644 64.94 20.22 -22.52
C THR C 644 65.81 19.57 -21.43
N TRP C 645 66.55 20.42 -20.71
CA TRP C 645 67.44 19.97 -19.66
C TRP C 645 66.87 20.35 -18.30
N PRO C 646 67.43 19.81 -17.20
CA PRO C 646 66.94 20.12 -15.85
C PRO C 646 66.61 21.60 -15.64
N SER C 647 67.09 22.47 -16.51
CA SER C 647 66.75 23.89 -16.45
C SER C 647 65.34 24.17 -17.00
N PHE C 648 64.58 23.09 -17.25
CA PHE C 648 63.22 23.23 -17.77
C PHE C 648 62.37 24.11 -16.87
N ASN C 649 61.39 24.79 -17.45
CA ASN C 649 60.54 25.70 -16.70
C ASN C 649 59.58 24.95 -15.78
N GLY C 650 59.18 23.75 -16.19
CA GLY C 650 58.27 22.94 -15.42
C GLY C 650 56.96 22.72 -16.16
N THR C 651 56.59 23.70 -16.99
CA THR C 651 55.37 23.63 -17.78
C THR C 651 55.56 22.70 -18.97
N ALA C 652 54.81 21.61 -18.98
CA ALA C 652 54.92 20.60 -20.04
C ALA C 652 54.49 21.18 -21.38
N LYS C 653 53.32 21.81 -21.40
CA LYS C 653 52.77 22.38 -22.63
C LYS C 653 53.75 23.32 -23.31
N GLN C 654 54.53 24.05 -22.52
CA GLN C 654 55.51 24.98 -23.08
C GLN C 654 56.81 24.25 -23.40
N ALA C 655 57.08 23.18 -22.67
CA ALA C 655 58.28 22.38 -22.89
C ALA C 655 58.20 21.65 -24.22
N THR C 656 57.07 20.99 -24.47
CA THR C 656 56.88 20.24 -25.70
C THR C 656 56.96 21.14 -26.92
N GLU C 657 56.39 22.34 -26.81
CA GLU C 657 56.43 23.30 -27.91
C GLU C 657 57.86 23.74 -28.19
N LEU C 658 58.63 23.95 -27.14
CA LEU C 658 60.03 24.33 -27.27
C LEU C 658 60.82 23.23 -27.97
N ILE C 659 60.37 21.98 -27.82
CA ILE C 659 61.05 20.85 -28.43
C ILE C 659 60.87 20.83 -29.94
N LEU C 660 59.74 21.32 -30.42
CA LEU C 660 59.41 21.23 -31.84
C LEU C 660 59.60 22.55 -32.58
N GLN C 661 59.30 23.66 -31.92
CA GLN C 661 59.34 24.97 -32.57
C GLN C 661 60.75 25.34 -33.03
N GLN C 662 61.76 24.84 -32.32
CA GLN C 662 63.14 25.18 -32.64
C GLN C 662 63.68 24.33 -33.80
N HIS C 663 62.88 23.36 -34.24
CA HIS C 663 63.26 22.54 -35.39
C HIS C 663 62.33 22.80 -36.58
N ASN C 664 61.50 23.83 -36.46
CA ASN C 664 60.59 24.23 -37.52
C ASN C 664 59.66 23.11 -37.98
N ILE C 665 58.59 22.89 -37.23
CA ILE C 665 57.58 21.89 -37.59
C ILE C 665 56.19 22.47 -37.38
N ASP C 666 55.29 22.21 -38.34
CA ASP C 666 53.94 22.74 -38.29
C ASP C 666 53.19 22.24 -37.06
N LYS C 667 52.16 22.99 -36.67
CA LYS C 667 51.43 22.72 -35.42
C LYS C 667 50.58 21.47 -35.53
N GLU C 668 49.79 21.38 -36.61
CA GLU C 668 48.81 20.32 -36.77
C GLU C 668 49.45 18.98 -37.15
N GLU C 669 50.71 19.03 -37.58
CA GLU C 669 51.43 17.83 -37.96
C GLU C 669 51.52 16.84 -36.81
N ILE C 670 51.54 17.36 -35.58
CA ILE C 670 51.62 16.51 -34.40
C ILE C 670 50.39 16.71 -33.52
N ARG C 671 50.24 15.87 -32.51
CA ARG C 671 49.10 15.97 -31.60
C ARG C 671 49.55 15.68 -30.17
N MET C 672 49.30 16.63 -29.27
CA MET C 672 49.81 16.55 -27.90
C MET C 672 48.69 16.61 -26.86
N GLY C 673 48.56 15.54 -26.08
CA GLY C 673 47.62 15.51 -24.98
C GLY C 673 48.31 15.82 -23.66
N LYS C 674 48.08 14.98 -22.66
CA LYS C 674 48.74 15.13 -21.37
C LYS C 674 49.93 14.17 -21.29
N THR C 675 49.65 12.89 -21.51
CA THR C 675 50.69 11.88 -21.57
C THR C 675 50.66 11.18 -22.92
N LYS C 676 51.74 10.48 -23.25
CA LYS C 676 51.84 9.75 -24.51
C LYS C 676 51.91 10.70 -25.71
N VAL C 677 53.00 10.63 -26.45
CA VAL C 677 53.16 11.42 -27.66
C VAL C 677 52.53 10.67 -28.83
N PHE C 678 52.00 11.42 -29.80
CA PHE C 678 51.28 10.82 -30.92
C PHE C 678 51.74 11.30 -32.28
N ILE C 679 52.51 10.46 -32.96
CA ILE C 679 52.92 10.70 -34.34
C ILE C 679 52.31 9.63 -35.24
N ARG C 680 51.49 10.04 -36.20
CA ARG C 680 50.80 9.10 -37.08
C ARG C 680 51.74 8.49 -38.12
N ASN C 681 51.64 7.17 -38.29
CA ASN C 681 52.38 6.45 -39.33
C ASN C 681 53.89 6.44 -39.07
N PRO C 682 54.56 5.31 -39.38
CA PRO C 682 56.00 5.18 -39.11
C PRO C 682 56.87 6.16 -39.90
N THR C 683 56.56 6.33 -41.19
CA THR C 683 57.38 7.16 -42.08
C THR C 683 57.71 8.52 -41.47
N THR C 684 56.81 9.03 -40.63
CA THR C 684 57.01 10.34 -40.01
C THR C 684 58.21 10.33 -39.06
N LEU C 685 58.52 9.16 -38.51
CA LEU C 685 59.68 9.04 -37.63
C LEU C 685 60.97 9.30 -38.41
N PHE C 686 61.01 8.85 -39.66
CA PHE C 686 62.13 9.14 -40.54
C PHE C 686 62.16 10.63 -40.86
N TYR C 687 60.98 11.23 -40.96
CA TYR C 687 60.86 12.65 -41.24
C TYR C 687 61.47 13.47 -40.10
N PHE C 688 61.32 12.98 -38.87
CA PHE C 688 61.92 13.63 -37.71
C PHE C 688 63.44 13.45 -37.72
N GLU C 689 63.88 12.21 -37.94
CA GLU C 689 65.30 11.89 -37.94
C GLU C 689 66.04 12.71 -39.01
N GLU C 690 65.38 12.93 -40.14
CA GLU C 690 65.97 13.68 -41.24
C GLU C 690 65.93 15.18 -40.98
N LYS C 691 64.83 15.66 -40.41
CA LYS C 691 64.68 17.08 -40.12
C LYS C 691 65.82 17.55 -39.22
N ARG C 692 66.28 16.67 -38.34
CA ARG C 692 67.37 16.97 -37.43
C ARG C 692 68.72 16.91 -38.13
N GLU C 693 68.76 16.23 -39.27
CA GLU C 693 70.01 16.02 -40.01
C GLU C 693 70.35 17.18 -40.93
N LEU C 694 69.32 17.85 -41.48
CA LEU C 694 69.54 18.92 -42.44
C LEU C 694 69.40 20.31 -41.81
N GLU C 695 69.51 20.37 -40.48
CA GLU C 695 69.48 21.65 -39.78
C GLU C 695 70.84 21.96 -39.14
N MET C 696 71.60 20.91 -38.84
CA MET C 696 72.90 21.07 -38.20
C MET C 696 73.78 19.83 -38.44
N PRO C 697 74.87 19.99 -39.20
CA PRO C 697 75.72 18.84 -39.52
C PRO C 697 76.50 18.33 -38.30
N ASP D 1 2.10 51.70 43.62
CA ASP D 1 2.74 52.44 44.74
C ASP D 1 2.81 53.94 44.47
N GLU D 2 3.34 54.31 43.31
CA GLU D 2 3.47 55.72 42.93
C GLU D 2 3.16 55.93 41.46
N ASP D 3 4.01 55.37 40.59
CA ASP D 3 3.83 55.51 39.15
C ASP D 3 2.64 54.67 38.71
N GLU D 4 1.96 55.11 37.66
CA GLU D 4 0.78 54.43 37.14
C GLU D 4 -0.38 54.56 38.15
N THR D 5 -1.56 54.89 37.65
CA THR D 5 -2.71 55.20 38.50
C THR D 5 -2.87 54.24 39.67
N THR D 6 -2.63 52.95 39.43
CA THR D 6 -2.72 51.93 40.47
C THR D 6 -4.15 51.83 41.02
N ALA D 7 -4.81 50.72 40.73
CA ALA D 7 -6.21 50.53 41.10
C ALA D 7 -6.36 49.79 42.44
N LEU D 8 -7.47 50.08 43.13
CA LEU D 8 -7.76 49.44 44.41
C LEU D 8 -8.45 48.09 44.19
N VAL D 9 -8.70 47.38 45.29
CA VAL D 9 -9.39 46.10 45.23
C VAL D 9 -10.45 46.04 46.34
N CYS D 10 -11.68 45.71 45.96
CA CYS D 10 -12.78 45.68 46.92
C CYS D 10 -13.76 44.55 46.61
N ASP D 11 -14.58 44.21 47.60
CA ASP D 11 -15.59 43.18 47.46
C ASP D 11 -16.68 43.34 48.51
N ASN D 12 -17.73 44.09 48.15
CA ASN D 12 -18.81 44.37 49.08
C ASN D 12 -19.89 43.30 49.05
N GLY D 13 -20.33 42.87 50.22
CA GLY D 13 -21.41 41.92 50.33
C GLY D 13 -22.60 42.49 51.09
N SER D 14 -23.46 41.63 51.59
CA SER D 14 -24.63 42.05 52.35
C SER D 14 -24.45 41.75 53.83
N GLY D 15 -23.20 41.66 54.27
CA GLY D 15 -22.90 41.35 55.66
C GLY D 15 -21.52 41.81 56.07
N LEU D 16 -20.53 41.54 55.23
CA LEU D 16 -19.15 41.90 55.53
C LEU D 16 -18.47 42.51 54.30
N VAL D 17 -17.82 43.65 54.48
CA VAL D 17 -17.15 44.34 53.39
C VAL D 17 -15.66 44.01 53.38
N LYS D 18 -15.14 43.67 52.20
CA LYS D 18 -13.73 43.35 52.04
C LYS D 18 -13.04 44.38 51.16
N ALA D 19 -12.10 45.11 51.73
CA ALA D 19 -11.37 46.14 50.99
C ALA D 19 -10.01 46.40 51.62
N GLY D 20 -9.02 46.66 50.77
CA GLY D 20 -7.67 46.95 51.24
C GLY D 20 -7.01 48.01 50.38
N PHE D 21 -5.69 48.08 50.43
CA PHE D 21 -4.94 49.04 49.62
C PHE D 21 -4.96 48.59 48.15
N ALA D 22 -3.89 48.90 47.41
CA ALA D 22 -3.84 48.56 46.00
C ALA D 22 -2.74 47.55 45.70
N GLY D 23 -2.98 46.69 44.72
CA GLY D 23 -2.02 45.69 44.32
C GLY D 23 -1.72 44.67 45.40
N ASP D 24 -2.67 44.49 46.31
CA ASP D 24 -2.51 43.56 47.43
C ASP D 24 -2.99 42.16 47.06
N ASP D 25 -2.82 41.22 47.99
CA ASP D 25 -3.22 39.84 47.77
C ASP D 25 -4.48 39.50 48.56
N ALA D 26 -4.64 40.14 49.72
CA ALA D 26 -5.76 39.87 50.61
C ALA D 26 -6.28 41.16 51.22
N PRO D 27 -7.55 41.14 51.68
CA PRO D 27 -8.14 42.37 52.24
C PRO D 27 -7.40 42.87 53.48
N ARG D 28 -7.17 44.18 53.55
CA ARG D 28 -6.44 44.78 54.66
C ARG D 28 -7.40 45.32 55.72
N ALA D 29 -8.59 45.72 55.30
CA ALA D 29 -9.60 46.23 56.21
C ALA D 29 -10.95 45.57 55.94
N VAL D 30 -11.41 44.78 56.89
CA VAL D 30 -12.71 44.10 56.77
C VAL D 30 -13.65 44.52 57.89
N PHE D 31 -14.28 45.68 57.72
CA PHE D 31 -15.19 46.21 58.71
C PHE D 31 -16.59 45.64 58.52
N PRO D 32 -17.36 45.50 59.61
CA PRO D 32 -18.72 44.96 59.52
C PRO D 32 -19.71 45.95 58.94
N SER D 33 -20.75 45.44 58.30
CA SER D 33 -21.75 46.28 57.67
C SER D 33 -22.92 46.52 58.62
N ILE D 34 -22.77 47.53 59.48
CA ILE D 34 -23.81 47.87 60.45
C ILE D 34 -23.98 49.37 60.57
N VAL D 35 -25.23 49.82 60.68
CA VAL D 35 -25.53 51.23 60.80
C VAL D 35 -26.92 51.45 61.41
N GLY D 36 -26.95 51.76 62.70
CA GLY D 36 -28.19 51.98 63.40
C GLY D 36 -28.29 53.38 63.99
N ARG D 37 -29.35 53.62 64.76
CA ARG D 37 -29.55 54.92 65.40
C ARG D 37 -29.51 54.81 66.92
N PRO D 38 -29.63 55.96 67.59
CA PRO D 38 -29.60 55.98 69.06
C PRO D 38 -31.03 56.22 69.48
N ARG D 39 -31.81 55.17 69.34
CA ARG D 39 -33.25 55.21 69.59
C ARG D 39 -33.56 56.00 70.90
N HIS D 40 -32.52 55.87 71.77
CA HIS D 40 -32.32 56.44 73.03
C HIS D 40 -32.17 58.00 73.18
N GLN D 41 -31.44 58.78 72.26
CA GLN D 41 -31.16 60.34 72.30
C GLN D 41 -29.67 60.70 72.63
N GLY D 42 -28.71 59.88 72.12
CA GLY D 42 -27.21 60.06 72.18
C GLY D 42 -26.47 60.72 73.36
N VAL D 43 -27.16 61.34 74.29
CA VAL D 43 -26.66 62.30 75.28
C VAL D 43 -27.09 63.71 74.52
N MET D 44 -27.45 63.46 73.16
CA MET D 44 -27.89 64.36 72.00
C MET D 44 -26.95 65.53 71.70
N VAL D 45 -26.46 66.15 72.79
CA VAL D 45 -25.38 67.16 72.86
C VAL D 45 -23.96 66.45 73.04
N GLY D 46 -23.89 65.22 73.71
CA GLY D 46 -22.56 64.47 73.87
C GLY D 46 -22.15 63.72 72.57
N MET D 47 -22.43 64.55 71.57
CA MET D 47 -22.28 64.54 70.14
C MET D 47 -23.66 64.47 69.47
N GLY D 48 -23.82 65.29 68.34
CA GLY D 48 -25.07 65.41 67.51
C GLY D 48 -25.34 64.12 66.81
N GLN D 49 -25.51 63.12 67.73
CA GLN D 49 -25.60 61.70 67.53
C GLN D 49 -25.13 61.22 66.13
N LYS D 50 -26.05 61.51 65.16
CA LYS D 50 -26.08 61.11 63.79
C LYS D 50 -25.66 59.62 63.51
N ASP D 51 -24.32 59.53 63.31
CA ASP D 51 -23.49 58.43 62.81
C ASP D 51 -23.84 57.03 63.07
N SER D 52 -25.17 56.67 63.18
CA SER D 52 -25.73 55.29 63.47
C SER D 52 -24.79 54.20 64.11
N TYR D 53 -23.57 54.69 64.15
CA TYR D 53 -22.29 54.15 64.44
C TYR D 53 -21.96 53.07 63.40
N VAL D 54 -20.70 53.04 62.95
CA VAL D 54 -20.26 52.07 61.96
C VAL D 54 -18.83 51.61 62.24
N GLY D 55 -18.31 50.76 61.36
CA GLY D 55 -16.96 50.25 61.51
C GLY D 55 -16.67 49.75 62.91
N ASP D 56 -15.40 49.47 63.17
CA ASP D 56 -14.99 48.98 64.49
C ASP D 56 -15.57 49.85 65.61
N GLU D 57 -16.06 51.03 65.24
CA GLU D 57 -16.65 51.95 66.20
C GLU D 57 -17.99 51.45 66.70
N ALA D 58 -18.85 51.03 65.77
CA ALA D 58 -20.17 50.51 66.11
C ALA D 58 -20.08 49.11 66.70
N GLN D 59 -19.34 48.23 66.03
CA GLN D 59 -19.20 46.85 66.47
C GLN D 59 -18.63 46.77 67.89
N SER D 60 -17.78 47.73 68.24
CA SER D 60 -17.18 47.75 69.57
C SER D 60 -18.24 48.04 70.63
N LYS D 61 -19.15 48.95 70.33
CA LYS D 61 -20.21 49.32 71.26
C LYS D 61 -21.58 49.20 70.61
N ARG D 62 -22.13 47.98 70.61
CA ARG D 62 -23.46 47.76 70.08
C ARG D 62 -24.50 48.32 71.04
N GLY D 63 -24.42 47.86 72.29
CA GLY D 63 -25.32 48.27 73.35
C GLY D 63 -26.41 49.27 72.97
N ILE D 64 -26.01 50.51 72.74
CA ILE D 64 -26.97 51.59 72.55
C ILE D 64 -27.15 51.90 71.06
N LEU D 65 -27.14 50.86 70.24
CA LEU D 65 -27.28 51.02 68.79
C LEU D 65 -28.42 50.16 68.25
N THR D 66 -29.41 50.81 67.65
CA THR D 66 -30.49 50.11 66.98
C THR D 66 -30.05 49.73 65.57
N LEU D 67 -29.22 48.71 65.47
CA LEU D 67 -28.63 48.31 64.20
C LEU D 67 -29.70 48.15 63.11
N LYS D 68 -29.70 49.10 62.17
CA LYS D 68 -30.66 49.09 61.07
C LYS D 68 -30.01 48.52 59.81
N TYR D 69 -30.56 47.41 59.32
CA TYR D 69 -30.00 46.75 58.15
C TYR D 69 -30.47 47.41 56.86
N PRO D 70 -29.54 48.03 56.11
CA PRO D 70 -29.93 48.72 54.87
C PRO D 70 -30.08 47.77 53.68
N ILE D 71 -29.12 46.87 53.50
CA ILE D 71 -29.12 45.99 52.33
C ILE D 71 -29.68 44.60 52.66
N GLU D 72 -30.90 44.36 52.21
CA GLU D 72 -31.52 43.03 52.35
C GLU D 72 -31.75 42.43 50.96
N HIC D 73 -31.09 41.30 50.68
CA HIC D 73 -31.06 40.63 49.27
C HIC D 73 -31.84 41.48 48.16
O HIC D 73 -33.07 41.35 48.08
CB HIC D 73 -31.69 39.18 49.22
CG HIC D 73 -33.11 39.23 49.64
ND1 HIC D 73 -34.16 38.88 48.78
CD2 HIC D 73 -33.59 39.62 50.88
CE1 HIC D 73 -35.29 39.04 49.50
NE2 HIC D 73 -34.98 39.49 50.79
CZ HIC D 73 -35.92 39.78 51.86
N GLY D 74 -31.12 42.27 47.38
CA GLY D 74 -31.72 43.02 46.29
C GLY D 74 -32.10 44.44 46.69
N ILE D 75 -33.11 44.56 47.56
CA ILE D 75 -33.63 45.86 47.94
C ILE D 75 -32.77 46.55 49.00
N ILE D 76 -32.42 47.81 48.74
CA ILE D 76 -31.73 48.64 49.72
C ILE D 76 -32.73 49.65 50.30
N THR D 77 -33.16 49.41 51.53
CA THR D 77 -34.17 50.25 52.16
C THR D 77 -33.84 51.73 52.05
N ASN D 78 -32.55 52.06 52.08
CA ASN D 78 -32.10 53.44 51.97
C ASN D 78 -30.68 53.54 51.45
N TRP D 79 -30.47 54.39 50.45
CA TRP D 79 -29.16 54.57 49.84
C TRP D 79 -28.35 55.65 50.52
N ASP D 80 -29.04 56.58 51.18
CA ASP D 80 -28.38 57.73 51.81
C ASP D 80 -27.28 57.31 52.77
N ASP D 81 -27.48 56.19 53.46
CA ASP D 81 -26.50 55.72 54.44
C ASP D 81 -25.26 55.15 53.75
N MET D 82 -25.46 54.48 52.61
CA MET D 82 -24.36 53.87 51.88
C MET D 82 -23.31 54.89 51.45
N GLU D 83 -23.75 56.12 51.22
CA GLU D 83 -22.86 57.19 50.78
C GLU D 83 -21.77 57.46 51.80
N LYS D 84 -22.15 57.51 53.07
CA LYS D 84 -21.20 57.81 54.15
C LYS D 84 -20.49 56.57 54.66
N ILE D 85 -20.87 55.40 54.14
CA ILE D 85 -20.19 54.16 54.48
C ILE D 85 -18.94 54.01 53.61
N TRP D 86 -19.04 54.48 52.37
CA TRP D 86 -17.92 54.41 51.44
C TRP D 86 -16.99 55.61 51.62
N HIS D 87 -17.49 56.66 52.27
CA HIS D 87 -16.68 57.83 52.54
C HIS D 87 -15.70 57.56 53.68
N HIS D 88 -15.86 56.42 54.34
CA HIS D 88 -15.00 56.04 55.44
C HIS D 88 -13.89 55.10 54.98
N THR D 89 -14.23 54.19 54.07
CA THR D 89 -13.30 53.16 53.62
C THR D 89 -12.04 53.74 52.97
N PHE D 90 -12.22 54.43 51.84
CA PHE D 90 -11.11 54.92 51.05
C PHE D 90 -10.22 55.93 51.77
N TYR D 91 -10.76 56.60 52.77
CA TYR D 91 -10.08 57.73 53.40
C TYR D 91 -9.54 57.40 54.79
N ASN D 92 -10.44 57.06 55.71
CA ASN D 92 -10.08 56.87 57.11
C ASN D 92 -8.98 55.83 57.33
N GLU D 93 -8.89 54.84 56.45
CA GLU D 93 -7.89 53.79 56.59
C GLU D 93 -6.90 53.79 55.44
N LEU D 94 -7.41 53.67 54.22
CA LEU D 94 -6.56 53.57 53.04
C LEU D 94 -5.81 54.88 52.78
N ARG D 95 -6.41 55.99 53.18
CA ARG D 95 -5.76 57.31 53.05
C ARG D 95 -5.44 57.62 51.59
N VAL D 96 -6.28 57.13 50.68
CA VAL D 96 -6.12 57.40 49.26
C VAL D 96 -7.45 57.85 48.65
N ALA D 97 -7.37 58.67 47.61
CA ALA D 97 -8.58 59.22 47.00
C ALA D 97 -9.04 58.39 45.80
N PRO D 98 -10.35 58.10 45.72
CA PRO D 98 -10.89 57.43 44.53
C PRO D 98 -10.87 58.33 43.30
N GLU D 99 -10.74 59.64 43.53
CA GLU D 99 -10.60 60.59 42.44
C GLU D 99 -9.15 60.62 41.96
N GLU D 100 -8.63 59.43 41.67
CA GLU D 100 -7.21 59.27 41.32
C GLU D 100 -6.95 57.84 40.85
N HIS D 101 -7.56 56.87 41.53
CA HIS D 101 -7.38 55.47 41.21
C HIS D 101 -8.70 54.85 40.72
N PRO D 102 -8.61 53.83 39.87
CA PRO D 102 -9.83 53.11 39.45
C PRO D 102 -10.50 52.41 40.62
N THR D 103 -11.48 51.56 40.32
CA THR D 103 -12.20 50.84 41.37
C THR D 103 -12.77 49.52 40.84
N LEU D 104 -12.77 48.50 41.68
CA LEU D 104 -13.32 47.20 41.31
C LEU D 104 -14.34 46.75 42.35
N LEU D 105 -15.48 46.25 41.87
CA LEU D 105 -16.55 45.78 42.75
C LEU D 105 -17.03 44.40 42.32
N THR D 106 -17.91 43.81 43.13
CA THR D 106 -18.48 42.50 42.82
C THR D 106 -19.93 42.63 42.40
N GLU D 107 -20.39 41.69 41.58
CA GLU D 107 -21.76 41.71 41.08
C GLU D 107 -22.56 40.56 41.65
N ALA D 108 -23.65 40.87 42.34
CA ALA D 108 -24.56 39.86 42.85
C ALA D 108 -25.47 39.41 41.71
N PRO D 109 -25.26 38.18 41.21
CA PRO D 109 -26.03 37.68 40.06
C PRO D 109 -27.53 37.96 40.19
N LEU D 110 -28.15 38.37 39.09
CA LEU D 110 -29.59 38.60 39.05
C LEU D 110 -30.00 39.72 40.01
N ASN D 111 -29.29 40.84 39.94
CA ASN D 111 -29.63 42.01 40.75
C ASN D 111 -30.34 43.04 39.88
N PRO D 112 -31.43 43.64 40.41
CA PRO D 112 -32.20 44.64 39.65
C PRO D 112 -31.32 45.56 38.82
N LYS D 113 -31.71 45.76 37.57
CA LYS D 113 -30.93 46.57 36.63
C LYS D 113 -30.76 48.00 37.13
N ALA D 114 -31.73 48.48 37.91
CA ALA D 114 -31.72 49.86 38.40
C ALA D 114 -30.63 50.10 39.44
N ASN D 115 -30.21 49.03 40.11
CA ASN D 115 -29.22 49.14 41.18
C ASN D 115 -27.81 49.38 40.66
N ARG D 116 -27.44 48.67 39.59
CA ARG D 116 -26.09 48.76 39.04
C ARG D 116 -25.82 50.16 38.48
N GLU D 117 -26.89 50.87 38.14
CA GLU D 117 -26.76 52.23 37.62
C GLU D 117 -26.78 53.26 38.74
N LYS D 118 -27.55 52.99 39.78
CA LYS D 118 -27.63 53.89 40.92
C LYS D 118 -26.26 54.03 41.60
N MET D 119 -25.55 52.90 41.71
CA MET D 119 -24.23 52.89 42.31
C MET D 119 -23.25 53.69 41.45
N THR D 120 -23.17 53.34 40.17
CA THR D 120 -22.25 53.99 39.25
C THR D 120 -22.49 55.50 39.23
N GLN D 121 -23.74 55.91 39.44
CA GLN D 121 -24.09 57.32 39.48
C GLN D 121 -23.36 58.03 40.62
N ILE D 122 -23.17 57.33 41.73
CA ILE D 122 -22.50 57.89 42.89
C ILE D 122 -21.02 58.12 42.61
N MET D 123 -20.44 57.26 41.78
CA MET D 123 -19.02 57.34 41.45
C MET D 123 -18.76 58.39 40.38
N PHE D 124 -19.37 58.21 39.21
CA PHE D 124 -19.12 59.07 38.06
C PHE D 124 -19.51 60.53 38.30
N GLU D 125 -20.62 60.74 38.98
CA GLU D 125 -21.17 62.08 39.15
C GLU D 125 -20.51 62.85 40.30
N THR D 126 -20.24 62.15 41.39
CA THR D 126 -19.69 62.80 42.59
C THR D 126 -18.24 62.43 42.86
N PHE D 127 -17.94 61.14 42.90
CA PHE D 127 -16.60 60.67 43.21
C PHE D 127 -15.71 60.61 41.97
N ASN D 128 -16.20 61.16 40.86
CA ASN D 128 -15.44 61.24 39.62
C ASN D 128 -14.54 60.03 39.37
N VAL D 129 -15.13 58.97 38.83
CA VAL D 129 -14.40 57.74 38.55
C VAL D 129 -14.36 57.46 37.05
N PRO D 130 -13.27 57.88 36.38
CA PRO D 130 -13.15 57.65 34.93
C PRO D 130 -13.01 56.17 34.56
N ALA D 131 -12.66 55.33 35.52
CA ALA D 131 -12.44 53.91 35.25
C ALA D 131 -12.85 53.04 36.43
N MET D 132 -13.75 52.09 36.16
CA MET D 132 -14.17 51.12 37.17
C MET D 132 -14.88 49.95 36.49
N TYR D 133 -15.29 48.97 37.31
CA TYR D 133 -15.98 47.79 36.79
C TYR D 133 -16.59 47.00 37.94
N VAL D 134 -17.53 46.13 37.61
CA VAL D 134 -18.20 45.30 38.61
C VAL D 134 -18.29 43.85 38.10
N ALA D 135 -17.39 43.01 38.61
CA ALA D 135 -17.26 41.64 38.13
C ALA D 135 -18.15 40.68 38.91
N ILE D 136 -18.25 39.44 38.42
CA ILE D 136 -19.16 38.45 38.99
C ILE D 136 -18.47 37.55 40.01
N GLN D 137 -18.93 37.62 41.26
CA GLN D 137 -18.39 36.85 42.37
C GLN D 137 -17.66 35.57 41.98
N ALA D 138 -18.43 34.53 41.65
CA ALA D 138 -17.87 33.20 41.46
C ALA D 138 -16.75 33.13 40.45
N VAL D 139 -16.95 33.77 39.29
CA VAL D 139 -15.97 33.69 38.20
C VAL D 139 -14.57 34.13 38.62
N LEU D 140 -14.48 34.98 39.65
CA LEU D 140 -13.18 35.47 40.12
C LEU D 140 -12.46 34.38 40.90
N SER D 141 -13.21 33.68 41.75
CA SER D 141 -12.65 32.59 42.54
C SER D 141 -12.06 31.53 41.62
N LEU D 142 -12.56 31.47 40.40
CA LEU D 142 -12.06 30.52 39.41
C LEU D 142 -10.63 30.86 39.00
N TYR D 143 -10.49 31.84 38.11
CA TYR D 143 -9.20 32.21 37.55
C TYR D 143 -8.11 32.37 38.62
N ALA D 144 -7.72 31.26 39.23
CA ALA D 144 -6.68 31.27 40.26
C ALA D 144 -6.31 29.86 40.70
N SER D 145 -5.89 29.02 39.75
CA SER D 145 -5.51 27.65 40.07
C SER D 145 -4.65 27.06 38.95
N GLY D 146 -5.27 26.35 38.01
CA GLY D 146 -4.53 25.75 36.92
C GLY D 146 -5.34 24.80 36.06
N ARG D 147 -6.51 25.25 35.62
CA ARG D 147 -7.34 24.49 34.69
C ARG D 147 -8.51 25.33 34.21
N THR D 148 -9.03 24.98 33.03
CA THR D 148 -10.16 25.70 32.46
C THR D 148 -11.41 24.82 32.40
N THR D 149 -11.48 23.85 33.31
CA THR D 149 -12.61 22.94 33.38
C THR D 149 -12.79 22.43 34.84
N GLY D 150 -13.72 23.14 35.69
CA GLY D 150 -14.26 23.23 37.20
C GLY D 150 -15.59 23.93 37.42
N ILE D 151 -16.40 23.36 38.33
CA ILE D 151 -17.68 23.95 38.69
C ILE D 151 -17.54 24.65 40.04
N VAL D 152 -18.11 25.85 40.16
CA VAL D 152 -17.92 26.65 41.36
C VAL D 152 -19.23 26.88 42.12
N LEU D 153 -19.14 26.90 43.44
CA LEU D 153 -20.28 27.22 44.30
C LEU D 153 -19.84 28.29 45.29
N ASP D 154 -20.12 29.53 44.96
CA ASP D 154 -19.68 30.66 45.78
C ASP D 154 -20.84 31.29 46.54
N SER D 155 -20.62 31.55 47.82
CA SER D 155 -21.63 32.17 48.67
C SER D 155 -21.01 32.58 50.00
N GLY D 156 -21.73 33.42 50.75
CA GLY D 156 -21.26 33.89 52.05
C GLY D 156 -22.40 34.37 52.92
N ASP D 157 -22.71 35.66 52.80
CA ASP D 157 -23.81 36.24 53.58
C ASP D 157 -24.98 36.62 52.68
N GLY D 158 -24.70 36.91 51.41
CA GLY D 158 -25.73 37.28 50.46
C GLY D 158 -26.66 36.12 50.17
N VAL D 159 -26.50 35.52 49.00
CA VAL D 159 -27.33 34.40 48.59
C VAL D 159 -26.47 33.30 47.97
N THR D 160 -26.95 32.07 48.02
CA THR D 160 -26.21 30.93 47.50
C THR D 160 -26.21 30.90 45.98
N HIS D 161 -25.06 30.56 45.39
CA HIS D 161 -24.93 30.48 43.95
C HIS D 161 -24.26 29.18 43.52
N ASN D 162 -24.99 28.37 42.76
CA ASN D 162 -24.44 27.15 42.19
C ASN D 162 -24.07 27.38 40.74
N VAL D 163 -22.89 27.93 40.51
CA VAL D 163 -22.47 28.31 39.16
C VAL D 163 -21.48 27.30 38.56
N PRO D 164 -21.94 26.47 37.63
CA PRO D 164 -21.03 25.53 36.97
C PRO D 164 -20.20 26.23 35.88
N ILE D 165 -19.41 27.22 36.30
CA ILE D 165 -18.56 27.96 35.36
C ILE D 165 -17.21 27.29 35.21
N TYR D 166 -16.98 26.68 34.06
CA TYR D 166 -15.71 26.02 33.79
C TYR D 166 -15.19 26.39 32.40
N GLU D 167 -15.90 25.96 31.37
CA GLU D 167 -15.49 26.23 29.99
C GLU D 167 -16.11 27.54 29.49
N GLY D 168 -17.31 27.84 29.98
CA GLY D 168 -18.02 29.05 29.61
C GLY D 168 -19.10 29.41 30.62
N TYR D 169 -19.86 30.45 30.33
CA TYR D 169 -20.94 30.88 31.22
C TYR D 169 -22.27 31.13 30.49
N ALA D 170 -23.36 30.72 31.12
CA ALA D 170 -24.72 31.00 30.65
C ALA D 170 -25.11 30.17 29.41
N LEU D 171 -26.08 29.29 29.59
CA LEU D 171 -26.65 28.51 28.47
C LEU D 171 -28.15 28.22 28.66
N PRO D 172 -28.53 27.25 29.53
CA PRO D 172 -29.98 27.17 29.72
C PRO D 172 -30.46 27.81 31.02
N HIS D 173 -30.13 27.18 32.15
CA HIS D 173 -30.53 27.69 33.46
C HIS D 173 -29.47 27.30 34.49
N ALA D 174 -29.04 26.03 34.44
CA ALA D 174 -27.98 25.50 35.30
C ALA D 174 -27.81 26.30 36.59
N ILE D 175 -27.25 27.50 36.46
CA ILE D 175 -26.97 28.34 37.62
C ILE D 175 -28.22 28.52 38.49
N MET D 176 -28.01 28.71 39.78
CA MET D 176 -29.11 28.86 40.73
C MET D 176 -28.85 30.01 41.70
N ARG D 177 -29.92 30.65 42.15
CA ARG D 177 -29.82 31.72 43.14
C ARG D 177 -30.75 31.39 44.30
N LEU D 178 -30.17 31.24 45.49
CA LEU D 178 -30.94 30.84 46.66
C LEU D 178 -30.67 31.75 47.85
N ASP D 179 -31.70 32.43 48.31
CA ASP D 179 -31.59 33.31 49.48
C ASP D 179 -31.51 32.48 50.75
N LEU D 180 -30.30 31.99 51.05
CA LEU D 180 -30.11 31.13 52.21
C LEU D 180 -28.62 31.03 52.56
N ALA D 181 -28.06 32.11 53.09
CA ALA D 181 -26.64 32.14 53.43
C ALA D 181 -26.32 33.20 54.48
N GLY D 182 -25.41 32.86 55.39
CA GLY D 182 -24.94 33.78 56.41
C GLY D 182 -26.06 34.37 57.25
N ARG D 183 -26.53 35.55 56.84
CA ARG D 183 -27.59 36.25 57.58
C ARG D 183 -28.78 35.35 57.89
N ASP D 184 -29.06 34.41 56.98
CA ASP D 184 -30.16 33.48 57.17
C ASP D 184 -29.88 32.52 58.32
N LEU D 185 -28.62 32.13 58.47
CA LEU D 185 -28.21 31.22 59.53
C LEU D 185 -28.27 31.92 60.88
N THR D 186 -27.89 33.20 60.90
CA THR D 186 -27.89 33.99 62.12
C THR D 186 -29.32 34.26 62.59
N ASP D 187 -30.26 34.28 61.66
CA ASP D 187 -31.65 34.59 61.97
C ASP D 187 -32.41 33.35 62.44
N TYR D 188 -31.96 32.18 62.03
CA TYR D 188 -32.68 30.94 62.32
C TYR D 188 -32.38 30.39 63.71
N LEU D 189 -31.17 30.62 64.21
CA LEU D 189 -30.76 30.06 65.48
C LEU D 189 -31.59 30.63 66.64
N MET D 190 -31.76 31.95 66.66
CA MET D 190 -32.50 32.60 67.74
C MET D 190 -33.92 32.06 67.86
N LYS D 191 -34.50 31.67 66.72
CA LYS D 191 -35.85 31.13 66.71
C LYS D 191 -35.89 29.76 67.37
N ILE D 192 -34.87 28.96 67.11
CA ILE D 192 -34.83 27.59 67.61
C ILE D 192 -34.40 27.54 69.08
N LEU D 193 -33.66 28.55 69.52
CA LEU D 193 -33.21 28.63 70.90
C LEU D 193 -34.37 28.86 71.86
N THR D 194 -35.48 29.38 71.33
CA THR D 194 -36.64 29.69 72.15
C THR D 194 -37.27 28.44 72.75
N GLU D 195 -36.97 27.27 72.18
CA GLU D 195 -37.50 26.01 72.68
C GLU D 195 -36.92 25.67 74.05
N ARG D 196 -35.71 26.18 74.32
CA ARG D 196 -35.03 25.91 75.57
C ARG D 196 -35.23 27.07 76.55
N GLY D 197 -35.82 28.16 76.07
CA GLY D 197 -36.07 29.33 76.89
C GLY D 197 -35.26 30.53 76.45
N TYR D 198 -34.02 30.27 76.04
CA TYR D 198 -33.14 31.32 75.56
C TYR D 198 -33.76 32.06 74.38
N SER D 199 -33.85 33.39 74.49
CA SER D 199 -34.46 34.20 73.44
C SER D 199 -33.70 35.51 73.25
N PHE D 200 -32.67 35.46 72.41
CA PHE D 200 -31.91 36.67 72.06
C PHE D 200 -32.77 37.55 71.16
N VAL D 201 -33.45 38.52 71.78
CA VAL D 201 -34.49 39.28 71.10
C VAL D 201 -33.94 40.36 70.15
N THR D 202 -33.47 41.47 70.70
CA THR D 202 -33.04 42.60 69.88
C THR D 202 -31.97 42.23 68.86
N THR D 203 -31.78 43.09 67.88
CA THR D 203 -30.88 42.83 66.76
C THR D 203 -29.40 42.97 67.15
N ALA D 204 -29.15 43.50 68.33
CA ALA D 204 -27.77 43.67 68.80
C ALA D 204 -27.18 42.32 69.21
N GLU D 205 -27.88 41.62 70.10
CA GLU D 205 -27.44 40.30 70.53
C GLU D 205 -27.59 39.27 69.41
N ARG D 206 -28.42 39.60 68.42
CA ARG D 206 -28.58 38.78 67.23
C ARG D 206 -27.22 38.55 66.59
N GLU D 207 -26.36 39.57 66.65
CA GLU D 207 -25.03 39.48 66.07
C GLU D 207 -24.13 38.60 66.93
N ILE D 208 -24.35 38.62 68.25
CA ILE D 208 -23.57 37.80 69.17
C ILE D 208 -23.70 36.32 68.80
N VAL D 209 -24.88 35.94 68.34
CA VAL D 209 -25.12 34.58 67.86
C VAL D 209 -24.12 34.20 66.76
N ARG D 210 -23.95 35.10 65.79
CA ARG D 210 -23.03 34.88 64.69
C ARG D 210 -21.60 34.77 65.20
N ASP D 211 -21.26 35.57 66.20
CA ASP D 211 -19.91 35.59 66.77
C ASP D 211 -19.62 34.27 67.48
N ILE D 212 -20.57 33.84 68.31
CA ILE D 212 -20.43 32.57 69.04
C ILE D 212 -20.43 31.38 68.09
N LYS D 213 -21.24 31.47 67.04
CA LYS D 213 -21.39 30.38 66.08
C LYS D 213 -20.05 29.93 65.49
N GLU D 214 -19.23 30.90 65.08
CA GLU D 214 -17.99 30.61 64.36
C GLU D 214 -16.83 30.26 65.28
N LYS D 215 -17.12 29.52 66.35
CA LYS D 215 -16.07 29.12 67.29
C LYS D 215 -16.20 27.67 67.73
N LEU D 216 -17.43 27.16 67.79
CA LEU D 216 -17.67 25.81 68.28
C LEU D 216 -18.71 25.05 67.45
N CYS D 217 -19.78 25.75 67.07
CA CYS D 217 -20.87 25.12 66.32
C CYS D 217 -20.36 24.34 65.11
N TYR D 218 -21.01 23.21 64.83
CA TYR D 218 -20.61 22.36 63.72
C TYR D 218 -21.84 21.73 63.07
N VAL D 219 -21.63 21.02 61.96
CA VAL D 219 -22.73 20.44 61.20
C VAL D 219 -22.91 18.95 61.51
N ALA D 220 -24.15 18.51 61.57
CA ALA D 220 -24.47 17.11 61.87
C ALA D 220 -24.11 16.21 60.70
N LEU D 221 -23.28 15.20 60.96
CA LEU D 221 -22.96 14.20 59.95
C LEU D 221 -24.20 13.39 59.64
N ASP D 222 -24.83 12.87 60.69
CA ASP D 222 -26.08 12.14 60.56
C ASP D 222 -26.92 12.36 61.81
N PHE D 223 -27.95 13.20 61.70
CA PHE D 223 -28.76 13.61 62.83
C PHE D 223 -29.35 12.43 63.58
N GLU D 224 -29.56 11.32 62.88
CA GLU D 224 -30.16 10.13 63.48
C GLU D 224 -29.27 9.53 64.56
N ASN D 225 -28.02 9.24 64.19
CA ASN D 225 -27.07 8.62 65.11
C ASN D 225 -26.61 9.59 66.19
N GLU D 226 -26.56 10.87 65.87
CA GLU D 226 -26.11 11.89 66.81
C GLU D 226 -27.16 12.18 67.87
N MET D 227 -28.41 11.84 67.57
CA MET D 227 -29.50 12.07 68.52
C MET D 227 -29.39 11.09 69.69
N ALA D 228 -29.08 9.83 69.37
CA ALA D 228 -28.93 8.80 70.40
C ALA D 228 -27.69 9.09 71.25
N THR D 229 -26.74 9.82 70.68
CA THR D 229 -25.51 10.17 71.39
C THR D 229 -25.79 11.20 72.48
N ALA D 230 -26.92 11.88 72.38
CA ALA D 230 -27.29 12.91 73.35
C ALA D 230 -27.32 12.36 74.77
N ALA D 231 -27.53 11.06 74.90
CA ALA D 231 -27.56 10.42 76.21
C ALA D 231 -26.28 10.70 77.00
N SER D 232 -25.17 10.85 76.28
CA SER D 232 -23.89 11.13 76.90
C SER D 232 -23.67 12.64 77.02
N SER D 233 -22.89 13.04 78.03
CA SER D 233 -22.60 14.45 78.26
C SER D 233 -21.11 14.72 78.13
N SER D 234 -20.58 14.50 76.92
CA SER D 234 -19.16 14.73 76.66
C SER D 234 -18.97 15.41 75.31
N SER D 235 -19.54 14.83 74.27
CA SER D 235 -19.45 15.39 72.92
C SER D 235 -20.54 16.42 72.69
N LEU D 236 -21.56 16.42 73.53
CA LEU D 236 -22.67 17.35 73.40
C LEU D 236 -22.41 18.65 74.15
N GLU D 237 -22.53 18.60 75.47
CA GLU D 237 -22.42 19.80 76.31
C GLU D 237 -21.12 20.55 76.06
N LYS D 238 -21.21 21.69 75.39
CA LYS D 238 -20.04 22.51 75.07
C LYS D 238 -19.99 23.74 75.96
N SER D 239 -18.80 24.12 76.38
CA SER D 239 -18.62 25.23 77.31
C SER D 239 -18.34 26.56 76.59
N TYR D 240 -19.09 27.60 76.95
CA TYR D 240 -18.89 28.92 76.40
C TYR D 240 -19.49 29.96 77.34
N GLU D 241 -18.77 30.25 78.42
CA GLU D 241 -19.22 31.23 79.39
C GLU D 241 -19.38 32.59 78.72
N LEU D 242 -20.63 33.05 78.63
CA LEU D 242 -20.95 34.33 78.03
C LEU D 242 -20.01 35.41 78.57
N PRO D 243 -19.38 36.19 77.68
CA PRO D 243 -18.56 37.32 78.15
C PRO D 243 -19.34 38.21 79.12
N ASP D 244 -20.67 38.16 79.05
CA ASP D 244 -21.50 38.85 80.01
C ASP D 244 -21.44 38.13 81.36
N GLY D 245 -22.05 36.95 81.42
CA GLY D 245 -21.99 36.15 82.64
C GLY D 245 -23.11 35.13 82.75
N GLN D 246 -23.15 34.18 81.84
CA GLN D 246 -24.13 33.09 81.89
C GLN D 246 -23.82 32.04 80.84
N VAL D 247 -23.36 30.87 81.29
CA VAL D 247 -22.96 29.80 80.38
C VAL D 247 -24.14 29.32 79.52
N ILE D 248 -23.84 28.98 78.27
CA ILE D 248 -24.84 28.40 77.37
C ILE D 248 -24.31 27.07 76.81
N THR D 249 -24.75 25.97 77.41
CA THR D 249 -24.29 24.65 76.99
C THR D 249 -24.86 24.27 75.62
N ILE D 250 -24.25 24.78 74.57
CA ILE D 250 -24.67 24.47 73.20
C ILE D 250 -24.29 23.03 72.82
N GLY D 251 -25.15 22.09 73.16
CA GLY D 251 -24.92 20.69 72.85
C GLY D 251 -25.62 20.25 71.59
N ASN D 252 -26.94 20.07 71.69
CA ASN D 252 -27.74 19.66 70.55
C ASN D 252 -28.18 20.87 69.73
N GLU D 253 -27.71 22.05 70.12
CA GLU D 253 -28.05 23.28 69.41
C GLU D 253 -27.04 23.57 68.30
N ARG D 254 -25.86 22.99 68.40
CA ARG D 254 -24.80 23.23 67.42
C ARG D 254 -25.11 22.57 66.08
N PHE D 255 -25.46 21.30 66.11
CA PHE D 255 -25.67 20.54 64.89
C PHE D 255 -27.15 20.45 64.52
N ARG D 256 -27.96 21.33 65.09
CA ARG D 256 -29.38 21.36 64.80
C ARG D 256 -29.69 22.36 63.69
N CYS D 257 -29.17 23.57 63.84
CA CYS D 257 -29.39 24.63 62.87
C CYS D 257 -28.85 24.30 61.47
N PRO D 258 -27.60 23.80 61.40
CA PRO D 258 -27.02 23.48 60.09
C PRO D 258 -27.84 22.48 59.30
N GLU D 259 -28.63 21.66 59.98
CA GLU D 259 -29.47 20.67 59.32
C GLU D 259 -30.41 21.33 58.31
N THR D 260 -30.74 22.59 58.57
CA THR D 260 -31.63 23.34 57.68
C THR D 260 -31.02 23.46 56.28
N LEU D 261 -29.69 23.51 56.21
CA LEU D 261 -29.00 23.59 54.94
C LEU D 261 -29.44 22.45 54.03
N PHE D 262 -29.38 21.24 54.55
CA PHE D 262 -29.74 20.05 53.77
C PHE D 262 -31.26 19.87 53.74
N GLN D 263 -31.96 20.49 54.68
CA GLN D 263 -33.40 20.38 54.78
C GLN D 263 -34.07 21.76 54.77
N PRO D 264 -34.16 22.40 53.59
CA PRO D 264 -34.85 23.68 53.45
C PRO D 264 -36.35 23.59 53.77
N SER D 265 -36.84 22.38 54.04
CA SER D 265 -38.23 22.20 54.42
C SER D 265 -38.52 22.88 55.76
N PHE D 266 -37.46 23.15 56.52
CA PHE D 266 -37.60 23.78 57.83
C PHE D 266 -37.65 25.30 57.74
N ILE D 267 -37.59 25.83 56.52
CA ILE D 267 -37.69 27.27 56.31
C ILE D 267 -38.72 27.62 55.23
N GLY D 268 -39.75 26.78 55.12
CA GLY D 268 -40.86 27.05 54.22
C GLY D 268 -40.46 27.22 52.77
N MET D 269 -40.02 26.14 52.15
CA MET D 269 -39.63 26.16 50.74
C MET D 269 -39.58 24.74 50.19
N GLU D 270 -39.57 24.62 48.86
CA GLU D 270 -39.55 23.30 48.23
C GLU D 270 -38.14 22.94 47.79
N SER D 271 -37.21 23.89 47.94
CA SER D 271 -35.82 23.66 47.59
C SER D 271 -35.29 22.44 48.32
N ALA D 272 -34.56 21.59 47.59
CA ALA D 272 -33.98 20.40 48.18
C ALA D 272 -32.58 20.69 48.69
N GLY D 273 -31.95 19.70 49.31
CA GLY D 273 -30.60 19.85 49.84
C GLY D 273 -29.63 20.29 48.76
N ILE D 274 -28.48 20.82 49.19
CA ILE D 274 -27.47 21.32 48.25
C ILE D 274 -26.90 20.22 47.36
N HIS D 275 -27.20 18.96 47.66
CA HIS D 275 -26.72 17.85 46.85
C HIS D 275 -27.69 17.51 45.73
N GLU D 276 -28.93 18.02 45.84
CA GLU D 276 -29.90 17.87 44.77
C GLU D 276 -29.69 18.99 43.74
N THR D 277 -29.48 20.20 44.24
CA THR D 277 -29.21 21.34 43.38
C THR D 277 -27.96 21.08 42.53
N THR D 278 -27.06 20.27 43.07
CA THR D 278 -25.87 19.86 42.33
C THR D 278 -26.27 19.10 41.09
N TYR D 279 -27.22 18.17 41.25
CA TYR D 279 -27.75 17.41 40.12
C TYR D 279 -28.49 18.34 39.18
N ASN D 280 -29.22 19.29 39.76
CA ASN D 280 -30.02 20.24 38.98
C ASN D 280 -29.17 21.05 38.02
N SER D 281 -27.88 21.20 38.31
CA SER D 281 -26.99 21.97 37.46
C SER D 281 -26.18 21.07 36.53
N ILE D 282 -26.22 19.76 36.78
CA ILE D 282 -25.44 18.80 36.01
C ILE D 282 -26.32 18.14 34.94
N MET D 283 -27.56 17.84 35.29
CA MET D 283 -28.47 17.15 34.38
C MET D 283 -28.85 18.01 33.18
N LYS D 284 -28.72 19.33 33.33
CA LYS D 284 -29.12 20.25 32.26
C LYS D 284 -28.09 20.26 31.12
N CYS D 285 -26.82 20.33 31.47
CA CYS D 285 -25.75 20.39 30.48
C CYS D 285 -25.69 19.10 29.67
N ASP D 286 -24.73 19.05 28.74
CA ASP D 286 -24.57 17.90 27.85
C ASP D 286 -24.32 16.62 28.65
N ILE D 287 -24.33 15.48 27.94
CA ILE D 287 -24.10 14.19 28.57
C ILE D 287 -22.62 13.91 28.80
N ASP D 288 -21.79 14.27 27.83
CA ASP D 288 -20.36 14.01 27.90
C ASP D 288 -19.61 15.13 28.62
N ILE D 289 -20.27 15.76 29.58
CA ILE D 289 -19.67 16.86 30.34
C ILE D 289 -19.55 16.51 31.82
N ARG D 290 -20.23 15.46 32.24
CA ARG D 290 -20.36 15.14 33.66
C ARG D 290 -19.09 14.53 34.25
N LYS D 291 -18.57 13.48 33.60
CA LYS D 291 -17.44 12.73 34.14
C LYS D 291 -16.31 13.61 34.67
N ASP D 292 -16.14 14.79 34.08
CA ASP D 292 -15.06 15.69 34.49
C ASP D 292 -15.53 16.73 35.51
N LEU D 293 -16.84 16.94 35.60
CA LEU D 293 -17.40 17.87 36.58
C LEU D 293 -17.26 17.30 37.98
N TYR D 294 -17.56 16.02 38.12
CA TYR D 294 -17.43 15.34 39.42
C TYR D 294 -15.97 15.34 39.86
N ALA D 295 -15.06 15.33 38.87
CA ALA D 295 -13.63 15.31 39.16
C ALA D 295 -13.16 16.66 39.68
N ASN D 296 -14.02 17.67 39.61
CA ASN D 296 -13.66 19.02 40.06
C ASN D 296 -14.88 19.83 40.47
N ASN D 297 -15.01 20.09 41.76
CA ASN D 297 -16.09 20.93 42.27
C ASN D 297 -15.56 21.97 43.25
N VAL D 298 -15.52 23.22 42.80
CA VAL D 298 -15.00 24.30 43.63
C VAL D 298 -16.04 24.77 44.66
N MET D 299 -15.63 24.79 45.92
CA MET D 299 -16.50 25.26 47.01
C MET D 299 -15.88 26.46 47.71
N SER D 300 -16.32 27.65 47.34
CA SER D 300 -15.79 28.89 47.91
C SER D 300 -16.77 29.51 48.91
N GLY D 301 -16.25 30.33 49.80
CA GLY D 301 -17.06 30.96 50.84
C GLY D 301 -16.68 30.50 52.22
N GLY D 302 -16.42 31.45 53.12
CA GLY D 302 -16.02 31.14 54.47
C GLY D 302 -17.09 30.38 55.24
N THR D 303 -18.30 30.38 54.70
CA THR D 303 -19.42 29.64 55.30
C THR D 303 -19.10 28.14 55.29
N THR D 304 -18.28 27.72 54.34
CA THR D 304 -17.94 26.31 54.19
C THR D 304 -16.74 25.94 55.06
N MET D 305 -16.68 26.51 56.26
CA MET D 305 -15.62 26.19 57.21
C MET D 305 -16.19 25.46 58.43
N TYR D 306 -17.50 25.28 58.45
CA TYR D 306 -18.18 24.58 59.54
C TYR D 306 -17.75 23.12 59.55
N PRO D 307 -17.24 22.63 60.70
CA PRO D 307 -16.83 21.22 60.78
C PRO D 307 -17.97 20.27 60.41
N GLY D 308 -17.80 19.52 59.34
CA GLY D 308 -18.81 18.58 58.88
C GLY D 308 -19.61 19.11 57.70
N ILE D 309 -18.92 19.81 56.80
CA ILE D 309 -19.57 20.42 55.65
C ILE D 309 -19.13 19.77 54.34
N ALA D 310 -17.90 19.25 54.31
CA ALA D 310 -17.34 18.65 53.11
C ALA D 310 -17.56 17.14 53.08
N ASP D 311 -17.34 16.49 54.23
CA ASP D 311 -17.47 15.05 54.32
C ASP D 311 -18.89 14.56 54.06
N ARG D 312 -19.87 15.45 54.23
CA ARG D 312 -21.27 15.10 53.97
C ARG D 312 -21.56 15.05 52.48
N MET D 313 -20.84 15.87 51.72
CA MET D 313 -21.08 15.97 50.29
C MET D 313 -20.80 14.64 49.58
N GLN D 314 -19.74 13.96 49.99
CA GLN D 314 -19.37 12.69 49.38
C GLN D 314 -20.40 11.61 49.66
N LYS D 315 -21.19 11.79 50.71
CA LYS D 315 -22.18 10.80 51.11
C LYS D 315 -23.46 10.92 50.29
N GLU D 316 -23.85 12.15 49.97
CA GLU D 316 -25.13 12.40 49.31
C GLU D 316 -25.00 12.45 47.79
N ILE D 317 -23.86 12.91 47.30
CA ILE D 317 -23.63 13.03 45.87
C ILE D 317 -23.44 11.66 45.22
N THR D 318 -22.72 10.78 45.90
CA THR D 318 -22.44 9.44 45.38
C THR D 318 -23.69 8.55 45.44
N ALA D 319 -24.74 9.03 46.09
CA ALA D 319 -25.95 8.24 46.27
C ALA D 319 -26.79 8.21 45.01
N LEU D 320 -27.45 9.33 44.70
CA LEU D 320 -28.34 9.41 43.55
C LEU D 320 -27.66 10.12 42.39
N ALA D 321 -26.62 9.50 41.85
CA ALA D 321 -25.90 10.06 40.71
C ALA D 321 -24.97 9.00 40.11
N PRO D 322 -24.57 9.19 38.84
CA PRO D 322 -23.62 8.27 38.21
C PRO D 322 -22.41 8.00 39.10
N SER D 323 -21.97 6.74 39.14
CA SER D 323 -20.89 6.34 40.04
C SER D 323 -19.87 5.46 39.36
N THR D 324 -19.17 6.02 38.37
CA THR D 324 -18.08 5.33 37.70
C THR D 324 -16.96 6.29 37.30
N MET D 325 -17.02 7.52 37.80
CA MET D 325 -15.94 8.49 37.58
C MET D 325 -15.33 8.89 38.92
N LYS D 326 -14.39 9.82 38.88
CA LYS D 326 -13.73 10.30 40.09
C LYS D 326 -14.54 11.42 40.75
N ILE D 327 -15.26 11.07 41.81
CA ILE D 327 -16.00 12.06 42.59
C ILE D 327 -15.00 12.86 43.43
N LYS D 328 -14.91 14.17 43.15
CA LYS D 328 -13.89 15.00 43.78
C LYS D 328 -14.35 16.45 43.89
N ILE D 329 -14.37 16.96 45.12
CA ILE D 329 -14.77 18.35 45.37
C ILE D 329 -13.60 19.18 45.87
N ILE D 330 -13.26 20.22 45.12
CA ILE D 330 -12.22 21.16 45.54
C ILE D 330 -12.81 22.21 46.49
N ALA D 331 -12.56 22.03 47.78
CA ALA D 331 -12.97 23.01 48.77
C ALA D 331 -11.74 23.74 49.30
N PRO D 332 -11.35 24.85 48.63
CA PRO D 332 -10.16 25.58 49.05
C PRO D 332 -10.15 25.79 50.57
N PRO D 333 -8.99 25.59 51.22
CA PRO D 333 -8.90 25.75 52.67
C PRO D 333 -9.41 27.11 53.14
N GLU D 334 -8.72 28.18 52.75
CA GLU D 334 -9.22 29.52 53.01
C GLU D 334 -9.96 29.98 51.76
N ARG D 335 -11.22 29.59 51.65
CA ARG D 335 -12.00 29.80 50.44
C ARG D 335 -12.84 31.07 50.52
N LYS D 336 -12.67 31.83 51.59
CA LYS D 336 -13.43 33.06 51.79
C LYS D 336 -12.84 34.18 50.94
N TYR D 337 -11.52 34.19 50.80
CA TYR D 337 -10.83 35.24 50.06
C TYR D 337 -10.59 34.85 48.61
N SER D 338 -11.09 33.68 48.21
CA SER D 338 -10.93 33.19 46.85
C SER D 338 -11.40 34.24 45.83
N VAL D 339 -12.39 35.03 46.21
CA VAL D 339 -12.89 36.09 45.35
C VAL D 339 -11.91 37.26 45.34
N TRP D 340 -11.29 37.52 46.49
CA TRP D 340 -10.35 38.61 46.63
C TRP D 340 -9.07 38.32 45.85
N ILE D 341 -8.68 37.05 45.82
CA ILE D 341 -7.49 36.64 45.07
C ILE D 341 -7.70 36.91 43.59
N GLY D 342 -8.88 36.59 43.10
CA GLY D 342 -9.23 36.81 41.71
C GLY D 342 -9.47 38.29 41.42
N GLY D 343 -9.88 39.04 42.43
CA GLY D 343 -10.14 40.45 42.27
C GLY D 343 -8.87 41.23 41.98
N SER D 344 -7.81 40.92 42.71
CA SER D 344 -6.53 41.59 42.52
C SER D 344 -6.01 41.37 41.10
N ILE D 345 -6.49 40.32 40.44
CA ILE D 345 -6.06 39.98 39.09
C ILE D 345 -6.73 40.89 38.07
N LEU D 346 -8.06 40.88 38.05
CA LEU D 346 -8.83 41.69 37.11
C LEU D 346 -8.39 43.15 37.13
N ALA D 347 -8.08 43.66 38.31
CA ALA D 347 -7.66 45.04 38.47
C ALA D 347 -6.29 45.30 37.82
N SER D 348 -5.55 44.21 37.58
CA SER D 348 -4.21 44.34 37.01
C SER D 348 -4.15 43.87 35.55
N LEU D 349 -5.22 43.24 35.08
CA LEU D 349 -5.27 42.75 33.71
C LEU D 349 -5.24 43.93 32.74
N SER D 350 -4.72 43.70 31.54
CA SER D 350 -4.70 44.73 30.50
C SER D 350 -5.87 44.48 29.55
N THR D 351 -6.17 43.21 29.29
CA THR D 351 -7.34 42.84 28.51
C THR D 351 -8.58 43.43 29.19
N PHE D 352 -8.46 43.69 30.48
CA PHE D 352 -9.50 44.35 31.27
C PHE D 352 -10.06 45.57 30.53
N GLN D 353 -9.22 46.22 29.74
CA GLN D 353 -9.64 47.39 28.98
C GLN D 353 -10.77 47.04 28.01
N GLN D 354 -10.77 45.80 27.53
CA GLN D 354 -11.81 45.33 26.63
C GLN D 354 -13.16 45.19 27.35
N MET D 355 -13.12 45.19 28.68
CA MET D 355 -14.31 44.92 29.47
C MET D 355 -14.77 46.13 30.29
N TRP D 356 -13.82 46.83 30.89
CA TRP D 356 -14.14 47.93 31.81
C TRP D 356 -14.89 49.07 31.14
N ILE D 357 -15.31 50.05 31.94
CA ILE D 357 -16.05 51.19 31.44
C ILE D 357 -15.25 52.48 31.62
N THR D 358 -15.19 53.30 30.57
CA THR D 358 -14.49 54.57 30.61
C THR D 358 -15.48 55.70 30.86
N LYS D 359 -14.99 56.80 31.40
CA LYS D 359 -15.84 57.96 31.71
C LYS D 359 -16.83 58.27 30.59
N GLN D 360 -16.32 58.48 29.38
CA GLN D 360 -17.15 58.90 28.25
C GLN D 360 -18.12 57.80 27.83
N GLU D 361 -17.72 56.55 28.01
CA GLU D 361 -18.54 55.41 27.61
C GLU D 361 -19.86 55.36 28.36
N TYR D 362 -19.90 55.98 29.54
CA TYR D 362 -21.11 55.98 30.36
C TYR D 362 -22.14 56.98 29.86
N ASP D 363 -21.67 58.00 29.16
CA ASP D 363 -22.55 59.05 28.66
C ASP D 363 -23.05 58.76 27.25
N GLU D 364 -22.26 58.04 26.48
CA GLU D 364 -22.60 57.74 25.09
C GLU D 364 -23.75 56.74 25.00
N ALA D 365 -23.67 55.68 25.80
CA ALA D 365 -24.70 54.63 25.77
C ALA D 365 -25.68 54.77 26.93
N GLY D 366 -25.60 55.89 27.65
CA GLY D 366 -26.48 56.12 28.78
C GLY D 366 -26.08 55.32 29.99
N PRO D 367 -26.95 55.26 31.01
CA PRO D 367 -26.66 54.56 32.26
C PRO D 367 -26.56 53.04 32.08
N SER D 368 -27.36 52.49 31.18
CA SER D 368 -27.41 51.04 30.96
C SER D 368 -26.11 50.50 30.37
N ILE D 369 -25.21 51.41 29.97
CA ILE D 369 -23.93 51.05 29.37
C ILE D 369 -23.34 49.75 29.90
N VAL D 370 -23.43 49.54 31.21
CA VAL D 370 -22.78 48.39 31.83
C VAL D 370 -23.39 47.06 31.37
N HIS D 371 -24.53 46.70 31.94
CA HIS D 371 -25.13 45.38 31.68
C HIS D 371 -25.96 45.34 30.40
N ARG D 372 -25.82 46.37 29.56
CA ARG D 372 -26.46 46.38 28.26
C ARG D 372 -25.49 45.86 27.21
N LYS D 373 -24.20 45.89 27.54
CA LYS D 373 -23.16 45.43 26.63
C LYS D 373 -22.52 44.15 27.13
N CYS D 374 -22.13 44.12 28.40
CA CYS D 374 -21.49 42.96 28.99
C CYS D 374 -22.54 41.99 29.53
N PHE D 375 -22.07 40.99 30.28
CA PHE D 375 -22.97 40.02 30.91
C PHE D 375 -22.61 39.83 32.38
N ASP E 1 14.19 -32.26 -37.79
CA ASP E 1 14.66 -32.16 -36.38
C ASP E 1 15.87 -31.22 -36.25
N GLU E 2 16.90 -31.47 -37.07
CA GLU E 2 18.11 -30.66 -37.03
C GLU E 2 18.65 -30.40 -38.43
N ASP E 3 19.09 -31.47 -39.09
CA ASP E 3 19.64 -31.37 -40.43
C ASP E 3 18.51 -31.08 -41.42
N GLU E 4 18.83 -30.36 -42.50
CA GLU E 4 17.85 -29.97 -43.50
C GLU E 4 16.88 -28.95 -42.91
N THR E 5 16.60 -27.89 -43.66
CA THR E 5 15.82 -26.76 -43.16
C THR E 5 14.58 -27.20 -42.36
N THR E 6 13.91 -28.24 -42.82
CA THR E 6 12.72 -28.76 -42.14
C THR E 6 11.60 -27.73 -42.10
N ALA E 7 10.52 -28.01 -42.85
CA ALA E 7 9.43 -27.06 -42.99
C ALA E 7 8.31 -27.32 -41.99
N LEU E 8 7.58 -26.26 -41.64
CA LEU E 8 6.46 -26.37 -40.71
C LEU E 8 5.18 -26.76 -41.44
N VAL E 9 4.11 -26.97 -40.69
CA VAL E 9 2.81 -27.31 -41.26
C VAL E 9 1.73 -26.48 -40.59
N CYS E 10 0.91 -25.81 -41.40
CA CYS E 10 -0.14 -24.94 -40.87
C CYS E 10 -1.40 -24.98 -41.74
N ASP E 11 -2.51 -24.52 -41.17
CA ASP E 11 -3.78 -24.47 -41.87
C ASP E 11 -4.71 -23.47 -41.20
N ASN E 12 -4.67 -22.23 -41.68
CA ASN E 12 -5.47 -21.15 -41.10
C ASN E 12 -6.85 -21.06 -41.73
N GLY E 13 -7.87 -20.93 -40.89
CA GLY E 13 -9.24 -20.75 -41.36
C GLY E 13 -9.80 -19.43 -40.90
N SER E 14 -11.13 -19.33 -40.92
CA SER E 14 -11.81 -18.11 -40.48
C SER E 14 -12.49 -18.32 -39.13
N GLY E 15 -11.99 -19.27 -38.36
CA GLY E 15 -12.57 -19.60 -37.07
C GLY E 15 -11.59 -20.28 -36.14
N LEU E 16 -10.86 -21.26 -36.67
CA LEU E 16 -9.90 -22.02 -35.87
C LEU E 16 -8.61 -22.23 -36.65
N VAL E 17 -7.49 -21.93 -36.00
CA VAL E 17 -6.18 -22.06 -36.63
C VAL E 17 -5.52 -23.39 -36.25
N LYS E 18 -5.01 -24.09 -37.25
CA LYS E 18 -4.34 -25.36 -37.03
C LYS E 18 -2.85 -25.26 -37.39
N ALA E 19 -2.00 -25.43 -36.38
CA ALA E 19 -0.56 -25.35 -36.58
C ALA E 19 0.19 -26.14 -35.51
N GLY E 20 1.29 -26.77 -35.91
CA GLY E 20 2.11 -27.54 -35.00
C GLY E 20 3.58 -27.39 -35.33
N PHE E 21 4.39 -28.33 -34.85
CA PHE E 21 5.82 -28.31 -35.13
C PHE E 21 6.06 -28.71 -36.58
N ALA E 22 7.20 -29.36 -36.86
CA ALA E 22 7.53 -29.73 -38.23
C ALA E 22 7.58 -31.25 -38.39
N GLY E 23 7.21 -31.71 -39.58
CA GLY E 23 7.23 -33.14 -39.90
C GLY E 23 6.28 -33.94 -39.04
N ASP E 24 5.22 -33.28 -38.55
CA ASP E 24 4.24 -33.94 -37.70
C ASP E 24 3.11 -34.54 -38.52
N ASP E 25 2.18 -35.21 -37.84
CA ASP E 25 1.05 -35.85 -38.50
C ASP E 25 -0.24 -35.08 -38.24
N ALA E 26 -0.32 -34.44 -37.08
CA ALA E 26 -1.53 -33.73 -36.68
C ALA E 26 -1.16 -32.42 -35.98
N PRO E 27 -2.10 -31.45 -35.95
CA PRO E 27 -1.80 -30.16 -35.32
C PRO E 27 -1.48 -30.28 -33.84
N ARG E 28 -0.45 -29.57 -33.39
CA ARG E 28 -0.03 -29.62 -32.00
C ARG E 28 -0.62 -28.47 -31.19
N ALA E 29 -0.88 -27.35 -31.86
CA ALA E 29 -1.47 -26.19 -31.22
C ALA E 29 -2.62 -25.64 -32.04
N VAL E 30 -3.83 -25.75 -31.51
CA VAL E 30 -5.03 -25.25 -32.18
C VAL E 30 -5.72 -24.18 -31.34
N PHE E 31 -5.21 -22.96 -31.43
CA PHE E 31 -5.76 -21.85 -30.67
C PHE E 31 -6.92 -21.20 -31.44
N PRO E 32 -7.89 -20.64 -30.70
CA PRO E 32 -9.04 -19.99 -31.34
C PRO E 32 -8.70 -18.65 -31.95
N SER E 33 -9.42 -18.26 -32.99
CA SER E 33 -9.18 -17.00 -33.68
C SER E 33 -10.06 -15.90 -33.10
N ILE E 34 -9.60 -15.27 -32.03
CA ILE E 34 -10.35 -14.21 -31.39
C ILE E 34 -9.43 -13.06 -30.96
N VAL E 35 -9.89 -11.84 -31.16
CA VAL E 35 -9.12 -10.66 -30.79
C VAL E 35 -10.02 -9.44 -30.61
N GLY E 36 -10.32 -9.10 -29.37
CA GLY E 36 -11.18 -7.97 -29.06
C GLY E 36 -10.47 -6.93 -28.22
N ARG E 37 -11.22 -5.93 -27.78
CA ARG E 37 -10.67 -4.86 -26.95
C ARG E 37 -11.30 -4.84 -25.57
N PRO E 38 -10.84 -3.94 -24.71
CA PRO E 38 -11.36 -3.82 -23.34
C PRO E 38 -12.20 -2.56 -23.35
N ARG E 39 -13.35 -2.69 -23.97
CA ARG E 39 -14.28 -1.58 -24.20
C ARG E 39 -14.41 -0.72 -22.89
N HIS E 40 -14.21 -1.51 -21.80
CA HIS E 40 -14.18 -1.17 -20.43
C HIS E 40 -13.05 -0.23 -19.87
N GLN E 41 -11.71 -0.33 -20.31
CA GLN E 41 -10.45 0.49 -19.81
C GLN E 41 -9.44 -0.34 -18.94
N GLY E 42 -9.26 -1.65 -19.32
CA GLY E 42 -8.28 -2.64 -18.74
C GLY E 42 -7.83 -2.65 -17.27
N VAL E 43 -8.15 -1.66 -16.48
CA VAL E 43 -7.56 -1.32 -15.19
C VAL E 43 -6.53 -0.12 -15.69
N MET E 44 -6.39 -0.11 -17.10
CA MET E 44 -5.56 0.71 -18.08
C MET E 44 -4.06 0.77 -17.80
N VAL E 45 -3.76 0.90 -16.49
CA VAL E 45 -2.43 0.77 -15.85
C VAL E 45 -2.16 -0.73 -15.40
N GLY E 46 -3.24 -1.55 -15.06
CA GLY E 46 -3.06 -3.02 -14.68
C GLY E 46 -2.85 -3.93 -15.92
N MET E 47 -2.03 -3.25 -16.72
CA MET E 47 -1.39 -3.49 -17.99
C MET E 47 -2.01 -2.56 -19.07
N GLY E 48 -1.08 -2.00 -19.95
CA GLY E 48 -1.42 -1.04 -21.09
C GLY E 48 -2.20 -1.75 -22.11
N GLN E 49 -3.37 -2.22 -21.57
CA GLN E 49 -4.35 -3.12 -22.11
C GLN E 49 -3.87 -3.90 -23.37
N LYS E 50 -3.83 -3.10 -24.49
CA LYS E 50 -3.62 -3.45 -25.86
C LYS E 50 -4.30 -4.77 -26.33
N ASP E 51 -3.51 -5.85 -26.11
CA ASP E 51 -3.59 -7.23 -26.58
C ASP E 51 -4.90 -7.88 -26.79
N SER E 52 -5.98 -7.13 -27.19
CA SER E 52 -7.40 -7.61 -27.43
C SER E 52 -7.87 -8.98 -26.80
N TYR E 53 -6.81 -9.56 -26.27
CA TYR E 53 -6.54 -10.84 -25.73
C TYR E 53 -6.71 -11.89 -26.84
N VAL E 54 -5.82 -12.87 -26.86
CA VAL E 54 -5.87 -13.93 -27.86
C VAL E 54 -5.45 -15.27 -27.28
N GLY E 55 -5.40 -16.30 -28.13
CA GLY E 55 -5.03 -17.62 -27.69
C GLY E 55 -5.74 -18.05 -26.43
N ASP E 56 -5.31 -19.17 -25.85
CA ASP E 56 -5.91 -19.69 -24.64
C ASP E 56 -6.08 -18.60 -23.60
N GLU E 57 -5.39 -17.48 -23.79
CA GLU E 57 -5.46 -16.36 -22.87
C GLU E 57 -6.81 -15.65 -22.96
N ALA E 58 -7.23 -15.36 -24.18
CA ALA E 58 -8.50 -14.69 -24.41
C ALA E 58 -9.69 -15.64 -24.18
N GLN E 59 -9.60 -16.83 -24.77
CA GLN E 59 -10.67 -17.82 -24.65
C GLN E 59 -10.94 -18.18 -23.19
N SER E 60 -9.90 -18.16 -22.37
CA SER E 60 -10.04 -18.47 -20.95
C SER E 60 -10.88 -17.42 -20.24
N LYS E 61 -10.66 -16.16 -20.60
CA LYS E 61 -11.37 -15.04 -19.98
C LYS E 61 -12.03 -14.16 -21.03
N ARG E 62 -13.20 -14.57 -21.50
CA ARG E 62 -13.95 -13.76 -22.46
C ARG E 62 -14.53 -12.54 -21.77
N GLY E 63 -15.29 -12.81 -20.70
CA GLY E 63 -15.94 -11.78 -19.91
C GLY E 63 -15.74 -10.35 -20.36
N ILE E 64 -14.53 -9.83 -20.16
CA ILE E 64 -14.26 -8.41 -20.38
C ILE E 64 -13.57 -8.19 -21.71
N LEU E 65 -13.99 -8.96 -22.73
CA LEU E 65 -13.40 -8.85 -24.05
C LEU E 65 -14.47 -8.63 -25.12
N THR E 66 -14.36 -7.51 -25.83
CA THR E 66 -15.25 -7.23 -26.94
C THR E 66 -14.70 -7.91 -28.19
N LEU E 67 -14.90 -9.22 -28.27
CA LEU E 67 -14.34 -10.03 -29.36
C LEU E 67 -14.66 -9.43 -30.72
N LYS E 68 -13.63 -8.88 -31.36
CA LYS E 68 -13.77 -8.26 -32.67
C LYS E 68 -13.31 -9.22 -33.76
N TYR E 69 -14.22 -9.58 -34.65
CA TYR E 69 -13.91 -10.54 -35.71
C TYR E 69 -13.22 -9.85 -36.88
N PRO E 70 -11.94 -10.19 -37.13
CA PRO E 70 -11.21 -9.54 -38.23
C PRO E 70 -11.50 -10.14 -39.60
N ILE E 71 -11.50 -11.47 -39.68
CA ILE E 71 -11.67 -12.15 -40.96
C ILE E 71 -13.11 -12.63 -41.17
N GLU E 72 -13.84 -11.93 -42.02
CA GLU E 72 -15.18 -12.34 -42.41
C GLU E 72 -15.20 -12.68 -43.90
N HIC E 73 -15.52 -13.94 -44.22
CA HIC E 73 -15.42 -14.52 -45.67
C HIC E 73 -14.86 -13.47 -46.73
O HIC E 73 -15.65 -12.64 -47.22
CB HIC E 73 -16.81 -15.01 -46.26
CG HIC E 73 -17.77 -13.90 -46.31
ND1 HIC E 73 -18.31 -13.42 -47.51
CD2 HIC E 73 -18.27 -13.19 -45.23
CE1 HIC E 73 -19.15 -12.41 -47.16
NE2 HIC E 73 -19.14 -12.25 -45.77
CZ HIC E 73 -19.90 -11.27 -45.02
N GLY E 74 -13.57 -13.54 -47.03
CA GLY E 74 -12.97 -12.68 -48.03
C GLY E 74 -12.35 -11.41 -47.45
N ILE E 75 -13.19 -10.53 -46.94
CA ILE E 75 -12.73 -9.24 -46.44
C ILE E 75 -12.15 -9.34 -45.03
N ILE E 76 -10.95 -8.78 -44.85
CA ILE E 76 -10.33 -8.66 -43.54
C ILE E 76 -10.43 -7.21 -43.09
N THR E 77 -11.33 -6.95 -42.14
CA THR E 77 -11.58 -5.58 -41.68
C THR E 77 -10.29 -4.86 -41.32
N ASN E 78 -9.31 -5.61 -40.82
CA ASN E 78 -8.03 -5.02 -40.44
C ASN E 78 -6.91 -6.06 -40.44
N TRP E 79 -5.81 -5.72 -41.09
CA TRP E 79 -4.66 -6.63 -41.21
C TRP E 79 -3.67 -6.45 -40.06
N ASP E 80 -3.69 -5.27 -39.44
CA ASP E 80 -2.73 -4.94 -38.39
C ASP E 80 -2.75 -5.97 -37.26
N ASP E 81 -3.91 -6.52 -36.96
CA ASP E 81 -4.06 -7.47 -35.87
C ASP E 81 -3.46 -8.82 -36.24
N MET E 82 -3.61 -9.21 -37.51
CA MET E 82 -3.11 -10.50 -37.98
C MET E 82 -1.60 -10.62 -37.82
N GLU E 83 -0.90 -9.50 -37.87
CA GLU E 83 0.56 -9.50 -37.73
C GLU E 83 1.00 -10.04 -36.39
N LYS E 84 0.31 -9.62 -35.32
CA LYS E 84 0.66 -10.03 -33.97
C LYS E 84 0.00 -11.35 -33.57
N ILE E 85 -0.84 -11.89 -34.44
CA ILE E 85 -1.44 -13.19 -34.22
C ILE E 85 -0.48 -14.29 -34.67
N TRP E 86 0.27 -14.00 -35.72
CA TRP E 86 1.25 -14.94 -36.25
C TRP E 86 2.57 -14.83 -35.50
N HIS E 87 2.77 -13.72 -34.81
CA HIS E 87 3.98 -13.51 -34.01
C HIS E 87 3.93 -14.33 -32.73
N HIS E 88 2.77 -14.92 -32.45
CA HIS E 88 2.58 -15.73 -31.25
C HIS E 88 2.75 -17.21 -31.56
N THR E 89 2.26 -17.64 -32.72
CA THR E 89 2.26 -19.05 -33.08
C THR E 89 3.66 -19.64 -33.15
N PHE E 90 4.47 -19.13 -34.08
CA PHE E 90 5.79 -19.71 -34.34
C PHE E 90 6.75 -19.64 -33.15
N TYR E 91 6.51 -18.71 -32.24
CA TYR E 91 7.48 -18.43 -31.18
C TYR E 91 7.03 -18.92 -29.81
N ASN E 92 5.90 -18.41 -29.33
CA ASN E 92 5.43 -18.69 -27.98
C ASN E 92 5.26 -20.18 -27.67
N GLU E 93 4.95 -20.98 -28.69
CA GLU E 93 4.74 -22.41 -28.50
C GLU E 93 5.78 -23.24 -29.25
N LEU E 94 5.86 -23.03 -30.56
CA LEU E 94 6.75 -23.82 -31.41
C LEU E 94 8.22 -23.54 -31.10
N ARG E 95 8.50 -22.32 -30.65
CA ARG E 95 9.86 -21.94 -30.25
C ARG E 95 10.84 -22.08 -31.41
N VAL E 96 10.35 -21.85 -32.63
CA VAL E 96 11.19 -21.91 -33.82
C VAL E 96 10.96 -20.66 -34.69
N ALA E 97 11.98 -20.26 -35.43
CA ALA E 97 11.90 -19.05 -36.23
C ALA E 97 11.50 -19.36 -37.68
N PRO E 98 10.56 -18.58 -38.24
CA PRO E 98 10.21 -18.73 -39.66
C PRO E 98 11.34 -18.24 -40.55
N GLU E 99 12.26 -17.45 -40.00
CA GLU E 99 13.43 -17.01 -40.73
C GLU E 99 14.49 -18.11 -40.71
N GLU E 100 14.08 -19.31 -41.10
CA GLU E 100 14.93 -20.49 -41.01
C GLU E 100 14.26 -21.68 -41.69
N HIS E 101 12.95 -21.80 -41.50
CA HIS E 101 12.19 -22.90 -42.08
C HIS E 101 11.16 -22.37 -43.07
N PRO E 102 10.83 -23.18 -44.09
CA PRO E 102 9.76 -22.79 -45.03
C PRO E 102 8.41 -22.66 -44.33
N THR E 103 7.35 -22.53 -45.12
CA THR E 103 6.00 -22.39 -44.55
C THR E 103 4.94 -22.87 -45.53
N LEU E 104 3.90 -23.49 -45.01
CA LEU E 104 2.78 -23.97 -45.82
C LEU E 104 1.46 -23.44 -45.31
N LEU E 105 0.62 -22.96 -46.23
CA LEU E 105 -0.68 -22.40 -45.87
C LEU E 105 -1.78 -22.99 -46.75
N THR E 106 -3.02 -22.67 -46.42
CA THR E 106 -4.16 -23.15 -47.18
C THR E 106 -4.78 -22.01 -48.00
N GLU E 107 -5.39 -22.36 -49.13
CA GLU E 107 -5.99 -21.36 -50.01
C GLU E 107 -7.50 -21.49 -50.02
N ALA E 108 -8.19 -20.42 -49.65
CA ALA E 108 -9.64 -20.37 -49.70
C ALA E 108 -10.07 -20.09 -51.15
N PRO E 109 -10.62 -21.10 -51.84
CA PRO E 109 -10.98 -20.95 -53.26
C PRO E 109 -11.72 -19.64 -53.54
N LEU E 110 -11.37 -19.01 -54.65
CA LEU E 110 -12.04 -17.78 -55.08
C LEU E 110 -11.86 -16.66 -54.07
N ASN E 111 -10.63 -16.44 -53.62
CA ASN E 111 -10.30 -15.35 -52.72
C ASN E 111 -9.66 -14.20 -53.49
N PRO E 112 -10.09 -12.96 -53.19
CA PRO E 112 -9.55 -11.78 -53.90
C PRO E 112 -8.05 -11.89 -54.16
N LYS E 113 -7.65 -11.56 -55.39
CA LYS E 113 -6.26 -11.67 -55.81
C LYS E 113 -5.34 -10.82 -54.95
N ALA E 114 -5.87 -9.72 -54.43
CA ALA E 114 -5.07 -8.77 -53.65
C ALA E 114 -4.68 -9.33 -52.29
N ASN E 115 -5.43 -10.30 -51.80
CA ASN E 115 -5.19 -10.88 -50.47
C ASN E 115 -3.98 -11.82 -50.46
N ARG E 116 -3.85 -12.64 -51.49
CA ARG E 116 -2.78 -13.62 -51.55
C ARG E 116 -1.41 -12.95 -51.64
N GLU E 117 -1.40 -11.71 -52.12
CA GLU E 117 -0.17 -10.94 -52.24
C GLU E 117 0.12 -10.15 -50.96
N LYS E 118 -0.93 -9.67 -50.31
CA LYS E 118 -0.78 -8.93 -49.07
C LYS E 118 -0.15 -9.80 -47.99
N MET E 119 -0.56 -11.06 -47.94
CA MET E 119 -0.01 -12.01 -46.97
C MET E 119 1.45 -12.28 -47.27
N THR E 120 1.74 -12.67 -48.50
CA THR E 120 3.11 -12.99 -48.90
C THR E 120 4.05 -11.81 -48.62
N GLN E 121 3.52 -10.60 -48.72
CA GLN E 121 4.30 -9.40 -48.46
C GLN E 121 4.78 -9.37 -47.01
N ILE E 122 3.97 -9.89 -46.10
CA ILE E 122 4.31 -9.92 -44.69
C ILE E 122 5.47 -10.89 -44.43
N MET E 123 5.51 -11.97 -45.22
CA MET E 123 6.54 -12.99 -45.06
C MET E 123 7.86 -12.57 -45.71
N PHE E 124 7.82 -12.33 -47.01
CA PHE E 124 9.02 -12.04 -47.78
C PHE E 124 9.73 -10.76 -47.34
N GLU E 125 8.95 -9.73 -47.01
CA GLU E 125 9.52 -8.42 -46.71
C GLU E 125 10.00 -8.31 -45.26
N THR E 126 9.25 -8.89 -44.33
CA THR E 126 9.56 -8.77 -42.92
C THR E 126 10.06 -10.08 -42.30
N PHE E 127 9.31 -11.15 -42.47
CA PHE E 127 9.65 -12.44 -41.88
C PHE E 127 10.61 -13.24 -42.75
N ASN E 128 11.14 -12.60 -43.80
CA ASN E 128 12.13 -13.20 -44.68
C ASN E 128 11.90 -14.69 -44.92
N VAL E 129 11.00 -15.00 -45.85
CA VAL E 129 10.68 -16.39 -46.17
C VAL E 129 11.08 -16.72 -47.61
N PRO E 130 12.28 -17.30 -47.79
CA PRO E 130 12.75 -17.66 -49.13
C PRO E 130 11.94 -18.78 -49.78
N ALA E 131 11.18 -19.53 -48.99
CA ALA E 131 10.40 -20.65 -49.51
C ALA E 131 9.08 -20.84 -48.77
N MET E 132 7.99 -20.81 -49.52
CA MET E 132 6.67 -21.06 -48.96
C MET E 132 5.67 -21.37 -50.08
N TYR E 133 4.43 -21.66 -49.71
CA TYR E 133 3.39 -21.97 -50.68
C TYR E 133 2.02 -21.94 -50.00
N VAL E 134 0.97 -21.85 -50.81
CA VAL E 134 -0.39 -21.84 -50.31
C VAL E 134 -1.28 -22.77 -51.14
N ALA E 135 -1.53 -23.95 -50.60
CA ALA E 135 -2.24 -25.00 -51.34
C ALA E 135 -3.75 -24.91 -51.13
N ILE E 136 -4.49 -25.70 -51.90
CA ILE E 136 -5.96 -25.63 -51.89
C ILE E 136 -6.58 -26.67 -50.96
N GLN E 137 -7.28 -26.17 -49.95
CA GLN E 137 -7.94 -27.00 -48.93
C GLN E 137 -8.26 -28.42 -49.37
N ALA E 138 -9.32 -28.57 -50.18
CA ALA E 138 -9.88 -29.88 -50.49
C ALA E 138 -8.85 -30.85 -51.09
N VAL E 139 -8.08 -30.37 -52.05
CA VAL E 139 -7.14 -31.22 -52.77
C VAL E 139 -6.16 -31.95 -51.84
N LEU E 140 -5.90 -31.37 -50.67
CA LEU E 140 -4.98 -31.96 -49.71
C LEU E 140 -5.62 -33.16 -49.03
N SER E 141 -6.88 -33.00 -48.65
CA SER E 141 -7.62 -34.08 -47.99
C SER E 141 -7.67 -35.30 -48.91
N LEU E 142 -7.54 -35.06 -50.21
CA LEU E 142 -7.53 -36.14 -51.20
C LEU E 142 -6.29 -37.00 -51.04
N TYR E 143 -5.17 -36.54 -51.58
CA TYR E 143 -3.92 -37.30 -51.59
C TYR E 143 -3.59 -37.91 -50.23
N ALA E 144 -4.38 -38.90 -49.82
CA ALA E 144 -4.16 -39.58 -48.54
C ALA E 144 -5.11 -40.76 -48.37
N SER E 145 -5.07 -41.70 -49.30
CA SER E 145 -5.95 -42.87 -49.23
C SER E 145 -5.43 -43.99 -50.13
N GLY E 146 -5.93 -44.07 -51.36
CA GLY E 146 -5.49 -45.11 -52.27
C GLY E 146 -6.32 -45.20 -53.53
N ARG E 147 -6.51 -44.07 -54.20
CA ARG E 147 -7.19 -44.04 -55.49
C ARG E 147 -7.10 -42.65 -56.11
N THR E 148 -7.19 -42.58 -57.43
CA THR E 148 -7.13 -41.31 -58.14
C THR E 148 -8.46 -40.97 -58.80
N THR E 149 -9.55 -41.49 -58.22
CA THR E 149 -10.89 -41.25 -58.73
C THR E 149 -11.91 -41.34 -57.57
N GLY E 150 -12.29 -40.11 -56.91
CA GLY E 150 -13.14 -39.54 -55.67
C GLY E 150 -13.52 -38.06 -55.71
N ILE E 151 -14.74 -37.77 -55.27
CA ILE E 151 -15.23 -36.38 -55.20
C ILE E 151 -15.17 -35.92 -53.74
N VAL E 152 -14.71 -34.70 -53.53
CA VAL E 152 -14.49 -34.20 -52.17
C VAL E 152 -15.39 -33.02 -51.84
N LEU E 153 -15.85 -32.96 -50.58
CA LEU E 153 -16.63 -31.85 -50.08
C LEU E 153 -15.99 -31.38 -48.78
N ASP E 154 -15.14 -30.36 -48.86
CA ASP E 154 -14.40 -29.88 -47.70
C ASP E 154 -14.94 -28.54 -47.21
N SER E 155 -15.12 -28.43 -45.90
CA SER E 155 -15.61 -27.21 -45.28
C SER E 155 -15.48 -27.28 -43.77
N GLY E 156 -15.58 -26.13 -43.11
CA GLY E 156 -15.47 -26.07 -41.67
C GLY E 156 -16.15 -24.83 -41.10
N ASP E 157 -15.38 -23.74 -41.00
CA ASP E 157 -15.92 -22.48 -40.49
C ASP E 157 -15.99 -21.43 -41.60
N GLY E 158 -15.13 -21.55 -42.60
CA GLY E 158 -15.12 -20.61 -43.70
C GLY E 158 -16.37 -20.70 -44.54
N VAL E 159 -16.25 -21.33 -45.71
CA VAL E 159 -17.37 -21.48 -46.62
C VAL E 159 -17.40 -22.90 -47.18
N THR E 160 -18.57 -23.36 -47.59
CA THR E 160 -18.74 -24.72 -48.09
C THR E 160 -18.17 -24.86 -49.50
N HIS E 161 -17.51 -25.98 -49.76
CA HIS E 161 -16.92 -26.24 -51.07
C HIS E 161 -17.28 -27.64 -51.57
N ASN E 162 -17.99 -27.70 -52.69
CA ASN E 162 -18.32 -28.96 -53.33
C ASN E 162 -17.37 -29.20 -54.50
N VAL E 163 -16.19 -29.74 -54.20
CA VAL E 163 -15.14 -29.90 -55.22
C VAL E 163 -15.04 -31.35 -55.70
N PRO E 164 -15.56 -31.63 -56.90
CA PRO E 164 -15.41 -32.99 -57.45
C PRO E 164 -14.01 -33.23 -58.02
N ILE E 165 -13.01 -33.12 -57.15
CA ILE E 165 -11.62 -33.34 -57.57
C ILE E 165 -11.23 -34.80 -57.44
N TYR E 166 -11.08 -35.47 -58.59
CA TYR E 166 -10.69 -36.87 -58.59
C TYR E 166 -9.59 -37.13 -59.60
N GLU E 167 -9.92 -36.97 -60.88
CA GLU E 167 -8.94 -37.20 -61.95
C GLU E 167 -8.20 -35.91 -62.29
N GLY E 168 -8.89 -34.77 -62.14
CA GLY E 168 -8.30 -33.48 -62.41
C GLY E 168 -9.08 -32.36 -61.75
N TYR E 169 -8.68 -31.11 -61.99
CA TYR E 169 -9.37 -29.96 -61.41
C TYR E 169 -9.68 -28.87 -62.44
N ALA E 170 -10.86 -28.27 -62.30
CA ALA E 170 -11.29 -27.12 -63.10
C ALA E 170 -11.62 -27.48 -64.55
N LEU E 171 -12.89 -27.32 -64.91
CA LEU E 171 -13.34 -27.52 -66.29
C LEU E 171 -14.51 -26.58 -66.67
N PRO E 172 -15.76 -26.86 -66.22
CA PRO E 172 -16.75 -25.83 -66.53
C PRO E 172 -17.08 -24.95 -65.32
N HIS E 173 -17.76 -25.52 -64.33
CA HIS E 173 -18.15 -24.79 -63.13
C HIS E 173 -18.21 -25.75 -61.95
N ALA E 174 -18.83 -26.91 -62.17
CA ALA E 174 -18.91 -27.98 -61.17
C ALA E 174 -18.73 -27.48 -59.74
N ILE E 175 -17.51 -27.10 -59.40
CA ILE E 175 -17.20 -26.66 -58.04
C ILE E 175 -18.14 -25.54 -57.60
N MET E 176 -18.38 -25.46 -56.29
CA MET E 176 -19.29 -24.47 -55.73
C MET E 176 -18.71 -23.83 -54.48
N ARG E 177 -19.05 -22.57 -54.26
CA ARG E 177 -18.63 -21.85 -53.05
C ARG E 177 -19.85 -21.28 -52.36
N LEU E 178 -20.08 -21.72 -51.12
CA LEU E 178 -21.27 -21.32 -50.38
C LEU E 178 -20.93 -20.83 -48.99
N ASP E 179 -21.24 -19.57 -48.72
CA ASP E 179 -21.00 -18.97 -47.40
C ASP E 179 -22.03 -19.49 -46.41
N LEU E 180 -21.79 -20.68 -45.87
CA LEU E 180 -22.72 -21.30 -44.95
C LEU E 180 -22.04 -22.45 -44.20
N ALA E 181 -21.17 -22.10 -43.26
CA ALA E 181 -20.43 -23.12 -42.50
C ALA E 181 -19.91 -22.57 -41.18
N GLY E 182 -19.95 -23.39 -40.14
CA GLY E 182 -19.42 -23.04 -38.84
C GLY E 182 -19.99 -21.75 -38.28
N ARG E 183 -19.28 -20.66 -38.52
CA ARG E 183 -19.68 -19.35 -38.00
C ARG E 183 -21.15 -19.04 -38.31
N ASP E 184 -21.63 -19.53 -39.45
CA ASP E 184 -23.01 -19.31 -39.85
C ASP E 184 -23.98 -20.06 -38.94
N LEU E 185 -23.56 -21.25 -38.50
CA LEU E 185 -24.38 -22.07 -37.61
C LEU E 185 -24.43 -21.46 -36.22
N THR E 186 -23.32 -20.88 -35.78
CA THR E 186 -23.23 -20.26 -34.47
C THR E 186 -24.06 -18.98 -34.42
N ASP E 187 -24.24 -18.34 -35.57
CA ASP E 187 -24.97 -17.08 -35.65
C ASP E 187 -26.48 -17.30 -35.74
N TYR E 188 -26.88 -18.45 -36.27
CA TYR E 188 -28.29 -18.71 -36.53
C TYR E 188 -29.04 -19.18 -35.29
N LEU E 189 -28.36 -19.89 -34.39
CA LEU E 189 -29.01 -20.46 -33.22
C LEU E 189 -29.55 -19.38 -32.29
N MET E 190 -28.72 -18.38 -32.00
CA MET E 190 -29.11 -17.31 -31.09
C MET E 190 -30.38 -16.61 -31.56
N LYS E 191 -30.56 -16.52 -32.87
CA LYS E 191 -31.73 -15.88 -33.44
C LYS E 191 -32.98 -16.70 -33.17
N ILE E 192 -32.84 -18.02 -33.28
CA ILE E 192 -33.99 -18.92 -33.14
C ILE E 192 -34.33 -19.15 -31.67
N LEU E 193 -33.35 -19.00 -30.79
CA LEU E 193 -33.56 -19.17 -29.35
C LEU E 193 -34.46 -18.07 -28.78
N THR E 194 -34.55 -16.95 -29.50
CA THR E 194 -35.33 -15.81 -29.04
C THR E 194 -36.82 -16.13 -28.98
N GLU E 195 -37.23 -17.18 -29.68
CA GLU E 195 -38.65 -17.58 -29.70
C GLU E 195 -39.06 -18.13 -28.34
N ARG E 196 -38.10 -18.67 -27.60
CA ARG E 196 -38.37 -19.25 -26.29
C ARG E 196 -38.04 -18.25 -25.18
N GLY E 197 -37.45 -17.13 -25.55
CA GLY E 197 -37.09 -16.10 -24.59
C GLY E 197 -35.59 -15.94 -24.45
N TYR E 198 -34.87 -17.07 -24.50
CA TYR E 198 -33.42 -17.06 -24.41
C TYR E 198 -32.81 -16.20 -25.51
N SER E 199 -31.96 -15.24 -25.12
CA SER E 199 -31.34 -14.34 -26.08
C SER E 199 -29.90 -14.05 -25.71
N PHE E 200 -28.99 -14.91 -26.16
CA PHE E 200 -27.56 -14.70 -25.95
C PHE E 200 -27.09 -13.54 -26.83
N VAL E 201 -27.04 -12.35 -26.25
CA VAL E 201 -26.86 -11.12 -27.02
C VAL E 201 -25.41 -10.89 -27.46
N THR E 202 -24.56 -10.45 -26.54
CA THR E 202 -23.19 -10.08 -26.88
C THR E 202 -22.42 -11.21 -27.57
N THR E 203 -21.31 -10.85 -28.22
CA THR E 203 -20.54 -11.80 -29.01
C THR E 203 -19.72 -12.76 -28.16
N ALA E 204 -19.64 -12.51 -26.86
CA ALA E 204 -18.90 -13.38 -25.97
C ALA E 204 -19.65 -14.69 -25.73
N GLU E 205 -20.91 -14.57 -25.30
CA GLU E 205 -21.76 -15.73 -25.09
C GLU E 205 -22.14 -16.38 -26.41
N ARG E 206 -22.00 -15.63 -27.50
CA ARG E 206 -22.22 -16.16 -28.83
C ARG E 206 -21.33 -17.37 -29.06
N GLU E 207 -20.13 -17.32 -28.50
CA GLU E 207 -19.17 -18.42 -28.62
C GLU E 207 -19.61 -19.61 -27.75
N ILE E 208 -20.23 -19.33 -26.61
CA ILE E 208 -20.71 -20.37 -25.72
C ILE E 208 -21.68 -21.29 -26.45
N VAL E 209 -22.48 -20.70 -27.35
CA VAL E 209 -23.40 -21.47 -28.18
C VAL E 209 -22.64 -22.55 -28.96
N ARG E 210 -21.54 -22.15 -29.59
CA ARG E 210 -20.72 -23.08 -30.37
C ARG E 210 -20.15 -24.17 -29.48
N ASP E 211 -19.77 -23.81 -28.25
CA ASP E 211 -19.18 -24.74 -27.31
C ASP E 211 -20.22 -25.79 -26.88
N ILE E 212 -21.40 -25.31 -26.52
CA ILE E 212 -22.49 -26.19 -26.11
C ILE E 212 -22.97 -27.06 -27.27
N LYS E 213 -22.99 -26.49 -28.47
CA LYS E 213 -23.47 -27.18 -29.66
C LYS E 213 -22.76 -28.51 -29.88
N GLU E 214 -21.44 -28.51 -29.77
CA GLU E 214 -20.63 -29.68 -30.12
C GLU E 214 -20.55 -30.70 -28.98
N LYS E 215 -21.66 -30.90 -28.27
CA LYS E 215 -21.69 -31.86 -27.18
C LYS E 215 -22.97 -32.69 -27.16
N LEU E 216 -24.07 -32.12 -27.61
CA LEU E 216 -25.37 -32.80 -27.57
C LEU E 216 -26.19 -32.59 -28.83
N CYS E 217 -26.19 -31.37 -29.36
CA CYS E 217 -26.98 -31.03 -30.53
C CYS E 217 -26.76 -32.02 -31.67
N TYR E 218 -27.83 -32.32 -32.40
CA TYR E 218 -27.77 -33.27 -33.51
C TYR E 218 -28.69 -32.82 -34.64
N VAL E 219 -28.65 -33.54 -35.76
CA VAL E 219 -29.41 -33.18 -36.95
C VAL E 219 -30.68 -34.01 -37.08
N ALA E 220 -31.76 -33.36 -37.52
CA ALA E 220 -33.05 -34.03 -37.68
C ALA E 220 -33.03 -35.00 -38.86
N LEU E 221 -33.35 -36.26 -38.60
CA LEU E 221 -33.47 -37.24 -39.67
C LEU E 221 -34.67 -36.89 -40.54
N ASP E 222 -35.81 -36.68 -39.89
CA ASP E 222 -37.02 -36.25 -40.58
C ASP E 222 -37.84 -35.37 -39.64
N PHE E 223 -37.80 -34.06 -39.87
CA PHE E 223 -38.44 -33.10 -38.99
C PHE E 223 -39.92 -33.39 -38.77
N GLU E 224 -40.55 -34.02 -39.74
CA GLU E 224 -41.98 -34.32 -39.67
C GLU E 224 -42.29 -35.30 -38.53
N ASN E 225 -41.62 -36.45 -38.55
CA ASN E 225 -41.85 -37.49 -37.56
C ASN E 225 -41.31 -37.10 -36.18
N GLU E 226 -40.24 -36.32 -36.17
CA GLU E 226 -39.62 -35.90 -34.92
C GLU E 226 -40.45 -34.83 -34.19
N MET E 227 -41.32 -34.15 -34.94
CA MET E 227 -42.16 -33.12 -34.36
C MET E 227 -43.25 -33.76 -33.49
N ALA E 228 -43.83 -34.85 -33.99
CA ALA E 228 -44.86 -35.57 -33.25
C ALA E 228 -44.27 -36.22 -32.00
N THR E 229 -42.96 -36.49 -32.05
CA THR E 229 -42.26 -37.11 -30.93
C THR E 229 -42.11 -36.14 -29.77
N ALA E 230 -42.28 -34.86 -30.05
CA ALA E 230 -42.14 -33.82 -29.03
C ALA E 230 -43.09 -34.04 -27.86
N ALA E 231 -44.18 -34.75 -28.12
CA ALA E 231 -45.16 -35.04 -27.09
C ALA E 231 -44.51 -35.74 -25.89
N SER E 232 -43.47 -36.52 -26.17
CA SER E 232 -42.75 -37.24 -25.13
C SER E 232 -41.61 -36.39 -24.58
N SER E 233 -41.26 -36.62 -23.33
CA SER E 233 -40.18 -35.88 -22.68
C SER E 233 -39.04 -36.81 -22.28
N SER E 234 -38.43 -37.46 -23.26
CA SER E 234 -37.33 -38.38 -23.01
C SER E 234 -36.21 -38.18 -24.02
N SER E 235 -36.56 -38.22 -25.30
CA SER E 235 -35.59 -38.03 -26.36
C SER E 235 -35.40 -36.54 -26.68
N LEU E 236 -36.34 -35.73 -26.22
CA LEU E 236 -36.29 -34.29 -26.47
C LEU E 236 -35.50 -33.57 -25.38
N GLU E 237 -36.12 -33.39 -24.22
CA GLU E 237 -35.53 -32.62 -23.13
C GLU E 237 -34.13 -33.12 -22.76
N LYS E 238 -33.12 -32.33 -23.14
CA LYS E 238 -31.73 -32.69 -22.87
C LYS E 238 -31.17 -31.82 -21.74
N SER E 239 -30.35 -32.43 -20.89
CA SER E 239 -29.82 -31.75 -19.71
C SER E 239 -28.44 -31.14 -19.97
N TYR E 240 -28.29 -29.86 -19.62
CA TYR E 240 -27.01 -29.17 -19.75
C TYR E 240 -27.01 -27.97 -18.82
N GLU E 241 -26.79 -28.22 -17.54
CA GLU E 241 -26.73 -27.16 -16.55
C GLU E 241 -25.62 -26.18 -16.88
N LEU E 242 -26.00 -24.96 -17.25
CA LEU E 242 -25.03 -23.91 -17.59
C LEU E 242 -23.93 -23.86 -16.54
N PRO E 243 -22.66 -23.88 -16.97
CA PRO E 243 -21.56 -23.69 -16.01
C PRO E 243 -21.77 -22.45 -15.15
N ASP E 244 -22.56 -21.50 -15.64
CA ASP E 244 -22.93 -20.34 -14.85
C ASP E 244 -23.93 -20.76 -13.78
N GLY E 245 -25.16 -21.09 -14.19
CA GLY E 245 -26.15 -21.57 -13.25
C GLY E 245 -27.58 -21.40 -13.74
N GLN E 246 -27.93 -22.08 -14.82
CA GLN E 246 -29.28 -22.06 -15.34
C GLN E 246 -29.44 -23.09 -16.46
N VAL E 247 -30.18 -24.16 -16.19
CA VAL E 247 -30.35 -25.24 -17.16
C VAL E 247 -31.05 -24.76 -18.43
N ILE E 248 -30.63 -25.30 -19.57
CA ILE E 248 -31.28 -25.02 -20.84
C ILE E 248 -31.69 -26.34 -21.51
N THR E 249 -32.97 -26.70 -21.37
CA THR E 249 -33.47 -27.94 -21.93
C THR E 249 -33.54 -27.89 -23.45
N ILE E 250 -32.40 -28.09 -24.10
CA ILE E 250 -32.35 -28.09 -25.57
C ILE E 250 -32.99 -29.37 -26.13
N GLY E 251 -34.30 -29.31 -26.33
CA GLY E 251 -35.03 -30.45 -26.87
C GLY E 251 -35.27 -30.31 -28.36
N ASN E 252 -36.22 -29.46 -28.72
CA ASN E 252 -36.55 -29.22 -30.12
C ASN E 252 -35.62 -28.15 -30.73
N GLU E 253 -34.66 -27.69 -29.93
CA GLU E 253 -33.72 -26.68 -30.40
C GLU E 253 -32.49 -27.31 -31.04
N ARG E 254 -32.24 -28.58 -30.71
CA ARG E 254 -31.07 -29.28 -31.21
C ARG E 254 -31.19 -29.59 -32.69
N PHE E 255 -32.32 -30.19 -33.09
CA PHE E 255 -32.51 -30.63 -34.46
C PHE E 255 -33.30 -29.62 -35.29
N ARG E 256 -33.37 -28.38 -34.80
CA ARG E 256 -34.09 -27.33 -35.50
C ARG E 256 -33.13 -26.52 -36.38
N CYS E 257 -32.01 -26.10 -35.79
CA CYS E 257 -31.02 -25.31 -36.50
C CYS E 257 -30.40 -26.04 -37.69
N PRO E 258 -29.98 -27.31 -37.48
CA PRO E 258 -29.36 -28.05 -38.59
C PRO E 258 -30.25 -28.17 -39.82
N GLU E 259 -31.56 -28.07 -39.63
CA GLU E 259 -32.51 -28.16 -40.74
C GLU E 259 -32.20 -27.11 -41.80
N THR E 260 -31.60 -26.00 -41.37
CA THR E 260 -31.25 -24.91 -42.28
C THR E 260 -30.27 -25.40 -43.34
N LEU E 261 -29.42 -26.36 -42.98
CA LEU E 261 -28.46 -26.92 -43.91
C LEU E 261 -29.17 -27.42 -45.16
N PHE E 262 -30.19 -28.24 -44.95
CA PHE E 262 -30.96 -28.81 -46.06
C PHE E 262 -31.97 -27.81 -46.61
N GLN E 263 -32.30 -26.80 -45.82
CA GLN E 263 -33.27 -25.79 -46.21
C GLN E 263 -32.68 -24.38 -46.09
N PRO E 264 -31.84 -23.99 -47.06
CA PRO E 264 -31.28 -22.63 -47.09
C PRO E 264 -32.36 -21.55 -47.28
N SER E 265 -33.60 -21.96 -47.49
CA SER E 265 -34.70 -21.03 -47.62
C SER E 265 -34.91 -20.26 -46.32
N PHE E 266 -34.39 -20.80 -45.21
CA PHE E 266 -34.53 -20.18 -43.91
C PHE E 266 -33.45 -19.12 -43.64
N ILE E 267 -32.57 -18.92 -44.62
CA ILE E 267 -31.52 -17.90 -44.49
C ILE E 267 -31.47 -17.01 -45.73
N GLY E 268 -32.63 -16.80 -46.35
CA GLY E 268 -32.75 -15.87 -47.46
C GLY E 268 -31.82 -16.17 -48.63
N MET E 269 -32.09 -17.27 -49.32
CA MET E 269 -31.30 -17.66 -50.48
C MET E 269 -32.07 -18.67 -51.32
N GLU E 270 -31.63 -18.87 -52.56
CA GLU E 270 -32.30 -19.81 -53.46
C GLU E 270 -31.56 -21.14 -53.51
N SER E 271 -30.40 -21.17 -52.85
CA SER E 271 -29.59 -22.39 -52.79
C SER E 271 -30.43 -23.54 -52.24
N ALA E 272 -30.32 -24.70 -52.88
CA ALA E 272 -31.05 -25.89 -52.44
C ALA E 272 -30.21 -26.69 -51.46
N GLY E 273 -30.78 -27.77 -50.94
CA GLY E 273 -30.08 -28.62 -50.00
C GLY E 273 -28.77 -29.14 -50.58
N ILE E 274 -27.89 -29.60 -49.70
CA ILE E 274 -26.59 -30.10 -50.12
C ILE E 274 -26.66 -31.34 -51.03
N HIS E 275 -27.86 -31.91 -51.15
CA HIS E 275 -28.04 -33.08 -52.01
C HIS E 275 -28.42 -32.67 -53.42
N GLU E 276 -28.84 -31.41 -53.58
CA GLU E 276 -29.10 -30.86 -54.91
C GLU E 276 -27.79 -30.36 -55.51
N THR E 277 -27.00 -29.67 -54.70
CA THR E 277 -25.70 -29.18 -55.14
C THR E 277 -24.82 -30.36 -55.58
N THR E 278 -25.06 -31.52 -55.00
CA THR E 278 -24.37 -32.73 -55.40
C THR E 278 -24.67 -33.04 -56.86
N TYR E 279 -25.94 -32.94 -57.23
CA TYR E 279 -26.36 -33.14 -58.61
C TYR E 279 -25.79 -32.05 -59.49
N ASN E 280 -25.75 -30.83 -58.95
CA ASN E 280 -25.26 -29.66 -59.68
C ASN E 280 -23.80 -29.83 -60.13
N SER E 281 -23.06 -30.67 -59.40
CA SER E 281 -21.65 -30.89 -59.72
C SER E 281 -21.45 -32.17 -60.54
N ILE E 282 -22.49 -32.99 -60.63
CA ILE E 282 -22.41 -34.25 -61.34
C ILE E 282 -22.99 -34.13 -62.75
N MET E 283 -24.07 -33.38 -62.89
CA MET E 283 -24.75 -33.23 -64.17
C MET E 283 -23.90 -32.48 -65.19
N LYS E 284 -22.94 -31.69 -64.71
CA LYS E 284 -22.11 -30.87 -65.58
C LYS E 284 -21.07 -31.71 -66.31
N CYS E 285 -20.39 -32.58 -65.57
CA CYS E 285 -19.34 -33.42 -66.13
C CYS E 285 -19.89 -34.39 -67.16
N ASP E 286 -19.01 -35.20 -67.73
CA ASP E 286 -19.38 -36.16 -68.76
C ASP E 286 -20.45 -37.14 -68.27
N ILE E 287 -20.99 -37.94 -69.19
CA ILE E 287 -22.02 -38.92 -68.85
C ILE E 287 -21.42 -40.18 -68.24
N ASP E 288 -20.30 -40.63 -68.79
CA ASP E 288 -19.66 -41.88 -68.34
C ASP E 288 -18.71 -41.62 -67.17
N ILE E 289 -19.03 -40.63 -66.34
CA ILE E 289 -18.19 -40.29 -65.20
C ILE E 289 -18.93 -40.48 -63.88
N ARG E 290 -20.25 -40.66 -63.96
CA ARG E 290 -21.10 -40.66 -62.77
C ARG E 290 -21.01 -41.96 -61.98
N LYS E 291 -21.19 -43.09 -62.67
CA LYS E 291 -21.26 -44.38 -62.00
C LYS E 291 -20.18 -44.60 -60.94
N ASP E 292 -19.02 -43.99 -61.14
CA ASP E 292 -17.90 -44.16 -60.21
C ASP E 292 -17.84 -43.04 -59.18
N LEU E 293 -18.50 -41.91 -59.46
CA LEU E 293 -18.55 -40.81 -58.51
C LEU E 293 -19.40 -41.18 -57.31
N TYR E 294 -20.55 -41.79 -57.57
CA TYR E 294 -21.45 -42.24 -56.52
C TYR E 294 -20.75 -43.30 -55.66
N ALA E 295 -19.85 -44.05 -56.27
CA ALA E 295 -19.13 -45.10 -55.57
C ALA E 295 -18.09 -44.52 -54.62
N ASN E 296 -17.86 -43.21 -54.72
CA ASN E 296 -16.87 -42.55 -53.87
C ASN E 296 -17.17 -41.07 -53.68
N ASN E 297 -17.56 -40.69 -52.47
CA ASN E 297 -17.82 -39.30 -52.13
C ASN E 297 -17.14 -38.92 -50.82
N VAL E 298 -16.07 -38.15 -50.91
CA VAL E 298 -15.31 -37.76 -49.74
C VAL E 298 -15.99 -36.59 -49.00
N MET E 299 -16.21 -36.78 -47.71
CA MET E 299 -16.82 -35.74 -46.87
C MET E 299 -15.88 -35.34 -45.74
N SER E 300 -15.15 -34.25 -45.93
CA SER E 300 -14.18 -33.78 -44.94
C SER E 300 -14.71 -32.56 -44.19
N GLY E 301 -14.16 -32.32 -43.00
CA GLY E 301 -14.59 -31.22 -42.16
C GLY E 301 -15.24 -31.70 -40.87
N GLY E 302 -14.76 -31.19 -39.75
CA GLY E 302 -15.27 -31.59 -38.45
C GLY E 302 -16.73 -31.23 -38.27
N THR E 303 -17.25 -30.36 -39.14
CA THR E 303 -18.65 -30.00 -39.12
C THR E 303 -19.53 -31.22 -39.40
N THR E 304 -18.97 -32.19 -40.10
CA THR E 304 -19.72 -33.39 -40.47
C THR E 304 -19.60 -34.46 -39.39
N MET E 305 -19.62 -34.03 -38.13
CA MET E 305 -19.60 -34.96 -36.99
C MET E 305 -20.93 -34.91 -36.23
N TYR E 306 -21.83 -34.05 -36.68
CA TYR E 306 -23.14 -33.94 -36.05
C TYR E 306 -23.93 -35.23 -36.25
N PRO E 307 -24.42 -35.83 -35.16
CA PRO E 307 -25.20 -37.07 -35.30
C PRO E 307 -26.41 -36.88 -36.21
N GLY E 308 -26.42 -37.60 -37.33
CA GLY E 308 -27.51 -37.50 -38.29
C GLY E 308 -27.15 -36.66 -39.49
N ILE E 309 -25.90 -36.78 -39.95
CA ILE E 309 -25.40 -35.98 -41.07
C ILE E 309 -25.10 -36.84 -42.28
N ALA E 310 -24.73 -38.10 -42.05
CA ALA E 310 -24.36 -39.01 -43.13
C ALA E 310 -25.54 -39.86 -43.57
N ASP E 311 -26.32 -40.35 -42.61
CA ASP E 311 -27.45 -41.22 -42.91
C ASP E 311 -28.54 -40.50 -43.72
N ARG E 312 -28.55 -39.17 -43.65
CA ARG E 312 -29.52 -38.39 -44.40
C ARG E 312 -29.16 -38.33 -45.88
N MET E 313 -27.86 -38.36 -46.17
CA MET E 313 -27.37 -38.24 -47.54
C MET E 313 -27.87 -39.39 -48.41
N GLN E 314 -27.88 -40.59 -47.86
CA GLN E 314 -28.33 -41.77 -48.60
C GLN E 314 -29.82 -41.70 -48.94
N LYS E 315 -30.56 -40.90 -48.17
CA LYS E 315 -32.00 -40.79 -48.36
C LYS E 315 -32.36 -39.83 -49.49
N GLU E 316 -31.60 -38.74 -49.61
CA GLU E 316 -31.92 -37.68 -50.56
C GLU E 316 -31.22 -37.86 -51.90
N ILE E 317 -30.02 -38.45 -51.88
CA ILE E 317 -29.25 -38.66 -53.09
C ILE E 317 -29.86 -39.75 -53.96
N THR E 318 -30.32 -40.83 -53.32
CA THR E 318 -30.90 -41.96 -54.03
C THR E 318 -32.28 -41.62 -54.58
N ALA E 319 -32.82 -40.47 -54.20
CA ALA E 319 -34.17 -40.08 -54.60
C ALA E 319 -34.20 -39.57 -56.04
N LEU E 320 -33.67 -38.37 -56.25
CA LEU E 320 -33.70 -37.75 -57.56
C LEU E 320 -32.35 -37.87 -58.26
N ALA E 321 -31.95 -39.10 -58.56
CA ALA E 321 -30.69 -39.36 -59.26
C ALA E 321 -30.66 -40.79 -59.77
N PRO E 322 -29.80 -41.06 -60.77
CA PRO E 322 -29.64 -42.44 -61.27
C PRO E 322 -29.48 -43.44 -60.14
N SER E 323 -30.11 -44.61 -60.26
CA SER E 323 -30.11 -45.59 -59.19
C SER E 323 -29.86 -47.01 -59.72
N THR E 324 -28.67 -47.21 -60.27
CA THR E 324 -28.25 -48.55 -60.71
C THR E 324 -26.76 -48.78 -60.49
N MET E 325 -26.11 -47.87 -59.75
CA MET E 325 -24.71 -48.05 -59.39
C MET E 325 -24.58 -48.14 -57.87
N LYS E 326 -23.35 -48.22 -57.38
CA LYS E 326 -23.10 -48.29 -55.95
C LYS E 326 -23.04 -46.89 -55.34
N ILE E 327 -24.12 -46.49 -54.67
CA ILE E 327 -24.15 -45.23 -53.94
C ILE E 327 -23.32 -45.36 -52.67
N LYS E 328 -22.24 -44.59 -52.58
CA LYS E 328 -21.29 -44.75 -51.49
C LYS E 328 -20.58 -43.44 -51.17
N ILE E 329 -20.70 -42.98 -49.93
CA ILE E 329 -20.06 -41.74 -49.50
C ILE E 329 -18.96 -42.02 -48.46
N ILE E 330 -17.74 -41.64 -48.79
CA ILE E 330 -16.63 -41.76 -47.85
C ILE E 330 -16.60 -40.55 -46.93
N ALA E 331 -17.07 -40.74 -45.70
CA ALA E 331 -17.01 -39.70 -44.68
C ALA E 331 -15.97 -40.09 -43.63
N PRO E 332 -14.70 -39.71 -43.87
CA PRO E 332 -13.64 -40.06 -42.92
C PRO E 332 -14.07 -39.81 -41.48
N PRO E 333 -13.77 -40.76 -40.57
CA PRO E 333 -14.19 -40.60 -39.17
C PRO E 333 -13.69 -39.28 -38.57
N GLU E 334 -12.38 -39.11 -38.46
CA GLU E 334 -11.83 -37.83 -38.06
C GLU E 334 -11.44 -37.08 -39.32
N ARG E 335 -12.43 -36.41 -39.91
CA ARG E 335 -12.27 -35.78 -41.21
C ARG E 335 -11.92 -34.31 -41.10
N LYS E 336 -11.68 -33.84 -39.88
CA LYS E 336 -11.33 -32.45 -39.65
C LYS E 336 -9.86 -32.20 -39.97
N TYR E 337 -9.03 -33.20 -39.69
CA TYR E 337 -7.59 -33.07 -39.89
C TYR E 337 -7.17 -33.63 -41.24
N SER E 338 -8.14 -34.06 -42.04
CA SER E 338 -7.86 -34.61 -43.37
C SER E 338 -7.00 -33.66 -44.19
N VAL E 339 -7.17 -32.35 -43.96
CA VAL E 339 -6.38 -31.35 -44.66
C VAL E 339 -4.97 -31.30 -44.07
N TRP E 340 -4.87 -31.50 -42.77
CA TRP E 340 -3.58 -31.46 -42.08
C TRP E 340 -2.73 -32.67 -42.46
N ILE E 341 -3.39 -33.81 -42.68
CA ILE E 341 -2.69 -35.02 -43.08
C ILE E 341 -2.05 -34.81 -44.44
N GLY E 342 -2.80 -34.17 -45.35
CA GLY E 342 -2.29 -33.88 -46.68
C GLY E 342 -1.28 -32.75 -46.67
N GLY E 343 -1.39 -31.86 -45.69
CA GLY E 343 -0.48 -30.74 -45.57
C GLY E 343 0.94 -31.19 -45.26
N SER E 344 1.07 -32.13 -44.33
CA SER E 344 2.37 -32.65 -43.95
C SER E 344 3.07 -33.30 -45.14
N ILE E 345 2.29 -33.69 -46.14
CA ILE E 345 2.83 -34.34 -47.32
C ILE E 345 3.47 -33.32 -48.27
N LEU E 346 2.68 -32.33 -48.70
CA LEU E 346 3.17 -31.31 -49.61
C LEU E 346 4.46 -30.67 -49.11
N ALA E 347 4.55 -30.47 -47.79
CA ALA E 347 5.71 -29.84 -47.19
C ALA E 347 6.94 -30.74 -47.29
N SER E 348 6.72 -32.03 -47.53
CA SER E 348 7.81 -32.99 -47.61
C SER E 348 8.08 -33.46 -49.04
N LEU E 349 7.19 -33.12 -49.97
CA LEU E 349 7.35 -33.52 -51.35
C LEU E 349 8.57 -32.83 -51.96
N SER E 350 9.18 -33.47 -52.95
CA SER E 350 10.32 -32.88 -53.66
C SER E 350 9.82 -32.25 -54.96
N THR E 351 8.84 -32.90 -55.59
CA THR E 351 8.19 -32.33 -56.76
C THR E 351 7.62 -30.97 -56.39
N PHE E 352 7.37 -30.79 -55.09
CA PHE E 352 6.92 -29.51 -54.55
C PHE E 352 7.74 -28.34 -55.10
N GLN E 353 9.00 -28.60 -55.41
CA GLN E 353 9.88 -27.57 -55.96
C GLN E 353 9.33 -27.03 -57.28
N GLN E 354 8.64 -27.90 -58.03
CA GLN E 354 8.03 -27.51 -59.30
C GLN E 354 6.87 -26.54 -59.09
N MET E 355 6.37 -26.47 -57.86
CA MET E 355 5.17 -25.70 -57.58
C MET E 355 5.45 -24.49 -56.68
N TRP E 356 6.27 -24.68 -55.66
CA TRP E 356 6.50 -23.64 -54.64
C TRP E 356 7.11 -22.37 -55.22
N ILE E 357 7.27 -21.36 -54.38
CA ILE E 357 7.82 -20.07 -54.80
C ILE E 357 9.13 -19.80 -54.07
N THR E 358 10.14 -19.39 -54.83
CA THR E 358 11.45 -19.06 -54.25
C THR E 358 11.57 -17.55 -54.08
N LYS E 359 12.43 -17.13 -53.15
CA LYS E 359 12.63 -15.72 -52.86
C LYS E 359 12.70 -14.86 -54.13
N GLN E 360 13.62 -15.21 -55.02
CA GLN E 360 13.85 -14.40 -56.21
C GLN E 360 12.66 -14.44 -57.17
N GLU E 361 11.95 -15.56 -57.18
CA GLU E 361 10.81 -15.74 -58.07
C GLU E 361 9.71 -14.72 -57.82
N TYR E 362 9.66 -14.19 -56.60
CA TYR E 362 8.63 -13.23 -56.22
C TYR E 362 8.92 -11.84 -56.77
N ASP E 363 10.20 -11.56 -57.03
CA ASP E 363 10.62 -10.24 -57.49
C ASP E 363 10.65 -10.18 -59.02
N GLU E 364 10.91 -11.31 -59.66
CA GLU E 364 11.04 -11.37 -61.11
C GLU E 364 9.69 -11.19 -61.80
N ALA E 365 8.67 -11.88 -61.29
CA ALA E 365 7.34 -11.82 -61.89
C ALA E 365 6.41 -10.91 -61.11
N GLY E 366 6.96 -10.17 -60.15
CA GLY E 366 6.17 -9.26 -59.34
C GLY E 366 5.36 -10.01 -58.28
N PRO E 367 4.43 -9.30 -57.63
CA PRO E 367 3.61 -9.90 -56.56
C PRO E 367 2.67 -10.99 -57.07
N SER E 368 2.15 -10.84 -58.28
CA SER E 368 1.19 -11.78 -58.83
C SER E 368 1.81 -13.16 -59.10
N ILE E 369 3.13 -13.24 -58.97
CA ILE E 369 3.86 -14.48 -59.21
C ILE E 369 3.09 -15.75 -58.86
N VAL E 370 2.39 -15.72 -57.73
CA VAL E 370 1.71 -16.91 -57.22
C VAL E 370 0.59 -17.37 -58.16
N HIS E 371 -0.57 -16.73 -58.08
CA HIS E 371 -1.75 -17.18 -58.81
C HIS E 371 -1.77 -16.70 -60.27
N ARG E 372 -0.64 -16.18 -60.74
CA ARG E 372 -0.51 -15.79 -62.14
C ARG E 372 0.11 -16.95 -62.93
N LYS E 373 0.76 -17.86 -62.22
CA LYS E 373 1.40 -19.01 -62.83
C LYS E 373 0.68 -20.30 -62.49
N CYS E 374 0.41 -20.50 -61.19
CA CYS E 374 -0.28 -21.70 -60.73
C CYS E 374 -1.79 -21.53 -60.80
N PHE E 375 -2.51 -22.48 -60.21
CA PHE E 375 -3.96 -22.41 -60.15
C PHE E 375 -4.45 -22.68 -58.72
N ASP F 1 -71.34 1.25 -32.49
CA ASP F 1 -72.16 2.11 -31.57
C ASP F 1 -73.23 1.28 -30.84
N GLU F 2 -74.01 0.52 -31.61
CA GLU F 2 -75.08 -0.30 -31.03
C GLU F 2 -75.19 -1.64 -31.73
N ASP F 3 -75.56 -1.62 -33.01
CA ASP F 3 -75.70 -2.84 -33.79
C ASP F 3 -74.33 -3.42 -34.08
N GLU F 4 -74.25 -4.75 -34.20
CA GLU F 4 -72.98 -5.43 -34.43
C GLU F 4 -72.09 -5.32 -33.20
N THR F 5 -71.48 -6.44 -32.81
CA THR F 5 -70.73 -6.52 -31.56
C THR F 5 -69.83 -5.31 -31.32
N THR F 6 -69.18 -4.82 -32.38
CA THR F 6 -68.31 -3.66 -32.29
C THR F 6 -67.12 -3.92 -31.38
N ALA F 7 -65.93 -4.00 -31.98
CA ALA F 7 -64.72 -4.36 -31.24
C ALA F 7 -63.95 -3.12 -30.76
N LEU F 8 -63.23 -3.29 -29.66
CA LEU F 8 -62.42 -2.21 -29.09
C LEU F 8 -61.05 -2.14 -29.76
N VAL F 9 -60.26 -1.14 -29.38
CA VAL F 9 -58.92 -0.99 -29.91
C VAL F 9 -57.95 -0.67 -28.76
N CYS F 10 -56.86 -1.43 -28.68
CA CYS F 10 -55.91 -1.27 -27.59
C CYS F 10 -54.48 -1.52 -28.06
N ASP F 11 -53.52 -1.05 -27.27
CA ASP F 11 -52.10 -1.23 -27.57
C ASP F 11 -51.27 -1.06 -26.31
N ASN F 12 -51.02 -2.18 -25.63
CA ASN F 12 -50.28 -2.16 -24.37
C ASN F 12 -48.78 -2.29 -24.59
N GLY F 13 -48.02 -1.45 -23.90
CA GLY F 13 -46.57 -1.50 -23.95
C GLY F 13 -45.98 -1.79 -22.58
N SER F 14 -44.70 -1.48 -22.41
CA SER F 14 -44.02 -1.69 -21.14
C SER F 14 -43.76 -0.37 -20.44
N GLY F 15 -44.58 0.64 -20.76
CA GLY F 15 -44.41 1.96 -20.18
C GLY F 15 -45.68 2.78 -20.22
N LEU F 16 -46.36 2.76 -21.37
CA LEU F 16 -47.58 3.53 -21.55
C LEU F 16 -48.64 2.70 -22.27
N VAL F 17 -49.85 2.67 -21.72
CA VAL F 17 -50.93 1.91 -22.30
C VAL F 17 -51.84 2.80 -23.17
N LYS F 18 -52.15 2.33 -24.37
CA LYS F 18 -53.01 3.07 -25.28
C LYS F 18 -54.31 2.32 -25.52
N ALA F 19 -55.42 2.91 -25.10
CA ALA F 19 -56.73 2.28 -25.26
C ALA F 19 -57.82 3.34 -25.28
N GLY F 20 -58.85 3.09 -26.10
CA GLY F 20 -59.98 4.01 -26.20
C GLY F 20 -61.27 3.24 -26.40
N PHE F 21 -62.30 3.92 -26.90
CA PHE F 21 -63.58 3.29 -27.15
C PHE F 21 -63.47 2.38 -28.38
N ALA F 22 -64.56 2.24 -29.13
CA ALA F 22 -64.55 1.35 -30.29
C ALA F 22 -64.75 2.13 -31.59
N GLY F 23 -64.13 1.63 -32.67
CA GLY F 23 -64.24 2.25 -33.97
C GLY F 23 -63.66 3.65 -34.01
N ASP F 24 -62.71 3.92 -33.13
CA ASP F 24 -62.09 5.24 -33.05
C ASP F 24 -60.86 5.32 -33.94
N ASP F 25 -60.24 6.50 -33.99
CA ASP F 25 -59.07 6.73 -34.82
C ASP F 25 -57.81 6.83 -33.95
N ALA F 26 -57.96 7.33 -32.74
CA ALA F 26 -56.84 7.55 -31.84
C ALA F 26 -57.21 7.18 -30.41
N PRO F 27 -56.20 6.89 -29.56
CA PRO F 27 -56.49 6.48 -28.19
C PRO F 27 -57.22 7.57 -27.39
N ARG F 28 -58.24 7.17 -26.64
CA ARG F 28 -59.03 8.11 -25.86
C ARG F 28 -58.53 8.19 -24.41
N ALA F 29 -57.96 7.09 -23.93
CA ALA F 29 -57.43 7.04 -22.56
C ALA F 29 -56.04 6.43 -22.56
N VAL F 30 -55.03 7.26 -22.24
CA VAL F 30 -53.65 6.80 -22.17
C VAL F 30 -53.08 6.98 -20.77
N PHE F 31 -53.39 6.03 -19.90
CA PHE F 31 -52.93 6.08 -18.51
C PHE F 31 -51.54 5.46 -18.38
N PRO F 32 -50.74 5.95 -17.43
CA PRO F 32 -49.38 5.42 -17.24
C PRO F 32 -49.38 4.06 -16.56
N SER F 33 -48.36 3.27 -16.85
CA SER F 33 -48.24 1.92 -16.30
C SER F 33 -47.41 1.94 -15.02
N ILE F 34 -48.07 2.23 -13.90
CA ILE F 34 -47.40 2.28 -12.61
C ILE F 34 -48.24 1.63 -11.52
N VAL F 35 -47.60 0.89 -10.64
CA VAL F 35 -48.28 0.22 -9.54
C VAL F 35 -47.32 -0.12 -8.41
N GLY F 36 -47.33 0.69 -7.35
CA GLY F 36 -46.46 0.48 -6.22
C GLY F 36 -47.22 0.27 -4.93
N ARG F 37 -46.51 0.21 -3.82
CA ARG F 37 -47.12 0.01 -2.51
C ARG F 37 -46.90 1.22 -1.61
N PRO F 38 -47.46 1.16 -0.41
CA PRO F 38 -47.32 2.26 0.56
C PRO F 38 -46.35 1.75 1.61
N ARG F 39 -45.11 1.70 1.20
CA ARG F 39 -44.01 1.14 2.01
C ARG F 39 -44.14 1.62 3.49
N HIS F 40 -44.72 2.85 3.53
CA HIS F 40 -45.08 3.66 4.63
C HIS F 40 -46.20 3.17 5.64
N GLN F 41 -47.37 2.52 5.19
CA GLN F 41 -48.60 2.04 6.06
C GLN F 41 -49.90 2.88 5.85
N GLY F 42 -50.14 3.33 4.59
CA GLY F 42 -51.37 4.07 4.10
C GLY F 42 -52.19 5.04 4.95
N VAL F 43 -51.98 5.12 6.25
CA VAL F 43 -52.85 5.70 7.26
C VAL F 43 -53.54 4.31 7.83
N MET F 44 -53.29 3.20 6.95
CA MET F 44 -53.71 1.74 6.95
C MET F 44 -55.21 1.49 7.05
N VAL F 45 -55.83 2.29 7.93
CA VAL F 45 -57.30 2.45 8.14
C VAL F 45 -57.87 3.61 7.21
N GLY F 46 -57.03 4.68 6.85
CA GLY F 46 -57.50 5.79 5.91
C GLY F 46 -57.47 5.37 4.42
N MET F 47 -57.94 4.11 4.40
CA MET F 47 -58.24 3.12 3.40
C MET F 47 -57.25 1.95 3.51
N GLY F 48 -57.82 0.68 3.35
CA GLY F 48 -57.06 -0.64 3.42
C GLY F 48 -56.12 -0.74 2.29
N GLN F 49 -55.21 0.28 2.35
CA GLN F 49 -54.24 0.71 1.38
C GLN F 49 -54.46 0.11 -0.05
N LYS F 50 -54.09 -1.20 -0.10
CA LYS F 50 -53.97 -2.07 -1.23
C LYS F 50 -53.35 -1.43 -2.51
N ASP F 51 -54.30 -0.85 -3.29
CA ASP F 51 -54.27 -0.34 -4.66
C ASP F 51 -53.05 0.27 -5.20
N SER F 52 -51.82 -0.16 -4.79
CA SER F 52 -50.46 0.37 -5.21
C SER F 52 -50.35 1.79 -5.86
N TYR F 53 -51.58 2.24 -6.07
CA TYR F 53 -52.14 3.33 -6.77
C TYR F 53 -51.81 3.19 -8.26
N VAL F 54 -52.79 3.51 -9.11
CA VAL F 54 -52.60 3.41 -10.55
C VAL F 54 -53.33 4.53 -11.28
N GLY F 55 -53.26 4.51 -12.61
CA GLY F 55 -53.92 5.52 -13.41
C GLY F 55 -53.63 6.93 -12.94
N ASP F 56 -54.35 7.90 -13.49
CA ASP F 56 -54.16 9.30 -13.11
C ASP F 56 -54.15 9.46 -11.60
N GLU F 57 -54.61 8.43 -10.89
CA GLU F 57 -54.66 8.47 -9.43
C GLU F 57 -53.26 8.36 -8.84
N ALA F 58 -52.48 7.41 -9.33
CA ALA F 58 -51.11 7.21 -8.85
C ALA F 58 -50.18 8.29 -9.37
N GLN F 59 -50.24 8.55 -10.67
CA GLN F 59 -49.38 9.55 -11.31
C GLN F 59 -49.56 10.93 -10.68
N SER F 60 -50.79 11.22 -10.23
CA SER F 60 -51.07 12.50 -9.60
C SER F 60 -50.34 12.64 -8.27
N LYS F 61 -50.29 11.54 -7.52
CA LYS F 61 -49.64 11.55 -6.22
C LYS F 61 -48.61 10.42 -6.12
N ARG F 62 -47.42 10.66 -6.64
CA ARG F 62 -46.34 9.68 -6.55
C ARG F 62 -45.82 9.64 -5.11
N GLY F 63 -45.41 10.80 -4.61
CA GLY F 63 -44.88 10.96 -3.27
C GLY F 63 -44.78 9.70 -2.43
N ILE F 64 -45.92 9.19 -1.99
CA ILE F 64 -45.93 8.10 -1.03
C ILE F 64 -46.20 6.76 -1.73
N LEU F 65 -45.62 6.59 -2.91
CA LEU F 65 -45.82 5.37 -3.69
C LEU F 65 -44.48 4.76 -4.09
N THR F 66 -44.25 3.53 -3.65
CA THR F 66 -43.06 2.79 -4.05
C THR F 66 -43.33 2.12 -5.40
N LEU F 67 -43.28 2.91 -6.46
CA LEU F 67 -43.63 2.43 -7.79
C LEU F 67 -42.87 1.15 -8.14
N LYS F 68 -43.61 0.03 -8.16
CA LYS F 68 -43.02 -1.27 -8.47
C LYS F 68 -43.30 -1.63 -9.92
N TYR F 69 -42.23 -1.81 -10.70
CA TYR F 69 -42.36 -2.11 -12.12
C TYR F 69 -42.62 -3.60 -12.34
N PRO F 70 -43.80 -3.95 -12.85
CA PRO F 70 -44.12 -5.37 -13.07
C PRO F 70 -43.55 -5.93 -14.36
N ILE F 71 -43.69 -5.19 -15.46
CA ILE F 71 -43.27 -5.68 -16.76
C ILE F 71 -41.91 -5.12 -17.16
N GLU F 72 -40.88 -5.97 -17.09
CA GLU F 72 -39.54 -5.62 -17.55
C GLU F 72 -39.16 -6.51 -18.73
N HIC F 73 -38.94 -5.89 -19.89
CA HIC F 73 -38.70 -6.65 -21.24
C HIC F 73 -38.82 -8.24 -21.11
O HIC F 73 -37.83 -8.87 -20.70
CB HIC F 73 -37.29 -6.39 -21.90
CG HIC F 73 -36.22 -6.82 -20.98
ND1 HIC F 73 -35.31 -7.84 -21.30
CD2 HIC F 73 -35.94 -6.30 -19.72
CE1 HIC F 73 -34.48 -7.95 -20.24
NE2 HIC F 73 -34.85 -7.02 -19.25
CZ HIC F 73 -34.20 -6.83 -17.97
N GLY F 74 -39.97 -8.80 -21.44
CA GLY F 74 -40.17 -10.24 -21.42
C GLY F 74 -40.77 -10.74 -20.11
N ILE F 75 -39.98 -10.66 -19.04
CA ILE F 75 -40.40 -11.19 -17.74
C ILE F 75 -41.35 -10.26 -17.01
N ILE F 76 -42.47 -10.82 -16.54
CA ILE F 76 -43.40 -10.09 -15.69
C ILE F 76 -43.25 -10.60 -14.27
N THR F 77 -42.61 -9.80 -13.41
CA THR F 77 -42.33 -10.21 -12.04
C THR F 77 -43.57 -10.76 -11.34
N ASN F 78 -44.73 -10.21 -11.69
CA ASN F 78 -45.99 -10.66 -11.09
C ASN F 78 -47.18 -10.37 -11.99
N TRP F 79 -48.01 -11.38 -12.20
CA TRP F 79 -49.18 -11.24 -13.07
C TRP F 79 -50.42 -10.79 -12.28
N ASP F 80 -50.43 -11.04 -10.98
CA ASP F 80 -51.58 -10.73 -10.15
C ASP F 80 -52.01 -9.27 -10.26
N ASP F 81 -51.04 -8.38 -10.42
CA ASP F 81 -51.33 -6.95 -10.50
C ASP F 81 -51.96 -6.59 -11.84
N MET F 82 -51.53 -7.25 -12.90
CA MET F 82 -52.03 -6.98 -14.25
C MET F 82 -53.53 -7.21 -14.35
N GLU F 83 -54.05 -8.13 -13.54
CA GLU F 83 -55.47 -8.47 -13.57
C GLU F 83 -56.33 -7.26 -13.20
N LYS F 84 -55.91 -6.53 -12.17
CA LYS F 84 -56.67 -5.38 -11.69
C LYS F 84 -56.32 -4.09 -12.44
N ILE F 85 -55.34 -4.17 -13.33
CA ILE F 85 -54.99 -3.04 -14.18
C ILE F 85 -55.93 -2.99 -15.38
N TRP F 86 -56.32 -4.16 -15.85
CA TRP F 86 -57.23 -4.27 -16.99
C TRP F 86 -58.68 -4.17 -16.53
N HIS F 87 -58.92 -4.39 -15.25
CA HIS F 87 -60.26 -4.28 -14.69
C HIS F 87 -60.67 -2.82 -14.54
N HIS F 88 -59.71 -1.91 -14.76
CA HIS F 88 -59.97 -0.48 -14.64
C HIS F 88 -60.23 0.13 -16.01
N THR F 89 -59.49 -0.32 -17.01
CA THR F 89 -59.57 0.26 -18.35
C THR F 89 -60.96 0.16 -18.97
N PHE F 90 -61.43 -1.08 -19.19
CA PHE F 90 -62.68 -1.31 -19.89
C PHE F 90 -63.91 -0.75 -19.18
N TYR F 91 -63.82 -0.56 -17.87
CA TYR F 91 -64.99 -0.24 -17.07
C TYR F 91 -65.00 1.22 -16.59
N ASN F 92 -63.98 1.59 -15.82
CA ASN F 92 -63.94 2.90 -15.17
C ASN F 92 -64.05 4.08 -16.14
N GLU F 93 -63.59 3.89 -17.38
CA GLU F 93 -63.61 4.95 -18.37
C GLU F 93 -64.50 4.60 -19.56
N LEU F 94 -64.20 3.48 -20.20
CA LEU F 94 -64.92 3.06 -21.40
C LEU F 94 -66.37 2.70 -21.09
N ARG F 95 -66.61 2.21 -19.88
CA ARG F 95 -67.95 1.89 -19.43
C ARG F 95 -68.59 0.82 -20.33
N VAL F 96 -67.77 -0.08 -20.86
CA VAL F 96 -68.25 -1.17 -21.69
C VAL F 96 -67.64 -2.49 -21.23
N ALA F 97 -68.35 -3.58 -21.44
CA ALA F 97 -67.90 -4.89 -20.98
C ALA F 97 -67.17 -5.67 -22.07
N PRO F 98 -66.02 -6.27 -21.73
CA PRO F 98 -65.32 -7.13 -22.69
C PRO F 98 -66.09 -8.43 -22.94
N GLU F 99 -67.02 -8.75 -22.04
CA GLU F 99 -67.89 -9.91 -22.22
C GLU F 99 -69.04 -9.53 -23.15
N GLU F 100 -68.69 -8.98 -24.30
CA GLU F 100 -69.69 -8.45 -25.24
C GLU F 100 -69.00 -8.06 -26.54
N HIS F 101 -67.82 -7.45 -26.43
CA HIS F 101 -67.08 -6.99 -27.60
C HIS F 101 -65.76 -7.75 -27.72
N PRO F 102 -65.26 -7.92 -28.96
CA PRO F 102 -63.95 -8.53 -29.15
C PRO F 102 -62.83 -7.70 -28.53
N THR F 103 -61.58 -8.06 -28.82
CA THR F 103 -60.44 -7.33 -28.27
C THR F 103 -59.22 -7.46 -29.18
N LEU F 104 -58.44 -6.38 -29.27
CA LEU F 104 -57.22 -6.38 -30.07
C LEU F 104 -56.03 -5.94 -29.23
N LEU F 105 -54.92 -6.66 -29.36
CA LEU F 105 -53.71 -6.35 -28.62
C LEU F 105 -52.49 -6.32 -29.54
N THR F 106 -51.35 -5.91 -29.00
CA THR F 106 -50.12 -5.86 -29.76
C THR F 106 -49.17 -6.97 -29.33
N GLU F 107 -48.32 -7.41 -30.25
CA GLU F 107 -47.38 -8.50 -29.96
C GLU F 107 -45.95 -7.99 -29.96
N ALA F 108 -45.26 -8.15 -28.83
CA ALA F 108 -43.86 -7.80 -28.74
C ALA F 108 -43.02 -8.92 -29.37
N PRO F 109 -42.44 -8.66 -30.55
CA PRO F 109 -41.69 -9.70 -31.27
C PRO F 109 -40.74 -10.48 -30.37
N LEU F 110 -40.68 -11.79 -30.57
CA LEU F 110 -39.78 -12.65 -29.82
C LEU F 110 -40.08 -12.63 -28.32
N ASN F 111 -41.36 -12.80 -27.98
CA ASN F 111 -41.77 -12.87 -26.58
C ASN F 111 -42.02 -14.33 -26.20
N PRO F 112 -41.55 -14.74 -25.01
CA PRO F 112 -41.73 -16.12 -24.55
C PRO F 112 -43.09 -16.70 -24.90
N LYS F 113 -43.10 -17.92 -25.42
CA LYS F 113 -44.33 -18.57 -25.87
C LYS F 113 -45.33 -18.72 -24.73
N ALA F 114 -44.82 -18.84 -23.50
CA ALA F 114 -45.67 -19.07 -22.34
C ALA F 114 -46.50 -17.84 -21.97
N ASN F 115 -46.03 -16.66 -22.39
CA ASN F 115 -46.70 -15.41 -22.05
C ASN F 115 -47.97 -15.18 -22.86
N ARG F 116 -47.91 -15.49 -24.15
CA ARG F 116 -49.06 -15.25 -25.04
C ARG F 116 -50.24 -16.12 -24.65
N GLU F 117 -49.97 -17.23 -23.97
CA GLU F 117 -51.01 -18.14 -23.53
C GLU F 117 -51.54 -17.75 -22.15
N LYS F 118 -50.65 -17.25 -21.30
CA LYS F 118 -51.04 -16.82 -19.97
C LYS F 118 -52.04 -15.69 -20.04
N MET F 119 -51.82 -14.76 -20.96
CA MET F 119 -52.72 -13.64 -21.16
C MET F 119 -54.08 -14.11 -21.64
N THR F 120 -54.08 -14.88 -22.73
CA THR F 120 -55.30 -15.38 -23.33
C THR F 120 -56.13 -16.17 -22.30
N GLN F 121 -55.44 -16.81 -21.37
CA GLN F 121 -56.11 -17.57 -20.32
C GLN F 121 -56.96 -16.66 -19.44
N ILE F 122 -56.49 -15.42 -19.24
CA ILE F 122 -57.21 -14.46 -18.42
C ILE F 122 -58.50 -14.02 -19.11
N MET F 123 -58.47 -13.97 -20.44
CA MET F 123 -59.62 -13.54 -21.22
C MET F 123 -60.65 -14.65 -21.39
N PHE F 124 -60.22 -15.76 -21.99
CA PHE F 124 -61.13 -16.86 -22.32
C PHE F 124 -61.76 -17.50 -21.09
N GLU F 125 -60.99 -17.65 -20.03
CA GLU F 125 -61.44 -18.39 -18.85
C GLU F 125 -62.28 -17.52 -17.91
N THR F 126 -61.89 -16.26 -17.74
CA THR F 126 -62.56 -15.38 -16.80
C THR F 126 -63.37 -14.28 -17.48
N PHE F 127 -62.73 -13.53 -18.39
CA PHE F 127 -63.39 -12.42 -19.06
C PHE F 127 -64.17 -12.87 -20.29
N ASN F 128 -64.31 -14.18 -20.47
CA ASN F 128 -65.08 -14.76 -21.55
C ASN F 128 -64.99 -13.97 -22.85
N VAL F 129 -63.92 -14.22 -23.61
CA VAL F 129 -63.70 -13.52 -24.87
C VAL F 129 -63.74 -14.50 -26.04
N PRO F 130 -64.91 -14.64 -26.69
CA PRO F 130 -65.04 -15.54 -27.83
C PRO F 130 -64.21 -15.12 -29.05
N ALA F 131 -63.80 -13.85 -29.11
CA ALA F 131 -63.06 -13.35 -30.25
C ALA F 131 -62.03 -12.31 -29.85
N MET F 132 -60.78 -12.55 -30.21
CA MET F 132 -59.70 -11.59 -29.98
C MET F 132 -58.50 -11.95 -30.83
N TYR F 133 -57.44 -11.14 -30.74
CA TYR F 133 -56.22 -11.37 -31.50
C TYR F 133 -55.10 -10.48 -30.98
N VAL F 134 -53.87 -10.83 -31.33
CA VAL F 134 -52.70 -10.07 -30.91
C VAL F 134 -51.75 -9.86 -32.09
N ALA F 135 -51.80 -8.67 -32.68
CA ALA F 135 -51.06 -8.39 -33.90
C ALA F 135 -49.66 -7.84 -33.60
N ILE F 136 -48.84 -7.71 -34.63
CA ILE F 136 -47.44 -7.33 -34.47
C ILE F 136 -47.23 -5.83 -34.67
N GLN F 137 -46.77 -5.17 -33.61
CA GLN F 137 -46.54 -3.73 -33.60
C GLN F 137 -46.27 -3.10 -34.97
N ALA F 138 -45.08 -3.30 -35.50
CA ALA F 138 -44.62 -2.57 -36.69
C ALA F 138 -45.56 -2.73 -37.89
N VAL F 139 -45.98 -3.97 -38.15
CA VAL F 139 -46.78 -4.26 -39.33
C VAL F 139 -48.07 -3.42 -39.40
N LEU F 140 -48.56 -2.98 -38.24
CA LEU F 140 -49.77 -2.17 -38.20
C LEU F 140 -49.50 -0.76 -38.67
N SER F 141 -48.38 -0.20 -38.23
CA SER F 141 -47.98 1.15 -38.63
C SER F 141 -47.83 1.22 -40.14
N LEU F 142 -47.58 0.07 -40.76
CA LEU F 142 -47.45 0.00 -42.21
C LEU F 142 -48.79 0.27 -42.89
N TYR F 143 -49.66 -0.75 -42.93
CA TYR F 143 -50.93 -0.66 -43.62
C TYR F 143 -51.70 0.63 -43.30
N ALA F 144 -51.19 1.76 -43.76
CA ALA F 144 -51.83 3.04 -43.52
C ALA F 144 -51.12 4.17 -44.29
N SER F 145 -51.02 4.03 -45.60
CA SER F 145 -50.35 5.05 -46.41
C SER F 145 -50.74 4.91 -47.89
N GLY F 146 -49.94 4.20 -48.67
CA GLY F 146 -50.24 4.01 -50.08
C GLY F 146 -49.12 3.38 -50.87
N ARG F 147 -48.61 2.25 -50.37
CA ARG F 147 -47.61 1.47 -51.08
C ARG F 147 -47.36 0.15 -50.37
N THR F 148 -46.89 -0.84 -51.13
CA THR F 148 -46.60 -2.16 -50.57
C THR F 148 -45.11 -2.46 -50.61
N THR F 149 -44.30 -1.40 -50.58
CA THR F 149 -42.85 -1.53 -50.61
C THR F 149 -42.19 -0.32 -49.90
N GLY F 150 -41.86 -0.46 -48.50
CA GLY F 150 -41.31 0.35 -47.23
C GLY F 150 -40.76 -0.45 -46.06
N ILE F 151 -39.67 0.05 -45.48
CA ILE F 151 -39.05 -0.58 -44.31
C ILE F 151 -39.44 0.20 -43.06
N VAL F 152 -39.80 -0.51 -41.99
CA VAL F 152 -40.30 0.13 -40.79
C VAL F 152 -39.39 -0.07 -39.58
N LEU F 153 -39.29 0.95 -38.75
CA LEU F 153 -38.55 0.88 -37.50
C LEU F 153 -39.45 1.39 -36.38
N ASP F 154 -40.10 0.45 -35.70
CA ASP F 154 -41.07 0.81 -34.66
C ASP F 154 -40.52 0.52 -33.26
N SER F 155 -40.69 1.48 -32.36
CA SER F 155 -40.23 1.35 -30.99
C SER F 155 -40.79 2.47 -30.13
N GLY F 156 -40.71 2.30 -28.81
CA GLY F 156 -41.20 3.30 -27.89
C GLY F 156 -40.56 3.17 -26.51
N ASP F 157 -41.18 2.37 -25.65
CA ASP F 157 -40.65 2.14 -24.30
C ASP F 157 -40.14 0.70 -24.15
N GLY F 158 -40.70 -0.22 -24.92
CA GLY F 158 -40.30 -1.61 -24.86
C GLY F 158 -38.89 -1.81 -25.36
N VAL F 159 -38.77 -2.34 -26.57
CA VAL F 159 -37.46 -2.58 -27.17
C VAL F 159 -37.47 -2.14 -28.64
N THR F 160 -36.29 -1.82 -29.17
CA THR F 160 -36.17 -1.33 -30.53
C THR F 160 -36.34 -2.46 -31.54
N HIS F 161 -37.06 -2.17 -32.63
CA HIS F 161 -37.29 -3.15 -33.68
C HIS F 161 -36.98 -2.57 -35.05
N ASN F 162 -36.00 -3.15 -35.74
CA ASN F 162 -35.68 -2.78 -37.11
C ASN F 162 -36.29 -3.77 -38.08
N VAL F 163 -37.57 -3.58 -38.40
CA VAL F 163 -38.30 -4.53 -39.23
C VAL F 163 -38.46 -4.04 -40.66
N PRO F 164 -37.67 -4.62 -41.59
CA PRO F 164 -37.84 -4.25 -43.00
C PRO F 164 -39.04 -4.94 -43.63
N ILE F 165 -40.22 -4.65 -43.10
CA ILE F 165 -41.46 -5.24 -43.62
C ILE F 165 -42.06 -4.37 -44.72
N TYR F 166 -41.97 -4.86 -45.96
CA TYR F 166 -42.52 -4.12 -47.10
C TYR F 166 -43.33 -5.05 -48.00
N GLU F 167 -42.65 -6.00 -48.63
CA GLU F 167 -43.31 -6.93 -49.54
C GLU F 167 -43.76 -8.18 -48.77
N GLY F 168 -43.01 -8.56 -47.75
CA GLY F 168 -43.33 -9.71 -46.94
C GLY F 168 -42.62 -9.66 -45.59
N TYR F 169 -42.78 -10.72 -44.79
CA TYR F 169 -42.14 -10.79 -43.47
C TYR F 169 -41.43 -12.11 -43.22
N ALA F 170 -40.26 -12.02 -42.59
CA ALA F 170 -39.49 -13.18 -42.14
C ALA F 170 -38.82 -13.95 -43.29
N LEU F 171 -37.49 -13.94 -43.29
CA LEU F 171 -36.71 -14.71 -44.26
C LEU F 171 -35.37 -15.22 -43.67
N PRO F 172 -34.34 -14.35 -43.53
CA PRO F 172 -33.19 -14.91 -42.83
C PRO F 172 -33.09 -14.46 -41.38
N HIS F 173 -32.76 -13.18 -41.17
CA HIS F 173 -32.64 -12.62 -39.84
C HIS F 173 -33.03 -11.14 -39.86
N ALA F 174 -32.52 -10.42 -40.86
CA ALA F 174 -32.86 -9.01 -41.09
C ALA F 174 -33.35 -8.30 -39.83
N ILE F 175 -34.57 -8.63 -39.41
CA ILE F 175 -35.18 -7.99 -38.25
C ILE F 175 -34.25 -8.05 -37.04
N MET F 176 -34.37 -7.06 -36.16
CA MET F 176 -33.52 -6.98 -34.97
C MET F 176 -34.35 -6.62 -33.74
N ARG F 177 -33.92 -7.10 -32.58
CA ARG F 177 -34.56 -6.77 -31.31
C ARG F 177 -33.51 -6.24 -30.35
N LEU F 178 -33.69 -4.99 -29.93
CA LEU F 178 -32.70 -4.33 -29.08
C LEU F 178 -33.35 -3.69 -27.85
N ASP F 179 -32.96 -4.17 -26.67
CA ASP F 179 -33.48 -3.62 -25.42
C ASP F 179 -32.83 -2.27 -25.14
N LEU F 180 -33.35 -1.22 -25.78
CA LEU F 180 -32.80 0.11 -25.63
C LEU F 180 -33.79 1.17 -26.12
N ALA F 181 -34.84 1.39 -25.34
CA ALA F 181 -35.88 2.35 -25.72
C ALA F 181 -36.67 2.85 -24.51
N GLY F 182 -37.01 4.13 -24.52
CA GLY F 182 -37.83 4.73 -23.50
C GLY F 182 -37.28 4.53 -22.09
N ARG F 183 -37.74 3.48 -21.42
CA ARG F 183 -37.34 3.19 -20.05
C ARG F 183 -35.82 3.21 -19.90
N ASP F 184 -35.12 2.80 -20.94
CA ASP F 184 -33.66 2.77 -20.91
C ASP F 184 -33.08 4.19 -20.88
N LEU F 185 -33.75 5.10 -21.57
CA LEU F 185 -33.31 6.50 -21.62
C LEU F 185 -33.56 7.18 -20.28
N THR F 186 -34.67 6.83 -19.65
CA THR F 186 -35.04 7.40 -18.35
C THR F 186 -34.09 6.92 -17.25
N ASP F 187 -33.53 5.73 -17.45
CA ASP F 187 -32.66 5.13 -16.45
C ASP F 187 -31.22 5.61 -16.57
N TYR F 188 -30.83 6.03 -17.77
CA TYR F 188 -29.45 6.42 -18.04
C TYR F 188 -29.13 7.85 -17.59
N LEU F 189 -30.12 8.73 -17.65
CA LEU F 189 -29.89 10.14 -17.34
C LEU F 189 -29.50 10.34 -15.88
N MET F 190 -30.24 9.70 -14.97
CA MET F 190 -29.98 9.85 -13.54
C MET F 190 -28.55 9.45 -13.19
N LYS F 191 -28.01 8.47 -13.91
CA LYS F 191 -26.65 8.01 -13.67
C LYS F 191 -25.64 9.06 -14.07
N ILE F 192 -25.91 9.74 -15.19
CA ILE F 192 -24.98 10.72 -15.73
C ILE F 192 -25.07 12.05 -14.99
N LEU F 193 -26.23 12.32 -14.38
CA LEU F 193 -26.44 13.56 -13.63
C LEU F 193 -25.60 13.58 -12.36
N THR F 194 -25.18 12.40 -11.91
CA THR F 194 -24.42 12.28 -10.67
C THR F 194 -23.04 12.95 -10.78
N GLU F 195 -22.58 13.19 -12.02
CA GLU F 195 -21.29 13.83 -12.23
C GLU F 195 -21.33 15.29 -11.80
N ARG F 196 -22.52 15.88 -11.84
CA ARG F 196 -22.70 17.28 -11.47
C ARG F 196 -23.19 17.41 -10.04
N GLY F 197 -23.52 16.28 -9.42
CA GLY F 197 -23.98 16.27 -8.04
C GLY F 197 -25.43 15.83 -7.95
N TYR F 198 -26.25 16.26 -8.91
CA TYR F 198 -27.66 15.91 -8.95
C TYR F 198 -27.83 14.39 -8.99
N SER F 199 -28.62 13.86 -8.07
CA SER F 199 -28.83 12.43 -7.97
C SER F 199 -30.28 12.11 -7.62
N PHE F 200 -31.13 12.02 -8.64
CA PHE F 200 -32.52 11.63 -8.45
C PHE F 200 -32.59 10.14 -8.12
N VAL F 201 -32.63 9.84 -6.82
CA VAL F 201 -32.45 8.47 -6.33
C VAL F 201 -33.69 7.58 -6.54
N THR F 202 -34.69 7.75 -5.68
CA THR F 202 -35.86 6.88 -5.70
C THR F 202 -36.54 6.83 -7.07
N THR F 203 -37.38 5.81 -7.26
CA THR F 203 -38.02 5.56 -8.55
C THR F 203 -39.16 6.54 -8.84
N ALA F 204 -39.55 7.31 -7.84
CA ALA F 204 -40.62 8.29 -8.03
C ALA F 204 -40.12 9.47 -8.86
N GLU F 205 -39.02 10.09 -8.42
CA GLU F 205 -38.43 11.20 -9.15
C GLU F 205 -37.78 10.73 -10.44
N ARG F 206 -37.53 9.42 -10.52
CA ARG F 206 -37.01 8.81 -11.74
C ARG F 206 -37.96 9.12 -12.90
N GLU F 207 -39.25 9.16 -12.60
CA GLU F 207 -40.27 9.46 -13.60
C GLU F 207 -40.24 10.93 -13.98
N ILE F 208 -39.92 11.78 -13.02
CA ILE F 208 -39.84 13.23 -13.26
C ILE F 208 -38.83 13.52 -14.36
N VAL F 209 -37.75 12.74 -14.39
CA VAL F 209 -36.74 12.85 -15.44
C VAL F 209 -37.38 12.69 -16.82
N ARG F 210 -38.22 11.67 -16.97
CA ARG F 210 -38.91 11.42 -18.23
C ARG F 210 -39.84 12.57 -18.59
N ASP F 211 -40.48 13.14 -17.58
CA ASP F 211 -41.42 14.25 -17.79
C ASP F 211 -40.68 15.49 -18.27
N ILE F 212 -39.59 15.81 -17.59
CA ILE F 212 -38.77 16.97 -17.96
C ILE F 212 -38.10 16.77 -19.32
N LYS F 213 -37.69 15.54 -19.59
CA LYS F 213 -37.00 15.22 -20.83
C LYS F 213 -37.77 15.65 -22.08
N GLU F 214 -39.07 15.35 -22.10
CA GLU F 214 -39.89 15.56 -23.28
C GLU F 214 -40.41 16.99 -23.41
N LYS F 215 -39.57 17.96 -23.05
CA LYS F 215 -39.96 19.36 -23.13
C LYS F 215 -38.85 20.26 -23.69
N LEU F 216 -37.60 19.89 -23.43
CA LEU F 216 -36.47 20.71 -23.85
C LEU F 216 -35.31 19.89 -24.40
N CYS F 217 -35.02 18.76 -23.75
CA CYS F 217 -33.89 17.92 -24.16
C CYS F 217 -33.92 17.60 -25.65
N TYR F 218 -32.73 17.55 -26.25
CA TYR F 218 -32.61 17.29 -27.68
C TYR F 218 -31.36 16.45 -27.96
N VAL F 219 -31.20 16.05 -29.22
CA VAL F 219 -30.10 15.16 -29.61
C VAL F 219 -28.95 15.94 -30.25
N ALA F 220 -27.72 15.55 -29.94
CA ALA F 220 -26.53 16.20 -30.47
C ALA F 220 -26.36 15.90 -31.95
N LEU F 221 -26.29 16.95 -32.77
CA LEU F 221 -25.99 16.78 -34.19
C LEU F 221 -24.58 16.27 -34.36
N ASP F 222 -23.64 16.96 -33.72
CA ASP F 222 -22.24 16.54 -33.71
C ASP F 222 -21.60 16.95 -32.38
N PHE F 223 -21.41 15.97 -31.50
CA PHE F 223 -20.93 16.24 -30.14
C PHE F 223 -19.61 17.01 -30.14
N GLU F 224 -18.82 16.86 -31.20
CA GLU F 224 -17.51 17.50 -31.28
C GLU F 224 -17.65 19.03 -31.34
N ASN F 225 -18.43 19.51 -32.30
CA ASN F 225 -18.61 20.94 -32.49
C ASN F 225 -19.45 21.58 -31.39
N GLU F 226 -20.37 20.79 -30.83
CA GLU F 226 -21.26 21.30 -29.78
C GLU F 226 -20.53 21.43 -28.45
N MET F 227 -19.41 20.72 -28.30
CA MET F 227 -18.63 20.77 -27.08
C MET F 227 -17.91 22.11 -26.97
N ALA F 228 -17.36 22.57 -28.09
CA ALA F 228 -16.67 23.86 -28.12
C ALA F 228 -17.67 25.01 -27.92
N THR F 229 -18.93 24.76 -28.26
CA THR F 229 -19.98 25.76 -28.11
C THR F 229 -20.31 25.99 -26.64
N ALA F 230 -19.92 25.05 -25.78
CA ALA F 230 -20.20 25.13 -24.36
C ALA F 230 -19.63 26.42 -23.75
N ALA F 231 -18.62 26.98 -24.39
CA ALA F 231 -17.99 28.21 -23.92
C ALA F 231 -19.03 29.32 -23.78
N SER F 232 -20.04 29.28 -24.64
CA SER F 232 -21.10 30.29 -24.62
C SER F 232 -22.24 29.85 -23.70
N SER F 233 -22.95 30.81 -23.13
CA SER F 233 -24.06 30.53 -22.23
C SER F 233 -25.37 31.06 -22.79
N SER F 234 -25.77 30.54 -23.95
CA SER F 234 -27.01 30.96 -24.60
C SER F 234 -27.77 29.76 -25.15
N SER F 235 -27.09 28.93 -25.93
CA SER F 235 -27.71 27.75 -26.50
C SER F 235 -27.61 26.57 -25.54
N LEU F 236 -26.74 26.68 -24.55
CA LEU F 236 -26.54 25.62 -23.58
C LEU F 236 -27.50 25.76 -22.40
N GLU F 237 -27.20 26.70 -21.50
CA GLU F 237 -27.95 26.86 -20.27
C GLU F 237 -29.45 27.03 -20.54
N LYS F 238 -30.22 25.99 -20.22
CA LYS F 238 -31.66 25.99 -20.43
C LYS F 238 -32.40 26.14 -19.10
N SER F 239 -33.49 26.90 -19.11
CA SER F 239 -34.23 27.22 -17.89
C SER F 239 -35.39 26.26 -17.66
N TYR F 240 -35.47 25.70 -16.46
CA TYR F 240 -36.56 24.81 -16.09
C TYR F 240 -36.68 24.77 -14.57
N GLU F 241 -37.27 25.81 -14.00
CA GLU F 241 -37.45 25.89 -12.56
C GLU F 241 -38.31 24.72 -12.07
N LEU F 242 -37.68 23.82 -11.31
CA LEU F 242 -38.38 22.66 -10.77
C LEU F 242 -39.71 23.09 -10.15
N PRO F 243 -40.81 22.41 -10.53
CA PRO F 243 -42.09 22.69 -9.87
C PRO F 243 -41.97 22.64 -8.35
N ASP F 244 -40.97 21.93 -7.85
CA ASP F 244 -40.68 21.92 -6.42
C ASP F 244 -40.07 23.26 -6.02
N GLY F 245 -38.83 23.52 -6.44
CA GLY F 245 -38.20 24.79 -6.18
C GLY F 245 -36.68 24.74 -6.24
N GLN F 246 -36.14 24.46 -7.42
CA GLN F 246 -34.70 24.45 -7.63
C GLN F 246 -34.38 24.28 -9.12
N VAL F 247 -33.88 25.35 -9.74
CA VAL F 247 -33.59 25.33 -11.17
C VAL F 247 -32.51 24.31 -11.52
N ILE F 248 -32.68 23.67 -12.68
CA ILE F 248 -31.67 22.74 -13.19
C ILE F 248 -31.27 23.16 -14.60
N THR F 249 -30.14 23.85 -14.71
CA THR F 249 -29.66 24.33 -16.00
C THR F 249 -29.17 23.19 -16.89
N ILE F 250 -30.11 22.50 -17.52
CA ILE F 250 -29.76 21.41 -18.42
C ILE F 250 -29.15 21.93 -19.72
N GLY F 251 -27.83 22.14 -19.71
CA GLY F 251 -27.14 22.64 -20.89
C GLY F 251 -26.48 21.52 -21.68
N ASN F 252 -25.38 21.00 -21.15
CA ASN F 252 -24.66 19.92 -21.80
C ASN F 252 -25.23 18.56 -21.39
N GLU F 253 -26.31 18.58 -20.62
CA GLU F 253 -26.95 17.36 -20.16
C GLU F 253 -28.03 16.92 -21.15
N ARG F 254 -28.52 17.85 -21.96
CA ARG F 254 -29.59 17.55 -22.91
C ARG F 254 -29.10 16.68 -24.05
N PHE F 255 -28.00 17.07 -24.68
CA PHE F 255 -27.50 16.38 -25.85
C PHE F 255 -26.39 15.39 -25.51
N ARG F 256 -26.30 15.02 -24.24
CA ARG F 256 -25.29 14.07 -23.78
C ARG F 256 -25.86 12.66 -23.75
N CYS F 257 -27.03 12.52 -23.14
CA CYS F 257 -27.68 11.22 -23.02
C CYS F 257 -28.05 10.61 -24.37
N PRO F 258 -28.66 11.39 -25.27
CA PRO F 258 -29.05 10.84 -26.58
C PRO F 258 -27.88 10.26 -27.36
N GLU F 259 -26.67 10.72 -27.08
CA GLU F 259 -25.48 10.23 -27.76
C GLU F 259 -25.35 8.71 -27.60
N THR F 260 -25.89 8.19 -26.50
CA THR F 260 -25.85 6.76 -26.23
C THR F 260 -26.56 5.98 -27.33
N LEU F 261 -27.58 6.58 -27.93
CA LEU F 261 -28.32 5.95 -29.01
C LEU F 261 -27.36 5.53 -30.12
N PHE F 262 -26.54 6.47 -30.56
CA PHE F 262 -25.59 6.22 -31.64
C PHE F 262 -24.34 5.51 -31.13
N GLN F 263 -24.12 5.58 -29.81
CA GLN F 263 -22.96 4.96 -29.19
C GLN F 263 -23.37 4.03 -28.05
N PRO F 264 -23.87 2.83 -28.40
CA PRO F 264 -24.21 1.82 -27.39
C PRO F 264 -23.00 1.34 -26.57
N SER F 265 -21.81 1.81 -26.94
CA SER F 265 -20.61 1.46 -26.19
C SER F 265 -20.67 2.02 -24.77
N PHE F 266 -21.53 3.01 -24.57
CA PHE F 266 -21.68 3.65 -23.27
C PHE F 266 -22.65 2.90 -22.36
N ILE F 267 -23.20 1.80 -22.86
CA ILE F 267 -24.10 0.97 -22.06
C ILE F 267 -23.70 -0.51 -22.10
N GLY F 268 -22.40 -0.76 -22.25
CA GLY F 268 -21.86 -2.11 -22.18
C GLY F 268 -22.46 -3.06 -23.19
N MET F 269 -22.16 -2.84 -24.46
CA MET F 269 -22.64 -3.70 -25.54
C MET F 269 -21.81 -3.47 -26.80
N GLU F 270 -21.91 -4.40 -27.74
CA GLU F 270 -21.14 -4.31 -28.98
C GLU F 270 -22.02 -3.77 -30.11
N SER F 271 -23.30 -3.58 -29.82
CA SER F 271 -24.24 -3.04 -30.80
C SER F 271 -23.74 -1.70 -31.32
N ALA F 272 -23.82 -1.50 -32.62
CA ALA F 272 -23.39 -0.26 -33.25
C ALA F 272 -24.55 0.71 -33.33
N GLY F 273 -24.29 1.92 -33.82
CA GLY F 273 -25.32 2.93 -33.96
C GLY F 273 -26.47 2.43 -34.82
N ILE F 274 -27.62 3.11 -34.70
CA ILE F 274 -28.82 2.71 -35.45
C ILE F 274 -28.64 2.80 -36.97
N HIS F 275 -27.55 3.41 -37.42
CA HIS F 275 -27.29 3.53 -38.85
C HIS F 275 -26.49 2.34 -39.36
N GLU F 276 -25.89 1.59 -38.45
CA GLU F 276 -25.20 0.35 -38.81
C GLU F 276 -26.22 -0.78 -38.87
N THR F 277 -27.11 -0.83 -37.89
CA THR F 277 -28.18 -1.82 -37.87
C THR F 277 -29.03 -1.70 -39.13
N THR F 278 -29.11 -0.49 -39.66
CA THR F 278 -29.82 -0.27 -40.91
C THR F 278 -29.17 -1.08 -42.03
N TYR F 279 -27.85 -1.04 -42.09
CA TYR F 279 -27.10 -1.83 -43.06
C TYR F 279 -27.27 -3.30 -42.78
N ASN F 280 -27.29 -3.65 -41.50
CA ASN F 280 -27.42 -5.04 -41.06
C ASN F 280 -28.70 -5.69 -41.56
N SER F 281 -29.72 -4.87 -41.83
CA SER F 281 -31.00 -5.38 -42.30
C SER F 281 -31.13 -5.27 -43.82
N ILE F 282 -30.21 -4.54 -44.45
CA ILE F 282 -30.25 -4.33 -45.89
C ILE F 282 -29.31 -5.28 -46.62
N MET F 283 -28.15 -5.51 -46.03
CA MET F 283 -27.13 -6.36 -46.65
C MET F 283 -27.58 -7.82 -46.73
N LYS F 284 -28.51 -8.22 -45.88
CA LYS F 284 -28.97 -9.60 -45.84
C LYS F 284 -29.87 -9.94 -47.02
N CYS F 285 -30.82 -9.05 -47.31
CA CYS F 285 -31.77 -9.28 -48.37
C CYS F 285 -31.09 -9.30 -49.74
N ASP F 286 -31.88 -9.48 -50.79
CA ASP F 286 -31.36 -9.57 -52.15
C ASP F 286 -30.61 -8.30 -52.55
N ILE F 287 -29.94 -8.34 -53.69
CA ILE F 287 -29.18 -7.21 -54.18
C ILE F 287 -30.07 -6.16 -54.86
N ASP F 288 -31.05 -6.62 -55.63
CA ASP F 288 -31.94 -5.73 -56.37
C ASP F 288 -33.13 -5.29 -55.52
N ILE F 289 -32.93 -5.17 -54.21
CA ILE F 289 -34.00 -4.78 -53.30
C ILE F 289 -33.67 -3.47 -52.60
N ARG F 290 -32.41 -3.05 -52.69
CA ARG F 290 -31.93 -1.91 -51.90
C ARG F 290 -32.39 -0.57 -52.45
N LYS F 291 -32.19 -0.34 -53.74
CA LYS F 291 -32.46 0.96 -54.35
C LYS F 291 -33.80 1.55 -53.95
N ASP F 292 -34.79 0.70 -53.68
CA ASP F 292 -36.13 1.17 -53.32
C ASP F 292 -36.32 1.24 -51.80
N LEU F 293 -35.47 0.56 -51.05
CA LEU F 293 -35.55 0.60 -49.59
C LEU F 293 -35.10 1.96 -49.09
N TYR F 294 -34.01 2.47 -49.65
CA TYR F 294 -33.51 3.79 -49.29
C TYR F 294 -34.53 4.85 -49.64
N ALA F 295 -35.32 4.59 -50.68
CA ALA F 295 -36.34 5.53 -51.13
C ALA F 295 -37.51 5.59 -50.16
N ASN F 296 -37.54 4.66 -49.21
CA ASN F 296 -38.63 4.61 -48.23
C ASN F 296 -38.21 3.93 -46.93
N ASN F 297 -38.12 4.73 -45.87
CA ASN F 297 -37.79 4.20 -44.55
C ASN F 297 -38.75 4.76 -43.49
N VAL F 298 -39.65 3.90 -43.02
CA VAL F 298 -40.64 4.32 -42.04
C VAL F 298 -40.04 4.36 -40.63
N MET F 299 -40.21 5.50 -39.96
CA MET F 299 -39.72 5.66 -38.59
C MET F 299 -40.88 6.00 -37.65
N SER F 300 -41.39 4.98 -36.97
CA SER F 300 -42.52 5.15 -36.06
C SER F 300 -42.06 5.12 -34.60
N GLY F 301 -42.88 5.71 -33.72
CA GLY F 301 -42.57 5.79 -32.31
C GLY F 301 -42.36 7.22 -31.85
N GLY F 302 -43.07 7.61 -30.79
CA GLY F 302 -42.97 8.96 -30.27
C GLY F 302 -41.58 9.31 -29.78
N THR F 303 -40.76 8.29 -29.59
CA THR F 303 -39.37 8.49 -29.19
C THR F 303 -38.61 9.28 -30.26
N THR F 304 -39.07 9.18 -31.50
CA THR F 304 -38.42 9.85 -32.62
C THR F 304 -38.95 11.27 -32.80
N MET F 305 -39.22 11.94 -31.70
CA MET F 305 -39.66 13.34 -31.73
C MET F 305 -38.61 14.26 -31.13
N TYR F 306 -37.51 13.68 -30.66
CA TYR F 306 -36.42 14.46 -30.09
C TYR F 306 -35.77 15.31 -31.17
N PRO F 307 -35.68 16.64 -30.95
CA PRO F 307 -35.05 17.50 -31.95
C PRO F 307 -33.63 17.07 -32.28
N GLY F 308 -33.40 16.67 -33.53
CA GLY F 308 -32.09 16.22 -33.96
C GLY F 308 -32.00 14.71 -34.06
N ILE F 309 -33.08 14.09 -34.52
CA ILE F 309 -33.15 12.63 -34.62
C ILE F 309 -33.22 12.16 -36.07
N ALA F 310 -33.80 12.98 -36.93
CA ALA F 310 -33.98 12.62 -38.34
C ALA F 310 -32.83 13.15 -39.19
N ASP F 311 -32.42 14.38 -38.94
CA ASP F 311 -31.35 15.01 -39.72
C ASP F 311 -30.02 14.30 -39.58
N ARG F 312 -29.85 13.55 -38.49
CA ARG F 312 -28.61 12.82 -38.27
C ARG F 312 -28.55 11.57 -39.14
N MET F 313 -29.72 11.00 -39.45
CA MET F 313 -29.80 9.77 -40.22
C MET F 313 -29.22 9.95 -41.62
N GLN F 314 -29.52 11.09 -42.24
CA GLN F 314 -29.04 11.38 -43.58
C GLN F 314 -27.51 11.52 -43.63
N LYS F 315 -26.91 11.83 -42.47
CA LYS F 315 -25.48 12.05 -42.40
C LYS F 315 -24.71 10.73 -42.31
N GLU F 316 -25.26 9.77 -41.59
CA GLU F 316 -24.57 8.52 -41.31
C GLU F 316 -24.89 7.42 -42.32
N ILE F 317 -26.12 7.45 -42.86
CA ILE F 317 -26.54 6.43 -43.82
C ILE F 317 -25.86 6.64 -45.17
N THR F 318 -25.74 7.89 -45.59
CA THR F 318 -25.13 8.22 -46.87
C THR F 318 -23.61 8.01 -46.85
N ALA F 319 -23.07 7.76 -45.67
CA ALA F 319 -21.63 7.62 -45.51
C ALA F 319 -21.13 6.26 -45.99
N LEU F 320 -21.42 5.22 -45.21
CA LEU F 320 -20.96 3.87 -45.53
C LEU F 320 -22.08 3.04 -46.14
N ALA F 321 -22.53 3.44 -47.33
CA ALA F 321 -23.58 2.72 -48.05
C ALA F 321 -23.65 3.19 -49.49
N PRO F 322 -24.22 2.37 -50.38
CA PRO F 322 -24.40 2.77 -51.78
C PRO F 322 -25.01 4.17 -51.89
N SER F 323 -24.52 4.96 -52.83
CA SER F 323 -24.93 6.35 -52.95
C SER F 323 -25.21 6.74 -54.41
N THR F 324 -26.22 6.11 -54.99
CA THR F 324 -26.66 6.47 -56.34
C THR F 324 -28.18 6.34 -56.49
N MET F 325 -28.88 6.15 -55.38
CA MET F 325 -30.34 6.12 -55.39
C MET F 325 -30.89 7.25 -54.54
N LYS F 326 -32.20 7.30 -54.39
CA LYS F 326 -32.85 8.34 -53.59
C LYS F 326 -32.90 7.94 -52.11
N ILE F 327 -31.99 8.51 -51.31
CA ILE F 327 -32.01 8.29 -49.87
C ILE F 327 -33.16 9.08 -49.26
N LYS F 328 -34.11 8.37 -48.67
CA LYS F 328 -35.34 8.99 -48.20
C LYS F 328 -35.94 8.23 -47.02
N ILE F 329 -36.10 8.90 -45.89
CA ILE F 329 -36.68 8.30 -44.70
C ILE F 329 -38.04 8.90 -44.36
N ILE F 330 -39.07 8.07 -44.35
CA ILE F 330 -40.40 8.52 -43.94
C ILE F 330 -40.53 8.47 -42.43
N ALA F 331 -40.44 9.64 -41.80
CA ALA F 331 -40.64 9.74 -40.36
C ALA F 331 -41.97 10.45 -40.09
N PRO F 332 -43.06 9.68 -40.03
CA PRO F 332 -44.38 10.28 -39.80
C PRO F 332 -44.34 11.33 -38.69
N PRO F 333 -44.99 12.48 -38.89
CA PRO F 333 -44.95 13.55 -37.89
C PRO F 333 -45.42 13.05 -36.52
N GLU F 334 -46.68 12.65 -36.41
CA GLU F 334 -47.16 12.02 -35.19
C GLU F 334 -47.08 10.51 -35.40
N ARG F 335 -45.89 9.96 -35.17
CA ARG F 335 -45.61 8.57 -35.48
C ARG F 335 -45.79 7.66 -34.28
N LYS F 336 -46.29 8.22 -33.18
CA LYS F 336 -46.51 7.44 -31.97
C LYS F 336 -47.79 6.64 -32.07
N TYR F 337 -48.80 7.19 -32.74
CA TYR F 337 -50.09 6.55 -32.86
C TYR F 337 -50.20 5.75 -34.16
N SER F 338 -49.11 5.70 -34.92
CA SER F 338 -49.09 4.97 -36.19
C SER F 338 -49.56 3.53 -36.00
N VAL F 339 -49.30 2.97 -34.83
CA VAL F 339 -49.73 1.61 -34.52
C VAL F 339 -51.23 1.60 -34.22
N TRP F 340 -51.70 2.67 -33.58
CA TRP F 340 -53.11 2.78 -33.22
C TRP F 340 -53.97 2.97 -34.47
N ILE F 341 -53.44 3.69 -35.45
CA ILE F 341 -54.14 3.92 -36.70
C ILE F 341 -54.36 2.60 -37.42
N GLY F 342 -53.32 1.76 -37.42
CA GLY F 342 -53.40 0.45 -38.04
C GLY F 342 -54.22 -0.52 -37.21
N GLY F 343 -54.27 -0.29 -35.91
CA GLY F 343 -55.03 -1.16 -35.02
C GLY F 343 -56.52 -1.07 -35.27
N SER F 344 -57.01 0.15 -35.46
CA SER F 344 -58.43 0.38 -35.72
C SER F 344 -58.87 -0.32 -37.01
N ILE F 345 -57.89 -0.60 -37.88
CA ILE F 345 -58.17 -1.25 -39.16
C ILE F 345 -58.39 -2.75 -38.97
N LEU F 346 -57.40 -3.43 -38.41
CA LEU F 346 -57.49 -4.87 -38.19
C LEU F 346 -58.77 -5.26 -37.47
N ALA F 347 -59.18 -4.43 -36.51
CA ALA F 347 -60.38 -4.70 -35.73
C ALA F 347 -61.64 -4.60 -36.59
N SER F 348 -61.52 -3.94 -37.74
CA SER F 348 -62.67 -3.73 -38.63
C SER F 348 -62.60 -4.59 -39.88
N LEU F 349 -61.45 -5.21 -40.12
CA LEU F 349 -61.27 -6.05 -41.30
C LEU F 349 -62.19 -7.27 -41.21
N SER F 350 -62.58 -7.80 -42.36
CA SER F 350 -63.40 -9.01 -42.42
C SER F 350 -62.49 -10.21 -42.68
N THR F 351 -61.47 -10.00 -43.51
CA THR F 351 -60.46 -11.02 -43.73
C THR F 351 -59.83 -11.40 -42.40
N PHE F 352 -59.94 -10.48 -41.44
CA PHE F 352 -59.48 -10.71 -40.07
C PHE F 352 -59.96 -12.07 -39.54
N GLN F 353 -61.13 -12.52 -40.02
CA GLN F 353 -61.68 -13.80 -39.62
C GLN F 353 -60.73 -14.95 -39.96
N GLN F 354 -59.98 -14.78 -41.05
CA GLN F 354 -59.01 -15.78 -41.48
C GLN F 354 -57.83 -15.86 -40.52
N MET F 355 -57.68 -14.86 -39.66
CA MET F 355 -56.52 -14.75 -38.79
C MET F 355 -56.87 -14.89 -37.31
N TRP F 356 -57.96 -14.26 -36.90
CA TRP F 356 -58.31 -14.20 -35.48
C TRP F 356 -58.59 -15.58 -34.88
N ILE F 357 -58.83 -15.61 -33.57
CA ILE F 357 -59.09 -16.86 -32.86
C ILE F 357 -60.50 -16.87 -32.29
N THR F 358 -61.21 -17.97 -32.50
CA THR F 358 -62.57 -18.13 -31.98
C THR F 358 -62.54 -18.94 -30.70
N LYS F 359 -63.56 -18.76 -29.86
CA LYS F 359 -63.66 -19.46 -28.58
C LYS F 359 -63.26 -20.93 -28.69
N GLN F 360 -63.95 -21.65 -29.57
CA GLN F 360 -63.74 -23.10 -29.68
C GLN F 360 -62.35 -23.43 -30.22
N GLU F 361 -61.81 -22.56 -31.05
CA GLU F 361 -60.50 -22.78 -31.67
C GLU F 361 -59.39 -22.88 -30.62
N TYR F 362 -59.61 -22.29 -29.46
CA TYR F 362 -58.60 -22.28 -28.40
C TYR F 362 -58.56 -23.62 -27.66
N ASP F 363 -59.68 -24.34 -27.69
CA ASP F 363 -59.78 -25.61 -26.97
C ASP F 363 -59.39 -26.79 -27.86
N GLU F 364 -59.61 -26.65 -29.16
CA GLU F 364 -59.34 -27.74 -30.09
C GLU F 364 -57.84 -27.96 -30.29
N ALA F 365 -57.09 -26.87 -30.44
CA ALA F 365 -55.66 -26.96 -30.67
C ALA F 365 -54.86 -26.65 -29.40
N GLY F 366 -55.56 -26.56 -28.28
CA GLY F 366 -54.91 -26.27 -27.02
C GLY F 366 -54.52 -24.81 -26.90
N PRO F 367 -53.72 -24.47 -25.88
CA PRO F 367 -53.31 -23.09 -25.62
C PRO F 367 -52.41 -22.52 -26.73
N SER F 368 -51.56 -23.36 -27.32
CA SER F 368 -50.61 -22.92 -28.33
C SER F 368 -51.30 -22.47 -29.62
N ILE F 369 -52.61 -22.71 -29.70
CA ILE F 369 -53.41 -22.35 -30.88
C ILE F 369 -52.92 -21.10 -31.60
N VAL F 370 -52.55 -20.08 -30.84
CA VAL F 370 -52.20 -18.78 -31.41
C VAL F 370 -50.93 -18.88 -32.28
N HIS F 371 -49.77 -18.87 -31.64
CA HIS F 371 -48.50 -18.80 -32.36
C HIS F 371 -48.03 -20.16 -32.86
N ARG F 372 -48.90 -21.15 -32.83
CA ARG F 372 -48.59 -22.45 -33.40
C ARG F 372 -49.11 -22.52 -34.82
N LYS F 373 -50.05 -21.63 -35.16
CA LYS F 373 -50.64 -21.59 -36.49
C LYS F 373 -50.21 -20.33 -37.24
N CYS F 374 -50.32 -19.19 -36.58
CA CYS F 374 -49.96 -17.91 -37.21
C CYS F 374 -48.47 -17.62 -37.00
N PHE F 375 -48.06 -16.40 -37.33
CA PHE F 375 -46.68 -15.98 -37.13
C PHE F 375 -46.64 -14.62 -36.45
N ASP G 1 -76.11 6.69 26.07
CA ASP G 1 -77.01 7.21 27.13
C ASP G 1 -77.50 6.10 28.06
N GLU G 2 -78.03 5.03 27.48
CA GLU G 2 -78.54 3.90 28.26
C GLU G 2 -78.20 2.57 27.61
N ASP G 3 -78.79 2.32 26.43
CA ASP G 3 -78.56 1.09 25.70
C ASP G 3 -77.14 1.10 25.13
N GLU G 4 -76.55 -0.09 25.00
CA GLU G 4 -75.19 -0.23 24.51
C GLU G 4 -74.20 0.33 25.53
N THR G 5 -73.13 -0.41 25.79
CA THR G 5 -72.19 -0.07 26.86
C THR G 5 -71.84 1.42 26.90
N THR G 6 -71.67 2.02 25.73
CA THR G 6 -71.35 3.45 25.64
C THR G 6 -70.01 3.77 26.29
N ALA G 7 -69.03 4.13 25.46
CA ALA G 7 -67.66 4.36 25.93
C ALA G 7 -67.40 5.82 26.25
N LEU G 8 -66.47 6.06 27.17
CA LEU G 8 -66.09 7.42 27.56
C LEU G 8 -65.03 7.97 26.62
N VAL G 9 -64.66 9.23 26.82
CA VAL G 9 -63.62 9.88 26.03
C VAL G 9 -62.68 10.64 26.95
N CYS G 10 -61.38 10.39 26.80
CA CYS G 10 -60.39 11.02 27.67
C CYS G 10 -59.10 11.34 26.91
N ASP G 11 -58.28 12.21 27.49
CA ASP G 11 -57.01 12.59 26.90
C ASP G 11 -56.09 13.19 27.96
N ASN G 12 -55.29 12.33 28.59
CA ASN G 12 -54.40 12.75 29.66
C ASN G 12 -53.05 13.23 29.14
N GLY G 13 -52.59 14.36 29.66
CA GLY G 13 -51.29 14.88 29.31
C GLY G 13 -50.39 14.98 30.52
N SER G 14 -49.33 15.79 30.42
CA SER G 14 -48.41 15.98 31.52
C SER G 14 -48.58 17.35 32.16
N GLY G 15 -49.78 17.92 32.01
CA GLY G 15 -50.07 19.23 32.55
C GLY G 15 -51.55 19.46 32.77
N LEU G 16 -52.36 19.08 31.79
CA LEU G 16 -53.81 19.27 31.86
C LEU G 16 -54.53 18.03 31.37
N VAL G 17 -55.51 17.57 32.16
CA VAL G 17 -56.27 16.38 31.81
C VAL G 17 -57.60 16.76 31.16
N LYS G 18 -57.90 16.09 30.05
CA LYS G 18 -59.15 16.35 29.32
C LYS G 18 -60.05 15.11 29.36
N ALA G 19 -61.21 15.24 30.00
CA ALA G 19 -62.15 14.13 30.12
C ALA G 19 -63.56 14.65 30.32
N GLY G 20 -64.53 13.95 29.74
CA GLY G 20 -65.93 14.31 29.86
C GLY G 20 -66.80 13.07 29.95
N PHE G 21 -68.10 13.25 29.67
CA PHE G 21 -69.03 12.12 29.69
C PHE G 21 -68.78 11.24 28.46
N ALA G 22 -69.83 10.60 27.95
CA ALA G 22 -69.69 9.70 26.81
C ALA G 22 -70.42 10.22 25.58
N GLY G 23 -69.87 9.92 24.41
CA GLY G 23 -70.47 10.33 23.15
C GLY G 23 -70.53 11.83 22.99
N ASP G 24 -69.63 12.54 23.66
CA ASP G 24 -69.60 14.00 23.60
C ASP G 24 -68.70 14.49 22.48
N ASP G 25 -68.66 15.81 22.29
CA ASP G 25 -67.85 16.43 21.24
C ASP G 25 -66.61 17.10 21.83
N ALA G 26 -66.74 17.59 23.05
CA ALA G 26 -65.65 18.33 23.69
C ALA G 26 -65.56 17.96 25.17
N PRO G 27 -64.38 18.17 25.79
CA PRO G 27 -64.22 17.80 27.19
C PRO G 27 -65.16 18.57 28.13
N ARG G 28 -65.76 17.87 29.07
CA ARG G 28 -66.70 18.47 30.01
C ARG G 28 -66.03 18.87 31.32
N ALA G 29 -64.97 18.13 31.67
CA ALA G 29 -64.23 18.42 32.89
C ALA G 29 -62.72 18.43 32.61
N VAL G 30 -62.12 19.61 32.71
CA VAL G 30 -60.68 19.75 32.50
C VAL G 30 -59.98 20.27 33.75
N PHE G 31 -59.70 19.35 34.68
CA PHE G 31 -59.06 19.69 35.93
C PHE G 31 -57.54 19.70 35.77
N PRO G 32 -56.85 20.56 36.53
CA PRO G 32 -55.38 20.65 36.45
C PRO G 32 -54.69 19.46 37.10
N SER G 33 -53.50 19.13 36.61
CA SER G 33 -52.75 17.99 37.13
C SER G 33 -51.78 18.46 38.21
N ILE G 34 -52.27 18.54 39.44
CA ILE G 34 -51.45 18.98 40.57
C ILE G 34 -51.73 18.14 41.82
N VAL G 35 -50.67 17.80 42.54
CA VAL G 35 -50.82 17.01 43.76
C VAL G 35 -49.60 17.18 44.67
N GLY G 36 -49.75 18.00 45.69
CA GLY G 36 -48.67 18.27 46.63
C GLY G 36 -49.03 17.88 48.05
N ARG G 37 -48.15 18.21 48.99
CA ARG G 37 -48.37 17.90 50.39
C ARG G 37 -48.50 19.17 51.23
N PRO G 38 -48.75 18.99 52.52
CA PRO G 38 -48.89 20.13 53.44
C PRO G 38 -47.63 20.15 54.26
N ARG G 39 -46.58 20.56 53.61
CA ARG G 39 -45.22 20.56 54.18
C ARG G 39 -45.25 21.09 55.65
N HIS G 40 -46.26 21.97 55.81
CA HIS G 40 -46.72 22.65 56.96
C HIS G 40 -47.32 21.85 58.17
N GLN G 41 -48.18 20.74 57.98
CA GLN G 41 -48.91 19.88 59.08
C GLN G 41 -50.46 20.11 59.15
N GLY G 42 -51.10 20.32 57.97
CA GLY G 42 -52.59 20.45 57.73
C GLY G 42 -53.57 21.07 58.74
N VAL G 43 -53.16 21.35 59.95
CA VAL G 43 -53.99 21.62 61.13
C VAL G 43 -53.92 20.11 61.84
N MET G 44 -53.41 19.13 60.92
CA MET G 44 -53.18 17.63 61.00
C MET G 44 -54.40 16.81 61.42
N VAL G 45 -55.12 17.36 62.42
CA VAL G 45 -56.46 16.94 62.92
C VAL G 45 -57.61 17.69 62.12
N GLY G 46 -57.38 18.98 61.59
CA GLY G 46 -58.43 19.71 60.77
C GLY G 46 -58.50 19.21 59.31
N MET G 47 -58.41 17.87 59.39
CA MET G 47 -58.46 16.77 58.47
C MET G 47 -57.07 16.11 58.38
N GLY G 48 -57.08 14.71 58.34
CA GLY G 48 -55.86 13.81 58.26
C GLY G 48 -55.19 14.01 56.96
N GLN G 49 -54.78 15.30 56.82
CA GLN G 49 -54.28 16.00 55.67
C GLN G 49 -54.49 15.25 54.32
N LYS G 50 -53.64 14.19 54.19
CA LYS G 50 -53.38 13.35 53.06
C LYS G 50 -53.33 14.07 51.68
N ASP G 51 -54.57 14.14 51.12
CA ASP G 51 -55.00 14.52 49.77
C ASP G 51 -54.27 15.51 48.98
N SER G 52 -52.91 15.65 49.14
CA SER G 52 -52.00 16.64 48.45
C SER G 52 -52.62 17.92 47.78
N TYR G 53 -53.93 17.82 47.84
CA TYR G 53 -55.01 18.53 47.27
C TYR G 53 -54.94 18.40 45.73
N VAL G 54 -56.10 18.22 45.10
CA VAL G 54 -56.17 18.09 43.65
C VAL G 54 -57.41 18.76 43.09
N GLY G 55 -57.60 18.65 41.79
CA GLY G 55 -58.75 19.24 41.12
C GLY G 55 -58.98 20.68 41.53
N ASP G 56 -60.12 21.23 41.13
CA ASP G 56 -60.47 22.61 41.46
C ASP G 56 -60.24 22.89 42.95
N GLU G 57 -60.10 21.84 43.73
CA GLU G 57 -59.87 21.96 45.17
C GLU G 57 -58.48 22.49 45.47
N ALA G 58 -57.47 21.89 44.82
CA ALA G 58 -56.09 22.30 45.01
C ALA G 58 -55.80 23.62 44.30
N GLN G 59 -56.21 23.72 43.04
CA GLN G 59 -55.96 24.92 42.25
C GLN G 59 -56.58 26.15 42.89
N SER G 60 -57.70 25.96 43.59
CA SER G 60 -58.37 27.07 44.26
C SER G 60 -57.52 27.61 45.41
N LYS G 61 -56.89 26.70 46.14
CA LYS G 61 -56.06 27.07 47.28
C LYS G 61 -54.66 26.46 47.17
N ARG G 62 -53.79 27.11 46.40
CA ARG G 62 -52.41 26.67 46.27
C ARG G 62 -51.66 26.97 47.56
N GLY G 63 -51.69 28.24 47.96
CA GLY G 63 -51.03 28.70 49.17
C GLY G 63 -50.25 27.68 49.97
N ILE G 64 -50.98 26.79 50.65
CA ILE G 64 -50.37 25.86 51.59
C ILE G 64 -50.18 24.48 50.96
N LEU G 65 -49.82 24.46 49.68
CA LEU G 65 -49.64 23.21 48.97
C LEU G 65 -48.27 23.16 48.30
N THR G 66 -47.47 22.17 48.68
CA THR G 66 -46.18 21.93 48.05
C THR G 66 -46.39 21.09 46.79
N LEU G 67 -46.88 21.74 45.74
CA LEU G 67 -47.24 21.05 44.50
C LEU G 67 -46.10 20.15 44.01
N LYS G 68 -46.31 18.85 44.14
CA LYS G 68 -45.31 17.86 43.72
C LYS G 68 -45.68 17.30 42.36
N TYR G 69 -44.80 17.49 41.38
CA TYR G 69 -45.06 17.05 40.01
C TYR G 69 -44.72 15.57 39.85
N PRO G 70 -45.73 14.73 39.59
CA PRO G 70 -45.47 13.29 39.45
C PRO G 70 -44.96 12.90 38.07
N ILE G 71 -45.60 13.41 37.03
CA ILE G 71 -45.27 13.03 35.66
C ILE G 71 -44.36 14.05 34.99
N GLU G 72 -43.08 13.69 34.85
CA GLU G 72 -42.12 14.51 34.13
C GLU G 72 -41.63 13.75 32.90
N HIC G 73 -41.90 14.31 31.70
CA HIC G 73 -41.64 13.59 30.34
C HIC G 73 -41.06 12.11 30.49
O HIC G 73 -39.84 11.97 30.69
CB HIC G 73 -40.61 14.35 29.40
CG HIC G 73 -39.30 14.47 30.08
ND1 HIC G 73 -38.13 13.87 29.58
CD2 HIC G 73 -39.04 15.17 31.26
CE1 HIC G 73 -37.15 14.20 30.45
NE2 HIC G 73 -37.67 14.99 31.48
CZ HIC G 73 -36.94 15.53 32.60
N GLY G 74 -41.93 11.11 30.42
CA GLY G 74 -41.50 9.72 30.48
C GLY G 74 -41.58 9.13 31.88
N ILE G 75 -40.72 9.62 32.76
CA ILE G 75 -40.63 9.07 34.12
C ILE G 75 -41.72 9.60 35.04
N ILE G 76 -42.40 8.69 35.72
CA ILE G 76 -43.36 9.05 36.75
C ILE G 76 -42.76 8.76 38.11
N THR G 77 -42.36 9.83 38.80
CA THR G 77 -41.68 9.69 40.09
C THR G 77 -42.43 8.76 41.04
N ASN G 78 -43.75 8.74 40.94
CA ASN G 78 -44.57 7.88 41.79
C ASN G 78 -45.93 7.60 41.16
N TRP G 79 -46.30 6.32 41.12
CA TRP G 79 -47.56 5.90 40.52
C TRP G 79 -48.70 5.88 41.53
N ASP G 80 -48.36 5.76 42.81
CA ASP G 80 -49.36 5.64 43.86
C ASP G 80 -50.36 6.79 43.83
N ASP G 81 -49.90 7.98 43.47
CA ASP G 81 -50.75 9.17 43.45
C ASP G 81 -51.73 9.13 42.28
N MET G 82 -51.26 8.60 41.15
CA MET G 82 -52.08 8.54 39.94
C MET G 82 -53.34 7.71 40.15
N GLU G 83 -53.27 6.74 41.05
CA GLU G 83 -54.41 5.86 41.32
C GLU G 83 -55.60 6.64 41.86
N LYS G 84 -55.33 7.56 42.77
CA LYS G 84 -56.40 8.35 43.40
C LYS G 84 -56.74 9.59 42.59
N ILE G 85 -56.01 9.84 41.51
CA ILE G 85 -56.32 10.94 40.61
C ILE G 85 -57.40 10.50 39.62
N TRP G 86 -57.36 9.23 39.25
CA TRP G 86 -58.34 8.67 38.32
C TRP G 86 -59.60 8.21 39.06
N HIS G 87 -59.47 8.03 40.38
CA HIS G 87 -60.61 7.64 41.20
C HIS G 87 -61.54 8.83 41.43
N HIS G 88 -61.10 10.01 41.02
CA HIS G 88 -61.89 11.23 41.18
C HIS G 88 -62.64 11.56 39.90
N THR G 89 -61.99 11.36 38.76
CA THR G 89 -62.55 11.74 37.47
C THR G 89 -63.86 11.03 37.15
N PHE G 90 -63.81 9.70 37.03
CA PHE G 90 -64.96 8.92 36.60
C PHE G 90 -66.16 9.00 37.55
N TYR G 91 -65.91 9.33 38.81
CA TYR G 91 -66.94 9.22 39.84
C TYR G 91 -67.46 10.58 40.31
N ASN G 92 -66.56 11.39 40.86
CA ASN G 92 -66.95 12.66 41.48
C ASN G 92 -67.70 13.61 40.54
N GLU G 93 -67.44 13.52 39.24
CA GLU G 93 -68.09 14.39 38.28
C GLU G 93 -68.96 13.61 37.30
N LEU G 94 -68.35 12.65 36.61
CA LEU G 94 -69.04 11.89 35.58
C LEU G 94 -70.12 10.99 36.19
N ARG G 95 -69.92 10.56 37.42
CA ARG G 95 -70.89 9.75 38.14
C ARG G 95 -71.20 8.45 37.40
N VAL G 96 -70.19 7.92 36.72
CA VAL G 96 -70.33 6.66 36.00
C VAL G 96 -69.15 5.74 36.32
N ALA G 97 -69.38 4.44 36.27
CA ALA G 97 -68.36 3.46 36.63
C ALA G 97 -67.59 2.96 35.41
N PRO G 98 -66.25 2.90 35.50
CA PRO G 98 -65.45 2.32 34.42
C PRO G 98 -65.65 0.80 34.34
N GLU G 99 -66.17 0.20 35.41
CA GLU G 99 -66.51 -1.21 35.42
C GLU G 99 -67.87 -1.41 34.75
N GLU G 100 -68.00 -0.87 33.54
CA GLU G 100 -69.27 -0.86 32.83
C GLU G 100 -69.07 -0.34 31.41
N HIS G 101 -68.26 0.70 31.28
CA HIS G 101 -67.99 1.32 29.98
C HIS G 101 -66.53 1.14 29.59
N PRO G 102 -66.25 1.09 28.28
CA PRO G 102 -64.85 1.03 27.82
C PRO G 102 -64.09 2.30 28.19
N THR G 103 -62.89 2.45 27.65
CA THR G 103 -62.06 3.62 27.95
C THR G 103 -61.10 3.92 26.81
N LEU G 104 -60.86 5.20 26.56
CA LEU G 104 -59.93 5.63 25.52
C LEU G 104 -58.89 6.58 26.10
N LEU G 105 -57.63 6.36 25.74
CA LEU G 105 -56.53 7.19 26.22
C LEU G 105 -55.63 7.62 25.07
N THR G 106 -54.68 8.50 25.36
CA THR G 106 -53.74 8.99 24.35
C THR G 106 -52.36 8.39 24.59
N GLU G 107 -51.59 8.25 23.52
CA GLU G 107 -50.26 7.67 23.60
C GLU G 107 -49.19 8.71 23.30
N ALA G 108 -48.29 8.92 24.27
CA ALA G 108 -47.17 9.82 24.07
C ALA G 108 -46.08 9.09 23.28
N PRO G 109 -45.89 9.46 22.00
CA PRO G 109 -44.93 8.75 21.15
C PRO G 109 -43.59 8.50 21.84
N LEU G 110 -43.03 7.31 21.63
CA LEU G 110 -41.73 6.95 22.18
C LEU G 110 -41.73 6.98 23.70
N ASN G 111 -42.74 6.35 24.30
CA ASN G 111 -42.82 6.23 25.76
C ASN G 111 -42.37 4.84 26.19
N PRO G 112 -41.55 4.76 27.26
CA PRO G 112 -41.05 3.46 27.74
C PRO G 112 -42.10 2.36 27.69
N LYS G 113 -41.70 1.20 27.18
CA LYS G 113 -42.62 0.07 27.00
C LYS G 113 -43.23 -0.37 28.32
N ALA G 114 -42.51 -0.17 29.41
CA ALA G 114 -42.95 -0.62 30.72
C ALA G 114 -44.13 0.20 31.25
N ASN G 115 -44.27 1.43 30.75
CA ASN G 115 -45.31 2.33 31.21
C ASN G 115 -46.69 1.95 30.69
N ARG G 116 -46.77 1.58 29.41
CA ARG G 116 -48.04 1.27 28.77
C ARG G 116 -48.67 0.02 29.40
N GLU G 117 -47.84 -0.81 30.01
CA GLU G 117 -48.30 -2.03 30.66
C GLU G 117 -48.68 -1.76 32.11
N LYS G 118 -47.94 -0.88 32.77
CA LYS G 118 -48.20 -0.53 34.16
C LYS G 118 -49.58 0.09 34.28
N MET G 119 -49.94 0.95 33.33
CA MET G 119 -51.25 1.60 33.33
C MET G 119 -52.36 0.56 33.13
N THR G 120 -52.24 -0.22 32.06
CA THR G 120 -53.24 -1.23 31.73
C THR G 120 -53.46 -2.18 32.91
N GLN G 121 -52.41 -2.42 33.69
CA GLN G 121 -52.49 -3.28 34.85
C GLN G 121 -53.46 -2.72 35.88
N ILE G 122 -53.52 -1.39 35.98
CA ILE G 122 -54.40 -0.73 36.94
C ILE G 122 -55.86 -0.91 36.53
N MET G 123 -56.11 -0.96 35.22
CA MET G 123 -57.45 -1.10 34.69
C MET G 123 -57.95 -2.55 34.74
N PHE G 124 -57.23 -3.43 34.06
CA PHE G 124 -57.64 -4.83 33.93
C PHE G 124 -57.71 -5.57 35.27
N GLU G 125 -56.75 -5.30 36.14
CA GLU G 125 -56.64 -6.05 37.39
C GLU G 125 -57.56 -5.52 38.48
N THR G 126 -57.71 -4.19 38.56
CA THR G 126 -58.50 -3.57 39.63
C THR G 126 -59.79 -2.96 39.12
N PHE G 127 -59.70 -2.11 38.11
CA PHE G 127 -60.87 -1.41 37.59
C PHE G 127 -61.61 -2.24 36.53
N ASN G 128 -61.22 -3.50 36.40
CA ASN G 128 -61.89 -4.45 35.49
C ASN G 128 -62.37 -3.79 34.20
N VAL G 129 -61.46 -3.65 33.25
CA VAL G 129 -61.77 -3.04 31.96
C VAL G 129 -61.63 -4.05 30.82
N PRO G 130 -62.74 -4.69 30.43
CA PRO G 130 -62.70 -5.68 29.34
C PRO G 130 -62.38 -5.07 27.97
N ALA G 131 -62.54 -3.75 27.84
CA ALA G 131 -62.30 -3.10 26.56
C ALA G 131 -61.73 -1.69 26.74
N MET G 132 -60.58 -1.44 26.12
CA MET G 132 -59.97 -0.12 26.13
C MET G 132 -58.90 -0.03 25.04
N TYR G 133 -58.28 1.14 24.92
CA TYR G 133 -57.25 1.36 23.93
C TYR G 133 -56.51 2.66 24.20
N VAL G 134 -55.33 2.81 23.61
CA VAL G 134 -54.53 4.01 23.78
C VAL G 134 -53.99 4.48 22.43
N ALA G 135 -54.63 5.49 21.87
CA ALA G 135 -54.31 5.96 20.51
C ALA G 135 -53.24 7.03 20.52
N ILE G 136 -52.76 7.39 19.33
CA ILE G 136 -51.63 8.31 19.20
C ILE G 136 -52.10 9.76 18.95
N GLN G 137 -51.76 10.62 19.90
CA GLN G 137 -52.14 12.04 19.86
C GLN G 137 -52.43 12.60 18.46
N ALA G 138 -51.37 12.86 17.70
CA ALA G 138 -51.49 13.59 16.44
C ALA G 138 -52.49 12.97 15.47
N VAL G 139 -52.41 11.65 15.30
CA VAL G 139 -53.22 10.96 14.30
C VAL G 139 -54.72 11.21 14.50
N LEU G 140 -55.12 11.51 15.73
CA LEU G 140 -56.53 11.75 16.04
C LEU G 140 -56.96 13.12 15.51
N SER G 141 -56.11 14.12 15.71
CA SER G 141 -56.39 15.46 15.24
C SER G 141 -56.56 15.47 13.72
N LEU G 142 -55.99 14.46 13.07
CA LEU G 142 -56.11 14.32 11.62
C LEU G 142 -57.55 13.97 11.24
N TYR G 143 -57.91 12.70 11.38
CA TYR G 143 -59.21 12.21 10.96
C TYR G 143 -60.36 13.09 11.43
N ALA G 144 -60.46 14.29 10.87
CA ALA G 144 -61.52 15.22 11.23
C ALA G 144 -61.50 16.47 10.34
N SER G 145 -61.59 16.27 9.03
CA SER G 145 -61.57 17.40 8.10
C SER G 145 -62.14 16.99 6.74
N GLY G 146 -61.27 16.59 5.81
CA GLY G 146 -61.74 16.18 4.50
C GLY G 146 -60.62 15.98 3.49
N ARG G 147 -59.60 15.21 3.88
CA ARG G 147 -58.53 14.83 2.97
C ARG G 147 -57.62 13.79 3.61
N THR G 148 -56.94 13.01 2.78
CA THR G 148 -56.03 11.97 3.27
C THR G 148 -54.58 12.31 2.92
N THR G 149 -54.30 13.59 2.78
CA THR G 149 -52.96 14.06 2.45
C THR G 149 -52.74 15.49 3.01
N GLY G 150 -52.12 15.62 4.31
CA GLY G 150 -51.73 16.69 5.44
C GLY G 150 -50.68 16.28 6.47
N ILE G 151 -49.82 17.22 6.81
CA ILE G 151 -48.78 16.99 7.83
C ILE G 151 -49.21 17.66 9.13
N VAL G 152 -49.04 16.96 10.25
CA VAL G 152 -49.53 17.44 11.54
C VAL G 152 -48.40 17.73 12.53
N LEU G 153 -48.59 18.78 13.32
CA LEU G 153 -47.65 19.12 14.39
C LEU G 153 -48.45 19.32 15.67
N ASP G 154 -48.53 18.26 16.47
CA ASP G 154 -49.34 18.29 17.69
C ASP G 154 -48.47 18.35 18.94
N SER G 155 -48.85 19.25 19.86
CA SER G 155 -48.12 19.43 21.11
C SER G 155 -48.92 20.31 22.06
N GLY G 156 -48.53 20.29 23.34
CA GLY G 156 -49.21 21.09 24.34
C GLY G 156 -48.32 21.34 25.55
N ASP G 157 -48.39 20.44 26.52
CA ASP G 157 -47.57 20.56 27.72
C ASP G 157 -46.49 19.47 27.78
N GLY G 158 -46.77 18.34 27.14
CA GLY G 158 -45.82 17.24 27.12
C GLY G 158 -44.57 17.58 26.34
N VAL G 159 -44.47 17.04 25.13
CA VAL G 159 -43.32 17.29 24.27
C VAL G 159 -43.78 17.56 22.84
N THR G 160 -42.96 18.29 22.08
CA THR G 160 -43.31 18.66 20.72
C THR G 160 -43.20 17.48 19.77
N HIS G 161 -44.15 17.36 18.85
CA HIS G 161 -44.15 16.28 17.87
C HIS G 161 -44.37 16.81 16.46
N ASN G 162 -43.39 16.61 15.59
CA ASN G 162 -43.52 16.98 14.18
C ASN G 162 -43.83 15.74 13.35
N VAL G 163 -45.11 15.37 13.31
CA VAL G 163 -45.53 14.14 12.66
C VAL G 163 -46.14 14.39 11.28
N PRO G 164 -45.38 14.10 10.21
CA PRO G 164 -45.94 14.26 8.87
C PRO G 164 -46.85 13.09 8.50
N ILE G 165 -47.93 12.91 9.26
CA ILE G 165 -48.88 11.84 9.02
C ILE G 165 -49.98 12.29 8.05
N TYR G 166 -49.93 11.78 6.83
CA TYR G 166 -50.93 12.13 5.83
C TYR G 166 -51.44 10.88 5.12
N GLU G 167 -50.56 10.23 4.35
CA GLU G 167 -50.94 9.04 3.61
C GLU G 167 -50.69 7.79 4.44
N GLY G 168 -49.67 7.84 5.30
CA GLY G 168 -49.32 6.73 6.16
C GLY G 168 -48.46 7.16 7.33
N TYR G 169 -48.02 6.21 8.15
CA TYR G 169 -47.17 6.53 9.30
C TYR G 169 -45.94 5.62 9.40
N ALA G 170 -44.82 6.23 9.79
CA ALA G 170 -43.57 5.52 10.07
C ALA G 170 -42.88 5.00 8.81
N LEU G 171 -41.69 5.54 8.52
CA LEU G 171 -40.86 5.05 7.42
C LEU G 171 -39.35 5.19 7.72
N PRO G 172 -38.76 6.42 7.65
CA PRO G 172 -37.37 6.42 8.09
C PRO G 172 -37.20 7.01 9.49
N HIS G 173 -37.39 8.31 9.62
CA HIS G 173 -37.27 9.00 10.90
C HIS G 173 -38.22 10.18 10.95
N ALA G 174 -38.26 10.95 9.87
CA ALA G 174 -39.17 12.08 9.72
C ALA G 174 -39.67 12.64 11.04
N ILE G 175 -40.54 11.88 11.72
CA ILE G 175 -41.13 12.33 12.97
C ILE G 175 -40.06 12.74 13.98
N MET G 176 -40.40 13.68 14.85
CA MET G 176 -39.46 14.20 15.84
C MET G 176 -40.12 14.30 17.21
N ARG G 177 -39.31 14.12 18.26
CA ARG G 177 -39.78 14.28 19.63
C ARG G 177 -38.89 15.28 20.36
N LEU G 178 -39.48 16.39 20.80
CA LEU G 178 -38.71 17.45 21.43
C LEU G 178 -39.32 17.88 22.76
N ASP G 179 -38.56 17.70 23.83
CA ASP G 179 -39.00 18.10 25.16
C ASP G 179 -38.94 19.61 25.31
N LEU G 180 -39.95 20.30 24.80
CA LEU G 180 -39.98 21.76 24.81
C LEU G 180 -41.39 22.27 24.55
N ALA G 181 -42.28 22.12 25.53
CA ALA G 181 -43.66 22.55 25.36
C ALA G 181 -44.35 22.78 26.70
N GLY G 182 -45.18 23.81 26.76
CA GLY G 182 -45.96 24.12 27.94
C GLY G 182 -45.13 24.28 29.19
N ARG G 183 -44.99 23.20 29.95
CA ARG G 183 -44.25 23.22 31.21
C ARG G 183 -42.88 23.85 31.05
N ASP G 184 -42.27 23.68 29.88
CA ASP G 184 -40.95 24.24 29.60
C ASP G 184 -41.02 25.76 29.52
N LEU G 185 -42.12 26.27 28.98
CA LEU G 185 -42.32 27.71 28.83
C LEU G 185 -42.57 28.35 30.20
N THR G 186 -43.30 27.64 31.05
CA THR G 186 -43.61 28.12 32.39
C THR G 186 -42.37 28.16 33.27
N ASP G 187 -41.41 27.29 32.96
CA ASP G 187 -40.19 27.17 33.77
C ASP G 187 -39.14 28.19 33.35
N TYR G 188 -39.19 28.62 32.09
CA TYR G 188 -38.17 29.51 31.54
C TYR G 188 -38.39 30.97 31.92
N LEU G 189 -39.64 31.38 32.06
CA LEU G 189 -39.96 32.77 32.31
C LEU G 189 -39.42 33.25 33.66
N MET G 190 -39.64 32.45 34.70
CA MET G 190 -39.21 32.81 36.05
C MET G 190 -37.70 33.04 36.10
N LYS G 191 -36.95 32.32 35.28
CA LYS G 191 -35.50 32.46 35.24
C LYS G 191 -35.12 33.80 34.63
N ILE G 192 -35.83 34.21 33.60
CA ILE G 192 -35.52 35.43 32.87
C ILE G 192 -36.01 36.67 33.63
N LEU G 193 -37.04 36.50 34.44
CA LEU G 193 -37.59 37.60 35.22
C LEU G 193 -36.61 38.07 36.30
N THR G 194 -35.67 37.21 36.65
CA THR G 194 -34.71 37.51 37.70
C THR G 194 -33.78 38.67 37.31
N GLU G 195 -33.70 38.96 36.02
CA GLU G 195 -32.85 40.04 35.53
C GLU G 195 -33.41 41.39 35.96
N ARG G 196 -34.72 41.45 36.16
CA ARG G 196 -35.38 42.69 36.55
C ARG G 196 -35.60 42.74 38.07
N GLY G 197 -35.31 41.63 38.74
CA GLY G 197 -35.47 41.54 40.18
C GLY G 197 -36.57 40.58 40.58
N TYR G 198 -37.65 40.55 39.80
CA TYR G 198 -38.77 39.66 40.05
C TYR G 198 -38.31 38.20 40.04
N SER G 199 -38.61 37.48 41.12
CA SER G 199 -38.20 36.09 41.26
C SER G 199 -39.29 35.25 41.89
N PHE G 200 -40.21 34.75 41.07
CA PHE G 200 -41.25 33.84 41.55
C PHE G 200 -40.63 32.50 41.89
N VAL G 201 -40.31 32.30 43.17
CA VAL G 201 -39.49 31.17 43.61
C VAL G 201 -40.26 29.85 43.67
N THR G 202 -41.07 29.68 44.72
CA THR G 202 -41.76 28.41 44.94
C THR G 202 -42.60 27.97 43.75
N THR G 203 -42.96 26.70 43.73
CA THR G 203 -43.67 26.09 42.61
C THR G 203 -45.14 26.49 42.55
N ALA G 204 -45.63 27.14 43.59
CA ALA G 204 -47.02 27.58 43.63
C ALA G 204 -47.22 28.79 42.72
N GLU G 205 -46.41 29.83 42.92
CA GLU G 205 -46.48 31.02 42.09
C GLU G 205 -45.94 30.73 40.70
N ARG G 206 -45.20 29.64 40.56
CA ARG G 206 -44.71 29.19 39.26
C ARG G 206 -45.90 28.99 38.33
N GLU G 207 -47.02 28.52 38.89
CA GLU G 207 -48.23 28.30 38.11
C GLU G 207 -48.89 29.63 37.74
N ILE G 208 -48.78 30.62 38.61
CA ILE G 208 -49.34 31.94 38.36
C ILE G 208 -48.76 32.51 37.07
N VAL G 209 -47.48 32.24 36.82
CA VAL G 209 -46.83 32.65 35.58
C VAL G 209 -47.60 32.14 34.36
N ARG G 210 -47.95 30.86 34.39
CA ARG G 210 -48.69 30.24 33.30
C ARG G 210 -50.07 30.89 33.14
N ASP G 211 -50.68 31.24 34.26
CA ASP G 211 -52.01 31.84 34.25
C ASP G 211 -51.96 33.23 33.62
N ILE G 212 -50.99 34.03 34.06
CA ILE G 212 -50.80 35.39 33.54
C ILE G 212 -50.39 35.35 32.07
N LYS G 213 -49.57 34.37 31.71
CA LYS G 213 -49.04 34.25 30.35
C LYS G 213 -50.15 34.22 29.29
N GLU G 214 -51.18 33.42 29.55
CA GLU G 214 -52.22 33.18 28.55
C GLU G 214 -53.29 34.27 28.54
N LYS G 215 -52.88 35.52 28.71
CA LYS G 215 -53.82 36.63 28.72
C LYS G 215 -53.31 37.84 27.94
N LEU G 216 -51.99 38.04 27.93
CA LEU G 216 -51.40 39.21 27.29
C LEU G 216 -50.13 38.87 26.51
N CYS G 217 -49.28 38.02 27.08
CA CYS G 217 -48.01 37.67 26.46
C CYS G 217 -48.19 37.25 25.00
N TYR G 218 -47.22 37.62 24.17
CA TYR G 218 -47.27 37.31 22.74
C TYR G 218 -45.87 37.01 22.21
N VAL G 219 -45.78 36.61 20.95
CA VAL G 219 -44.52 36.21 20.35
C VAL G 219 -43.94 37.33 19.48
N ALA G 220 -42.62 37.49 19.53
CA ALA G 220 -41.92 38.52 18.77
C ALA G 220 -41.92 38.19 17.27
N LEU G 221 -42.44 39.11 16.46
CA LEU G 221 -42.39 38.95 15.01
C LEU G 221 -40.93 39.04 14.56
N ASP G 222 -40.26 40.10 14.99
CA ASP G 222 -38.84 40.29 14.71
C ASP G 222 -38.19 41.03 15.87
N PHE G 223 -37.46 40.29 16.70
CA PHE G 223 -36.88 40.84 17.93
C PHE G 223 -36.02 42.08 17.65
N GLU G 224 -35.45 42.16 16.46
CA GLU G 224 -34.57 43.27 16.11
C GLU G 224 -35.33 44.60 16.07
N ASN G 225 -36.41 44.64 15.30
CA ASN G 225 -37.19 45.86 15.15
C ASN G 225 -37.99 46.19 16.40
N GLU G 226 -38.39 45.16 17.14
CA GLU G 226 -39.18 45.35 18.35
C GLU G 226 -38.34 45.88 19.50
N MET G 227 -37.02 45.70 19.41
CA MET G 227 -36.12 46.16 20.44
C MET G 227 -36.01 47.69 20.40
N ALA G 228 -35.92 48.23 19.20
CA ALA G 228 -35.84 49.67 19.01
C ALA G 228 -37.16 50.34 19.41
N THR G 229 -38.25 49.57 19.34
CA THR G 229 -39.57 50.08 19.70
C THR G 229 -39.69 50.28 21.22
N ALA G 230 -38.79 49.66 21.97
CA ALA G 230 -38.81 49.74 23.43
C ALA G 230 -38.72 51.19 23.90
N ALA G 231 -38.16 52.06 23.06
CA ALA G 231 -38.02 53.48 23.39
C ALA G 231 -39.39 54.08 23.74
N SER G 232 -40.43 53.56 23.11
CA SER G 232 -41.78 54.05 23.34
C SER G 232 -42.44 53.27 24.48
N SER G 233 -43.36 53.91 25.19
CA SER G 233 -44.07 53.29 26.29
C SER G 233 -45.56 53.20 26.01
N SER G 234 -45.93 52.46 24.97
CA SER G 234 -47.33 52.29 24.58
C SER G 234 -47.61 50.84 24.22
N SER G 235 -46.82 50.29 23.31
CA SER G 235 -46.98 48.92 22.87
C SER G 235 -46.23 47.96 23.80
N LEU G 236 -45.31 48.50 24.58
CA LEU G 236 -44.52 47.70 25.49
C LEU G 236 -45.21 47.55 26.85
N GLU G 237 -45.16 48.60 27.66
CA GLU G 237 -45.67 48.54 29.03
C GLU G 237 -47.12 48.07 29.07
N LYS G 238 -47.32 46.84 29.54
CA LYS G 238 -48.65 46.24 29.63
C LYS G 238 -49.11 46.20 31.08
N SER G 239 -50.40 46.46 31.30
CA SER G 239 -50.96 46.54 32.65
C SER G 239 -51.56 45.22 33.11
N TYR G 240 -51.17 44.79 34.30
CA TYR G 240 -51.72 43.57 34.90
C TYR G 240 -51.51 43.62 36.40
N GLU G 241 -52.36 44.38 37.08
CA GLU G 241 -52.29 44.50 38.53
C GLU G 241 -52.47 43.14 39.19
N LEU G 242 -51.41 42.63 39.80
CA LEU G 242 -51.45 41.34 40.48
C LEU G 242 -52.70 41.25 41.35
N PRO G 243 -53.47 40.15 41.22
CA PRO G 243 -54.60 39.95 42.13
C PRO G 243 -54.19 40.08 43.59
N ASP G 244 -52.90 39.89 43.88
CA ASP G 244 -52.37 40.11 45.21
C ASP G 244 -52.32 41.62 45.47
N GLY G 245 -51.39 42.30 44.80
CA GLY G 245 -51.30 43.75 44.93
C GLY G 245 -49.94 44.31 44.56
N GLN G 246 -49.57 44.16 43.29
CA GLN G 246 -48.32 44.72 42.78
C GLN G 246 -48.24 44.57 41.27
N VAL G 247 -48.35 45.69 40.56
CA VAL G 247 -48.35 45.67 39.10
C VAL G 247 -47.04 45.14 38.52
N ILE G 248 -47.13 44.39 37.44
CA ILE G 248 -45.96 43.90 36.73
C ILE G 248 -46.03 44.32 35.27
N THR G 249 -45.33 45.40 34.92
CA THR G 249 -45.35 45.93 33.56
C THR G 249 -44.61 45.01 32.59
N ILE G 250 -45.27 43.94 32.16
CA ILE G 250 -44.68 43.01 31.21
C ILE G 250 -44.61 43.62 29.81
N GLY G 251 -43.52 44.34 29.55
CA GLY G 251 -43.31 44.97 28.25
C GLY G 251 -42.42 44.15 27.35
N ASN G 252 -41.12 44.17 27.64
CA ASN G 252 -40.15 43.42 26.86
C ASN G 252 -40.04 41.99 27.37
N GLU G 253 -40.86 41.64 28.36
CA GLU G 253 -40.85 40.29 28.93
C GLU G 253 -41.81 39.38 28.20
N ARG G 254 -42.78 39.96 27.50
CA ARG G 254 -43.79 39.18 26.79
C ARG G 254 -43.21 38.47 25.57
N PHE G 255 -42.50 39.23 24.74
CA PHE G 255 -41.99 38.69 23.48
C PHE G 255 -40.53 38.26 23.59
N ARG G 256 -40.06 38.08 24.82
CA ARG G 256 -38.68 37.65 25.06
C ARG G 256 -38.61 36.14 25.20
N CYS G 257 -39.47 35.59 26.05
CA CYS G 257 -39.50 34.15 26.30
C CYS G 257 -39.83 33.33 25.05
N PRO G 258 -40.86 33.73 24.30
CA PRO G 258 -41.24 32.96 23.11
C PRO G 258 -40.10 32.84 22.09
N GLU G 259 -39.15 33.77 22.13
CA GLU G 259 -38.02 33.73 21.21
C GLU G 259 -37.25 32.42 21.35
N THR G 260 -37.31 31.82 22.52
CA THR G 260 -36.63 30.56 22.78
C THR G 260 -37.14 29.47 21.85
N LEU G 261 -38.42 29.55 21.48
CA LEU G 261 -39.02 28.58 20.58
C LEU G 261 -38.20 28.50 19.29
N PHE G 262 -37.94 29.64 18.69
CA PHE G 262 -37.19 29.70 17.43
C PHE G 262 -35.69 29.60 17.69
N GLN G 263 -35.28 29.88 18.92
CA GLN G 263 -33.87 29.82 19.29
C GLN G 263 -33.64 28.91 20.49
N PRO G 264 -33.65 27.58 20.27
CA PRO G 264 -33.35 26.61 21.32
C PRO G 264 -31.93 26.73 21.86
N SER G 265 -31.12 27.61 21.27
CA SER G 265 -29.77 27.84 21.75
C SER G 265 -29.78 28.45 23.15
N PHE G 266 -30.93 29.03 23.52
CA PHE G 266 -31.07 29.66 24.82
C PHE G 266 -31.46 28.66 25.91
N ILE G 267 -31.59 27.40 25.55
CA ILE G 267 -31.90 26.34 26.51
C ILE G 267 -30.94 25.16 26.39
N GLY G 268 -29.72 25.43 25.98
CA GLY G 268 -28.67 24.43 25.94
C GLY G 268 -29.00 23.24 25.08
N MET G 269 -29.06 23.45 23.76
CA MET G 269 -29.33 22.38 22.81
C MET G 269 -28.92 22.81 21.41
N GLU G 270 -28.81 21.85 20.50
CA GLU G 270 -28.40 22.13 19.14
C GLU G 270 -29.61 22.17 18.21
N SER G 271 -30.78 21.84 18.76
CA SER G 271 -32.02 21.88 17.99
C SER G 271 -32.22 23.26 17.39
N ALA G 272 -32.62 23.29 16.12
CA ALA G 272 -32.86 24.55 15.42
C ALA G 272 -34.32 24.95 15.58
N GLY G 273 -34.68 26.12 15.04
CA GLY G 273 -36.04 26.61 15.12
C GLY G 273 -37.02 25.62 14.52
N ILE G 274 -38.29 25.78 14.87
CA ILE G 274 -39.34 24.87 14.38
C ILE G 274 -39.51 24.91 12.86
N HIS G 275 -38.87 25.86 12.20
CA HIS G 275 -38.96 25.95 10.74
C HIS G 275 -37.84 25.14 10.07
N GLU G 276 -36.83 24.78 10.85
CA GLU G 276 -35.78 23.89 10.35
C GLU G 276 -36.23 22.45 10.50
N THR G 277 -36.82 22.13 11.65
CA THR G 277 -37.36 20.80 11.89
C THR G 277 -38.41 20.45 10.84
N THR G 278 -39.07 21.47 10.33
CA THR G 278 -40.04 21.29 9.25
C THR G 278 -39.34 20.72 8.02
N TYR G 279 -38.18 21.28 7.69
CA TYR G 279 -37.37 20.79 6.59
C TYR G 279 -36.86 19.39 6.90
N ASN G 280 -36.49 19.18 8.16
CA ASN G 280 -35.96 17.90 8.61
C ASN G 280 -36.93 16.74 8.40
N SER G 281 -38.23 17.06 8.33
CA SER G 281 -39.25 16.03 8.14
C SER G 281 -39.70 15.94 6.68
N ILE G 282 -39.29 16.93 5.88
CA ILE G 282 -39.69 16.99 4.47
C ILE G 282 -38.59 16.43 3.56
N MET G 283 -37.34 16.74 3.90
CA MET G 283 -36.21 16.32 3.09
C MET G 283 -36.01 14.80 3.09
N LYS G 284 -36.54 14.14 4.13
CA LYS G 284 -36.36 12.70 4.26
C LYS G 284 -37.24 11.93 3.29
N CYS G 285 -38.51 12.32 3.22
CA CYS G 285 -39.48 11.64 2.36
C CYS G 285 -39.11 11.79 0.89
N ASP G 286 -39.94 11.21 0.03
CA ASP G 286 -39.69 11.22 -1.41
C ASP G 286 -39.61 12.65 -1.96
N ILE G 287 -39.22 12.78 -3.22
CA ILE G 287 -39.09 14.08 -3.86
C ILE G 287 -40.45 14.61 -4.33
N ASP G 288 -41.28 13.73 -4.89
CA ASP G 288 -42.58 14.13 -5.42
C ASP G 288 -43.66 14.12 -4.35
N ILE G 289 -43.28 14.42 -3.12
CA ILE G 289 -44.23 14.42 -2.01
C ILE G 289 -44.34 15.81 -1.39
N ARG G 290 -43.42 16.70 -1.74
CA ARG G 290 -43.30 18.00 -1.07
C ARG G 290 -44.38 18.99 -1.51
N LYS G 291 -44.52 19.17 -2.81
CA LYS G 291 -45.41 20.19 -3.36
C LYS G 291 -46.79 20.22 -2.68
N ASP G 292 -47.26 19.07 -2.21
CA ASP G 292 -48.57 18.99 -1.59
C ASP G 292 -48.50 19.10 -0.06
N LEU G 293 -47.32 18.88 0.50
CA LEU G 293 -47.13 19.02 1.95
C LEU G 293 -47.19 20.49 2.35
N TYR G 294 -46.55 21.34 1.56
CA TYR G 294 -46.57 22.78 1.81
C TYR G 294 -47.98 23.32 1.67
N ALA G 295 -48.78 22.66 0.82
CA ALA G 295 -50.16 23.07 0.59
C ALA G 295 -51.04 22.73 1.78
N ASN G 296 -50.51 21.96 2.72
CA ASN G 296 -51.27 21.56 3.90
C ASN G 296 -50.38 21.23 5.09
N ASN G 297 -50.42 22.07 6.11
CA ASN G 297 -49.67 21.84 7.34
C ASN G 297 -50.54 22.05 8.56
N VAL G 298 -50.91 20.95 9.22
CA VAL G 298 -51.79 21.02 10.37
C VAL G 298 -51.01 21.42 11.64
N MET G 299 -51.49 22.45 12.33
CA MET G 299 -50.87 22.92 13.56
C MET G 299 -51.87 22.82 14.72
N SER G 300 -51.76 21.76 15.50
CA SER G 300 -52.68 21.54 16.61
C SER G 300 -51.99 21.81 17.96
N GLY G 301 -52.79 22.10 18.98
CA GLY G 301 -52.28 22.42 20.29
C GLY G 301 -52.60 23.85 20.69
N GLY G 302 -53.19 24.01 21.88
CA GLY G 302 -53.57 25.32 22.36
C GLY G 302 -52.38 26.24 22.56
N THR G 303 -51.18 25.67 22.57
CA THR G 303 -49.95 26.45 22.67
C THR G 303 -49.80 27.38 21.48
N THR G 304 -50.41 26.99 20.35
CA THR G 304 -50.31 27.77 19.12
C THR G 304 -51.41 28.82 19.05
N MET G 305 -51.72 29.43 20.20
CA MET G 305 -52.70 30.51 20.25
C MET G 305 -52.02 31.83 20.61
N TYR G 306 -50.72 31.79 20.85
CA TYR G 306 -49.95 32.99 21.18
C TYR G 306 -49.93 33.93 19.98
N PRO G 307 -50.36 35.19 20.18
CA PRO G 307 -50.34 36.15 19.07
C PRO G 307 -48.96 36.30 18.46
N GLY G 308 -48.82 35.92 17.18
CA GLY G 308 -47.54 36.00 16.49
C GLY G 308 -46.86 34.65 16.38
N ILE G 309 -47.65 33.61 16.16
CA ILE G 309 -47.13 32.25 16.07
C ILE G 309 -47.27 31.67 14.68
N ALA G 310 -48.30 32.11 13.94
CA ALA G 310 -48.56 31.59 12.61
C ALA G 310 -47.92 32.45 11.52
N ASP G 311 -48.02 33.77 11.69
CA ASP G 311 -47.47 34.70 10.71
C ASP G 311 -45.96 34.60 10.57
N ARG G 312 -45.29 34.08 11.60
CA ARG G 312 -43.85 33.93 11.57
C ARG G 312 -43.45 32.74 10.69
N MET G 313 -44.31 31.72 10.65
CA MET G 313 -44.02 30.51 9.91
C MET G 313 -43.85 30.78 8.42
N GLN G 314 -44.69 31.66 7.88
CA GLN G 314 -44.64 31.99 6.46
C GLN G 314 -43.35 32.73 6.10
N LYS G 315 -42.72 33.35 7.09
CA LYS G 315 -41.51 34.13 6.87
C LYS G 315 -40.27 33.25 6.81
N GLU G 316 -40.24 32.21 7.64
CA GLU G 316 -39.05 31.38 7.77
C GLU G 316 -39.07 30.16 6.85
N ILE G 317 -40.27 29.64 6.58
CA ILE G 317 -40.43 28.47 5.72
C ILE G 317 -40.15 28.81 4.26
N THR G 318 -40.64 29.97 3.82
CA THR G 318 -40.47 30.39 2.44
C THR G 318 -39.03 30.82 2.15
N ALA G 319 -38.21 30.92 3.19
CA ALA G 319 -36.84 31.39 3.05
C ALA G 319 -35.93 30.29 2.48
N LEU G 320 -35.61 29.30 3.30
CA LEU G 320 -34.70 28.23 2.90
C LEU G 320 -35.48 26.97 2.53
N ALA G 321 -36.27 27.05 1.46
CA ALA G 321 -37.03 25.91 0.98
C ALA G 321 -37.56 26.19 -0.42
N PRO G 322 -37.91 25.13 -1.17
CA PRO G 322 -38.50 25.31 -2.51
C PRO G 322 -39.63 26.33 -2.49
N SER G 323 -39.69 27.16 -3.51
CA SER G 323 -40.66 28.25 -3.55
C SER G 323 -41.34 28.37 -4.92
N THR G 324 -42.10 27.34 -5.28
CA THR G 324 -42.89 27.37 -6.51
C THR G 324 -44.22 26.63 -6.34
N MET G 325 -44.56 26.26 -5.11
CA MET G 325 -45.85 25.64 -4.81
C MET G 325 -46.64 26.54 -3.87
N LYS G 326 -47.81 26.06 -3.46
CA LYS G 326 -48.66 26.82 -2.54
C LYS G 326 -48.26 26.56 -1.09
N ILE G 327 -47.54 27.52 -0.49
CA ILE G 327 -47.19 27.44 0.93
C ILE G 327 -48.43 27.74 1.76
N LYS G 328 -48.87 26.76 2.53
CA LYS G 328 -50.14 26.87 3.25
C LYS G 328 -50.14 26.04 4.53
N ILE G 329 -50.35 26.69 5.66
CA ILE G 329 -50.39 26.00 6.95
C ILE G 329 -51.78 26.04 7.56
N ILE G 330 -52.36 24.87 7.79
CA ILE G 330 -53.65 24.77 8.45
C ILE G 330 -53.47 24.81 9.96
N ALA G 331 -53.75 25.97 10.57
CA ALA G 331 -53.70 26.11 12.01
C ALA G 331 -55.13 26.23 12.54
N PRO G 332 -55.78 25.09 12.84
CA PRO G 332 -57.16 25.14 13.33
C PRO G 332 -57.33 26.20 14.41
N PRO G 333 -58.43 26.98 14.34
CA PRO G 333 -58.65 28.04 15.32
C PRO G 333 -58.61 27.53 16.76
N GLU G 334 -59.55 26.67 17.13
CA GLU G 334 -59.48 26.00 18.42
C GLU G 334 -58.83 24.64 18.19
N ARG G 335 -57.51 24.64 18.18
CA ARG G 335 -56.74 23.45 17.81
C ARG G 335 -56.30 22.65 19.03
N LYS G 336 -56.76 23.05 20.21
CA LYS G 336 -56.41 22.37 21.44
C LYS G 336 -57.24 21.11 21.60
N TYR G 337 -58.49 21.15 21.15
CA TYR G 337 -59.41 20.03 21.30
C TYR G 337 -59.42 19.16 20.05
N SER G 338 -58.57 19.48 19.08
CA SER G 338 -58.48 18.71 17.85
C SER G 338 -58.28 17.23 18.13
N VAL G 339 -57.60 16.92 19.22
CA VAL G 339 -57.37 15.54 19.61
C VAL G 339 -58.64 14.95 20.22
N TRP G 340 -59.39 15.79 20.94
CA TRP G 340 -60.62 15.35 21.57
C TRP G 340 -61.70 15.08 20.54
N ILE G 341 -61.70 15.87 19.47
CA ILE G 341 -62.66 15.68 18.39
C ILE G 341 -62.44 14.32 17.73
N GLY G 342 -61.18 13.98 17.52
CA GLY G 342 -60.82 12.70 16.93
C GLY G 342 -61.00 11.55 17.90
N GLY G 343 -60.89 11.84 19.20
CA GLY G 343 -61.05 10.84 20.23
C GLY G 343 -62.46 10.30 20.28
N SER G 344 -63.44 11.20 20.21
CA SER G 344 -64.84 10.80 20.23
C SER G 344 -65.18 9.89 19.07
N ILE G 345 -64.36 9.94 18.02
CA ILE G 345 -64.58 9.13 16.83
C ILE G 345 -64.13 7.69 17.05
N LEU G 346 -62.86 7.52 17.41
CA LEU G 346 -62.30 6.18 17.63
C LEU G 346 -63.15 5.39 18.61
N ALA G 347 -63.68 6.05 19.62
CA ALA G 347 -64.50 5.39 20.64
C ALA G 347 -65.82 4.91 20.05
N SER G 348 -66.21 5.46 18.91
CA SER G 348 -67.47 5.11 18.28
C SER G 348 -67.29 4.25 17.03
N LEU G 349 -66.06 4.12 16.56
CA LEU G 349 -65.78 3.32 15.38
C LEU G 349 -66.07 1.85 15.66
N SER G 350 -66.42 1.11 14.60
CA SER G 350 -66.66 -0.32 14.72
C SER G 350 -65.41 -1.07 14.27
N THR G 351 -64.74 -0.55 13.26
CA THR G 351 -63.45 -1.08 12.83
C THR G 351 -62.50 -1.07 14.01
N PHE G 352 -62.78 -0.19 14.97
CA PHE G 352 -62.02 -0.10 16.22
C PHE G 352 -61.80 -1.48 16.83
N GLN G 353 -62.75 -2.39 16.60
CA GLN G 353 -62.63 -3.76 17.12
C GLN G 353 -61.38 -4.45 16.58
N GLN G 354 -60.98 -4.08 15.37
CA GLN G 354 -59.78 -4.64 14.74
C GLN G 354 -58.52 -4.16 15.44
N MET G 355 -58.64 -3.11 16.25
CA MET G 355 -57.48 -2.47 16.86
C MET G 355 -57.46 -2.61 18.38
N TRP G 356 -58.62 -2.45 19.01
CA TRP G 356 -58.69 -2.41 20.47
C TRP G 356 -58.26 -3.72 21.12
N ILE G 357 -58.21 -3.74 22.45
CA ILE G 357 -57.79 -4.91 23.20
C ILE G 357 -58.94 -5.44 24.05
N THR G 358 -59.17 -6.75 23.99
CA THR G 358 -60.22 -7.40 24.77
C THR G 358 -59.62 -8.01 26.04
N LYS G 359 -60.45 -8.19 27.06
CA LYS G 359 -59.99 -8.75 28.33
C LYS G 359 -59.07 -9.95 28.15
N GLN G 360 -59.53 -10.96 27.43
CA GLN G 360 -58.78 -12.20 27.27
C GLN G 360 -57.50 -11.99 26.47
N GLU G 361 -57.53 -11.05 25.54
CA GLU G 361 -56.39 -10.78 24.67
C GLU G 361 -55.16 -10.33 25.46
N TYR G 362 -55.38 -9.78 26.64
CA TYR G 362 -54.29 -9.28 27.47
C TYR G 362 -53.57 -10.41 28.18
N ASP G 363 -54.27 -11.53 28.39
CA ASP G 363 -53.70 -12.66 29.11
C ASP G 363 -53.04 -13.66 28.17
N GLU G 364 -53.53 -13.74 26.94
CA GLU G 364 -53.02 -14.69 25.96
C GLU G 364 -51.63 -14.31 25.47
N ALA G 365 -51.44 -13.03 25.16
CA ALA G 365 -50.16 -12.55 24.65
C ALA G 365 -49.35 -11.85 25.72
N GLY G 366 -49.79 -11.94 26.97
CA GLY G 366 -49.10 -11.31 28.07
C GLY G 366 -49.33 -9.81 28.10
N PRO G 367 -48.56 -9.09 28.93
CA PRO G 367 -48.71 -7.64 29.09
C PRO G 367 -48.35 -6.86 27.83
N SER G 368 -47.37 -7.34 27.08
CA SER G 368 -46.89 -6.64 25.88
C SER G 368 -47.93 -6.62 24.77
N ILE G 369 -49.02 -7.37 24.95
CA ILE G 369 -50.09 -7.47 23.97
C ILE G 369 -50.31 -6.19 23.16
N VAL G 370 -50.26 -5.05 23.83
CA VAL G 370 -50.58 -3.77 23.19
C VAL G 370 -49.59 -3.42 22.09
N HIS G 371 -48.43 -2.89 22.47
CA HIS G 371 -47.46 -2.38 21.50
C HIS G 371 -46.57 -3.47 20.91
N ARG G 372 -46.94 -4.73 21.13
CA ARG G 372 -46.23 -5.84 20.51
C ARG G 372 -46.94 -6.24 19.22
N LYS G 373 -48.20 -5.83 19.09
CA LYS G 373 -48.99 -6.15 17.91
C LYS G 373 -49.27 -4.89 17.08
N CYS G 374 -49.72 -3.83 17.74
CA CYS G 374 -50.03 -2.58 17.07
C CYS G 374 -48.78 -1.70 16.96
N PHE G 375 -48.99 -0.45 16.54
CA PHE G 375 -47.90 0.51 16.45
C PHE G 375 -48.29 1.83 17.11
N GLU H 1 -10.59 45.79 103.02
CA GLU H 1 -10.02 45.56 101.70
C GLU H 1 -9.13 44.33 101.70
N LEU H 2 -8.48 44.07 102.83
CA LEU H 2 -7.60 42.91 102.97
C LEU H 2 -8.39 41.62 102.80
N ASP H 3 -9.58 41.58 103.38
CA ASP H 3 -10.44 40.41 103.29
C ASP H 3 -10.80 40.11 101.84
N ARG H 4 -11.07 41.17 101.08
CA ARG H 4 -11.40 41.03 99.67
C ARG H 4 -10.18 40.55 98.87
N ALA H 5 -9.02 41.10 99.19
CA ALA H 5 -7.78 40.71 98.53
C ALA H 5 -7.46 39.24 98.80
N GLN H 6 -7.65 38.82 100.04
CA GLN H 6 -7.41 37.43 100.42
C GLN H 6 -8.43 36.51 99.74
N GLU H 7 -9.67 37.00 99.63
CA GLU H 7 -10.73 36.25 98.99
C GLU H 7 -10.41 36.02 97.51
N ARG H 8 -9.96 37.08 96.84
CA ARG H 8 -9.60 36.99 95.44
C ARG H 8 -8.37 36.11 95.24
N LEU H 9 -7.47 36.12 96.22
CA LEU H 9 -6.28 35.28 96.17
C LEU H 9 -6.65 33.80 96.24
N ALA H 10 -7.68 33.49 97.02
CA ALA H 10 -8.13 32.12 97.18
C ALA H 10 -8.72 31.57 95.90
N THR H 11 -9.65 32.33 95.31
CA THR H 11 -10.33 31.90 94.09
C THR H 11 -9.39 31.93 92.89
N ALA H 12 -8.38 32.80 92.93
CA ALA H 12 -7.42 32.91 91.84
C ALA H 12 -6.43 31.76 91.88
N LEU H 13 -5.91 31.49 93.08
CA LEU H 13 -4.95 30.39 93.26
C LEU H 13 -5.59 29.05 92.92
N GLN H 14 -6.86 28.91 93.26
CA GLN H 14 -7.60 27.68 92.98
C GLN H 14 -7.86 27.54 91.49
N LYS H 15 -8.34 28.61 90.86
CA LYS H 15 -8.63 28.61 89.44
C LYS H 15 -7.35 28.44 88.64
N LEU H 16 -6.24 28.93 89.18
CA LEU H 16 -4.94 28.77 88.53
C LEU H 16 -4.56 27.29 88.44
N GLU H 17 -4.82 26.56 89.51
CA GLU H 17 -4.53 25.13 89.55
C GLU H 17 -5.44 24.37 88.59
N GLU H 18 -6.70 24.79 88.53
CA GLU H 18 -7.67 24.17 87.64
C GLU H 18 -7.32 24.43 86.18
N ALA H 19 -6.92 25.67 85.88
CA ALA H 19 -6.51 26.04 84.54
C ALA H 19 -5.30 25.23 84.09
N GLU H 20 -4.32 25.11 84.98
CA GLU H 20 -3.12 24.33 84.70
C GLU H 20 -3.47 22.85 84.57
N LYS H 21 -4.38 22.39 85.41
CA LYS H 21 -4.83 21.01 85.39
C LYS H 21 -5.51 20.69 84.06
N ALA H 22 -6.37 21.60 83.61
CA ALA H 22 -7.09 21.42 82.36
C ALA H 22 -6.12 21.45 81.18
N ALA H 23 -5.10 22.28 81.28
CA ALA H 23 -4.11 22.40 80.21
C ALA H 23 -3.36 21.09 80.02
N ASP H 24 -3.09 20.40 81.12
CA ASP H 24 -2.39 19.13 81.07
C ASP H 24 -3.28 18.03 80.52
N GLU H 25 -4.53 17.99 81.00
CA GLU H 25 -5.49 16.99 80.55
C GLU H 25 -5.82 17.18 79.08
N SER H 26 -5.98 18.42 78.66
CA SER H 26 -6.28 18.73 77.27
C SER H 26 -5.12 18.32 76.37
N GLU H 27 -3.89 18.57 76.84
CA GLU H 27 -2.70 18.16 76.12
C GLU H 27 -2.58 16.64 76.15
N ARG H 28 -2.96 16.05 77.26
CA ARG H 28 -2.95 14.59 77.41
C ARG H 28 -3.91 13.96 76.40
N GLY H 29 -5.10 14.54 76.29
CA GLY H 29 -6.10 14.06 75.35
C GLY H 29 -5.69 14.31 73.91
N MET H 30 -4.94 15.38 73.69
CA MET H 30 -4.44 15.73 72.36
C MET H 30 -3.44 14.68 71.89
N LYS H 31 -2.59 14.22 72.81
CA LYS H 31 -1.52 13.29 72.48
C LYS H 31 -2.06 11.92 72.07
N VAL H 32 -2.98 11.39 72.86
CA VAL H 32 -3.53 10.06 72.61
C VAL H 32 -4.29 10.01 71.28
N ILE H 33 -4.95 11.12 70.94
CA ILE H 33 -5.70 11.20 69.69
C ILE H 33 -4.76 11.45 68.51
N GLU H 34 -3.75 12.27 68.71
CA GLU H 34 -2.75 12.55 67.68
C GLU H 34 -2.07 11.26 67.23
N SER H 35 -1.70 10.43 68.19
CA SER H 35 -1.05 9.16 67.90
C SER H 35 -1.95 8.28 67.04
N ARG H 36 -3.21 8.16 67.44
CA ARG H 36 -4.18 7.35 66.71
C ARG H 36 -4.42 7.92 65.31
N ALA H 37 -4.42 9.25 65.21
CA ALA H 37 -4.64 9.92 63.93
C ALA H 37 -3.52 9.58 62.96
N GLN H 38 -2.29 9.53 63.46
CA GLN H 38 -1.13 9.21 62.64
C GLN H 38 -1.16 7.76 62.19
N LYS H 39 -1.59 6.87 63.10
CA LYS H 39 -1.69 5.45 62.78
C LYS H 39 -2.72 5.22 61.70
N ASP H 40 -3.85 5.93 61.79
CA ASP H 40 -4.91 5.82 60.80
C ASP H 40 -4.42 6.36 59.45
N GLU H 41 -3.84 7.55 59.48
CA GLU H 41 -3.32 8.17 58.26
C GLU H 41 -2.39 7.24 57.51
N GLU H 42 -1.52 6.55 58.26
CA GLU H 42 -0.59 5.61 57.67
C GLU H 42 -1.32 4.39 57.10
N LYS H 43 -2.19 3.80 57.91
CA LYS H 43 -2.96 2.64 57.51
C LYS H 43 -3.79 2.93 56.26
N MET H 44 -4.35 4.13 56.19
CA MET H 44 -5.19 4.53 55.06
C MET H 44 -4.39 4.61 53.77
N GLU H 45 -3.22 5.23 53.84
CA GLU H 45 -2.37 5.38 52.66
C GLU H 45 -1.94 4.01 52.12
N ILE H 46 -1.69 3.07 53.02
CA ILE H 46 -1.29 1.73 52.63
C ILE H 46 -2.42 1.03 51.88
N GLN H 47 -3.64 1.22 52.34
CA GLN H 47 -4.82 0.63 51.71
C GLN H 47 -5.04 1.20 50.32
N GLU H 48 -4.74 2.49 50.15
CA GLU H 48 -4.88 3.13 48.85
C GLU H 48 -3.96 2.49 47.83
N ILE H 49 -2.76 2.12 48.25
CA ILE H 49 -1.81 1.45 47.38
C ILE H 49 -2.35 0.08 46.98
N GLN H 50 -2.95 -0.62 47.94
CA GLN H 50 -3.55 -1.92 47.68
C GLN H 50 -4.81 -1.77 46.86
N LEU H 51 -5.51 -0.66 47.06
CA LEU H 51 -6.73 -0.38 46.32
C LEU H 51 -6.44 -0.22 44.84
N LYS H 52 -5.38 0.51 44.53
CA LYS H 52 -4.97 0.72 43.13
C LYS H 52 -4.60 -0.62 42.49
N GLU H 53 -3.75 -1.38 43.17
CA GLU H 53 -3.33 -2.68 42.67
C GLU H 53 -4.53 -3.58 42.42
N ALA H 54 -5.42 -3.64 43.39
CA ALA H 54 -6.61 -4.49 43.29
C ALA H 54 -7.42 -4.14 42.03
N LYS H 55 -7.48 -2.84 41.71
CA LYS H 55 -8.22 -2.39 40.54
C LYS H 55 -7.48 -2.75 39.26
N HIS H 56 -6.18 -2.48 39.23
CA HIS H 56 -5.36 -2.80 38.06
C HIS H 56 -5.40 -4.29 37.74
N ILE H 57 -5.38 -5.11 38.79
CA ILE H 57 -5.47 -6.56 38.62
C ILE H 57 -6.84 -6.94 38.07
N ALA H 58 -7.88 -6.26 38.57
CA ALA H 58 -9.24 -6.52 38.12
C ALA H 58 -9.39 -6.13 36.66
N GLU H 59 -8.83 -4.99 36.28
CA GLU H 59 -8.89 -4.52 34.90
C GLU H 59 -8.06 -5.42 33.99
N ASP H 60 -6.88 -5.80 34.45
CA ASP H 60 -6.01 -6.68 33.68
C ASP H 60 -6.70 -7.99 33.37
N ALA H 61 -7.47 -8.50 34.34
CA ALA H 61 -8.22 -9.74 34.17
C ALA H 61 -9.31 -9.55 33.11
N ASP H 62 -9.92 -8.37 33.10
CA ASP H 62 -10.97 -8.06 32.14
C ASP H 62 -10.39 -7.97 30.73
N ARG H 63 -9.25 -7.29 30.60
CA ARG H 63 -8.58 -7.18 29.31
C ARG H 63 -8.09 -8.54 28.84
N LYS H 64 -7.66 -9.37 29.78
CA LYS H 64 -7.19 -10.71 29.48
C LYS H 64 -8.37 -11.59 29.07
N TYR H 65 -9.55 -11.26 29.59
CA TYR H 65 -10.77 -11.99 29.26
C TYR H 65 -11.22 -11.67 27.84
N GLU H 66 -11.17 -10.40 27.46
CA GLU H 66 -11.57 -9.96 26.14
C GLU H 66 -10.76 -10.67 25.05
N GLU H 67 -9.47 -10.85 25.31
CA GLU H 67 -8.59 -11.53 24.36
C GLU H 67 -9.08 -12.96 24.10
N VAL H 68 -9.30 -13.71 25.17
CA VAL H 68 -9.79 -15.07 25.05
C VAL H 68 -11.22 -15.08 24.51
N ALA H 69 -12.01 -14.10 24.91
CA ALA H 69 -13.39 -13.98 24.46
C ALA H 69 -13.45 -13.85 22.94
N ARG H 70 -12.54 -13.07 22.37
CA ARG H 70 -12.48 -12.87 20.93
C ARG H 70 -12.00 -14.15 20.23
N LYS H 71 -10.99 -14.78 20.82
CA LYS H 71 -10.47 -16.04 20.28
C LYS H 71 -11.57 -17.08 20.23
N LEU H 72 -12.42 -17.08 21.25
CA LEU H 72 -13.53 -18.02 21.31
C LEU H 72 -14.48 -17.79 20.14
N VAL H 73 -14.79 -16.52 19.86
CA VAL H 73 -15.69 -16.16 18.78
C VAL H 73 -15.10 -16.58 17.43
N ILE H 74 -13.79 -16.35 17.27
CA ILE H 74 -13.11 -16.70 16.02
C ILE H 74 -13.23 -18.20 15.74
N ILE H 75 -12.95 -19.01 16.77
CA ILE H 75 -13.01 -20.46 16.64
C ILE H 75 -14.46 -20.95 16.56
N GLU H 76 -15.33 -20.33 17.36
CA GLU H 76 -16.75 -20.68 17.35
C GLU H 76 -17.34 -20.43 15.97
N SER H 77 -16.88 -19.36 15.32
CA SER H 77 -17.33 -19.03 13.98
C SER H 77 -16.84 -20.09 12.99
N ASP H 78 -15.60 -20.52 13.17
CA ASP H 78 -15.02 -21.55 12.31
C ASP H 78 -15.83 -22.84 12.42
N LEU H 79 -16.36 -23.12 13.59
CA LEU H 79 -17.17 -24.31 13.82
C LEU H 79 -18.45 -24.24 12.98
N GLU H 80 -19.09 -23.07 12.97
CA GLU H 80 -20.29 -22.85 12.19
C GLU H 80 -19.98 -22.95 10.70
N ARG H 81 -18.80 -22.47 10.33
CA ARG H 81 -18.35 -22.50 8.94
C ARG H 81 -17.97 -23.91 8.52
N ALA H 82 -17.36 -24.66 9.43
CA ALA H 82 -16.96 -26.04 9.16
C ALA H 82 -18.18 -26.95 9.12
N GLU H 83 -19.12 -26.70 10.03
CA GLU H 83 -20.34 -27.50 10.09
C GLU H 83 -21.21 -27.24 8.87
N GLU H 84 -21.21 -26.01 8.38
CA GLU H 84 -22.03 -25.63 7.24
C GLU H 84 -21.55 -26.31 5.95
N ARG H 85 -20.24 -26.24 5.71
CA ARG H 85 -19.67 -26.82 4.50
C ARG H 85 -19.64 -28.34 4.57
N ALA H 86 -19.75 -28.89 5.78
CA ALA H 86 -19.75 -30.33 5.98
C ALA H 86 -21.11 -30.93 5.63
N GLU H 87 -22.17 -30.37 6.22
CA GLU H 87 -23.52 -30.84 5.98
C GLU H 87 -23.94 -30.59 4.53
N LEU H 88 -23.40 -29.53 3.94
CA LEU H 88 -23.72 -29.19 2.56
C LEU H 88 -23.02 -30.15 1.60
N SER H 89 -21.77 -30.47 1.88
CA SER H 89 -21.00 -31.38 1.05
C SER H 89 -21.55 -32.80 1.15
N GLU H 90 -21.75 -33.26 2.38
CA GLU H 90 -22.26 -34.61 2.60
C GLU H 90 -23.65 -34.77 2.01
N GLY H 91 -24.46 -33.72 2.09
CA GLY H 91 -25.80 -33.74 1.55
C GLY H 91 -25.81 -33.92 0.04
N LYS H 92 -24.95 -33.19 -0.64
CA LYS H 92 -24.85 -33.28 -2.09
C LYS H 92 -24.11 -34.54 -2.51
N CYS H 93 -23.11 -34.93 -1.72
CA CYS H 93 -22.33 -36.13 -2.00
C CYS H 93 -23.22 -37.37 -1.95
N ALA H 94 -24.11 -37.41 -0.96
CA ALA H 94 -25.05 -38.51 -0.82
C ALA H 94 -26.01 -38.53 -2.00
N GLU H 95 -26.46 -37.33 -2.41
CA GLU H 95 -27.36 -37.21 -3.55
C GLU H 95 -26.65 -37.64 -4.83
N LEU H 96 -25.38 -37.26 -4.94
CA LEU H 96 -24.58 -37.62 -6.10
C LEU H 96 -24.34 -39.12 -6.14
N GLU H 97 -23.97 -39.70 -5.00
CA GLU H 97 -23.72 -41.13 -4.90
C GLU H 97 -24.94 -41.93 -5.33
N GLU H 98 -26.12 -41.48 -4.91
CA GLU H 98 -27.36 -42.14 -5.27
C GLU H 98 -27.66 -41.98 -6.75
N GLU H 99 -27.30 -40.82 -7.30
CA GLU H 99 -27.53 -40.54 -8.71
C GLU H 99 -26.63 -41.41 -9.58
N LEU H 100 -25.38 -41.59 -9.17
CA LEU H 100 -24.44 -42.42 -9.90
C LEU H 100 -24.98 -43.83 -10.07
N LYS H 101 -25.61 -44.36 -9.03
CA LYS H 101 -26.19 -45.70 -9.07
C LYS H 101 -27.29 -45.77 -10.12
N THR H 102 -28.06 -44.70 -10.24
CA THR H 102 -29.14 -44.64 -11.23
C THR H 102 -28.56 -44.53 -12.65
N VAL H 103 -27.54 -43.70 -12.81
CA VAL H 103 -26.90 -43.51 -14.10
C VAL H 103 -26.16 -44.78 -14.52
N THR H 104 -25.50 -45.43 -13.57
CA THR H 104 -24.79 -46.68 -13.83
C THR H 104 -25.76 -47.75 -14.32
N ASN H 105 -26.92 -47.82 -13.67
CA ASN H 105 -27.96 -48.76 -14.06
C ASN H 105 -28.45 -48.48 -15.48
N ASN H 106 -28.59 -47.19 -15.81
CA ASN H 106 -29.01 -46.78 -17.14
C ASN H 106 -27.95 -47.14 -18.17
N LEU H 107 -26.69 -47.02 -17.78
CA LEU H 107 -25.57 -47.36 -18.66
C LEU H 107 -25.62 -48.84 -18.98
N LYS H 108 -25.79 -49.67 -17.95
CA LYS H 108 -25.87 -51.11 -18.12
C LYS H 108 -27.07 -51.50 -18.97
N SER H 109 -28.17 -50.77 -18.78
CA SER H 109 -29.40 -51.05 -19.52
C SER H 109 -29.24 -50.68 -21.00
N LEU H 110 -28.76 -49.47 -21.26
CA LEU H 110 -28.57 -48.99 -22.63
C LEU H 110 -27.55 -49.87 -23.35
N GLU H 111 -26.46 -50.20 -22.66
CA GLU H 111 -25.42 -51.05 -23.23
C GLU H 111 -26.00 -52.40 -23.65
N ALA H 112 -26.93 -52.92 -22.86
CA ALA H 112 -27.57 -54.19 -23.16
C ALA H 112 -28.42 -54.08 -24.42
N GLN H 113 -29.16 -52.98 -24.54
CA GLN H 113 -30.00 -52.75 -25.71
C GLN H 113 -29.14 -52.58 -26.96
N ALA H 114 -28.05 -51.83 -26.83
CA ALA H 114 -27.14 -51.61 -27.94
C ALA H 114 -26.56 -52.93 -28.44
N GLU H 115 -26.31 -53.85 -27.51
CA GLU H 115 -25.79 -55.17 -27.85
C GLU H 115 -26.82 -55.95 -28.65
N LYS H 116 -28.09 -55.81 -28.28
CA LYS H 116 -29.17 -56.50 -28.97
C LYS H 116 -29.40 -55.90 -30.36
N TYR H 117 -29.19 -54.59 -30.48
CA TYR H 117 -29.36 -53.91 -31.75
C TYR H 117 -28.19 -54.22 -32.68
N SER H 118 -27.00 -54.38 -32.11
CA SER H 118 -25.80 -54.68 -32.89
C SER H 118 -25.87 -56.08 -33.48
N GLN H 119 -26.26 -57.05 -32.65
CA GLN H 119 -26.34 -58.44 -33.09
C GLN H 119 -27.50 -58.64 -34.07
N LYS H 120 -28.48 -57.75 -34.02
CA LYS H 120 -29.64 -57.84 -34.88
C LYS H 120 -29.32 -57.32 -36.29
N GLU H 121 -28.74 -56.14 -36.36
CA GLU H 121 -28.39 -55.55 -37.64
C GLU H 121 -27.32 -56.37 -38.35
N ASP H 122 -26.53 -57.11 -37.58
CA ASP H 122 -25.54 -58.02 -38.14
C ASP H 122 -26.22 -59.23 -38.76
N LYS H 123 -27.32 -59.67 -38.14
CA LYS H 123 -28.07 -60.80 -38.64
C LYS H 123 -28.77 -60.43 -39.95
N TYR H 124 -29.09 -59.16 -40.10
CA TYR H 124 -29.68 -58.66 -41.33
C TYR H 124 -28.63 -58.55 -42.43
N GLU H 125 -27.39 -58.27 -42.04
CA GLU H 125 -26.29 -58.16 -43.00
C GLU H 125 -26.06 -59.48 -43.72
N GLU H 126 -26.16 -60.58 -42.99
CA GLU H 126 -25.98 -61.91 -43.56
C GLU H 126 -27.28 -62.39 -44.22
N GLU H 127 -28.40 -61.80 -43.80
CA GLU H 127 -29.70 -62.15 -44.37
C GLU H 127 -29.92 -61.46 -45.70
N ILE H 128 -29.55 -60.18 -45.76
CA ILE H 128 -29.69 -59.41 -47.00
C ILE H 128 -28.70 -59.90 -48.05
N LYS H 129 -27.62 -60.55 -47.59
CA LYS H 129 -26.59 -61.06 -48.48
C LYS H 129 -27.04 -62.34 -49.18
N VAL H 130 -27.54 -63.29 -48.38
CA VAL H 130 -27.99 -64.57 -48.90
C VAL H 130 -29.20 -64.40 -49.82
N LEU H 131 -30.03 -63.41 -49.51
CA LEU H 131 -31.20 -63.11 -50.34
C LEU H 131 -30.78 -62.50 -51.67
N SER H 132 -29.71 -61.71 -51.65
CA SER H 132 -29.19 -61.10 -52.87
C SER H 132 -28.65 -62.18 -53.82
N ASP H 133 -28.11 -63.25 -53.24
CA ASP H 133 -27.57 -64.34 -54.04
C ASP H 133 -28.69 -65.14 -54.69
N LYS H 134 -29.74 -65.44 -53.91
CA LYS H 134 -30.88 -66.18 -54.41
C LYS H 134 -31.60 -65.39 -55.50
N LEU H 135 -31.63 -64.07 -55.35
CA LEU H 135 -32.26 -63.20 -56.33
C LEU H 135 -31.48 -63.22 -57.63
N LYS H 136 -30.15 -63.22 -57.53
CA LYS H 136 -29.29 -63.24 -58.70
C LYS H 136 -29.45 -64.55 -59.47
N GLY I 9 50.08 55.90 1.38
CA GLY I 9 50.12 55.53 2.79
C GLY I 9 48.80 55.01 3.29
N VAL I 10 47.85 55.92 3.53
CA VAL I 10 46.53 55.56 4.01
C VAL I 10 46.60 54.83 5.35
N PRO I 11 46.76 55.58 6.44
CA PRO I 11 46.74 55.02 7.79
C PRO I 11 45.35 55.02 8.42
N ASP I 12 45.24 54.46 9.62
CA ASP I 12 44.01 54.49 10.41
C ASP I 12 42.84 53.74 9.76
N PHE I 13 41.88 54.48 9.19
CA PHE I 13 40.65 53.85 8.68
C PHE I 13 39.90 54.74 7.70
N VAL I 14 39.88 56.05 7.97
CA VAL I 14 39.08 56.98 7.18
C VAL I 14 39.86 57.52 5.99
N LEU I 15 40.65 56.66 5.36
CA LEU I 15 41.39 57.02 4.15
C LEU I 15 41.53 55.82 3.21
N LEU I 16 40.74 54.79 3.46
CA LEU I 16 40.82 53.54 2.70
C LEU I 16 40.86 53.77 1.18
N ASN I 17 41.67 52.98 0.49
CA ASN I 17 41.79 53.08 -0.95
C ASN I 17 40.45 52.80 -1.64
N GLN I 18 39.76 51.77 -1.17
CA GLN I 18 38.42 51.45 -1.64
C GLN I 18 37.45 51.50 -0.47
N ILE I 19 36.63 52.55 -0.43
CA ILE I 19 35.67 52.72 0.65
C ILE I 19 34.45 51.84 0.40
N THR I 20 34.50 50.63 0.97
CA THR I 20 33.40 49.67 0.83
C THR I 20 33.24 48.87 2.10
N GLU I 21 32.24 47.98 2.11
CA GLU I 21 31.97 47.14 3.28
C GLU I 21 33.08 46.10 3.46
N ASN I 22 33.39 45.39 2.38
CA ASN I 22 34.42 44.35 2.43
C ASN I 22 35.77 44.90 2.91
N ALA I 23 36.20 46.01 2.31
CA ALA I 23 37.47 46.63 2.68
C ALA I 23 37.48 47.06 4.14
N PHE I 24 36.31 47.39 4.66
CA PHE I 24 36.18 47.84 6.05
C PHE I 24 36.53 46.72 7.01
N ILE I 25 36.09 45.50 6.70
CA ILE I 25 36.38 44.34 7.54
C ILE I 25 37.85 43.94 7.40
N GLU I 26 38.32 43.89 6.16
CA GLU I 26 39.71 43.52 5.89
C GLU I 26 40.67 44.45 6.61
N ASN I 27 40.34 45.74 6.66
CA ASN I 27 41.16 46.72 7.35
C ASN I 27 41.05 46.55 8.86
N LEU I 28 39.82 46.49 9.37
CA LEU I 28 39.59 46.31 10.80
C LEU I 28 40.33 45.07 11.30
N THR I 29 40.37 44.03 10.47
CA THR I 29 41.10 42.82 10.81
C THR I 29 42.59 43.09 10.89
N MET I 30 43.13 43.73 9.85
CA MET I 30 44.54 44.09 9.81
C MET I 30 44.90 45.02 10.96
N ARG I 31 43.93 45.82 11.40
CA ARG I 31 44.13 46.72 12.52
C ARG I 31 44.39 45.95 13.81
N HIS I 32 43.40 45.15 14.22
CA HIS I 32 43.52 44.33 15.42
C HIS I 32 44.70 43.36 15.32
N LYS I 33 45.04 42.99 14.09
CA LYS I 33 46.13 42.05 13.85
C LYS I 33 47.49 42.73 14.01
N SER I 34 47.48 44.06 14.12
CA SER I 34 48.72 44.82 14.25
C SER I 34 48.71 45.70 15.50
N ASP I 35 48.12 45.17 16.57
CA ASP I 35 48.09 45.86 17.86
C ASP I 35 47.39 47.21 17.79
N ASN I 36 46.47 47.37 16.84
CA ASN I 36 45.63 48.55 16.77
C ASN I 36 44.21 48.23 17.22
N ILE I 37 44.00 48.27 18.53
CA ILE I 37 42.74 47.86 19.12
C ILE I 37 41.64 48.92 18.97
N TYR I 38 41.83 50.05 19.64
CA TYR I 38 40.82 51.11 19.65
C TYR I 38 40.50 51.61 18.25
N THR I 39 39.21 51.76 17.97
CA THR I 39 38.76 52.23 16.66
C THR I 39 37.57 53.17 16.83
N TYR I 40 37.50 54.19 15.99
CA TYR I 40 36.44 55.20 16.09
C TYR I 40 35.38 55.03 15.02
N ILE I 41 34.17 55.47 15.33
CA ILE I 41 33.07 55.50 14.38
C ILE I 41 32.32 56.81 14.55
N GLY I 42 32.73 57.84 13.80
CA GLY I 42 32.17 59.17 13.97
C GLY I 42 32.69 59.82 15.23
N ASP I 43 32.28 59.27 16.37
CA ASP I 43 32.75 59.77 17.67
C ASP I 43 32.44 58.76 18.77
N VAL I 44 32.54 57.48 18.44
CA VAL I 44 32.23 56.41 19.38
C VAL I 44 33.40 55.44 19.51
N VAL I 45 33.64 54.96 20.73
CA VAL I 45 34.78 54.10 21.01
C VAL I 45 34.48 52.64 20.72
N ILE I 46 35.44 51.94 20.12
CA ILE I 46 35.31 50.52 19.86
C ILE I 46 36.62 49.82 20.24
N SER I 47 36.58 49.07 21.34
CA SER I 47 37.78 48.42 21.86
C SER I 47 37.58 46.93 22.03
N THR I 48 38.63 46.26 22.52
CA THR I 48 38.58 44.82 22.77
C THR I 48 39.34 44.50 24.04
N ASN I 49 39.17 43.28 24.55
CA ASN I 49 39.84 42.85 25.76
C ASN I 49 40.76 41.65 25.54
N PRO I 50 42.08 41.90 25.46
CA PRO I 50 43.05 40.81 25.28
C PRO I 50 43.10 39.85 26.47
N PHE I 51 42.59 40.27 27.62
CA PHE I 51 42.63 39.47 28.83
C PHE I 51 44.05 39.12 29.28
N LYS I 52 45.02 39.94 28.86
CA LYS I 52 46.40 39.75 29.29
C LYS I 52 47.20 41.05 29.16
N ASN I 53 48.49 40.97 29.44
CA ASN I 53 49.35 42.16 29.46
C ASN I 53 49.86 42.54 28.08
N LEU I 54 49.54 43.76 27.66
CA LEU I 54 50.10 44.34 26.44
C LEU I 54 50.96 45.55 26.80
N ASN I 55 52.04 45.75 26.05
CA ASN I 55 52.98 46.82 26.36
C ASN I 55 52.47 48.18 25.91
N ILE I 56 51.29 48.56 26.41
CA ILE I 56 50.70 49.86 26.07
C ILE I 56 49.95 50.43 27.27
N TYR I 57 50.26 49.94 28.47
CA TYR I 57 49.59 50.40 29.68
C TYR I 57 50.60 50.87 30.73
N LYS I 58 51.03 52.12 30.62
CA LYS I 58 51.94 52.71 31.59
C LYS I 58 51.58 54.15 31.90
N GLU I 59 52.35 54.79 32.77
CA GLU I 59 52.09 56.16 33.17
C GLU I 59 52.28 57.14 32.01
N SER I 60 53.20 56.80 31.11
CA SER I 60 53.51 57.65 29.97
C SER I 60 52.32 57.78 29.02
N ASP I 61 51.69 56.64 28.71
CA ASP I 61 50.56 56.63 27.80
C ASP I 61 49.37 57.38 28.40
N ILE I 62 49.09 57.12 29.67
CA ILE I 62 47.97 57.75 30.36
C ILE I 62 48.14 59.27 30.41
N LYS I 63 49.36 59.71 30.67
CA LYS I 63 49.65 61.14 30.75
C LYS I 63 49.62 61.80 29.37
N ALA I 64 49.72 60.98 28.33
CA ALA I 64 49.74 61.49 26.97
C ALA I 64 48.35 61.91 26.50
N TYR I 65 47.32 61.18 26.93
CA TYR I 65 45.96 61.46 26.52
C TYR I 65 45.28 62.46 27.46
N ASN I 66 45.86 63.64 27.56
CA ASN I 66 45.29 64.71 28.38
C ASN I 66 45.85 66.07 27.98
N GLY I 67 44.99 66.92 27.44
CA GLY I 67 45.40 68.23 26.98
C GLY I 67 45.63 68.26 25.48
N ARG I 68 45.01 67.31 24.78
CA ARG I 68 45.13 67.22 23.33
C ARG I 68 43.79 66.88 22.70
N TYR I 69 43.77 66.76 21.37
CA TYR I 69 42.55 66.42 20.65
C TYR I 69 42.64 65.02 20.02
N LYS I 70 41.55 64.60 19.39
CA LYS I 70 41.46 63.28 18.79
C LYS I 70 42.28 63.18 17.50
N TYR I 71 42.30 64.27 16.74
CA TYR I 71 43.02 64.28 15.46
C TYR I 71 44.52 64.52 15.64
N GLU I 72 45.01 64.36 16.87
CA GLU I 72 46.42 64.56 17.17
C GLU I 72 47.10 63.26 17.59
N MET I 73 46.37 62.42 18.32
CA MET I 73 46.92 61.17 18.82
C MET I 73 46.06 59.97 18.41
N PRO I 74 46.64 58.76 18.45
CA PRO I 74 45.90 57.53 18.10
C PRO I 74 44.62 57.35 18.91
N PRO I 75 43.70 56.49 18.43
CA PRO I 75 42.42 56.28 19.10
C PRO I 75 42.56 55.81 20.54
N HIS I 76 41.91 56.53 21.47
CA HIS I 76 41.92 56.15 22.88
C HIS I 76 41.07 57.09 23.73
N MET I 77 41.19 58.39 23.49
CA MET I 77 40.52 59.40 24.32
C MET I 77 39.21 59.90 23.73
N TYR I 78 39.02 59.64 22.43
CA TYR I 78 37.83 60.09 21.71
C TYR I 78 37.33 61.47 22.14
N ALA I 79 37.62 62.45 21.29
CA ALA I 79 37.31 63.86 21.57
C ALA I 79 35.90 64.10 22.09
N LEU I 80 34.95 63.26 21.70
CA LEU I 80 33.56 63.42 22.14
C LEU I 80 33.54 63.63 23.65
N ALA I 81 34.42 62.93 24.36
CA ALA I 81 34.58 63.14 25.79
C ALA I 81 35.23 64.50 26.01
N ASN I 82 36.42 64.67 25.44
CA ASN I 82 37.14 65.94 25.54
C ASN I 82 36.24 67.14 25.25
N ASP I 83 35.16 66.91 24.51
CA ASP I 83 34.19 67.96 24.23
C ASP I 83 33.04 67.91 25.23
N ALA I 84 32.40 66.76 25.35
CA ALA I 84 31.26 66.60 26.26
C ALA I 84 31.70 66.64 27.71
N TYR I 85 32.71 65.83 28.05
CA TYR I 85 33.26 65.80 29.39
C TYR I 85 33.76 67.20 29.80
N ARG I 86 34.01 68.04 28.80
CA ARG I 86 34.41 69.42 29.02
C ARG I 86 33.20 70.34 28.90
N SER I 87 32.22 69.96 28.09
CA SER I 87 31.02 70.74 27.91
C SER I 87 30.34 71.02 29.24
N MET I 88 30.39 70.03 30.14
CA MET I 88 29.80 70.16 31.46
C MET I 88 30.79 70.73 32.47
N ARG I 89 31.96 71.14 31.97
CA ARG I 89 32.99 71.72 32.82
C ARG I 89 32.87 73.24 32.83
N GLN I 90 32.16 73.78 31.84
CA GLN I 90 31.95 75.22 31.72
C GLN I 90 31.59 75.83 33.08
N SER I 91 29.65 73.33 33.29
CA SER I 91 28.72 73.60 34.38
C SER I 91 29.17 72.93 35.67
N GLN I 92 30.39 72.39 35.66
CA GLN I 92 30.92 71.66 36.81
C GLN I 92 29.93 70.58 37.24
N GLU I 93 29.49 69.78 36.27
CA GLU I 93 28.48 68.75 36.50
C GLU I 93 29.08 67.36 36.32
N ASN I 94 28.33 66.33 36.69
CA ASN I 94 28.80 64.95 36.63
C ASN I 94 28.33 64.21 35.39
N GLN I 95 29.00 63.10 35.07
CA GLN I 95 28.71 62.34 33.85
C GLN I 95 28.37 60.89 34.16
N CYS I 96 28.29 60.08 33.12
CA CYS I 96 28.03 58.65 33.27
C CYS I 96 28.38 57.92 31.98
N VAL I 97 28.92 56.72 32.12
CA VAL I 97 29.37 55.94 30.97
C VAL I 97 28.63 54.61 30.90
N ILE I 98 28.27 54.20 29.69
CA ILE I 98 27.59 52.93 29.48
C ILE I 98 28.45 52.00 28.64
N ILE I 99 28.45 50.73 29.00
CA ILE I 99 29.26 49.72 28.30
C ILE I 99 28.41 48.51 27.95
N SER I 100 28.54 48.04 26.71
CA SER I 100 27.77 46.89 26.25
C SER I 100 28.65 45.91 25.49
N GLY I 101 28.22 44.65 25.44
CA GLY I 101 28.98 43.61 24.79
C GLY I 101 28.68 42.25 25.38
N GLU I 102 29.44 41.24 24.95
CA GLU I 102 29.24 39.88 25.43
C GLU I 102 29.52 39.77 26.93
N SER I 103 28.78 38.88 27.58
CA SER I 103 28.91 38.66 29.02
C SER I 103 30.35 38.36 29.42
N GLY I 104 30.79 38.98 30.52
CA GLY I 104 32.12 38.75 31.06
C GLY I 104 33.22 38.83 30.02
N ALA I 105 33.07 39.74 29.07
CA ALA I 105 34.07 39.94 28.03
C ALA I 105 34.78 41.28 28.23
N GLY I 106 34.98 41.66 29.48
CA GLY I 106 35.64 42.90 29.81
C GLY I 106 34.74 44.11 29.61
N LYS I 107 33.80 44.29 30.52
CA LYS I 107 32.88 45.42 30.47
C LYS I 107 33.12 46.38 31.63
N THR I 108 35.10 44.61 33.11
CA THR I 108 36.20 44.27 34.00
C THR I 108 37.50 44.90 33.51
N GLU I 109 37.67 44.98 32.20
CA GLU I 109 38.85 45.59 31.61
C GLU I 109 38.50 46.85 30.83
N ALA I 110 37.24 46.97 30.44
CA ALA I 110 36.76 48.17 29.75
C ALA I 110 36.63 49.31 30.74
N SER I 111 36.19 48.98 31.95
CA SER I 111 36.08 49.97 33.02
C SER I 111 37.48 50.40 33.46
N LYS I 112 38.44 49.47 33.38
CA LYS I 112 39.83 49.76 33.70
C LYS I 112 40.33 50.96 32.91
N LYS I 113 39.99 50.99 31.63
CA LYS I 113 40.38 52.10 30.77
C LYS I 113 39.83 53.42 31.33
N ILE I 114 38.56 53.40 31.71
CA ILE I 114 37.91 54.59 32.26
C ILE I 114 38.60 55.03 33.54
N MET I 115 38.91 54.06 34.40
CA MET I 115 39.58 54.35 35.66
C MET I 115 41.00 54.86 35.42
N GLN I 116 41.77 54.12 34.64
CA GLN I 116 43.13 54.53 34.31
C GLN I 116 43.14 55.91 33.66
N PHE I 117 42.08 56.21 32.91
CA PHE I 117 41.92 57.53 32.32
C PHE I 117 41.45 58.54 33.37
N LEU I 118 40.62 58.09 34.29
CA LEU I 118 40.09 58.95 35.33
C LEU I 118 41.22 59.46 36.23
N THR I 119 42.01 58.52 36.75
CA THR I 119 43.16 58.88 37.57
C THR I 119 44.13 59.73 36.76
N PHE I 120 45.16 60.27 37.42
CA PHE I 120 46.09 61.21 36.80
C PHE I 120 45.36 62.46 36.32
N VAL I 121 44.39 62.29 35.42
CA VAL I 121 43.54 63.38 34.99
C VAL I 121 42.87 64.01 36.21
N SER I 122 42.36 63.16 37.11
CA SER I 122 41.74 63.62 38.33
C SER I 122 42.81 64.05 39.34
N SER I 123 43.92 63.32 39.35
CA SER I 123 45.02 63.63 40.25
C SER I 123 45.83 64.82 39.72
N ASN I 124 48.69 61.09 42.38
CA ASN I 124 49.64 62.10 41.93
C ASN I 124 51.07 61.55 41.91
N GLN I 125 51.52 62.11 45.26
CA GLN I 125 52.02 62.59 46.54
C GLN I 125 51.57 61.67 47.67
N SER I 126 50.27 61.59 47.87
CA SER I 126 49.68 60.79 48.94
C SER I 126 50.10 59.33 48.85
N PRO I 127 50.91 58.85 49.82
CA PRO I 127 51.30 57.44 49.84
C PRO I 127 50.10 56.52 50.06
N ASN I 128 49.03 57.06 50.61
CA ASN I 128 47.82 56.28 50.87
C ASN I 128 46.81 56.40 49.72
N GLY I 129 47.33 56.63 48.51
CA GLY I 129 46.49 56.77 47.34
C GLY I 129 46.77 55.69 46.32
N GLU I 130 47.98 55.69 45.78
CA GLU I 130 48.38 54.71 44.78
C GLU I 130 48.47 53.30 45.37
N ARG I 131 48.66 53.23 46.69
CA ARG I 131 48.76 51.94 47.37
C ARG I 131 47.39 51.29 47.51
N ILE I 132 46.41 52.07 47.96
CA ILE I 132 45.05 51.57 48.12
C ILE I 132 44.37 51.44 46.77
N SER I 133 44.96 52.06 45.74
CA SER I 133 44.45 51.94 44.39
C SER I 133 44.67 50.52 43.88
N LYS I 134 45.68 49.85 44.41
CA LYS I 134 46.00 48.48 44.03
C LYS I 134 44.92 47.52 44.49
N MET I 135 44.52 47.64 45.75
CA MET I 135 43.47 46.77 46.30
C MET I 135 42.14 47.05 45.61
N LEU I 136 41.97 48.27 45.12
CA LEU I 136 40.74 48.66 44.42
C LEU I 136 40.73 48.10 43.00
N LEU I 137 41.89 48.06 42.35
CA LEU I 137 42.00 47.49 41.02
C LEU I 137 41.91 45.97 41.09
N ASP I 138 42.22 45.42 42.26
CA ASP I 138 42.12 43.98 42.48
C ASP I 138 40.73 43.61 43.01
N SER I 139 39.84 44.60 43.06
CA SER I 139 38.47 44.37 43.50
C SER I 139 37.63 43.76 42.37
N ASN I 140 38.07 43.98 41.13
CA ASN I 140 37.36 43.43 39.98
C ASN I 140 37.47 41.89 39.94
N PRO I 141 38.69 41.35 39.94
CA PRO I 141 38.80 39.88 39.97
C PRO I 141 38.31 39.29 41.29
N LEU I 142 38.22 40.14 42.31
CA LEU I 142 37.73 39.71 43.62
C LEU I 142 36.28 39.26 43.52
N LEU I 143 35.43 40.14 42.99
CA LEU I 143 34.00 39.87 42.91
C LEU I 143 33.64 38.95 41.75
N GLU I 144 34.63 38.63 40.91
CA GLU I 144 34.40 37.75 39.77
C GLU I 144 34.64 36.29 40.13
N ALA I 145 34.83 36.01 41.42
CA ALA I 145 35.08 34.66 41.88
C ALA I 145 33.96 34.16 42.80
N PHE I 146 33.10 35.07 43.24
CA PHE I 146 32.03 34.72 44.16
C PHE I 146 30.65 34.73 43.47
N GLY I 147 30.30 35.86 42.89
CA GLY I 147 28.98 36.03 42.30
C GLY I 147 28.88 35.52 40.87
N ASN I 148 30.03 35.39 40.21
CA ASN I 148 30.06 34.96 38.82
C ASN I 148 29.83 33.46 38.66
N ALA I 149 29.39 33.06 37.47
CA ALA I 149 29.20 31.65 37.14
C ALA I 149 29.59 31.40 35.69
N LYS I 150 29.34 30.20 35.19
CA LYS I 150 29.74 29.84 33.83
C LYS I 150 28.59 29.89 32.83
N THR I 151 28.88 30.38 31.63
CA THR I 151 27.94 30.34 30.52
C THR I 151 28.64 29.80 29.28
N LEU I 152 27.89 29.19 28.38
CA LEU I 152 28.47 28.61 27.17
C LEU I 152 29.08 29.68 26.26
N ARG I 153 28.71 30.93 26.48
CA ARG I 153 29.28 32.03 25.72
C ARG I 153 30.47 32.67 26.43
N ASN I 154 30.48 32.60 27.76
CA ASN I 154 31.61 33.12 28.52
C ASN I 154 31.78 32.41 29.87
N ASP I 155 33.03 32.26 30.30
CA ASP I 155 33.32 31.62 31.57
C ASP I 155 33.12 32.55 32.76
N ASN I 156 33.66 33.77 32.65
CA ASN I 156 33.56 34.74 33.75
C ASN I 156 32.27 35.55 33.67
N SER I 157 31.14 34.85 33.66
CA SER I 157 29.84 35.50 33.53
C SER I 157 29.37 36.06 34.87
N SER I 158 29.30 37.39 34.96
CA SER I 158 28.81 38.04 36.17
C SER I 158 27.33 37.78 36.32
N ARG I 159 26.88 37.56 37.55
CA ARG I 159 25.49 37.22 37.81
C ARG I 159 24.87 38.20 38.80
N PHE I 160 25.00 39.49 38.49
CA PHE I 160 24.40 40.55 39.30
C PHE I 160 24.56 41.90 38.62
N GLY I 161 23.45 42.62 38.47
CA GLY I 161 23.47 43.94 37.88
C GLY I 161 24.43 44.84 38.64
N LYS I 162 25.01 45.81 37.95
CA LYS I 162 26.00 46.68 38.56
C LYS I 162 26.08 48.03 37.86
N TYR I 163 25.67 49.08 38.57
CA TYR I 163 25.78 50.46 38.08
C TYR I 163 26.71 51.23 39.01
N MET I 164 28.00 51.10 38.80
CA MET I 164 28.99 51.72 39.66
C MET I 164 28.92 53.25 39.59
N GLU I 165 29.44 53.89 40.61
CA GLU I 165 29.47 55.35 40.67
C GLU I 165 30.82 55.82 41.21
N MET I 166 31.41 56.81 40.53
CA MET I 166 32.73 57.30 40.91
C MET I 166 32.67 58.70 41.51
N GLN I 167 33.08 58.81 42.77
CA GLN I 167 33.18 60.10 43.44
C GLN I 167 34.64 60.54 43.50
N PHE I 168 34.90 61.71 44.07
CA PHE I 168 36.25 62.27 44.07
C PHE I 168 36.67 62.81 45.44
N ASN I 169 37.98 62.95 45.64
CA ASN I 169 38.54 63.46 46.88
C ASN I 169 39.04 64.90 46.70
N ALA I 170 39.31 65.57 47.81
CA ALA I 170 39.82 66.94 47.77
C ALA I 170 41.20 67.01 47.13
N VAL I 171 41.95 65.92 47.22
CA VAL I 171 43.31 65.88 46.67
C VAL I 171 43.29 65.56 45.18
N GLY I 172 42.26 64.84 44.73
CA GLY I 172 42.13 64.47 43.33
C GLY I 172 41.69 63.03 43.16
N SER I 173 42.30 62.13 43.94
CA SER I 173 41.97 60.71 43.87
C SER I 173 40.49 60.50 44.20
N PRO I 174 39.95 59.32 43.89
CA PRO I 174 38.55 59.03 44.26
C PRO I 174 38.38 58.69 45.73
N ILE I 175 37.14 58.77 46.23
CA ILE I 175 36.85 58.50 47.64
C ILE I 175 36.09 57.18 47.80
N GLY I 176 35.20 56.89 46.85
CA GLY I 176 34.42 55.66 46.90
C GLY I 176 33.28 55.67 45.90
N GLY I 177 32.37 54.70 46.05
CA GLY I 177 31.24 54.58 45.15
C GLY I 177 30.24 53.55 45.65
N LYS I 178 29.01 53.65 45.17
CA LYS I 178 27.96 52.72 45.56
C LYS I 178 27.68 51.72 44.44
N ILE I 179 26.93 50.68 44.75
CA ILE I 179 26.60 49.64 43.78
C ILE I 179 25.11 49.34 43.82
N THR I 180 24.52 49.08 42.66
CA THR I 180 23.10 48.79 42.56
C THR I 180 22.85 47.67 41.54
N ASN I 181 21.98 46.73 41.91
CA ASN I 181 21.64 45.62 41.03
C ASN I 181 20.13 45.55 40.80
N TYR I 182 19.70 44.59 39.98
CA TYR I 182 18.29 44.41 39.69
C TYR I 182 17.96 42.97 39.29
N LEU I 183 16.77 42.52 39.65
CA LEU I 183 16.25 41.21 39.25
C LEU I 183 17.09 40.05 39.76
N LEU I 184 18.33 39.93 39.27
CA LEU I 184 19.19 38.80 39.58
C LEU I 184 18.61 37.51 39.00
N GLU I 185 19.39 36.83 38.16
CA GLU I 185 18.95 35.56 37.60
C GLU I 185 18.81 34.54 38.73
N LYS I 186 17.62 33.94 38.83
CA LYS I 186 17.32 33.06 39.95
C LYS I 186 16.51 31.84 39.52
N SER I 187 16.70 31.42 38.27
CA SER I 187 16.06 30.22 37.76
C SER I 187 17.09 29.13 37.46
N ARG I 188 18.36 29.50 37.57
CA ARG I 188 19.46 28.58 37.29
C ARG I 188 19.68 27.59 38.44
N VAL I 189 19.23 27.97 39.62
CA VAL I 189 19.42 27.12 40.81
C VAL I 189 18.59 25.84 40.71
N VAL I 190 17.49 25.91 39.96
CA VAL I 190 16.56 24.78 39.89
C VAL I 190 16.49 24.16 38.51
N GLY I 191 16.79 24.93 37.46
CA GLY I 191 16.70 24.44 36.11
C GLY I 191 17.73 25.02 35.17
N ARG I 192 18.24 24.19 34.26
CA ARG I 192 19.25 24.61 33.30
C ARG I 192 19.52 23.52 32.27
N THR I 193 20.20 23.89 31.18
CA THR I 193 20.50 22.97 30.10
C THR I 193 21.63 22.02 30.48
N GLN I 194 21.63 20.84 29.88
CA GLN I 194 22.66 19.85 30.14
C GLN I 194 24.04 20.40 29.76
N GLY I 195 25.05 20.03 30.53
CA GLY I 195 26.40 20.50 30.28
C GLY I 195 26.73 21.76 31.05
N GLU I 196 25.78 22.68 31.12
CA GLU I 196 25.95 23.92 31.87
C GLU I 196 26.10 23.62 33.36
N ARG I 197 26.40 24.65 34.14
CA ARG I 197 26.61 24.47 35.58
C ARG I 197 26.02 25.64 36.35
N SER I 198 25.54 25.36 37.56
CA SER I 198 24.91 26.38 38.40
C SER I 198 25.97 27.32 38.97
N PHE I 199 25.56 28.12 39.96
CA PHE I 199 26.46 29.10 40.57
C PHE I 199 27.77 28.45 41.04
N HIS I 200 28.84 29.23 41.04
CA HIS I 200 30.17 28.72 41.38
C HIS I 200 30.29 28.36 42.87
N ILE I 201 29.74 29.19 43.73
CA ILE I 201 29.91 29.05 45.17
C ILE I 201 29.53 27.67 45.69
N PHE I 202 28.61 26.99 45.00
CA PHE I 202 28.12 25.70 45.47
C PHE I 202 29.07 24.55 45.15
N TYR I 203 29.93 24.73 44.14
CA TYR I 203 30.82 23.67 43.69
C TYR I 203 32.26 23.94 44.10
N GLN I 204 32.67 25.19 44.02
CA GLN I 204 34.02 25.59 44.40
C GLN I 204 34.24 25.43 45.90
N MET I 205 33.15 25.55 46.66
CA MET I 205 33.21 25.45 48.11
C MET I 205 33.47 24.00 48.55
N LEU I 206 32.89 23.06 47.82
CA LEU I 206 33.04 21.64 48.14
C LEU I 206 34.48 21.18 47.92
N LYS I 207 34.95 21.25 46.68
CA LYS I 207 36.31 20.82 46.36
C LYS I 207 37.32 21.84 46.85
N GLY I 208 37.47 21.92 48.17
CA GLY I 208 38.40 22.86 48.77
C GLY I 208 38.43 22.77 50.29
N LEU I 209 37.31 23.11 50.91
CA LEU I 209 37.21 23.08 52.37
C LEU I 209 37.58 21.71 52.91
N SER I 210 38.27 21.69 54.05
CA SER I 210 38.65 20.44 54.69
C SER I 210 37.41 19.64 55.05
N GLN I 211 37.47 18.33 54.84
CA GLN I 211 36.36 17.44 55.18
C GLN I 211 35.77 17.76 56.55
N SER I 212 36.63 18.16 57.49
CA SER I 212 36.20 18.51 58.84
C SER I 212 35.21 19.68 58.81
N LYS I 213 35.47 20.64 57.93
CA LYS I 213 34.62 21.82 57.81
C LYS I 213 33.27 21.47 57.18
N LEU I 214 33.26 20.43 56.36
CA LEU I 214 32.04 20.02 55.66
C LEU I 214 31.07 19.33 56.62
N ASP I 215 31.59 18.41 57.43
CA ASP I 215 30.76 17.67 58.37
C ASP I 215 30.09 18.60 59.37
N GLU I 216 30.79 19.67 59.76
CA GLU I 216 30.24 20.64 60.69
C GLU I 216 29.00 21.32 60.13
N LEU I 217 28.94 21.43 58.80
CA LEU I 217 27.80 22.02 58.13
C LEU I 217 26.76 20.96 57.79
N GLY I 218 26.97 19.75 58.29
CA GLY I 218 26.08 18.64 58.00
C GLY I 218 26.10 18.29 56.53
N LEU I 219 27.30 18.11 55.98
CA LEU I 219 27.46 17.84 54.57
C LEU I 219 28.24 16.55 54.33
N THR I 220 27.97 15.91 53.19
CA THR I 220 28.67 14.70 52.80
C THR I 220 29.23 14.87 51.39
N PRO I 221 30.44 14.33 51.13
CA PRO I 221 31.03 14.49 49.80
C PRO I 221 30.25 13.74 48.72
N ASN I 222 29.05 14.22 48.41
CA ASN I 222 28.22 13.61 47.39
C ASN I 222 27.04 14.51 47.03
N ALA I 223 27.14 15.15 45.85
CA ALA I 223 26.11 16.08 45.40
C ALA I 223 24.74 15.43 45.22
N PRO I 224 24.69 14.26 44.58
CA PRO I 224 23.38 13.61 44.35
C PRO I 224 22.55 13.49 45.62
N ALA I 225 23.20 13.41 46.77
CA ALA I 225 22.51 13.25 48.04
C ALA I 225 21.60 14.43 48.37
N TYR I 226 21.97 15.62 47.89
CA TYR I 226 21.20 16.83 48.16
C TYR I 226 20.12 17.04 47.11
N GLU I 227 19.40 18.15 47.22
CA GLU I 227 18.38 18.52 46.24
C GLU I 227 18.85 19.71 45.41
N TYR I 228 19.51 20.66 46.06
CA TYR I 228 20.03 21.84 45.39
C TYR I 228 20.92 21.47 44.20
N LEU I 229 21.57 20.32 44.27
CA LEU I 229 22.48 19.88 43.22
C LEU I 229 21.91 18.73 42.41
N LYS I 230 20.74 18.24 42.82
CA LYS I 230 20.12 17.11 42.15
C LYS I 230 19.10 17.57 41.10
N LYS I 231 18.57 18.78 41.28
CA LYS I 231 17.57 19.31 40.36
C LYS I 231 18.10 19.39 38.93
N SER I 232 19.41 19.39 38.77
CA SER I 232 20.01 19.47 37.45
C SER I 232 20.26 18.08 36.87
N GLY I 233 21.09 17.31 37.56
CA GLY I 233 21.46 15.98 37.11
C GLY I 233 22.94 15.89 36.78
N CYS I 234 23.61 17.04 36.72
CA CYS I 234 25.04 17.09 36.44
C CYS I 234 25.79 17.46 37.72
N PHE I 235 27.03 17.02 37.82
CA PHE I 235 27.83 17.27 39.02
C PHE I 235 29.27 17.61 38.66
N ASP I 236 29.92 16.71 37.91
CA ASP I 236 31.31 16.89 37.54
C ASP I 236 31.44 17.55 36.16
N VAL I 237 32.29 18.56 36.07
CA VAL I 237 32.55 19.23 34.80
C VAL I 237 33.93 18.85 34.28
N SER I 238 34.02 18.63 32.97
CA SER I 238 35.26 18.15 32.35
C SER I 238 36.34 19.23 32.30
N THR I 239 35.93 20.47 32.07
CA THR I 239 36.86 21.57 31.87
C THR I 239 37.37 22.15 33.19
N ILE I 240 36.51 22.17 34.20
CA ILE I 240 36.84 22.82 35.46
C ILE I 240 37.44 21.85 36.49
N ASP I 241 38.44 22.32 37.22
CA ASP I 241 39.03 21.57 38.32
C ASP I 241 39.02 22.42 39.58
N ASP I 242 37.87 22.45 40.24
CA ASP I 242 37.68 23.33 41.41
C ASP I 242 38.66 23.02 42.52
N SER I 243 39.15 21.78 42.56
CA SER I 243 40.09 21.37 43.59
C SER I 243 41.33 22.26 43.60
N GLY I 244 41.76 22.67 42.41
CA GLY I 244 42.92 23.53 42.27
C GLY I 244 42.54 25.00 42.22
N GLU I 245 41.40 25.29 41.60
CA GLU I 245 40.93 26.66 41.47
C GLU I 245 40.54 27.24 42.83
N PHE I 246 40.24 26.37 43.78
CA PHE I 246 39.83 26.80 45.12
C PHE I 246 40.88 27.66 45.80
N LYS I 247 42.14 27.36 45.54
CA LYS I 247 43.25 28.09 46.16
C LYS I 247 43.35 29.52 45.64
N ILE I 248 42.73 29.79 44.49
CA ILE I 248 42.74 31.12 43.91
C ILE I 248 41.68 32.00 44.57
N ILE I 249 40.59 31.37 45.00
CA ILE I 249 39.50 32.11 45.64
C ILE I 249 39.86 32.43 47.08
N VAL I 250 40.50 31.49 47.77
CA VAL I 250 40.90 31.68 49.15
C VAL I 250 41.95 32.79 49.25
N LYS I 251 42.83 32.87 48.26
CA LYS I 251 43.84 33.92 48.22
C LYS I 251 43.16 35.28 48.12
N ALA I 252 41.93 35.30 47.62
CA ALA I 252 41.17 36.52 47.49
C ALA I 252 40.34 36.78 48.75
N MET I 253 40.03 35.72 49.48
CA MET I 253 39.26 35.82 50.71
C MET I 253 40.02 36.64 51.76
N GLU I 254 41.21 36.17 52.13
CA GLU I 254 41.96 36.75 53.24
C GLU I 254 42.71 38.02 52.84
N THR I 255 43.17 38.07 51.59
CA THR I 255 43.95 39.20 51.11
C THR I 255 43.20 40.52 51.28
N LEU I 256 41.94 40.56 50.82
CA LEU I 256 41.15 41.79 50.89
C LEU I 256 40.85 42.14 52.35
N GLY I 257 40.05 41.32 53.01
CA GLY I 257 39.67 41.56 54.39
C GLY I 257 38.44 40.77 54.80
N LEU I 258 38.34 39.52 54.35
CA LEU I 258 37.24 38.65 54.72
C LEU I 258 37.76 37.48 55.53
N LYS I 259 38.03 37.73 56.81
CA LYS I 259 38.59 36.70 57.68
C LYS I 259 37.63 35.51 57.80
N GLU I 260 38.17 34.37 58.22
CA GLU I 260 37.38 33.16 58.36
C GLU I 260 36.15 33.40 59.23
N SER I 261 36.27 34.31 60.18
CA SER I 261 35.15 34.67 61.05
C SER I 261 33.99 35.20 60.22
N ASP I 262 34.29 36.12 59.30
CA ASP I 262 33.29 36.68 58.42
C ASP I 262 32.81 35.64 57.41
N GLN I 263 33.70 34.73 57.04
CA GLN I 263 33.37 33.67 56.10
C GLN I 263 32.35 32.72 56.70
N ASN I 264 32.66 32.17 57.87
CA ASN I 264 31.74 31.28 58.57
C ASN I 264 30.38 31.93 58.74
N SER I 265 30.38 33.22 59.07
CA SER I 265 29.14 33.97 59.22
C SER I 265 28.30 33.86 57.97
N ILE I 266 28.93 34.09 56.82
CA ILE I 266 28.25 34.01 55.53
C ILE I 266 27.80 32.57 55.26
N TRP I 267 28.62 31.61 55.65
CA TRP I 267 28.32 30.20 55.41
C TRP I 267 27.14 29.73 56.25
N ARG I 268 26.93 30.37 57.41
CA ARG I 268 25.81 30.02 58.27
C ARG I 268 24.48 30.25 57.55
N ILE I 269 24.51 31.09 56.52
CA ILE I 269 23.32 31.33 55.71
C ILE I 269 23.11 30.17 54.74
N LEU I 270 24.19 29.76 54.08
CA LEU I 270 24.14 28.63 53.16
C LEU I 270 23.99 27.32 53.94
N ALA I 271 24.62 27.26 55.11
CA ALA I 271 24.50 26.09 55.98
C ALA I 271 23.03 25.82 56.27
N ALA I 272 22.28 26.89 56.51
CA ALA I 272 20.84 26.78 56.72
C ALA I 272 20.16 26.36 55.43
N ILE I 273 20.43 27.10 54.35
CA ILE I 273 19.85 26.81 53.04
C ILE I 273 20.07 25.36 52.65
N LEU I 274 21.27 24.84 52.91
CA LEU I 274 21.58 23.45 52.60
C LEU I 274 20.81 22.50 53.52
N HIS I 275 20.41 22.99 54.68
CA HIS I 275 19.56 22.23 55.60
C HIS I 275 18.10 22.37 55.20
N ILE I 276 17.77 23.47 54.52
CA ILE I 276 16.41 23.70 54.05
C ILE I 276 16.21 23.06 52.68
N GLY I 277 17.29 23.02 51.90
CA GLY I 277 17.23 22.49 50.55
C GLY I 277 16.82 21.04 50.49
N ASN I 278 17.25 20.28 51.50
CA ASN I 278 16.92 18.85 51.57
C ASN I 278 15.43 18.57 51.62
N ILE I 279 14.65 19.58 52.01
CA ILE I 279 13.21 19.43 52.10
C ILE I 279 12.60 19.09 50.74
N THR I 280 12.48 17.80 50.46
CA THR I 280 11.79 17.35 49.25
C THR I 280 10.43 16.77 49.65
N PHE I 281 9.62 16.43 48.67
CA PHE I 281 8.27 15.93 48.95
C PHE I 281 7.92 14.72 48.10
N ALA I 282 7.12 13.82 48.67
CA ALA I 282 6.61 12.66 47.95
C ALA I 282 5.12 12.84 47.69
N GLU I 283 4.81 13.49 46.57
CA GLU I 283 3.43 13.85 46.20
C GLU I 283 2.40 13.27 47.16
N ALA I 284 1.97 14.08 48.13
CA ALA I 284 1.02 13.63 49.14
C ALA I 284 -0.42 13.80 48.64
N ALA I 285 -1.07 12.68 48.36
CA ALA I 285 -2.48 12.67 47.97
C ALA I 285 -3.33 12.46 49.20
N GLU I 286 -3.09 13.29 50.22
CA GLU I 286 -3.75 13.11 51.51
C GLU I 286 -5.24 13.42 51.42
N GLN I 287 -5.56 14.61 50.92
CA GLN I 287 -6.95 15.02 50.74
C GLN I 287 -7.75 13.98 49.96
N ARG I 288 -8.76 13.42 50.60
CA ARG I 288 -9.67 12.48 49.97
C ARG I 288 -10.05 12.92 48.54
N THR I 289 -10.20 14.23 48.35
CA THR I 289 -10.65 14.74 47.07
C THR I 289 -9.96 16.05 46.70
N GLY I 290 -10.30 17.11 47.43
CA GLY I 290 -9.84 18.46 47.14
C GLY I 290 -8.57 18.60 46.32
N THR I 291 -7.48 18.92 47.00
CA THR I 291 -6.20 19.15 46.32
C THR I 291 -5.06 18.45 47.04
N THR I 292 -4.21 17.78 46.27
CA THR I 292 -3.07 17.06 46.84
C THR I 292 -2.21 18.00 47.69
N THR I 293 -2.00 17.62 48.94
CA THR I 293 -1.22 18.43 49.86
C THR I 293 0.26 18.08 49.76
N VAL I 294 1.08 18.66 50.64
CA VAL I 294 2.51 18.40 50.64
C VAL I 294 2.96 17.88 52.00
N LYS I 295 3.34 16.61 52.05
CA LYS I 295 3.73 15.96 53.30
C LYS I 295 5.23 15.78 53.39
N VAL I 296 5.77 15.97 54.60
CA VAL I 296 7.20 15.79 54.84
C VAL I 296 7.44 14.77 55.95
N SER I 297 7.62 13.50 55.57
CA SER I 297 7.89 12.44 56.51
C SER I 297 9.29 12.59 57.11
N ASP I 298 10.27 12.75 56.24
CA ASP I 298 11.64 13.00 56.66
C ASP I 298 11.73 14.41 57.26
N THR I 299 11.26 14.55 58.49
CA THR I 299 11.13 15.86 59.12
C THR I 299 12.48 16.46 59.54
N LYS I 300 13.47 15.61 59.77
CA LYS I 300 14.77 16.10 60.23
C LYS I 300 15.36 17.13 59.27
N SER I 301 14.93 17.07 58.01
CA SER I 301 15.35 18.05 57.02
C SER I 301 14.61 19.36 57.25
N LEU I 302 13.31 19.25 57.53
CA LEU I 302 12.48 20.41 57.84
C LEU I 302 12.76 20.87 59.26
N ALA I 303 13.25 19.96 60.11
CA ALA I 303 13.60 20.29 61.48
C ALA I 303 14.92 21.04 61.50
N ALA I 304 15.92 20.52 60.79
CA ALA I 304 17.22 21.17 60.69
C ALA I 304 17.06 22.52 60.02
N ALA I 305 16.03 22.63 59.17
CA ALA I 305 15.73 23.88 58.49
C ALA I 305 15.42 24.99 59.49
N ALA I 306 14.69 24.64 60.55
CA ALA I 306 14.30 25.60 61.57
C ALA I 306 15.32 25.66 62.70
N SER I 307 16.18 24.66 62.79
CA SER I 307 17.19 24.61 63.84
C SER I 307 18.17 25.77 63.71
N CYS I 308 18.53 26.11 62.47
CA CYS I 308 19.43 27.22 62.21
C CYS I 308 18.73 28.54 62.50
N LEU I 309 17.46 28.61 62.11
CA LEU I 309 16.64 29.79 62.37
C LEU I 309 16.20 29.80 63.84
N LYS I 310 16.28 28.63 64.48
CA LYS I 310 15.89 28.49 65.88
C LYS I 310 14.45 28.92 66.09
N THR I 311 13.58 28.55 65.16
CA THR I 311 12.15 28.86 65.27
C THR I 311 11.36 27.56 65.43
N ASP I 312 10.11 27.69 65.84
CA ASP I 312 9.26 26.53 66.07
C ASP I 312 9.09 25.75 64.77
N GLN I 313 9.68 24.56 64.72
CA GLN I 313 9.61 23.70 63.54
C GLN I 313 8.18 23.54 63.05
N GLN I 314 7.26 23.33 63.99
CA GLN I 314 5.85 23.09 63.66
C GLN I 314 5.21 24.37 63.12
N SER I 315 5.18 25.41 63.94
CA SER I 315 4.54 26.66 63.56
C SER I 315 5.06 27.17 62.21
N LEU I 316 6.36 27.04 61.99
CA LEU I 316 6.97 27.47 60.74
C LEU I 316 6.25 26.87 59.54
N SER I 317 6.14 25.54 59.54
CA SER I 317 5.49 24.83 58.45
C SER I 317 4.00 25.17 58.39
N ILE I 318 3.44 25.52 59.53
CA ILE I 318 2.01 25.83 59.64
C ILE I 318 1.73 27.29 59.26
N ALA I 319 2.77 28.11 59.21
CA ALA I 319 2.62 29.54 58.95
C ALA I 319 3.19 29.96 57.60
N LEU I 320 3.81 29.04 56.87
CA LEU I 320 4.39 29.36 55.58
C LEU I 320 3.73 28.57 54.46
N CYS I 321 3.85 27.24 54.52
CA CYS I 321 3.19 26.38 53.55
C CYS I 321 1.68 26.62 53.59
N TYR I 322 1.21 27.14 54.72
CA TYR I 322 -0.19 27.47 54.90
C TYR I 322 -0.37 28.97 55.08
N ARG I 323 -1.23 29.57 54.26
CA ARG I 323 -1.48 31.01 54.33
C ARG I 323 -2.56 31.29 55.37
N SER I 324 -2.53 32.49 55.95
CA SER I 324 -3.47 32.85 57.01
C SER I 324 -3.68 34.34 57.14
N ILE I 325 -4.92 34.72 57.45
CA ILE I 325 -5.27 36.13 57.68
C ILE I 325 -6.63 36.22 58.38
N SER I 326 -6.76 37.22 59.25
CA SER I 326 -8.02 37.52 59.93
C SER I 326 -8.31 39.01 59.78
N THR I 327 -7.66 39.82 60.61
CA THR I 327 -7.73 41.27 60.48
C THR I 327 -8.86 41.93 61.26
N GLY I 328 -8.57 43.10 61.81
CA GLY I 328 -9.55 43.93 62.49
C GLY I 328 -8.90 45.08 63.23
N VAL I 329 -8.33 46.02 62.48
CA VAL I 329 -7.65 47.19 63.05
C VAL I 329 -6.32 46.83 63.73
N GLY I 330 -6.28 45.68 64.41
CA GLY I 330 -5.06 45.19 65.00
C GLY I 330 -4.11 44.74 63.91
N LYS I 331 -3.78 43.45 63.90
CA LYS I 331 -3.03 42.86 62.79
C LYS I 331 -3.15 41.33 62.72
N ARG I 332 -4.38 40.81 62.87
CA ARG I 332 -4.69 39.41 62.57
C ARG I 332 -4.05 38.39 63.52
N CYS I 333 -4.60 37.19 63.53
CA CYS I 333 -3.99 36.05 64.23
C CYS I 333 -3.70 34.94 63.22
N GLU I 334 -2.43 34.71 62.95
CA GLU I 334 -2.00 33.78 61.91
C GLU I 334 -2.01 32.34 62.38
N VAL I 335 -2.78 31.49 61.70
CA VAL I 335 -2.82 30.07 62.02
C VAL I 335 -3.60 29.27 60.97
N ILE I 336 -4.72 29.81 60.49
CA ILE I 336 -5.54 29.11 59.51
C ILE I 336 -4.68 28.53 58.39
N SER I 337 -5.17 27.45 57.79
CA SER I 337 -4.33 26.63 56.92
C SER I 337 -4.75 26.68 55.45
N VAL I 338 -3.76 26.66 54.57
CA VAL I 338 -4.00 26.58 53.13
C VAL I 338 -2.95 25.70 52.45
N PRO I 339 -3.09 24.37 52.55
CA PRO I 339 -2.18 23.52 51.78
C PRO I 339 -2.43 23.69 50.29
N MET I 340 -1.37 23.75 49.50
CA MET I 340 -1.48 23.96 48.07
C MET I 340 -0.67 22.94 47.30
N ASP I 341 -0.79 22.96 45.98
CA ASP I 341 -0.13 21.99 45.12
C ASP I 341 1.40 22.05 45.26
N CYS I 342 2.07 21.09 44.65
CA CYS I 342 3.52 20.99 44.73
C CYS I 342 4.20 22.15 44.01
N ASN I 343 3.66 22.51 42.85
CA ASN I 343 4.21 23.60 42.05
C ASN I 343 4.26 24.91 42.82
N GLN I 344 3.14 25.27 43.44
CA GLN I 344 3.07 26.48 44.26
C GLN I 344 3.93 26.35 45.50
N ALA I 345 4.00 25.14 46.04
CA ALA I 345 4.83 24.86 47.21
C ALA I 345 6.31 25.02 46.86
N ALA I 346 6.70 24.46 45.72
CA ALA I 346 8.07 24.59 45.23
C ALA I 346 8.34 26.02 44.83
N TYR I 347 7.32 26.70 44.33
CA TYR I 347 7.44 28.10 43.95
C TYR I 347 7.77 28.95 45.17
N SER I 348 6.99 28.78 46.24
CA SER I 348 7.21 29.52 47.47
C SER I 348 8.58 29.18 48.07
N ARG I 349 8.93 27.90 48.02
CA ARG I 349 10.21 27.43 48.53
C ARG I 349 11.36 28.20 47.90
N ASP I 350 11.39 28.23 46.57
CA ASP I 350 12.47 28.91 45.85
C ASP I 350 12.38 30.42 46.01
N ALA I 351 11.18 30.97 45.79
CA ALA I 351 10.97 32.41 45.88
C ALA I 351 11.73 33.05 47.02
N LEU I 352 11.76 32.38 48.17
CA LEU I 352 12.48 32.88 49.33
C LEU I 352 13.97 32.59 49.22
N ALA I 353 14.29 31.38 48.77
CA ALA I 353 15.68 30.94 48.68
C ALA I 353 16.53 31.88 47.83
N LYS I 354 15.89 32.60 46.91
CA LYS I 354 16.62 33.48 45.99
C LYS I 354 16.79 34.86 46.60
N ALA I 355 15.67 35.50 46.92
CA ALA I 355 15.67 36.86 47.44
C ALA I 355 16.50 36.97 48.72
N LEU I 356 16.58 35.87 49.46
CA LEU I 356 17.35 35.84 50.70
C LEU I 356 18.83 36.11 50.42
N TYR I 357 19.33 35.56 49.31
CA TYR I 357 20.73 35.68 48.97
C TYR I 357 21.00 36.94 48.13
N GLU I 358 19.97 37.42 47.44
CA GLU I 358 20.12 38.61 46.60
C GLU I 358 20.42 39.84 47.46
N ARG I 359 19.63 40.04 48.50
CA ARG I 359 19.79 41.20 49.38
C ARG I 359 21.14 41.14 50.10
N LEU I 360 21.56 39.94 50.46
CA LEU I 360 22.82 39.75 51.18
C LEU I 360 24.00 40.19 50.34
N PHE I 361 24.10 39.66 49.12
CA PHE I 361 25.22 39.97 48.23
C PHE I 361 25.36 41.47 48.02
N ASN I 362 24.24 42.16 47.81
CA ASN I 362 24.26 43.59 47.59
C ASN I 362 24.61 44.36 48.86
N TRP I 363 24.29 43.78 50.01
CA TRP I 363 24.66 44.38 51.29
C TRP I 363 26.06 43.95 51.69
N LEU I 364 26.53 42.85 51.10
CA LEU I 364 27.87 42.36 51.36
C LEU I 364 28.90 43.25 50.68
N VAL I 365 28.69 43.50 49.39
CA VAL I 365 29.59 44.35 48.61
C VAL I 365 29.71 45.74 49.24
N SER I 366 28.63 46.19 49.89
CA SER I 366 28.65 47.48 50.58
C SER I 366 29.51 47.40 51.82
N LYS I 367 29.56 46.22 52.45
CA LYS I 367 30.38 46.01 53.63
C LYS I 367 31.82 45.69 53.23
N ILE I 368 32.01 45.27 51.98
CA ILE I 368 33.34 45.11 51.43
C ILE I 368 33.97 46.50 51.29
N ASN I 369 33.12 47.49 51.04
CA ASN I 369 33.58 48.88 50.92
C ASN I 369 33.74 49.56 52.27
N THR I 370 33.32 48.89 53.34
CA THR I 370 33.50 49.41 54.69
C THR I 370 34.97 49.70 54.98
N ILE I 371 35.86 48.90 54.38
CA ILE I 371 37.29 49.08 54.57
C ILE I 371 37.91 49.62 53.28
N ILE I 372 37.12 50.39 52.54
CA ILE I 372 37.54 50.93 51.25
C ILE I 372 36.91 52.29 50.99
N ASN I 373 35.58 52.35 51.12
CA ASN I 373 34.84 53.59 50.88
C ASN I 373 35.20 54.67 51.88
N CYS I 374 35.17 55.93 51.43
CA CYS I 374 35.46 57.08 52.29
C CYS I 374 34.21 57.90 52.55
N THR I 375 34.22 58.66 53.64
CA THR I 375 33.08 59.48 54.01
C THR I 375 33.55 60.85 54.49
N THR I 376 34.40 61.49 53.69
CA THR I 376 34.96 62.79 54.04
C THR I 376 34.38 63.90 53.16
N GLU I 377 34.19 63.62 51.88
CA GLU I 377 33.61 64.59 50.95
C GLU I 377 32.36 64.04 50.27
N LYS I 378 31.50 64.94 49.80
CA LYS I 378 30.37 64.59 48.97
C LYS I 378 30.34 65.50 47.74
N GLY I 379 30.35 64.89 46.56
CA GLY I 379 30.40 65.66 45.33
C GLY I 379 29.93 64.88 44.11
N PRO I 380 30.15 65.44 42.90
CA PRO I 380 29.77 64.84 41.63
C PRO I 380 29.98 63.32 41.57
N VAL I 381 29.20 62.66 40.73
CA VAL I 381 29.26 61.21 40.59
C VAL I 381 29.33 60.78 39.13
N ILE I 382 30.42 60.12 38.76
CA ILE I 382 30.56 59.55 37.43
C ILE I 382 30.16 58.07 37.45
N GLY I 383 29.07 57.74 36.77
CA GLY I 383 28.54 56.39 36.78
C GLY I 383 29.10 55.50 35.69
N ILE I 384 29.12 54.20 35.94
CA ILE I 384 29.56 53.22 34.96
C ILE I 384 28.58 52.06 34.91
N LEU I 385 28.02 51.79 33.73
CA LEU I 385 27.02 50.76 33.57
C LEU I 385 27.64 49.41 33.26
N ASP I 386 27.02 48.34 33.76
CA ASP I 386 27.48 46.98 33.52
C ASP I 386 26.37 45.98 33.84
N ILE I 387 25.80 45.38 32.80
CA ILE I 387 24.69 44.45 32.97
C ILE I 387 24.91 43.20 32.12
N TYR I 388 24.16 42.14 32.43
CA TYR I 388 24.25 40.90 31.67
C TYR I 388 24.20 41.13 30.16
N GLY I 389 24.99 40.36 29.43
CA GLY I 389 25.12 40.55 27.99
C GLY I 389 24.12 39.74 27.19
N PHE I 390 23.94 40.12 25.93
CA PHE I 390 23.00 39.44 25.04
C PHE I 390 23.54 38.07 24.65
N GLU I 391 23.09 37.04 25.36
CA GLU I 391 23.54 35.68 25.11
C GLU I 391 22.77 35.05 23.95
N VAL I 392 23.44 34.20 23.19
CA VAL I 392 22.81 33.58 22.03
C VAL I 392 23.03 32.06 22.01
N PHE I 393 21.93 31.32 22.01
CA PHE I 393 21.99 29.88 21.87
C PHE I 393 21.22 29.47 20.63
N GLN I 394 21.22 28.16 20.34
CA GLN I 394 20.44 27.63 19.22
C GLN I 394 19.10 27.12 19.75
N ASN I 395 18.72 27.59 20.94
CA ASN I 395 17.48 27.19 21.58
C ASN I 395 17.20 28.06 22.80
N ASN I 396 16.29 29.01 22.64
CA ASN I 396 16.01 29.97 23.70
C ASN I 396 14.78 29.63 24.52
N SER I 397 14.58 30.37 25.60
CA SER I 397 13.44 30.16 26.50
C SER I 397 13.10 31.48 27.20
N PHE I 398 12.36 31.40 28.29
CA PHE I 398 11.94 32.59 29.02
C PHE I 398 13.13 33.38 29.56
N GLU I 399 13.99 32.71 30.30
CA GLU I 399 15.13 33.38 30.94
C GLU I 399 15.95 34.19 29.94
N GLN I 400 15.87 33.83 28.66
CA GLN I 400 16.54 34.59 27.62
C GLN I 400 15.79 35.88 27.32
N LEU I 401 14.47 35.84 27.41
CA LEU I 401 13.64 37.00 27.10
C LEU I 401 14.04 38.21 27.95
N ASN I 402 14.16 38.01 29.25
CA ASN I 402 14.53 39.09 30.16
C ASN I 402 15.86 39.73 29.77
N ILE I 403 16.83 38.89 29.40
CA ILE I 403 18.14 39.38 29.01
C ILE I 403 18.07 40.07 27.65
N ASN I 404 17.35 39.45 26.71
CA ASN I 404 17.18 40.01 25.38
C ASN I 404 16.32 41.27 25.42
N PHE I 405 15.41 41.33 26.39
CA PHE I 405 14.55 42.50 26.57
C PHE I 405 15.37 43.74 26.91
N CYS I 406 16.44 43.56 27.67
CA CYS I 406 17.30 44.66 28.07
C CYS I 406 17.96 45.30 26.86
N ASN I 407 18.30 44.48 25.88
CA ASN I 407 18.92 44.96 24.65
C ASN I 407 17.95 45.80 23.83
N GLU I 408 16.67 45.42 23.87
CA GLU I 408 15.62 46.20 23.21
C GLU I 408 15.54 47.58 23.83
N LYS I 409 15.82 47.67 25.13
CA LYS I 409 15.84 48.94 25.83
C LYS I 409 17.17 49.65 25.60
N LEU I 410 18.23 48.87 25.39
CA LEU I 410 19.56 49.41 25.16
C LEU I 410 19.63 50.09 23.79
N GLN I 411 19.01 49.46 22.80
CA GLN I 411 18.95 50.05 21.46
C GLN I 411 18.11 51.32 21.49
N GLN I 412 17.03 51.29 22.26
CA GLN I 412 16.19 52.46 22.45
C GLN I 412 16.98 53.59 23.11
N LEU I 413 17.91 53.22 23.99
CA LEU I 413 18.75 54.19 24.69
C LEU I 413 19.58 54.99 23.69
N PHE I 414 20.28 54.29 22.81
CA PHE I 414 21.12 54.95 21.81
C PHE I 414 20.29 55.85 20.89
N ILE I 415 19.23 55.29 20.31
CA ILE I 415 18.35 56.05 19.43
C ILE I 415 17.82 57.29 20.15
N GLU I 416 17.65 57.19 21.45
CA GLU I 416 17.21 58.31 22.27
C GLU I 416 18.35 59.31 22.45
N LEU I 417 19.58 58.82 22.38
CA LEU I 417 20.75 59.65 22.62
C LEU I 417 21.43 60.09 21.32
N THR I 418 21.95 59.13 20.56
CA THR I 418 22.73 59.44 19.37
C THR I 418 21.88 59.84 18.17
N LEU I 419 20.57 59.84 18.33
CA LEU I 419 19.66 60.16 17.23
C LEU I 419 18.60 61.20 17.60
N LYS I 420 18.30 61.34 18.89
CA LYS I 420 17.27 62.28 19.33
C LYS I 420 17.84 63.43 20.15
N SER I 421 18.30 63.12 21.36
CA SER I 421 18.79 64.15 22.27
C SER I 421 19.98 64.91 21.68
N GLU I 422 20.74 64.24 20.81
CA GLU I 422 21.91 64.84 20.21
C GLU I 422 21.54 65.70 19.00
N GLN I 423 20.55 65.25 18.23
CA GLN I 423 20.08 66.02 17.08
C GLN I 423 19.43 67.32 17.53
N GLU I 424 18.73 67.26 18.65
CA GLU I 424 18.10 68.45 19.21
C GLU I 424 19.15 69.45 19.69
N GLU I 425 20.33 68.94 20.01
CA GLU I 425 21.44 69.78 20.44
C GLU I 425 22.06 70.49 19.24
N TYR I 426 21.99 69.84 18.08
CA TYR I 426 22.51 70.43 16.85
C TYR I 426 21.77 71.72 16.52
N VAL I 427 20.45 71.65 16.47
CA VAL I 427 19.62 72.80 16.13
C VAL I 427 19.65 73.85 17.23
N ARG I 428 19.91 73.42 18.47
CA ARG I 428 20.00 74.35 19.60
C ARG I 428 21.20 75.27 19.42
N GLU I 429 22.25 74.75 18.78
CA GLU I 429 23.43 75.54 18.48
C GLU I 429 23.18 76.40 17.25
N GLY I 430 22.28 75.93 16.38
CA GLY I 430 21.90 76.66 15.19
C GLY I 430 22.83 76.37 14.03
N ILE I 431 23.33 75.13 13.99
CA ILE I 431 24.27 74.72 12.94
C ILE I 431 23.57 73.85 11.90
N GLU I 432 23.99 73.98 10.65
CA GLU I 432 23.39 73.27 9.53
C GLU I 432 23.06 71.83 9.88
N TRP I 433 21.79 71.47 9.72
CA TRP I 433 21.34 70.11 9.98
C TRP I 433 19.97 69.87 9.37
N LYS I 434 19.81 68.69 8.77
CA LYS I 434 18.54 68.31 8.16
C LYS I 434 18.28 66.83 8.40
N ASN I 435 17.04 66.49 8.74
CA ASN I 435 16.69 65.11 9.08
C ASN I 435 16.93 64.14 7.94
N ILE I 436 18.05 63.44 7.99
CA ILE I 436 18.40 62.45 6.98
C ILE I 436 17.74 61.11 7.32
N GLU I 437 17.37 60.36 6.28
CA GLU I 437 16.62 59.11 6.44
C GLU I 437 16.67 58.54 7.85
N TYR I 438 15.65 58.84 8.65
CA TYR I 438 15.55 58.37 10.02
C TYR I 438 14.74 57.08 10.08
N PHE I 439 15.43 55.95 10.27
CA PHE I 439 14.77 54.67 10.37
C PHE I 439 13.88 54.66 11.60
N ASN I 440 12.88 53.80 11.61
CA ASN I 440 11.90 53.75 12.69
C ASN I 440 12.54 53.96 14.06
N ASN I 441 11.97 54.89 14.84
CA ASN I 441 12.44 55.16 16.20
C ASN I 441 12.09 54.00 17.12
N LYS I 442 11.42 52.99 16.57
CA LYS I 442 10.97 51.82 17.32
C LYS I 442 10.47 52.11 18.74
N PRO I 443 9.54 53.08 18.87
CA PRO I 443 8.88 53.21 20.17
C PRO I 443 7.77 52.17 20.28
N ILE I 444 7.47 51.50 19.16
CA ILE I 444 6.48 50.43 19.14
C ILE I 444 6.99 49.26 19.97
N CYS I 445 8.28 48.98 19.86
CA CYS I 445 8.89 47.89 20.63
C CYS I 445 8.87 48.21 22.13
N GLU I 446 8.57 49.46 22.46
CA GLU I 446 8.46 49.86 23.86
C GLU I 446 7.00 49.85 24.30
N LEU I 447 6.13 50.39 23.44
CA LEU I 447 4.70 50.42 23.72
C LEU I 447 4.10 49.01 23.65
N ILE I 448 4.80 48.10 22.99
CA ILE I 448 4.36 46.72 22.85
C ILE I 448 4.54 45.95 24.15
N GLU I 449 5.15 46.57 25.15
CA GLU I 449 5.41 45.91 26.42
C GLU I 449 5.54 46.91 27.59
N LYS I 450 4.56 47.79 27.72
CA LYS I 450 4.53 48.75 28.83
C LYS I 450 3.10 49.17 29.16
N LYS I 451 2.57 50.09 28.36
CA LYS I 451 1.21 50.59 28.56
C LYS I 451 0.19 49.49 28.31
N PRO I 452 -1.06 49.70 28.73
CA PRO I 452 -2.08 48.67 28.49
C PRO I 452 -2.05 48.16 27.05
N ILE I 453 -2.46 46.90 26.86
CA ILE I 453 -2.38 46.25 25.56
C ILE I 453 -0.91 46.13 25.15
N GLY I 454 -0.14 45.39 25.94
CA GLY I 454 1.26 45.16 25.64
C GLY I 454 1.72 43.80 26.13
N LEU I 455 2.84 43.32 25.59
CA LEU I 455 3.36 42.00 25.93
C LEU I 455 3.39 41.74 27.43
N ILE I 456 4.32 42.36 28.14
CA ILE I 456 4.45 42.14 29.57
C ILE I 456 3.17 42.55 30.30
N SER I 457 2.42 43.47 29.69
CA SER I 457 1.13 43.88 30.23
C SER I 457 0.11 42.76 30.02
N LEU I 458 0.32 41.98 28.95
CA LEU I 458 -0.52 40.82 28.69
C LEU I 458 0.11 39.56 29.28
N LEU I 459 1.40 39.64 29.59
CA LEU I 459 2.12 38.48 30.13
C LEU I 459 1.94 38.41 31.64
N ASP I 460 2.41 39.45 32.33
CA ASP I 460 2.30 39.52 33.78
C ASP I 460 0.84 39.35 34.21
N GLU I 461 -0.09 39.77 33.36
CA GLU I 461 -1.51 39.61 33.65
C GLU I 461 -1.89 38.13 33.67
N ALA I 462 -1.24 37.35 32.80
CA ALA I 462 -1.50 35.92 32.73
C ALA I 462 -0.79 35.19 33.86
N CYS I 463 0.31 35.76 34.33
CA CYS I 463 1.05 35.18 35.45
C CYS I 463 0.17 35.06 36.67
N LEU I 464 -0.79 35.97 36.82
CA LEU I 464 -1.70 35.94 37.95
C LEU I 464 -2.87 35.00 37.68
N ILE I 465 -3.36 35.00 36.44
CA ILE I 465 -4.38 34.04 36.03
C ILE I 465 -3.75 32.66 35.97
N ALA I 466 -3.70 31.99 37.11
CA ALA I 466 -3.03 30.69 37.21
C ALA I 466 -3.71 29.63 36.35
N LYS I 467 -5.00 29.82 36.11
CA LYS I 467 -5.76 28.87 35.29
C LYS I 467 -5.43 29.02 33.82
N SER I 468 -4.72 30.08 33.48
CA SER I 468 -4.18 30.24 32.13
C SER I 468 -2.73 29.77 32.11
N THR I 469 -2.54 28.50 31.78
CA THR I 469 -1.22 27.88 31.86
C THR I 469 -0.28 28.44 30.78
N ASP I 470 0.13 27.61 29.84
CA ASP I 470 1.08 28.03 28.81
C ASP I 470 0.44 28.04 27.43
N GLN I 471 -0.38 27.03 27.16
CA GLN I 471 -1.05 26.92 25.87
C GLN I 471 -2.10 28.01 25.70
N THR I 472 -2.85 28.28 26.77
CA THR I 472 -3.86 29.32 26.74
C THR I 472 -3.20 30.70 26.69
N PHE I 473 -2.09 30.84 27.42
CA PHE I 473 -1.31 32.06 27.42
C PHE I 473 -0.77 32.39 26.04
N LEU I 474 -0.33 31.35 25.33
CA LEU I 474 0.17 31.52 23.96
C LEU I 474 -0.87 32.20 23.09
N ASP I 475 -2.12 31.78 23.22
CA ASP I 475 -3.20 32.28 22.39
C ASP I 475 -3.52 33.74 22.70
N SER I 476 -3.09 34.21 23.86
CA SER I 476 -3.32 35.60 24.25
C SER I 476 -2.25 36.52 23.67
N ILE I 477 -1.28 35.94 22.97
CA ILE I 477 -0.22 36.71 22.36
C ILE I 477 -0.42 36.79 20.86
N CYS I 478 -0.63 35.64 20.23
CA CYS I 478 -0.80 35.55 18.78
C CYS I 478 -1.96 36.41 18.30
N LYS I 479 -3.03 36.45 19.09
CA LYS I 479 -4.21 37.24 18.74
C LYS I 479 -3.98 38.72 19.01
N GLN I 480 -3.41 39.03 20.17
CA GLN I 480 -3.13 40.40 20.54
C GLN I 480 -2.16 41.04 19.55
N PHE I 481 -1.25 40.23 19.03
CA PHE I 481 -0.25 40.70 18.08
C PHE I 481 -0.36 39.93 16.75
N GLU I 482 0.78 39.68 16.10
CA GLU I 482 0.77 39.06 14.78
C GLU I 482 -0.12 39.87 13.85
N LYS I 483 -0.10 41.18 14.05
CA LYS I 483 -0.91 42.12 13.28
C LYS I 483 -0.27 43.48 13.46
N ASN I 484 0.04 43.80 14.71
CA ASN I 484 0.96 44.89 15.03
C ASN I 484 2.28 44.61 14.33
N PRO I 485 2.94 45.68 13.83
CA PRO I 485 4.14 45.41 13.03
C PRO I 485 5.34 44.91 13.86
N HIS I 486 6.22 44.15 13.21
CA HIS I 486 7.46 43.69 13.81
C HIS I 486 7.25 42.55 14.82
N LEU I 487 6.58 41.50 14.37
CA LEU I 487 6.37 40.30 15.19
C LEU I 487 5.69 39.20 14.37
N GLN I 488 6.34 38.05 14.26
CA GLN I 488 5.86 36.97 13.42
C GLN I 488 5.64 35.68 14.20
N SER I 489 5.25 34.62 13.48
CA SER I 489 5.04 33.31 14.06
C SER I 489 4.90 32.29 12.94
N TYR I 490 4.37 31.11 13.25
CA TYR I 490 4.13 30.10 12.22
C TYR I 490 2.89 30.40 11.40
N VAL I 491 1.82 30.79 12.08
CA VAL I 491 0.52 31.00 11.44
C VAL I 491 0.62 32.04 10.30
N VAL I 492 0.98 33.27 10.64
CA VAL I 492 1.07 34.33 9.65
C VAL I 492 2.22 34.05 8.69
N SER I 493 3.43 33.98 9.22
CA SER I 493 4.60 33.64 8.42
C SER I 493 4.73 32.12 8.31
N LYS I 494 4.23 31.57 7.20
CA LYS I 494 4.22 30.13 7.01
C LYS I 494 5.64 29.56 6.95
N ASP I 495 6.24 29.39 8.12
CA ASP I 495 7.59 28.82 8.22
C ASP I 495 7.58 27.63 9.16
N ARG I 496 8.08 26.50 8.69
CA ARG I 496 8.04 25.27 9.48
C ARG I 496 9.01 25.30 10.66
N SER I 497 10.01 26.17 10.58
CA SER I 497 11.00 26.29 11.64
C SER I 497 10.35 26.66 12.97
N ILE I 498 9.20 27.33 12.89
CA ILE I 498 8.47 27.74 14.09
C ILE I 498 7.43 26.68 14.46
N GLY I 499 7.47 26.23 15.71
CA GLY I 499 6.51 25.26 16.20
C GLY I 499 5.13 25.88 16.37
N ASP I 500 4.12 25.03 16.50
CA ASP I 500 2.75 25.51 16.69
C ASP I 500 2.56 26.12 18.06
N THR I 501 3.47 25.80 18.98
CA THR I 501 3.40 26.32 20.34
C THR I 501 4.39 27.46 20.54
N CYS I 502 5.31 27.62 19.59
CA CYS I 502 6.33 28.67 19.67
C CYS I 502 5.97 29.84 18.77
N PHE I 503 6.81 30.88 18.78
CA PHE I 503 6.57 32.06 17.96
C PHE I 503 7.88 32.70 17.50
N ARG I 504 7.79 33.62 16.55
CA ARG I 504 8.96 34.29 15.99
C ARG I 504 9.01 35.75 16.41
N LEU I 505 9.95 36.09 17.29
CA LEU I 505 10.11 37.45 17.76
C LEU I 505 11.30 38.13 17.06
N LYS I 506 11.00 39.17 16.29
CA LYS I 506 12.03 39.91 15.57
C LYS I 506 12.60 41.03 16.42
N HIS I 507 13.88 40.93 16.75
CA HIS I 507 14.58 41.99 17.47
C HIS I 507 15.12 43.00 16.45
N TYR I 508 15.98 43.90 16.91
CA TYR I 508 16.61 44.87 16.02
C TYR I 508 17.86 44.26 15.37
N ALA I 509 17.91 42.93 15.36
CA ALA I 509 19.08 42.20 14.86
C ALA I 509 18.70 41.05 13.95
N GLY I 510 18.30 39.92 14.54
CA GLY I 510 17.96 38.74 13.79
C GLY I 510 16.65 38.11 14.19
N ASP I 511 16.64 36.77 14.28
CA ASP I 511 15.43 36.04 14.64
C ASP I 511 15.69 35.09 15.80
N VAL I 512 14.70 34.97 16.68
CA VAL I 512 14.81 34.09 17.84
C VAL I 512 13.48 33.40 18.15
N THR I 513 13.55 32.10 18.43
CA THR I 513 12.36 31.34 18.78
C THR I 513 12.45 30.87 20.23
N TYR I 514 11.32 30.88 20.93
CA TYR I 514 11.29 30.54 22.34
C TYR I 514 10.42 29.32 22.61
N ASP I 515 10.73 28.62 23.70
CA ASP I 515 9.93 27.46 24.12
C ASP I 515 8.87 27.94 25.10
N VAL I 516 8.41 27.06 25.99
CA VAL I 516 7.38 27.43 26.96
C VAL I 516 7.54 26.75 28.32
N ARG I 517 8.47 25.79 28.39
CA ARG I 517 8.68 25.02 29.62
C ARG I 517 8.88 25.93 30.84
N GLY I 518 7.92 25.88 31.76
CA GLY I 518 8.06 26.55 33.05
C GLY I 518 7.74 28.04 33.04
N PHE I 519 7.35 28.56 31.88
CA PHE I 519 7.07 30.00 31.73
C PHE I 519 6.49 30.65 32.99
N LEU I 520 5.34 30.17 33.44
CA LEU I 520 4.64 30.79 34.56
C LEU I 520 5.50 30.90 35.82
N ASP I 521 5.64 29.77 36.53
CA ASP I 521 6.32 29.77 37.83
C ASP I 521 7.67 30.49 37.79
N LYS I 522 8.29 30.53 36.63
CA LYS I 522 9.59 31.19 36.49
C LYS I 522 9.44 32.68 36.29
N ASN I 523 8.32 33.09 35.70
CA ASN I 523 8.09 34.49 35.38
C ASN I 523 7.30 35.23 36.45
N LYS I 524 6.31 34.55 37.04
CA LYS I 524 5.43 35.16 38.02
C LYS I 524 6.20 36.10 38.94
N ASP I 525 7.18 35.54 39.65
CA ASP I 525 8.02 36.31 40.56
C ASP I 525 7.24 36.81 41.78
N THR I 526 5.92 36.72 41.74
CA THR I 526 5.07 37.19 42.82
C THR I 526 5.57 36.69 44.17
N LEU I 527 6.00 37.62 45.01
CA LEU I 527 6.49 37.29 46.34
C LEU I 527 5.72 38.07 47.41
N PHE I 528 4.66 37.46 47.93
CA PHE I 528 3.83 38.08 48.94
C PHE I 528 4.56 38.18 50.28
N GLY I 529 3.95 38.84 51.24
CA GLY I 529 4.56 39.07 52.54
C GLY I 529 4.27 37.98 53.55
N ASP I 530 4.46 36.73 53.12
CA ASP I 530 4.28 35.59 54.01
C ASP I 530 5.60 34.83 54.17
N LEU I 531 6.36 34.76 53.08
CA LEU I 531 7.67 34.11 53.09
C LEU I 531 8.73 35.09 53.58
N ILE I 532 8.46 36.38 53.42
CA ILE I 532 9.41 37.42 53.78
C ILE I 532 9.38 37.72 55.27
N SER I 533 8.19 37.78 55.84
CA SER I 533 8.02 38.18 57.23
C SER I 533 8.58 37.16 58.22
N SER I 534 8.60 35.89 57.81
CA SER I 534 9.06 34.82 58.69
C SER I 534 10.46 35.10 59.22
N MET I 535 11.40 35.26 58.31
CA MET I 535 12.80 35.49 58.67
C MET I 535 12.97 36.78 59.48
N GLN I 536 12.12 37.77 59.21
CA GLN I 536 12.22 39.05 59.89
C GLN I 536 11.92 38.90 61.38
N SER I 537 11.03 37.97 61.73
CA SER I 537 10.63 37.76 63.11
C SER I 537 11.50 36.72 63.81
N SER I 538 12.57 36.28 63.15
CA SER I 538 13.47 35.28 63.72
C SER I 538 14.44 35.93 64.70
N SER I 539 15.19 35.09 65.42
CA SER I 539 16.17 35.58 66.38
C SER I 539 17.59 35.17 65.99
N ASP I 540 18.25 36.02 65.20
CA ASP I 540 19.60 35.75 64.75
C ASP I 540 20.22 37.05 64.23
N PRO I 541 21.50 37.28 64.51
CA PRO I 541 22.14 38.54 64.08
C PRO I 541 22.27 38.67 62.56
N LEU I 542 22.06 37.57 61.83
CA LEU I 542 22.17 37.59 60.38
C LEU I 542 20.82 37.43 59.69
N VAL I 543 20.03 36.45 60.13
CA VAL I 543 18.74 36.16 59.51
C VAL I 543 17.94 37.45 59.32
N GLN I 544 17.93 38.31 60.33
CA GLN I 544 17.27 39.60 60.22
C GLN I 544 18.21 40.62 59.60
N GLY I 545 19.51 40.34 59.65
CA GLY I 545 20.51 41.21 59.07
C GLY I 545 20.50 41.17 57.55
N LEU I 546 20.13 40.02 56.98
CA LEU I 546 20.04 39.90 55.54
C LEU I 546 18.98 40.86 55.03
N PHE I 547 17.99 41.11 55.87
CA PHE I 547 16.99 42.15 55.61
C PHE I 547 17.45 43.43 56.30
N PRO I 548 18.22 44.26 55.58
CA PRO I 548 18.91 45.39 56.22
C PRO I 548 17.95 46.51 56.59
N PRO I 549 18.46 47.56 57.28
CA PRO I 549 17.62 48.72 57.61
C PRO I 549 16.52 48.95 56.58
N THR I 550 15.28 48.81 57.01
CA THR I 550 14.13 48.86 56.11
C THR I 550 14.18 50.04 55.16
N ARG I 551 13.81 49.80 53.90
CA ARG I 551 13.67 50.85 52.90
C ARG I 551 15.01 51.45 52.46
N PRO I 552 15.79 50.71 51.66
CA PRO I 552 17.00 51.26 51.05
C PRO I 552 16.77 51.66 49.60
N GLU I 553 16.55 52.95 49.36
CA GLU I 553 16.30 53.47 48.01
C GLU I 553 15.07 52.85 47.36
N ASP I 554 14.26 52.15 48.16
CA ASP I 554 13.04 51.53 47.66
C ASP I 554 12.04 51.38 48.79
N SER I 555 11.09 52.32 48.88
CA SER I 555 10.15 52.33 49.99
C SER I 555 8.71 52.38 49.50
N LYS I 556 8.18 53.58 49.28
CA LYS I 556 6.80 53.76 48.87
C LYS I 556 5.88 52.91 49.74
N LYS I 557 5.39 51.79 49.20
CA LYS I 557 4.58 50.85 49.98
C LYS I 557 5.08 49.43 49.71
N ARG I 558 5.07 48.60 50.76
CA ARG I 558 5.71 47.28 50.71
C ARG I 558 4.80 46.19 50.16
N PRO I 559 3.61 45.99 50.75
CA PRO I 559 2.81 44.83 50.35
C PRO I 559 2.25 44.91 48.93
N GLU I 560 2.86 44.16 48.01
CA GLU I 560 2.39 44.11 46.63
C GLU I 560 3.19 43.10 45.83
N THR I 561 2.53 42.41 44.92
CA THR I 561 3.18 41.42 44.06
C THR I 561 4.48 41.94 43.49
N ALA I 562 5.44 41.05 43.30
CA ALA I 562 6.75 41.43 42.78
C ALA I 562 6.69 41.66 41.28
N GLY I 563 5.64 41.17 40.64
CA GLY I 563 5.43 41.40 39.22
C GLY I 563 5.54 42.87 38.88
N SER I 564 5.09 43.72 39.80
CA SER I 564 5.17 45.16 39.61
C SER I 564 6.48 45.71 40.17
N GLN I 565 7.03 45.03 41.17
CA GLN I 565 8.29 45.44 41.78
C GLN I 565 9.42 45.40 40.76
N PHE I 566 9.48 44.32 39.99
CA PHE I 566 10.51 44.18 38.95
C PHE I 566 10.28 45.21 37.83
N ARG I 567 9.02 45.50 37.55
CA ARG I 567 8.68 46.51 36.55
C ARG I 567 9.22 47.88 36.95
N ASN I 568 9.26 48.13 38.26
CA ASN I 568 9.82 49.38 38.78
C ASN I 568 11.33 49.39 38.69
N ALA I 569 11.93 48.21 38.80
CA ALA I 569 13.39 48.07 38.73
C ALA I 569 13.92 48.50 37.38
N MET I 570 13.23 48.10 36.31
CA MET I 570 13.64 48.44 34.96
C MET I 570 13.33 49.90 34.66
N ASN I 571 12.24 50.40 35.21
CA ASN I 571 11.86 51.81 35.05
C ASN I 571 12.83 52.74 35.77
N ALA I 572 13.45 52.25 36.84
CA ALA I 572 14.44 53.01 37.58
C ALA I 572 15.76 53.06 36.81
N LEU I 573 15.86 52.24 35.77
CA LEU I 573 17.07 52.16 34.95
C LEU I 573 16.97 53.11 33.76
N ILE I 574 15.76 53.22 33.21
CA ILE I 574 15.54 54.03 32.01
C ILE I 574 15.43 55.52 32.34
N THR I 575 14.53 55.86 33.26
CA THR I 575 14.27 57.24 33.62
C THR I 575 15.55 57.98 34.02
N THR I 576 16.47 57.28 34.69
CA THR I 576 17.69 57.90 35.18
C THR I 576 18.77 58.03 34.09
N LEU I 577 18.50 57.46 32.91
CA LEU I 577 19.45 57.52 31.80
C LEU I 577 19.04 58.57 30.78
N LEU I 578 17.76 58.94 30.78
CA LEU I 578 17.24 59.89 29.80
C LEU I 578 17.81 61.28 30.03
N ALA I 579 17.54 61.85 31.20
CA ALA I 579 17.97 63.20 31.52
C ALA I 579 19.41 63.23 32.03
N CYS I 580 20.37 63.10 31.11
CA CYS I 580 21.78 63.12 31.48
C CYS I 580 22.68 63.25 30.24
N SER I 581 23.98 63.09 30.44
CA SER I 581 24.94 63.15 29.36
C SER I 581 25.81 61.89 29.34
N PRO I 582 25.25 60.76 28.88
CA PRO I 582 25.97 59.48 28.87
C PRO I 582 27.18 59.47 27.93
N HIS I 583 27.98 58.42 28.04
CA HIS I 583 29.13 58.22 27.15
C HIS I 583 29.12 56.79 26.64
N TYR I 584 29.44 56.60 25.37
CA TYR I 584 29.27 55.30 24.72
C TYR I 584 30.57 54.50 24.62
N VAL I 585 30.52 53.25 25.07
CA VAL I 585 31.64 52.33 24.92
C VAL I 585 31.14 50.94 24.56
N ARG I 586 31.56 50.45 23.39
CA ARG I 586 31.14 49.14 22.92
C ARG I 586 32.35 48.32 22.51
N CYS I 587 32.40 47.07 22.97
CA CYS I 587 33.56 46.22 22.72
C CYS I 587 33.18 44.98 21.92
N ILE I 588 34.17 44.41 21.23
CA ILE I 588 33.99 43.19 20.45
C ILE I 588 35.01 42.15 20.88
N LYS I 589 34.62 40.87 20.86
CA LYS I 589 35.51 39.80 21.27
C LYS I 589 36.31 39.27 20.09
N SER I 590 37.60 39.06 20.30
CA SER I 590 38.48 38.57 19.25
C SER I 590 38.09 37.16 18.81
N ASN I 591 38.16 36.22 19.75
CA ASN I 591 37.81 34.82 19.47
C ASN I 591 37.42 34.09 20.74
N ASP I 592 36.80 32.92 20.58
CA ASP I 592 36.32 32.14 21.71
C ASP I 592 37.42 31.28 22.33
N ASN I 593 38.60 31.28 21.71
CA ASN I 593 39.71 30.47 22.18
C ASN I 593 40.76 31.30 22.95
N LYS I 594 40.43 32.56 23.22
CA LYS I 594 41.33 33.46 23.93
C LYS I 594 42.71 33.51 23.27
N GLN I 595 42.73 33.39 21.95
CA GLN I 595 43.98 33.41 21.19
C GLN I 595 44.37 34.85 20.81
N ALA I 596 45.65 35.15 20.91
CA ALA I 596 46.16 36.46 20.55
C ALA I 596 46.75 36.45 19.15
N GLY I 597 45.89 36.57 18.15
CA GLY I 597 46.32 36.55 16.76
C GLY I 597 45.29 35.94 15.83
N VAL I 598 44.41 35.11 16.38
CA VAL I 598 43.39 34.44 15.59
C VAL I 598 42.09 35.25 15.52
N ILE I 599 41.59 35.45 14.31
CA ILE I 599 40.33 36.17 14.09
C ILE I 599 39.29 35.28 13.45
N ASP I 600 38.17 35.10 14.14
CA ASP I 600 37.06 34.32 13.60
C ASP I 600 36.17 35.21 12.75
N GLU I 601 36.28 35.06 11.43
CA GLU I 601 35.56 35.92 10.48
C GLU I 601 34.06 35.93 10.74
N ASP I 602 33.46 34.75 10.78
CA ASP I 602 32.01 34.63 10.92
C ASP I 602 31.52 35.26 12.23
N ARG I 603 32.18 34.92 13.33
CA ARG I 603 31.78 35.40 14.65
C ARG I 603 31.90 36.92 14.74
N VAL I 604 33.06 37.45 14.33
CA VAL I 604 33.30 38.89 14.38
C VAL I 604 32.34 39.64 13.47
N ARG I 605 32.20 39.16 12.23
CA ARG I 605 31.29 39.78 11.27
C ARG I 605 29.87 39.81 11.81
N HIS I 606 29.49 38.76 12.52
CA HIS I 606 28.16 38.66 13.09
C HIS I 606 27.96 39.74 14.16
N GLN I 607 28.97 39.95 14.99
CA GLN I 607 28.89 40.95 16.05
C GLN I 607 28.71 42.35 15.47
N VAL I 608 29.45 42.65 14.41
CA VAL I 608 29.31 43.94 13.74
C VAL I 608 27.95 44.03 13.05
N ARG I 609 27.36 42.87 12.74
CA ARG I 609 26.07 42.83 12.08
C ARG I 609 24.91 43.08 13.03
N TYR I 610 24.76 42.21 14.03
CA TYR I 610 23.58 42.25 14.89
C TYR I 610 23.55 43.46 15.82
N LEU I 611 24.67 44.19 15.88
CA LEU I 611 24.74 45.39 16.70
C LEU I 611 24.37 46.62 15.87
N GLY I 612 24.35 46.47 14.56
CA GLY I 612 23.98 47.57 13.66
C GLY I 612 24.90 48.75 13.81
N LEU I 613 26.19 48.52 13.57
CA LEU I 613 27.20 49.57 13.70
C LEU I 613 27.52 50.17 12.33
N LEU I 614 27.64 49.31 11.32
CA LEU I 614 27.92 49.76 9.96
C LEU I 614 26.74 50.54 9.39
N GLU I 615 25.56 50.35 9.97
CA GLU I 615 24.39 51.12 9.57
C GLU I 615 24.52 52.55 10.10
N ASN I 616 25.01 52.68 11.32
CA ASN I 616 25.29 54.00 11.89
C ASN I 616 26.34 54.71 11.06
N VAL I 617 27.29 53.94 10.51
CA VAL I 617 28.30 54.47 9.61
C VAL I 617 27.64 55.08 8.37
N ARG I 618 26.41 54.68 8.10
CA ARG I 618 25.66 55.22 6.96
C ARG I 618 24.49 56.08 7.42
N VAL I 619 24.27 56.14 8.73
CA VAL I 619 23.21 56.97 9.29
C VAL I 619 23.79 58.07 10.18
N ARG I 620 24.44 57.70 11.27
CA ARG I 620 25.10 58.67 12.13
C ARG I 620 25.93 59.62 11.27
N ARG I 621 26.56 59.05 10.24
CA ARG I 621 27.22 59.84 9.21
C ARG I 621 26.16 60.47 8.31
N ALA I 622 25.71 59.70 7.31
CA ALA I 622 24.61 60.10 6.43
C ALA I 622 24.38 59.06 5.33
N GLY I 623 25.47 58.50 4.80
CA GLY I 623 25.37 57.40 3.84
C GLY I 623 25.76 57.74 2.41
N PHE I 624 26.89 57.20 1.96
CA PHE I 624 27.34 57.34 0.57
C PHE I 624 28.67 56.61 0.33
N ALA I 625 29.51 57.16 -0.56
CA ALA I 625 30.77 56.50 -0.91
C ALA I 625 31.96 56.98 -0.07
N GLY I 626 32.75 57.91 -0.60
CA GLY I 626 33.96 58.36 0.07
C GLY I 626 33.69 59.38 1.16
N ARG I 627 34.13 59.08 2.38
CA ARG I 627 33.77 59.90 3.54
C ARG I 627 34.98 60.53 4.23
N ILE I 628 34.81 61.77 4.67
CA ILE I 628 35.84 62.50 5.41
C ILE I 628 35.19 63.34 6.51
N GLU I 629 35.95 63.67 7.55
CA GLU I 629 35.42 64.40 8.70
C GLU I 629 35.41 65.90 8.45
N TYR I 630 35.15 66.67 9.50
CA TYR I 630 35.33 68.12 9.48
C TYR I 630 36.57 68.47 10.27
N THR I 631 36.68 67.90 11.46
CA THR I 631 37.82 68.13 12.35
C THR I 631 39.12 67.64 11.71
N ARG I 632 39.11 66.41 11.21
CA ARG I 632 40.29 65.83 10.59
C ARG I 632 40.54 66.40 9.19
N PHE I 633 39.45 66.76 8.51
CA PHE I 633 39.56 67.40 7.20
C PHE I 633 40.14 68.80 7.36
N TYR I 634 39.84 69.44 8.49
CA TYR I 634 40.35 70.77 8.78
C TYR I 634 41.88 70.77 8.74
N ASN I 635 42.50 70.15 9.74
CA ASN I 635 43.95 70.08 9.81
C ASN I 635 44.53 69.24 8.69
N ARG I 636 44.34 69.71 7.46
CA ARG I 636 44.82 68.99 6.27
C ARG I 636 44.70 69.90 5.05
N TYR I 637 43.58 70.58 4.93
CA TYR I 637 43.36 71.51 3.83
C TYR I 637 43.18 72.94 4.37
N LYS I 638 44.03 73.31 5.32
CA LYS I 638 43.97 74.63 5.94
C LYS I 638 44.47 75.72 4.99
N MET I 639 45.59 75.44 4.34
CA MET I 639 46.24 76.44 3.47
C MET I 639 45.71 76.37 2.05
N LEU I 640 44.49 75.87 1.88
CA LEU I 640 43.86 75.81 0.57
C LEU I 640 42.57 76.62 0.51
N CYS I 641 42.13 77.15 1.65
CA CYS I 641 40.88 77.89 1.73
C CYS I 641 41.09 79.27 2.33
N LYS I 642 40.11 80.15 2.13
CA LYS I 642 40.18 81.52 2.63
C LYS I 642 39.30 81.70 3.87
N LYS I 643 39.76 82.55 4.78
CA LYS I 643 39.00 82.89 5.99
C LYS I 643 38.68 81.65 6.82
N THR I 644 39.54 80.64 6.72
CA THR I 644 39.41 79.43 7.54
C THR I 644 40.64 79.30 8.43
N TRP I 645 41.08 80.44 8.97
CA TRP I 645 42.25 80.48 9.83
C TRP I 645 41.84 80.73 11.28
N PRO I 646 42.77 80.54 12.23
CA PRO I 646 42.44 80.77 13.65
C PRO I 646 41.58 82.00 13.92
N SER I 647 41.48 82.91 12.96
CA SER I 647 40.61 84.07 13.07
C SER I 647 39.14 83.69 12.83
N PHE I 648 38.85 82.39 12.74
CA PHE I 648 37.49 81.92 12.51
C PHE I 648 36.54 82.47 13.57
N ASN I 649 35.28 82.64 13.19
CA ASN I 649 34.28 83.19 14.09
C ASN I 649 33.89 82.21 15.19
N GLY I 650 33.97 80.92 14.89
CA GLY I 650 33.61 79.88 15.83
C GLY I 650 32.40 79.10 15.37
N THR I 651 31.52 79.76 14.63
CA THR I 651 30.32 79.14 14.10
C THR I 651 30.66 78.25 12.91
N ALA I 652 30.43 76.95 13.06
CA ALA I 652 30.75 75.99 12.02
C ALA I 652 29.88 76.21 10.78
N LYS I 653 28.57 76.31 11.00
CA LYS I 653 27.62 76.50 9.91
C LYS I 653 27.99 77.68 9.02
N GLN I 654 28.52 78.74 9.63
CA GLN I 654 28.91 79.93 8.88
C GLN I 654 30.32 79.75 8.31
N ALA I 655 31.13 78.95 8.98
CA ALA I 655 32.49 78.69 8.53
C ALA I 655 32.48 77.88 7.24
N THR I 656 31.70 76.80 7.23
CA THR I 656 31.62 75.92 6.08
C THR I 656 31.08 76.66 4.86
N GLU I 657 30.11 77.53 5.07
CA GLU I 657 29.54 78.31 3.99
C GLU I 657 30.58 79.27 3.41
N LEU I 658 31.38 79.87 4.29
CA LEU I 658 32.45 80.76 3.86
C LEU I 658 33.49 80.02 3.02
N ILE I 659 33.62 78.72 3.26
CA ILE I 659 34.58 77.90 2.55
C ILE I 659 34.16 77.66 1.10
N LEU I 660 32.85 77.62 0.86
CA LEU I 660 32.33 77.27 -0.46
C LEU I 660 31.83 78.48 -1.24
N GLN I 661 31.22 79.43 -0.53
CA GLN I 661 30.60 80.58 -1.19
C GLN I 661 31.61 81.44 -1.93
N GLN I 662 32.86 81.47 -1.44
CA GLN I 662 33.89 82.29 -2.04
C GLN I 662 34.50 81.63 -3.28
N HIS I 663 34.12 80.39 -3.54
CA HIS I 663 34.58 79.69 -4.73
C HIS I 663 33.43 79.44 -5.71
N ASN I 664 32.28 80.05 -5.43
CA ASN I 664 31.10 79.95 -6.29
C ASN I 664 30.66 78.52 -6.54
N ILE I 665 29.94 77.95 -5.57
CA ILE I 665 29.38 76.61 -5.72
C ILE I 665 27.93 76.59 -5.23
N ASP I 666 27.07 75.91 -5.99
CA ASP I 666 25.64 75.85 -5.67
C ASP I 666 25.41 75.21 -4.30
N LYS I 667 24.26 75.52 -3.71
CA LYS I 667 23.94 75.09 -2.34
C LYS I 667 23.68 73.58 -2.27
N GLU I 668 22.81 73.11 -3.16
CA GLU I 668 22.35 71.73 -3.11
C GLU I 668 23.40 70.74 -3.59
N GLU I 669 24.43 71.24 -4.28
CA GLU I 669 25.50 70.39 -4.79
C GLU I 669 26.20 69.64 -3.67
N ILE I 670 26.22 70.23 -2.48
CA ILE I 670 26.86 69.61 -1.32
C ILE I 670 25.84 69.38 -0.22
N ARG I 671 26.24 68.64 0.82
CA ARG I 671 25.35 68.35 1.94
C ARG I 671 26.13 68.41 3.24
N MET I 672 25.67 69.25 4.17
CA MET I 672 26.42 69.50 5.40
C MET I 672 25.59 69.21 6.66
N GLY I 673 26.06 68.26 7.46
CA GLY I 673 25.44 67.95 8.72
C GLY I 673 26.16 68.63 9.87
N LYS I 674 26.49 67.87 10.91
CA LYS I 674 27.25 68.39 12.03
C LYS I 674 28.71 68.00 11.87
N THR I 675 28.96 66.70 11.73
CA THR I 675 30.29 66.19 11.47
C THR I 675 30.31 65.42 10.15
N LYS I 676 31.50 65.19 9.62
CA LYS I 676 31.67 64.45 8.38
C LYS I 676 31.11 65.22 7.17
N VAL I 677 31.98 65.53 6.22
CA VAL I 677 31.57 66.21 4.99
C VAL I 677 31.09 65.17 3.99
N PHE I 678 30.14 65.54 3.14
CA PHE I 678 29.55 64.60 2.20
C PHE I 678 29.50 65.10 0.76
N ILE I 679 30.41 64.57 -0.05
CA ILE I 679 30.42 64.83 -1.48
C ILE I 679 30.17 63.53 -2.23
N ARG I 680 29.08 63.49 -3.01
CA ARG I 680 28.70 62.27 -3.72
C ARG I 680 29.59 62.00 -4.93
N ASN I 681 30.03 60.74 -5.06
CA ASN I 681 30.79 60.28 -6.22
C ASN I 681 32.19 60.91 -6.28
N PRO I 682 33.19 60.12 -6.70
CA PRO I 682 34.57 60.61 -6.74
C PRO I 682 34.80 61.77 -7.70
N THR I 683 34.23 61.69 -8.90
CA THR I 683 34.45 62.69 -9.94
C THR I 683 34.30 64.12 -9.42
N THR I 684 33.45 64.30 -8.42
CA THR I 684 33.19 65.63 -7.88
C THR I 684 34.44 66.20 -7.19
N LEU I 685 35.31 65.31 -6.70
CA LEU I 685 36.55 65.73 -6.08
C LEU I 685 37.45 66.42 -7.11
N PHE I 686 37.43 65.91 -8.33
CA PHE I 686 38.15 66.54 -9.42
C PHE I 686 37.51 67.89 -9.75
N TYR I 687 36.19 67.95 -9.63
CA TYR I 687 35.45 69.17 -9.88
C TYR I 687 35.86 70.27 -8.90
N PHE I 688 36.16 69.87 -7.66
CA PHE I 688 36.65 70.81 -6.65
C PHE I 688 38.06 71.26 -6.98
N GLU I 689 38.93 70.29 -7.27
CA GLU I 689 40.33 70.57 -7.56
C GLU I 689 40.46 71.51 -8.75
N GLU I 690 39.57 71.34 -9.74
CA GLU I 690 39.59 72.16 -10.94
C GLU I 690 38.97 73.54 -10.70
N LYS I 691 37.90 73.58 -9.91
CA LYS I 691 37.24 74.85 -9.60
C LYS I 691 38.22 75.82 -8.96
N ARG I 692 39.16 75.27 -8.19
CA ARG I 692 40.17 76.07 -7.52
C ARG I 692 41.28 76.50 -8.49
N GLU I 693 41.38 75.79 -9.61
CA GLU I 693 42.44 76.03 -10.58
C GLU I 693 42.10 77.15 -11.57
N LEU I 694 40.81 77.28 -11.90
CA LEU I 694 40.39 78.26 -12.90
C LEU I 694 39.81 79.53 -12.26
N GLU I 695 40.12 79.76 -10.99
CA GLU I 695 39.69 80.97 -10.29
C GLU I 695 40.90 81.85 -9.95
N MET I 696 42.07 81.23 -9.81
CA MET I 696 43.28 81.95 -9.45
C MET I 696 44.52 81.17 -9.85
N PRO I 697 45.30 81.68 -10.82
CA PRO I 697 46.47 80.93 -11.29
C PRO I 697 47.60 80.90 -10.26
N GLY J 9 61.92 -68.39 -60.39
CA GLY J 9 61.14 -68.55 -59.17
C GLY J 9 59.80 -67.88 -59.25
N VAL J 10 59.79 -66.55 -59.10
CA VAL J 10 58.55 -65.77 -59.17
C VAL J 10 57.56 -66.21 -58.10
N PRO J 11 57.77 -65.73 -56.85
CA PRO J 11 56.84 -65.99 -55.76
C PRO J 11 55.78 -64.90 -55.62
N ASP J 12 54.85 -65.10 -54.69
CA ASP J 12 53.84 -64.10 -54.34
C ASP J 12 52.87 -63.78 -55.49
N PHE J 13 53.04 -62.63 -56.14
CA PHE J 13 52.06 -62.17 -57.14
C PHE J 13 52.63 -61.10 -58.06
N VAL J 14 53.44 -60.19 -57.51
CA VAL J 14 53.93 -59.04 -58.27
C VAL J 14 55.25 -59.36 -58.98
N LEU J 15 55.34 -60.56 -59.52
CA LEU J 15 56.50 -60.97 -60.31
C LEU J 15 56.10 -61.94 -61.41
N LEU J 16 54.80 -62.02 -61.69
CA LEU J 16 54.27 -62.99 -62.66
C LEU J 16 55.04 -62.97 -63.98
N ASN J 17 55.24 -64.16 -64.54
CA ASN J 17 55.93 -64.30 -65.82
C ASN J 17 55.21 -63.56 -66.93
N GLN J 18 53.89 -63.69 -66.97
CA GLN J 18 53.05 -62.94 -67.90
C GLN J 18 52.06 -62.09 -67.12
N ILE J 19 52.30 -60.78 -67.09
CA ILE J 19 51.44 -59.87 -66.35
C ILE J 19 50.18 -59.57 -67.17
N THR J 20 49.14 -60.36 -66.93
CA THR J 20 47.88 -60.21 -67.64
C THR J 20 46.71 -60.51 -66.72
N GLU J 21 45.49 -60.35 -67.23
CA GLU J 21 44.30 -60.62 -66.45
C GLU J 21 44.13 -62.12 -66.19
N ASN J 22 44.24 -62.92 -67.24
CA ASN J 22 44.09 -64.36 -67.12
C ASN J 22 45.09 -64.96 -66.13
N ALA J 23 46.36 -64.59 -66.27
CA ALA J 23 47.40 -65.10 -65.39
C ALA J 23 47.16 -64.69 -63.94
N PHE J 24 46.49 -63.56 -63.75
CA PHE J 24 46.19 -63.06 -62.42
C PHE J 24 45.24 -64.00 -61.69
N ILE J 25 44.23 -64.49 -62.39
CA ILE J 25 43.26 -65.41 -61.82
C ILE J 25 43.90 -66.78 -61.58
N GLU J 26 44.62 -67.27 -62.58
CA GLU J 26 45.29 -68.56 -62.48
C GLU J 26 46.24 -68.60 -61.28
N ASN J 27 46.93 -67.49 -61.05
CA ASN J 27 47.84 -67.39 -59.91
C ASN J 27 47.07 -67.30 -58.60
N LEU J 28 46.10 -66.40 -58.54
CA LEU J 28 45.28 -66.23 -57.34
C LEU J 28 44.66 -67.56 -56.94
N THR J 29 44.27 -68.35 -57.94
CA THR J 29 43.70 -69.67 -57.70
C THR J 29 44.75 -70.59 -57.08
N MET J 30 45.93 -70.64 -57.71
CA MET J 30 47.03 -71.46 -57.22
C MET J 30 47.46 -71.01 -55.83
N ARG J 31 47.29 -69.72 -55.54
CA ARG J 31 47.60 -69.18 -54.23
C ARG J 31 46.69 -69.78 -53.16
N HIS J 32 45.40 -69.55 -53.28
CA HIS J 32 44.43 -70.08 -52.33
C HIS J 32 44.47 -71.61 -52.29
N LYS J 33 44.89 -72.22 -53.40
CA LYS J 33 44.96 -73.67 -53.49
C LYS J 33 46.19 -74.21 -52.76
N SER J 34 47.07 -73.32 -52.34
CA SER J 34 48.30 -73.71 -51.66
C SER J 34 48.43 -73.03 -50.30
N ASP J 35 47.30 -72.85 -49.63
CA ASP J 35 47.26 -72.26 -48.29
C ASP J 35 47.83 -70.85 -48.25
N ASN J 36 47.76 -70.14 -49.37
CA ASN J 36 48.14 -68.73 -49.42
C ASN J 36 46.89 -67.86 -49.53
N ILE J 37 46.28 -67.58 -48.38
CA ILE J 37 45.02 -66.86 -48.33
C ILE J 37 45.18 -65.36 -48.56
N TYR J 38 45.84 -64.69 -47.62
CA TYR J 38 45.98 -63.24 -47.67
C TYR J 38 46.69 -62.78 -48.94
N THR J 39 46.14 -61.74 -49.57
CA THR J 39 46.72 -61.20 -50.80
C THR J 39 46.61 -59.67 -50.78
N TYR J 40 47.62 -59.00 -51.34
CA TYR J 40 47.66 -57.55 -51.35
C TYR J 40 47.33 -56.96 -52.71
N ILE J 41 46.80 -55.74 -52.69
CA ILE J 41 46.54 -54.98 -53.91
C ILE J 41 46.96 -53.53 -53.66
N GLY J 42 48.22 -53.22 -53.97
CA GLY J 42 48.76 -51.91 -53.68
C GLY J 42 49.05 -51.76 -52.20
N ASP J 43 47.97 -51.73 -51.41
CA ASP J 43 48.09 -51.64 -49.95
C ASP J 43 46.78 -51.98 -49.28
N VAL J 44 46.06 -52.94 -49.86
CA VAL J 44 44.75 -53.35 -49.34
C VAL J 44 44.71 -54.85 -49.09
N VAL J 45 44.04 -55.25 -48.01
CA VAL J 45 44.00 -56.65 -47.61
C VAL J 45 42.89 -57.41 -48.32
N ILE J 46 43.21 -58.64 -48.73
CA ILE J 46 42.22 -59.52 -49.36
C ILE J 46 42.35 -60.92 -48.76
N SER J 47 41.38 -61.31 -47.95
CA SER J 47 41.43 -62.59 -47.24
C SER J 47 40.19 -63.43 -47.51
N THR J 48 40.14 -64.60 -46.89
CA THR J 48 39.00 -65.49 -47.02
C THR J 48 38.73 -66.19 -45.68
N ASN J 49 37.57 -66.82 -45.58
CA ASN J 49 37.18 -67.51 -44.34
C ASN J 49 36.98 -69.01 -44.56
N PRO J 50 37.96 -69.82 -44.14
CA PRO J 50 37.84 -71.29 -44.27
C PRO J 50 36.72 -71.87 -43.40
N PHE J 51 36.27 -71.11 -42.40
CA PHE J 51 35.25 -71.58 -41.46
C PHE J 51 35.68 -72.82 -40.70
N LYS J 52 36.99 -73.03 -40.57
CA LYS J 52 37.51 -74.16 -39.79
C LYS J 52 38.95 -73.89 -39.34
N ASN J 53 39.56 -74.88 -38.70
CA ASN J 53 40.89 -74.73 -38.13
C ASN J 53 42.01 -74.96 -39.14
N LEU J 54 42.84 -73.95 -39.34
CA LEU J 54 44.05 -74.08 -40.14
C LEU J 54 45.27 -73.89 -39.25
N ASN J 55 46.34 -74.61 -39.55
CA ASN J 55 47.54 -74.58 -38.72
C ASN J 55 48.38 -73.32 -38.97
N ILE J 56 47.76 -72.16 -38.79
CA ILE J 56 48.45 -70.89 -38.97
C ILE J 56 47.95 -69.84 -37.96
N TYR J 57 47.33 -70.31 -36.89
CA TYR J 57 46.78 -69.41 -35.88
C TYR J 57 47.30 -69.76 -34.48
N LYS J 58 48.49 -69.26 -34.15
CA LYS J 58 49.06 -69.47 -32.82
C LYS J 58 49.74 -68.20 -32.31
N GLU J 59 50.32 -68.29 -31.12
CA GLU J 59 50.98 -67.15 -30.49
C GLU J 59 52.23 -66.74 -31.27
N SER J 60 52.88 -67.72 -31.89
CA SER J 60 54.11 -67.47 -32.63
C SER J 60 53.87 -66.58 -33.85
N ASP J 61 52.82 -66.90 -34.60
CA ASP J 61 52.48 -66.13 -35.80
C ASP J 61 52.07 -64.70 -35.44
N ILE J 62 51.24 -64.57 -34.42
CA ILE J 62 50.76 -63.26 -34.00
C ILE J 62 51.91 -62.38 -33.53
N LYS J 63 52.84 -62.96 -32.80
CA LYS J 63 53.99 -62.24 -32.29
C LYS J 63 54.97 -61.88 -33.40
N ALA J 64 54.86 -62.58 -34.53
CA ALA J 64 55.76 -62.37 -35.66
C ALA J 64 55.42 -61.09 -36.43
N TYR J 65 54.13 -60.78 -36.52
CA TYR J 65 53.67 -59.62 -37.26
C TYR J 65 53.61 -58.37 -36.38
N ASN J 66 54.76 -58.00 -35.80
CA ASN J 66 54.86 -56.80 -34.98
C ASN J 66 56.30 -56.35 -34.84
N GLY J 67 56.61 -55.19 -35.41
CA GLY J 67 57.96 -54.65 -35.39
C GLY J 67 58.69 -54.93 -36.68
N ARG J 68 57.93 -55.16 -37.75
CA ARG J 68 58.49 -55.42 -39.07
C ARG J 68 57.71 -54.70 -40.15
N TYR J 69 58.13 -54.87 -41.41
CA TYR J 69 57.44 -54.25 -42.54
C TYR J 69 56.75 -55.30 -43.41
N LYS J 70 56.05 -54.82 -44.44
CA LYS J 70 55.30 -55.69 -45.34
C LYS J 70 56.21 -56.46 -46.29
N TYR J 71 57.30 -55.82 -46.72
CA TYR J 71 58.22 -56.45 -47.66
C TYR J 71 59.20 -57.39 -46.97
N GLU J 72 58.90 -57.76 -45.73
CA GLU J 72 59.77 -58.64 -44.96
C GLU J 72 59.08 -59.98 -44.67
N MET J 73 57.77 -59.94 -44.43
CA MET J 73 57.03 -61.15 -44.10
C MET J 73 55.83 -61.33 -45.03
N PRO J 74 55.29 -62.57 -45.11
CA PRO J 74 54.13 -62.86 -45.96
C PRO J 74 52.93 -61.96 -45.66
N PRO J 75 51.97 -61.90 -46.59
CA PRO J 75 50.79 -61.03 -46.44
C PRO J 75 49.99 -61.33 -45.18
N HIS J 76 49.76 -60.29 -44.36
CA HIS J 76 48.95 -60.44 -43.15
C HIS J 76 48.78 -59.11 -42.41
N MET J 77 49.87 -58.35 -42.28
CA MET J 77 49.86 -57.13 -41.48
C MET J 77 49.67 -55.86 -42.32
N TYR J 78 49.87 -55.99 -43.63
CA TYR J 78 49.76 -54.88 -44.57
C TYR J 78 50.28 -53.56 -44.00
N ALA J 79 51.47 -53.18 -44.45
CA ALA J 79 52.18 -52.00 -43.95
C ALA J 79 51.31 -50.74 -43.86
N LEU J 80 50.30 -50.63 -44.73
CA LEU J 80 49.43 -49.46 -44.71
C LEU J 80 48.98 -49.18 -43.28
N ALA J 81 48.72 -50.24 -42.52
CA ALA J 81 48.42 -50.11 -41.11
C ALA J 81 49.67 -49.67 -40.37
N ASN J 82 50.73 -50.47 -40.48
CA ASN J 82 52.01 -50.16 -39.86
C ASN J 82 52.43 -48.72 -40.12
N ASP J 83 51.93 -48.13 -41.19
CA ASP J 83 52.20 -46.73 -41.51
C ASP J 83 51.10 -45.83 -40.96
N ALA J 84 49.86 -46.11 -41.33
CA ALA J 84 48.72 -45.30 -40.90
C ALA J 84 48.44 -45.49 -39.40
N TYR J 85 48.34 -46.74 -38.98
CA TYR J 85 48.13 -47.06 -37.57
C TYR J 85 49.25 -46.47 -36.72
N ARG J 86 50.38 -46.17 -37.35
CA ARG J 86 51.50 -45.54 -36.69
C ARG J 86 51.50 -44.04 -36.96
N SER J 87 50.96 -43.64 -38.10
CA SER J 87 50.86 -42.23 -38.46
C SER J 87 50.15 -41.45 -37.38
N MET J 88 49.14 -42.07 -36.78
CA MET J 88 48.36 -41.42 -35.72
C MET J 88 48.96 -41.71 -34.35
N ARG J 89 50.12 -42.35 -34.33
CA ARG J 89 50.82 -42.65 -33.09
C ARG J 89 51.82 -41.55 -32.76
N GLN J 90 52.16 -40.75 -33.76
CA GLN J 90 53.11 -39.63 -33.58
C GLN J 90 52.80 -38.85 -32.31
N SER J 91 49.80 -39.07 -33.32
CA SER J 91 49.02 -38.10 -32.56
C SER J 91 48.31 -38.78 -31.39
N GLN J 92 48.65 -40.05 -31.14
CA GLN J 92 48.01 -40.83 -30.10
C GLN J 92 46.49 -40.79 -30.27
N GLU J 93 46.05 -41.08 -31.50
CA GLU J 93 44.64 -40.98 -31.85
C GLU J 93 44.07 -42.37 -32.16
N ASN J 94 42.75 -42.46 -32.29
CA ASN J 94 42.08 -43.73 -32.53
C ASN J 94 41.77 -43.99 -34.01
N GLN J 95 41.50 -45.24 -34.35
CA GLN J 95 41.26 -45.63 -35.74
C GLN J 95 39.91 -46.32 -35.90
N CYS J 96 39.69 -46.88 -37.09
CA CYS J 96 38.47 -47.62 -37.38
C CYS J 96 38.65 -48.47 -38.63
N VAL J 97 38.08 -49.67 -38.61
CA VAL J 97 38.24 -50.61 -39.72
C VAL J 97 36.88 -50.94 -40.34
N ILE J 98 36.86 -51.05 -41.66
CA ILE J 98 35.63 -51.40 -42.38
C ILE J 98 35.81 -52.73 -43.10
N ILE J 99 34.77 -53.55 -43.07
CA ILE J 99 34.82 -54.88 -43.69
C ILE J 99 33.59 -55.08 -44.58
N SER J 100 33.81 -55.58 -45.79
CA SER J 100 32.72 -55.82 -46.73
C SER J 100 32.84 -57.19 -47.38
N GLY J 101 31.72 -57.70 -47.87
CA GLY J 101 31.68 -59.02 -48.48
C GLY J 101 30.32 -59.66 -48.36
N GLU J 102 30.22 -60.92 -48.75
CA GLU J 102 28.95 -61.65 -48.71
C GLU J 102 28.46 -61.79 -47.27
N SER J 103 27.14 -61.79 -47.11
CA SER J 103 26.51 -61.92 -45.81
C SER J 103 26.98 -63.15 -45.05
N GLY J 104 27.26 -62.98 -43.76
CA GLY J 104 27.67 -64.07 -42.90
C GLY J 104 28.78 -64.92 -43.49
N ALA J 105 29.71 -64.27 -44.19
CA ALA J 105 30.84 -64.97 -44.78
C ALA J 105 32.13 -64.60 -44.06
N GLY J 106 32.03 -64.39 -42.74
CA GLY J 106 33.18 -64.03 -41.95
C GLY J 106 33.58 -62.57 -42.13
N LYS J 107 32.80 -61.67 -41.53
CA LYS J 107 33.07 -60.25 -41.61
C LYS J 107 33.44 -59.69 -40.23
N THR J 108 32.79 -62.22 -38.68
CA THR J 108 32.86 -63.20 -37.59
C THR J 108 34.25 -63.78 -37.47
N GLU J 109 34.92 -63.97 -38.61
CA GLU J 109 36.28 -64.48 -38.64
C GLU J 109 37.27 -63.44 -39.16
N ALA J 110 36.76 -62.46 -39.89
CA ALA J 110 37.59 -61.37 -40.38
C ALA J 110 37.93 -60.42 -39.23
N SER J 111 36.97 -60.21 -38.34
CA SER J 111 37.19 -59.40 -37.16
C SER J 111 38.15 -60.12 -36.20
N LYS J 112 38.09 -61.44 -36.21
CA LYS J 112 38.99 -62.26 -35.40
C LYS J 112 40.45 -61.91 -35.68
N LYS J 113 40.77 -61.73 -36.96
CA LYS J 113 42.11 -61.35 -37.36
C LYS J 113 42.50 -60.02 -36.70
N ILE J 114 41.59 -59.05 -36.76
CA ILE J 114 41.83 -57.74 -36.17
C ILE J 114 42.05 -57.87 -34.67
N MET J 115 41.22 -58.67 -34.02
CA MET J 115 41.33 -58.87 -32.58
C MET J 115 42.62 -59.60 -32.23
N GLN J 116 42.87 -60.73 -32.89
CA GLN J 116 44.08 -61.50 -32.67
C GLN J 116 45.32 -60.63 -32.93
N PHE J 117 45.20 -59.70 -33.87
CA PHE J 117 46.27 -58.75 -34.15
C PHE J 117 46.30 -57.66 -33.09
N LEU J 118 45.12 -57.26 -32.62
CA LEU J 118 45.02 -56.22 -31.62
C LEU J 118 45.69 -56.64 -30.32
N THR J 119 45.30 -57.81 -29.81
CA THR J 119 45.92 -58.37 -28.61
C THR J 119 47.41 -58.58 -28.85
N PHE J 120 48.14 -58.92 -27.79
CA PHE J 120 49.59 -59.05 -27.85
C PHE J 120 50.24 -57.71 -28.21
N VAL J 121 49.88 -57.18 -29.38
CA VAL J 121 50.32 -55.85 -29.77
C VAL J 121 49.90 -54.84 -28.73
N SER J 122 48.66 -54.96 -28.26
CA SER J 122 48.14 -54.09 -27.21
C SER J 122 48.69 -54.52 -25.86
N SER J 123 48.82 -55.83 -25.67
CA SER J 123 49.34 -56.37 -24.43
C SER J 123 50.86 -56.21 -24.37
N ASN J 124 48.89 -60.60 -21.93
CA ASN J 124 50.34 -60.68 -21.80
C ASN J 124 50.80 -62.11 -21.50
N GLN J 125 50.17 -61.80 -18.15
CA GLN J 125 50.30 -61.75 -16.69
C GLN J 125 48.94 -61.94 -16.01
N SER J 126 48.04 -61.00 -16.27
CA SER J 126 46.71 -61.02 -15.66
C SER J 126 45.96 -62.31 -15.96
N PRO J 127 45.73 -63.14 -14.94
CA PRO J 127 44.96 -64.38 -15.13
C PRO J 127 43.51 -64.08 -15.53
N ASN J 128 43.04 -62.87 -15.23
CA ASN J 128 41.68 -62.47 -15.56
C ASN J 128 41.61 -61.75 -16.90
N GLY J 129 42.54 -62.07 -17.79
CA GLY J 129 42.61 -61.44 -19.10
C GLY J 129 42.40 -62.46 -20.20
N GLU J 130 43.33 -63.40 -20.32
CA GLU J 130 43.26 -64.43 -21.36
C GLU J 130 42.09 -65.38 -21.12
N ARG J 131 41.64 -65.47 -19.87
CA ARG J 131 40.53 -66.35 -19.52
C ARG J 131 39.20 -65.75 -19.98
N ILE J 132 38.99 -64.46 -19.68
CA ILE J 132 37.78 -63.78 -20.08
C ILE J 132 37.80 -63.46 -21.57
N SER J 133 38.99 -63.57 -22.17
CA SER J 133 39.13 -63.39 -23.61
C SER J 133 38.45 -64.54 -24.36
N LYS J 134 38.37 -65.69 -23.69
CA LYS J 134 37.74 -66.86 -24.28
C LYS J 134 36.24 -66.66 -24.44
N MET J 135 35.59 -66.18 -23.38
CA MET J 135 34.15 -65.94 -23.41
C MET J 135 33.83 -64.82 -24.39
N LEU J 136 34.78 -63.92 -24.61
CA LEU J 136 34.61 -62.82 -25.54
C LEU J 136 34.75 -63.28 -26.99
N LEU J 137 35.66 -64.22 -27.21
CA LEU J 137 35.83 -64.79 -28.55
C LEU J 137 34.69 -65.73 -28.88
N ASP J 138 34.03 -66.24 -27.83
CA ASP J 138 32.86 -67.10 -28.01
C ASP J 138 31.58 -66.27 -28.05
N SER J 139 31.73 -64.95 -28.05
CA SER J 139 30.58 -64.05 -28.13
C SER J 139 30.10 -63.92 -29.56
N ASN J 140 30.98 -64.21 -30.52
CA ASN J 140 30.62 -64.14 -31.93
C ASN J 140 29.61 -65.24 -32.31
N PRO J 141 29.95 -66.51 -32.05
CA PRO J 141 28.97 -67.56 -32.35
C PRO J 141 27.75 -67.49 -31.42
N LEU J 142 27.89 -66.77 -30.31
CA LEU J 142 26.80 -66.59 -29.37
C LEU J 142 25.67 -65.81 -30.02
N LEU J 143 25.99 -64.64 -30.57
CA LEU J 143 24.99 -63.76 -31.16
C LEU J 143 24.57 -64.21 -32.55
N GLU J 144 25.25 -65.22 -33.09
CA GLU J 144 24.94 -65.73 -34.42
C GLU J 144 23.90 -66.85 -34.37
N ALA J 145 23.33 -67.07 -33.19
CA ALA J 145 22.33 -68.13 -33.01
C ALA J 145 20.97 -67.55 -32.64
N PHE J 146 20.93 -66.26 -32.30
CA PHE J 146 19.69 -65.62 -31.87
C PHE J 146 19.15 -64.66 -32.92
N GLY J 147 19.97 -63.69 -33.32
CA GLY J 147 19.54 -62.65 -34.22
C GLY J 147 19.68 -63.03 -35.68
N ASN J 148 20.51 -64.02 -35.97
CA ASN J 148 20.77 -64.44 -37.33
C ASN J 148 19.63 -65.29 -37.90
N ALA J 149 19.56 -65.32 -39.24
CA ALA J 149 18.57 -66.14 -39.94
C ALA J 149 19.19 -66.71 -41.21
N LYS J 150 18.38 -67.37 -42.03
CA LYS J 150 18.89 -68.01 -43.24
C LYS J 150 18.63 -67.19 -44.51
N THR J 151 19.62 -67.20 -45.41
CA THR J 151 19.46 -66.61 -46.74
C THR J 151 19.97 -67.60 -47.78
N LEU J 152 19.45 -67.50 -49.00
CA LEU J 152 19.86 -68.42 -50.06
C LEU J 152 21.32 -68.24 -50.43
N ARG J 153 21.90 -67.11 -50.06
CA ARG J 153 23.31 -66.86 -50.31
C ARG J 153 24.19 -67.26 -49.13
N ASN J 154 23.63 -67.22 -47.92
CA ASN J 154 24.37 -67.64 -46.74
C ASN J 154 23.45 -68.13 -45.62
N ASP J 155 23.92 -69.12 -44.88
CA ASP J 155 23.14 -69.68 -43.77
C ASP J 155 23.22 -68.80 -42.51
N ASN J 156 24.43 -68.40 -42.15
CA ASN J 156 24.65 -67.59 -40.94
C ASN J 156 24.49 -66.11 -41.23
N SER J 157 23.32 -65.73 -41.75
CA SER J 157 23.07 -64.34 -42.13
C SER J 157 22.67 -63.51 -40.91
N SER J 158 23.53 -62.57 -40.53
CA SER J 158 23.24 -61.68 -39.41
C SER J 158 22.12 -60.73 -39.82
N ARG J 159 21.22 -60.46 -38.87
CA ARG J 159 20.05 -59.63 -39.15
C ARG J 159 20.00 -58.43 -38.20
N PHE J 160 21.10 -57.70 -38.13
CA PHE J 160 21.18 -56.48 -37.32
C PHE J 160 22.50 -55.76 -37.58
N GLY J 161 22.41 -54.47 -37.89
CA GLY J 161 23.58 -53.65 -38.10
C GLY J 161 24.49 -53.69 -36.89
N LYS J 162 25.79 -53.55 -37.12
CA LYS J 162 26.76 -53.64 -36.03
C LYS J 162 28.03 -52.86 -36.32
N TYR J 163 28.26 -51.80 -35.55
CA TYR J 163 29.48 -51.03 -35.64
C TYR J 163 30.21 -51.11 -34.30
N MET J 164 30.98 -52.19 -34.13
CA MET J 164 31.66 -52.43 -32.87
C MET J 164 32.72 -51.37 -32.60
N GLU J 165 33.09 -51.24 -31.33
CA GLU J 165 34.12 -50.29 -30.92
C GLU J 165 35.05 -50.94 -29.90
N MET J 166 36.36 -50.78 -30.08
CA MET J 166 37.34 -51.39 -29.21
C MET J 166 38.06 -50.37 -28.34
N GLN J 167 37.90 -50.50 -27.02
CA GLN J 167 38.60 -49.66 -26.07
C GLN J 167 39.75 -50.45 -25.45
N PHE J 168 40.52 -49.82 -24.56
CA PHE J 168 41.71 -50.46 -24.00
C PHE J 168 41.80 -50.29 -22.49
N ASN J 169 42.60 -51.16 -21.86
CA ASN J 169 42.82 -51.13 -20.42
C ASN J 169 44.20 -50.56 -20.09
N ALA J 170 44.40 -50.23 -18.82
CA ALA J 170 45.68 -49.70 -18.37
C ALA J 170 46.80 -50.72 -18.50
N VAL J 171 46.44 -52.00 -18.44
CA VAL J 171 47.43 -53.08 -18.53
C VAL J 171 47.76 -53.40 -19.98
N GLY J 172 46.81 -53.15 -20.89
CA GLY J 172 47.03 -53.41 -22.31
C GLY J 172 45.82 -54.06 -22.95
N SER J 173 45.24 -55.04 -22.26
CA SER J 173 44.06 -55.75 -22.76
C SER J 173 42.91 -54.77 -22.97
N PRO J 174 41.87 -55.18 -23.71
CA PRO J 174 40.71 -54.30 -23.88
C PRO J 174 39.78 -54.27 -22.67
N ILE J 175 38.92 -53.26 -22.58
CA ILE J 175 38.01 -53.12 -21.44
C ILE J 175 36.56 -53.41 -21.85
N GLY J 176 36.20 -53.02 -23.07
CA GLY J 176 34.86 -53.25 -23.57
C GLY J 176 34.57 -52.49 -24.84
N GLY J 177 33.30 -52.45 -25.22
CA GLY J 177 32.89 -51.76 -26.44
C GLY J 177 31.38 -51.66 -26.53
N LYS J 178 30.91 -50.72 -27.35
CA LYS J 178 29.47 -50.53 -27.54
C LYS J 178 29.04 -51.08 -28.90
N ILE J 179 27.73 -51.19 -29.09
CA ILE J 179 27.19 -51.70 -30.34
C ILE J 179 26.07 -50.80 -30.84
N THR J 180 25.99 -50.63 -32.16
CA THR J 180 24.98 -49.77 -32.77
C THR J 180 24.44 -50.40 -34.04
N ASN J 181 23.11 -50.36 -34.21
CA ASN J 181 22.47 -50.92 -35.39
C ASN J 181 21.62 -49.87 -36.10
N TYR J 182 21.00 -50.26 -37.20
CA TYR J 182 20.15 -49.34 -37.96
C TYR J 182 19.10 -50.09 -38.79
N LEU J 183 17.93 -49.48 -38.93
CA LEU J 183 16.86 -49.99 -39.78
C LEU J 183 16.33 -51.35 -39.32
N LEU J 184 17.17 -52.38 -39.42
CA LEU J 184 16.76 -53.75 -39.13
C LEU J 184 15.73 -54.22 -40.16
N GLU J 185 16.04 -55.32 -40.84
CA GLU J 185 15.10 -55.89 -41.80
C GLU J 185 13.86 -56.38 -41.06
N LYS J 186 12.69 -55.88 -41.47
CA LYS J 186 11.46 -56.16 -40.76
C LYS J 186 10.29 -56.40 -41.70
N SER J 187 10.57 -56.92 -42.89
CA SER J 187 9.54 -57.28 -43.85
C SER J 187 9.50 -58.79 -44.05
N ARG J 188 10.47 -59.49 -43.48
CA ARG J 188 10.58 -60.93 -43.60
C ARG J 188 9.57 -61.66 -42.71
N VAL J 189 9.10 -60.98 -41.67
CA VAL J 189 8.16 -61.59 -40.73
C VAL J 189 6.81 -61.83 -41.39
N VAL J 190 6.49 -61.04 -42.40
CA VAL J 190 5.17 -61.10 -43.03
C VAL J 190 5.22 -61.57 -44.48
N GLY J 191 6.35 -61.37 -45.15
CA GLY J 191 6.48 -61.73 -46.56
C GLY J 191 7.86 -62.19 -46.95
N ARG J 192 7.92 -63.19 -47.82
CA ARG J 192 9.19 -63.74 -48.28
C ARG J 192 8.99 -64.75 -49.41
N THR J 193 10.07 -65.10 -50.09
CA THR J 193 10.02 -66.01 -51.23
C THR J 193 9.87 -67.46 -50.75
N GLN J 194 9.26 -68.29 -51.58
CA GLN J 194 9.06 -69.70 -51.26
C GLN J 194 10.41 -70.38 -51.05
N GLY J 195 10.46 -71.31 -50.11
CA GLY J 195 11.69 -72.02 -49.80
C GLY J 195 12.47 -71.37 -48.68
N GLU J 196 12.53 -70.04 -48.69
CA GLU J 196 13.22 -69.29 -47.65
C GLU J 196 12.52 -69.48 -46.32
N ARG J 197 13.12 -68.96 -45.26
CA ARG J 197 12.56 -69.12 -43.91
C ARG J 197 12.74 -67.84 -43.11
N SER J 198 11.79 -67.57 -42.21
CA SER J 198 11.81 -66.36 -41.40
C SER J 198 12.88 -66.46 -40.32
N PHE J 199 12.82 -65.56 -39.34
CA PHE J 199 13.81 -65.53 -38.27
C PHE J 199 13.95 -66.89 -37.58
N HIS J 200 15.14 -67.17 -37.05
CA HIS J 200 15.42 -68.47 -36.45
C HIS J 200 14.67 -68.68 -35.13
N ILE J 201 14.60 -67.64 -34.31
CA ILE J 201 14.04 -67.75 -32.97
C ILE J 201 12.64 -68.34 -32.94
N PHE J 202 11.88 -68.16 -34.02
CA PHE J 202 10.50 -68.62 -34.06
C PHE J 202 10.37 -70.12 -34.32
N TYR J 203 11.40 -70.71 -34.94
CA TYR J 203 11.34 -72.12 -35.32
C TYR J 203 12.23 -72.98 -34.43
N GLN J 204 13.39 -72.45 -34.08
CA GLN J 204 14.32 -73.17 -33.20
C GLN J 204 13.76 -73.31 -31.80
N MET J 205 12.91 -72.36 -31.42
CA MET J 205 12.30 -72.36 -30.09
C MET J 205 11.27 -73.48 -29.95
N LEU J 206 10.54 -73.74 -31.04
CA LEU J 206 9.50 -74.76 -31.03
C LEU J 206 10.11 -76.15 -30.89
N LYS J 207 10.91 -76.56 -31.87
CA LYS J 207 11.54 -77.87 -31.85
C LYS J 207 12.67 -77.91 -30.81
N GLY J 208 12.30 -77.86 -29.54
CA GLY J 208 13.29 -77.87 -28.47
C GLY J 208 12.66 -77.83 -27.09
N LEU J 209 11.98 -76.72 -26.79
CA LEU J 209 11.35 -76.55 -25.49
C LEU J 209 10.38 -77.69 -25.21
N SER J 210 10.33 -78.13 -23.95
CA SER J 210 9.43 -79.19 -23.55
C SER J 210 7.99 -78.77 -23.79
N GLN J 211 7.18 -79.71 -24.28
CA GLN J 211 5.76 -79.45 -24.53
C GLN J 211 5.12 -78.69 -23.38
N SER J 212 5.54 -78.99 -22.15
CA SER J 212 5.01 -78.32 -20.97
C SER J 212 5.26 -76.82 -21.02
N LYS J 213 6.44 -76.44 -21.52
CA LYS J 213 6.81 -75.04 -21.61
C LYS J 213 6.01 -74.32 -22.70
N LEU J 214 5.59 -75.06 -23.71
CA LEU J 214 4.85 -74.49 -24.83
C LEU J 214 3.42 -74.15 -24.42
N ASP J 215 2.76 -75.09 -23.73
CA ASP J 215 1.38 -74.88 -23.31
C ASP J 215 1.25 -73.69 -22.37
N GLU J 216 2.27 -73.47 -21.54
CA GLU J 216 2.27 -72.34 -20.62
C GLU J 216 2.24 -71.01 -21.37
N LEU J 217 2.79 -71.00 -22.58
CA LEU J 217 2.80 -69.80 -23.41
C LEU J 217 1.56 -69.77 -24.31
N GLY J 218 0.63 -70.69 -24.07
CA GLY J 218 -0.57 -70.80 -24.89
C GLY J 218 -0.22 -71.16 -26.32
N LEU J 219 0.56 -72.21 -26.48
CA LEU J 219 1.02 -72.63 -27.80
C LEU J 219 0.67 -74.08 -28.09
N THR J 220 0.49 -74.40 -29.37
CA THR J 220 0.20 -75.76 -29.79
C THR J 220 1.20 -76.17 -30.88
N PRO J 221 1.64 -77.44 -30.86
CA PRO J 221 2.61 -77.89 -31.86
C PRO J 221 2.04 -77.90 -33.28
N ASN J 222 1.80 -76.72 -33.82
CA ASN J 222 1.27 -76.58 -35.17
C ASN J 222 1.35 -75.14 -35.66
N ALA J 223 2.31 -74.88 -36.54
CA ALA J 223 2.54 -73.54 -37.05
C ALA J 223 1.33 -72.96 -37.81
N PRO J 224 0.72 -73.75 -38.71
CA PRO J 224 -0.43 -73.24 -39.47
C PRO J 224 -1.50 -72.59 -38.60
N ALA J 225 -1.61 -73.04 -37.36
CA ALA J 225 -2.63 -72.53 -36.44
C ALA J 225 -2.45 -71.04 -36.15
N TYR J 226 -1.20 -70.57 -36.19
CA TYR J 226 -0.91 -69.17 -35.89
C TYR J 226 -1.00 -68.31 -37.15
N GLU J 227 -0.67 -67.03 -37.00
CA GLU J 227 -0.64 -66.10 -38.13
C GLU J 227 0.79 -65.74 -38.47
N TYR J 228 1.61 -65.53 -37.43
CA TYR J 228 3.02 -65.19 -37.60
C TYR J 228 3.74 -66.18 -38.51
N LEU J 229 3.28 -67.43 -38.51
CA LEU J 229 3.92 -68.49 -39.29
C LEU J 229 3.07 -68.90 -40.49
N LYS J 230 1.88 -68.32 -40.61
CA LYS J 230 0.96 -68.66 -41.70
C LYS J 230 1.10 -67.68 -42.86
N LYS J 231 1.58 -66.47 -42.57
CA LYS J 231 1.72 -65.45 -43.60
C LYS J 231 2.64 -65.90 -44.74
N SER J 232 3.49 -66.88 -44.47
CA SER J 232 4.41 -67.39 -45.47
C SER J 232 3.79 -68.55 -46.25
N GLY J 233 3.47 -69.63 -45.54
CA GLY J 233 2.93 -70.82 -46.16
C GLY J 233 3.85 -72.00 -46.02
N CYS J 234 5.09 -71.74 -45.60
CA CYS J 234 6.08 -72.79 -45.38
C CYS J 234 6.29 -72.99 -43.88
N PHE J 235 6.67 -74.20 -43.50
CA PHE J 235 6.86 -74.53 -42.09
C PHE J 235 8.09 -75.41 -41.90
N ASP J 236 8.13 -76.54 -42.59
CA ASP J 236 9.22 -77.49 -42.46
C ASP J 236 10.29 -77.26 -43.52
N VAL J 237 11.56 -77.23 -43.09
CA VAL J 237 12.68 -77.07 -44.01
C VAL J 237 13.42 -78.40 -44.16
N SER J 238 13.83 -78.72 -45.38
CA SER J 238 14.46 -80.00 -45.67
C SER J 238 15.88 -80.08 -45.12
N THR J 239 16.61 -78.97 -45.16
CA THR J 239 18.02 -78.95 -44.78
C THR J 239 18.21 -78.84 -43.28
N ILE J 240 17.33 -78.10 -42.61
CA ILE J 240 17.49 -77.82 -41.19
C ILE J 240 16.76 -78.82 -40.30
N ASP J 241 17.41 -79.19 -39.20
CA ASP J 241 16.80 -80.05 -38.19
C ASP J 241 16.90 -79.37 -36.82
N ASP J 242 15.99 -78.45 -36.57
CA ASP J 242 16.05 -77.63 -35.36
C ASP J 242 15.97 -78.47 -34.09
N SER J 243 15.37 -79.65 -34.20
CA SER J 243 15.23 -80.54 -33.05
C SER J 243 16.60 -80.87 -32.45
N GLY J 244 17.60 -81.01 -33.30
CA GLY J 244 18.95 -81.31 -32.86
C GLY J 244 19.78 -80.06 -32.67
N GLU J 245 19.55 -79.07 -33.53
CA GLU J 245 20.29 -77.81 -33.48
C GLU J 245 19.95 -77.02 -32.21
N PHE J 246 18.80 -77.31 -31.63
CA PHE J 246 18.33 -76.61 -30.43
C PHE J 246 19.30 -76.76 -29.27
N LYS J 247 19.94 -77.93 -29.18
CA LYS J 247 20.86 -78.21 -28.09
C LYS J 247 22.13 -77.37 -28.19
N ILE J 248 22.40 -76.84 -29.38
CA ILE J 248 23.57 -76.00 -29.59
C ILE J 248 23.32 -74.58 -29.11
N ILE J 249 22.06 -74.14 -29.20
CA ILE J 249 21.69 -72.80 -28.78
C ILE J 249 21.57 -72.73 -27.26
N VAL J 250 21.01 -73.78 -26.67
CA VAL J 250 20.86 -73.84 -25.22
C VAL J 250 22.22 -73.87 -24.53
N LYS J 251 23.17 -74.55 -25.15
CA LYS J 251 24.53 -74.60 -24.61
C LYS J 251 25.14 -73.20 -24.60
N ALA J 252 24.62 -72.32 -25.43
CA ALA J 252 25.09 -70.95 -25.49
C ALA J 252 24.29 -70.06 -24.54
N MET J 253 23.07 -70.48 -24.23
CA MET J 253 22.22 -69.75 -23.31
C MET J 253 22.83 -69.67 -21.91
N GLU J 254 23.05 -70.84 -21.31
CA GLU J 254 23.47 -70.93 -19.92
C GLU J 254 24.97 -70.67 -19.74
N THR J 255 25.77 -71.08 -20.73
CA THR J 255 27.22 -70.94 -20.65
C THR J 255 27.65 -69.49 -20.42
N LEU J 256 27.11 -68.58 -21.23
CA LEU J 256 27.47 -67.17 -21.11
C LEU J 256 26.98 -66.59 -19.79
N GLY J 257 25.67 -66.49 -19.64
CA GLY J 257 25.08 -65.94 -18.43
C GLY J 257 23.64 -65.51 -18.61
N LEU J 258 22.89 -66.30 -19.36
CA LEU J 258 21.47 -66.04 -19.59
C LEU J 258 20.63 -67.14 -18.96
N LYS J 259 20.46 -67.07 -17.64
CA LYS J 259 19.73 -68.09 -16.90
C LYS J 259 18.29 -68.16 -17.39
N GLU J 260 17.63 -69.29 -17.11
CA GLU J 260 16.24 -69.49 -17.52
C GLU J 260 15.35 -68.35 -17.05
N SER J 261 15.70 -67.76 -15.91
CA SER J 261 14.96 -66.62 -15.38
C SER J 261 14.97 -65.47 -16.39
N ASP J 262 16.15 -65.16 -16.91
CA ASP J 262 16.29 -64.11 -17.91
C ASP J 262 15.67 -64.53 -19.23
N GLN J 263 15.70 -65.83 -19.50
CA GLN J 263 15.12 -66.37 -20.73
C GLN J 263 13.60 -66.18 -20.73
N ASN J 264 12.96 -66.70 -19.69
CA ASN J 264 11.50 -66.55 -19.55
C ASN J 264 11.10 -65.09 -19.66
N SER J 265 11.88 -64.21 -19.04
CA SER J 265 11.62 -62.77 -19.11
C SER J 265 11.53 -62.32 -20.56
N ILE J 266 12.51 -62.74 -21.36
CA ILE J 266 12.55 -62.38 -22.78
C ILE J 266 11.38 -63.02 -23.51
N TRP J 267 11.03 -64.25 -23.12
CA TRP J 267 9.95 -64.98 -23.79
C TRP J 267 8.59 -64.34 -23.49
N ARG J 268 8.46 -63.67 -22.35
CA ARG J 268 7.22 -63.00 -21.99
C ARG J 268 6.88 -61.93 -23.02
N ILE J 269 7.89 -61.47 -23.75
CA ILE J 269 7.67 -60.49 -24.81
C ILE J 269 7.10 -61.19 -26.04
N LEU J 270 7.70 -62.32 -26.41
CA LEU J 270 7.23 -63.11 -27.54
C LEU J 270 5.92 -63.80 -27.18
N ALA J 271 5.78 -64.21 -25.93
CA ALA J 271 4.56 -64.82 -25.45
C ALA J 271 3.38 -63.89 -25.71
N ALA J 272 3.60 -62.61 -25.47
CA ALA J 272 2.59 -61.60 -25.76
C ALA J 272 2.39 -61.47 -27.26
N ILE J 273 3.49 -61.27 -27.98
CA ILE J 273 3.45 -61.14 -29.43
C ILE J 273 2.71 -62.30 -30.08
N LEU J 274 2.95 -63.50 -29.58
CA LEU J 274 2.27 -64.69 -30.10
C LEU J 274 0.79 -64.67 -29.73
N HIS J 275 0.45 -63.95 -28.67
CA HIS J 275 -0.94 -63.76 -28.29
C HIS J 275 -1.57 -62.61 -29.07
N ILE J 276 -0.72 -61.69 -29.54
CA ILE J 276 -1.18 -60.57 -30.34
C ILE J 276 -1.21 -60.95 -31.82
N GLY J 277 -0.30 -61.84 -32.21
CA GLY J 277 -0.19 -62.26 -33.59
C GLY J 277 -1.43 -62.93 -34.11
N ASN J 278 -2.12 -63.67 -33.24
CA ASN J 278 -3.33 -64.38 -33.63
C ASN J 278 -4.43 -63.44 -34.10
N ILE J 279 -4.33 -62.16 -33.75
CA ILE J 279 -5.33 -61.18 -34.16
C ILE J 279 -5.39 -61.07 -35.68
N THR J 280 -6.26 -61.85 -36.30
CA THR J 280 -6.53 -61.75 -37.72
C THR J 280 -7.90 -61.09 -37.92
N PHE J 281 -8.25 -60.79 -39.16
CA PHE J 281 -9.51 -60.11 -39.46
C PHE J 281 -10.25 -60.72 -40.64
N ALA J 282 -11.57 -60.68 -40.58
CA ALA J 282 -12.42 -61.12 -41.67
C ALA J 282 -13.06 -59.92 -42.35
N GLU J 283 -12.35 -59.34 -43.32
CA GLU J 283 -12.77 -58.11 -44.00
C GLU J 283 -14.17 -57.65 -43.59
N ALA J 284 -14.21 -56.72 -42.63
CA ALA J 284 -15.49 -56.22 -42.12
C ALA J 284 -16.03 -55.10 -42.98
N ALA J 285 -17.10 -55.37 -43.71
CA ALA J 285 -17.78 -54.37 -44.52
C ALA J 285 -18.91 -53.76 -43.70
N GLU J 286 -18.59 -53.32 -42.49
CA GLU J 286 -19.59 -52.84 -41.56
C GLU J 286 -20.22 -51.55 -42.04
N GLN J 287 -19.38 -50.55 -42.31
CA GLN J 287 -19.84 -49.27 -42.81
C GLN J 287 -20.74 -49.42 -44.03
N ARG J 288 -21.99 -49.00 -43.89
CA ARG J 288 -22.95 -48.99 -45.00
C ARG J 288 -22.31 -48.54 -46.31
N THR J 289 -21.39 -47.57 -46.23
CA THR J 289 -20.80 -46.99 -47.43
C THR J 289 -19.32 -46.66 -47.23
N GLY J 290 -19.06 -45.65 -46.40
CA GLY J 290 -17.72 -45.11 -46.21
C GLY J 290 -16.56 -46.03 -46.53
N THR J 291 -15.95 -46.58 -45.48
CA THR J 291 -14.76 -47.42 -45.64
C THR J 291 -14.86 -48.68 -44.79
N THR J 292 -14.53 -49.82 -45.40
CA THR J 292 -14.58 -51.10 -44.69
C THR J 292 -13.75 -51.05 -43.42
N THR J 293 -14.38 -51.35 -42.28
CA THR J 293 -13.70 -51.32 -41.00
C THR J 293 -13.04 -52.66 -40.71
N VAL J 294 -12.48 -52.80 -39.51
CA VAL J 294 -11.81 -54.03 -39.12
C VAL J 294 -12.45 -54.61 -37.85
N LYS J 295 -13.14 -55.74 -38.00
CA LYS J 295 -13.85 -56.36 -36.88
C LYS J 295 -13.13 -57.59 -36.36
N VAL J 296 -13.14 -57.76 -35.05
CA VAL J 296 -12.53 -58.93 -34.41
C VAL J 296 -13.52 -59.70 -33.56
N SER J 297 -14.16 -60.70 -34.16
CA SER J 297 -15.13 -61.53 -33.46
C SER J 297 -14.42 -62.42 -32.44
N ASP J 298 -13.38 -63.12 -32.89
CA ASP J 298 -12.57 -63.93 -32.01
C ASP J 298 -11.76 -63.01 -31.11
N THR J 299 -12.41 -62.47 -30.09
CA THR J 299 -11.80 -61.46 -29.23
C THR J 299 -10.75 -62.01 -28.27
N LYS J 300 -10.84 -63.31 -27.96
CA LYS J 300 -9.91 -63.91 -27.01
C LYS J 300 -8.46 -63.73 -27.46
N SER J 301 -8.26 -63.56 -28.76
CA SER J 301 -6.94 -63.30 -29.30
C SER J 301 -6.55 -61.85 -29.01
N LEU J 302 -7.49 -60.95 -29.19
CA LEU J 302 -7.28 -59.53 -28.89
C LEU J 302 -7.35 -59.32 -27.38
N ALA J 303 -8.03 -60.22 -26.68
CA ALA J 303 -8.12 -60.16 -25.22
C ALA J 303 -6.81 -60.63 -24.61
N ALA J 304 -6.33 -61.78 -25.07
CA ALA J 304 -5.05 -62.31 -24.59
C ALA J 304 -3.93 -61.35 -24.95
N ALA J 305 -4.13 -60.58 -26.01
CA ALA J 305 -3.17 -59.57 -26.44
C ALA J 305 -2.95 -58.54 -25.34
N ALA J 306 -4.05 -58.15 -24.69
CA ALA J 306 -3.98 -57.13 -23.64
C ALA J 306 -3.79 -57.76 -22.26
N SER J 307 -4.02 -59.06 -22.16
CA SER J 307 -3.86 -59.76 -20.89
C SER J 307 -2.40 -59.72 -20.41
N CYS J 308 -1.47 -59.86 -21.36
CA CYS J 308 -0.06 -59.82 -21.05
C CYS J 308 0.35 -58.40 -20.70
N LEU J 309 -0.20 -57.43 -21.42
CA LEU J 309 0.05 -56.02 -21.16
C LEU J 309 -0.78 -55.56 -19.96
N LYS J 310 -1.80 -56.35 -19.62
CA LYS J 310 -2.67 -56.05 -18.50
C LYS J 310 -3.30 -54.66 -18.65
N THR J 311 -3.72 -54.34 -19.86
CA THR J 311 -4.38 -53.08 -20.15
C THR J 311 -5.84 -53.34 -20.55
N ASP J 312 -6.65 -52.28 -20.54
CA ASP J 312 -8.06 -52.41 -20.87
C ASP J 312 -8.21 -52.91 -22.31
N GLN J 313 -8.68 -54.15 -22.45
CA GLN J 313 -8.87 -54.76 -23.77
C GLN J 313 -9.64 -53.85 -24.71
N GLN J 314 -10.70 -53.21 -24.19
CA GLN J 314 -11.56 -52.35 -24.99
C GLN J 314 -10.83 -51.08 -25.38
N SER J 315 -10.42 -50.30 -24.39
CA SER J 315 -9.78 -49.01 -24.64
C SER J 315 -8.59 -49.17 -25.58
N LEU J 316 -7.82 -50.24 -25.41
CA LEU J 316 -6.67 -50.50 -26.27
C LEU J 316 -7.07 -50.48 -27.74
N SER J 317 -8.06 -51.29 -28.09
CA SER J 317 -8.53 -51.35 -29.46
C SER J 317 -9.15 -50.03 -29.90
N ILE J 318 -9.68 -49.29 -28.95
CA ILE J 318 -10.34 -48.02 -29.23
C ILE J 318 -9.33 -46.86 -29.31
N ALA J 319 -8.12 -47.11 -28.84
CA ALA J 319 -7.11 -46.05 -28.78
C ALA J 319 -5.93 -46.29 -29.73
N LEU J 320 -5.94 -47.43 -30.43
CA LEU J 320 -4.87 -47.75 -31.37
C LEU J 320 -5.39 -47.87 -32.79
N CYS J 321 -6.28 -48.85 -33.02
CA CYS J 321 -6.90 -49.00 -34.32
C CYS J 321 -7.63 -47.73 -34.69
N TYR J 322 -7.98 -46.95 -33.68
CA TYR J 322 -8.65 -45.67 -33.88
C TYR J 322 -7.76 -44.52 -33.40
N ARG J 323 -7.53 -43.56 -34.29
CA ARG J 323 -6.70 -42.40 -33.96
C ARG J 323 -7.53 -41.32 -33.28
N SER J 324 -6.89 -40.50 -32.45
CA SER J 324 -7.61 -39.49 -31.69
C SER J 324 -6.72 -38.32 -31.27
N ILE J 325 -7.30 -37.12 -31.28
CA ILE J 325 -6.61 -35.91 -30.85
C ILE J 325 -7.62 -34.78 -30.61
N SER J 326 -7.33 -33.96 -29.60
CA SER J 326 -8.12 -32.77 -29.31
C SER J 326 -7.18 -31.57 -29.18
N THR J 327 -6.55 -31.45 -28.02
CA THR J 327 -5.51 -30.45 -27.81
C THR J 327 -6.03 -29.11 -27.28
N GLY J 328 -5.22 -28.50 -26.42
CA GLY J 328 -5.48 -27.16 -25.90
C GLY J 328 -4.57 -26.81 -24.74
N VAL J 329 -3.29 -26.68 -25.03
CA VAL J 329 -2.28 -26.35 -24.01
C VAL J 329 -2.02 -27.53 -23.06
N GLY J 330 -3.06 -28.27 -22.69
CA GLY J 330 -2.91 -29.46 -21.88
C GLY J 330 -2.24 -30.55 -22.69
N LYS J 331 -2.97 -31.65 -22.91
CA LYS J 331 -2.50 -32.68 -23.83
C LYS J 331 -3.63 -33.62 -24.30
N ARG J 332 -4.78 -33.04 -24.68
CA ARG J 332 -5.83 -33.77 -25.39
C ARG J 332 -6.55 -34.84 -24.55
N CYS J 333 -7.74 -35.23 -25.00
CA CYS J 333 -8.44 -36.39 -24.45
C CYS J 333 -8.67 -37.42 -25.55
N GLU J 334 -7.97 -38.55 -25.45
CA GLU J 334 -7.98 -39.56 -26.50
C GLU J 334 -9.18 -40.48 -26.41
N VAL J 335 -9.97 -40.53 -27.48
CA VAL J 335 -11.13 -41.41 -27.55
C VAL J 335 -11.74 -41.45 -28.95
N ILE J 336 -11.84 -40.30 -29.60
CA ILE J 336 -12.44 -40.23 -30.93
C ILE J 336 -11.91 -41.34 -31.83
N SER J 337 -12.73 -41.75 -32.79
CA SER J 337 -12.48 -42.99 -33.53
C SER J 337 -12.12 -42.76 -35.00
N VAL J 338 -11.20 -43.58 -35.50
CA VAL J 338 -10.85 -43.57 -36.92
C VAL J 338 -10.59 -44.99 -37.42
N PRO J 339 -11.65 -45.76 -37.69
CA PRO J 339 -11.41 -47.06 -38.32
C PRO J 339 -10.87 -46.89 -39.73
N MET J 340 -9.89 -47.70 -40.10
CA MET J 340 -9.24 -47.58 -41.40
C MET J 340 -9.19 -48.93 -42.09
N ASP J 341 -8.74 -48.94 -43.34
CA ASP J 341 -8.70 -50.14 -44.16
C ASP J 341 -7.81 -51.22 -43.54
N CYS J 342 -7.86 -52.42 -44.11
CA CYS J 342 -7.10 -53.55 -43.60
C CYS J 342 -5.60 -53.34 -43.78
N ASN J 343 -5.22 -52.79 -44.93
CA ASN J 343 -3.80 -52.54 -45.23
C ASN J 343 -3.16 -51.64 -44.17
N GLN J 344 -3.79 -50.52 -43.87
CA GLN J 344 -3.29 -49.60 -42.87
C GLN J 344 -3.37 -50.23 -41.48
N ALA J 345 -4.39 -51.04 -41.25
CA ALA J 345 -4.54 -51.74 -39.99
C ALA J 345 -3.42 -52.76 -39.81
N ALA J 346 -3.14 -53.51 -40.87
CA ALA J 346 -2.07 -54.50 -40.85
C ALA J 346 -0.72 -53.77 -40.78
N TYR J 347 -0.66 -52.60 -41.41
CA TYR J 347 0.55 -51.79 -41.39
C TYR J 347 0.88 -51.37 -39.96
N SER J 348 -0.12 -50.82 -39.26
CA SER J 348 0.06 -50.40 -37.87
C SER J 348 0.38 -51.58 -36.98
N ARG J 349 -0.29 -52.71 -37.23
CA ARG J 349 -0.07 -53.93 -36.47
C ARG J 349 1.40 -54.33 -36.49
N ASP J 350 1.96 -54.43 -37.69
CA ASP J 350 3.36 -54.83 -37.87
C ASP J 350 4.31 -53.75 -37.37
N ALA J 351 4.08 -52.52 -37.81
CA ALA J 351 4.95 -51.39 -37.47
C ALA J 351 5.40 -51.43 -36.02
N LEU J 352 4.50 -51.82 -35.13
CA LEU J 352 4.82 -51.91 -33.71
C LEU J 352 5.55 -53.23 -33.41
N ALA J 353 5.05 -54.31 -34.01
CA ALA J 353 5.60 -55.64 -33.77
C ALA J 353 7.10 -55.72 -34.05
N LYS J 354 7.59 -54.84 -34.93
CA LYS J 354 8.98 -54.87 -35.33
C LYS J 354 9.84 -54.02 -34.38
N ALA J 355 9.50 -52.74 -34.29
CA ALA J 355 10.27 -51.79 -33.48
C ALA J 355 10.33 -52.24 -32.02
N LEU J 356 9.32 -52.98 -31.58
CA LEU J 356 9.27 -53.47 -30.21
C LEU J 356 10.45 -54.40 -29.94
N TYR J 357 10.78 -55.23 -30.92
CA TYR J 357 11.84 -56.22 -30.77
C TYR J 357 13.21 -55.65 -31.15
N GLU J 358 13.21 -54.63 -32.00
CA GLU J 358 14.45 -54.00 -32.44
C GLU J 358 15.17 -53.34 -31.27
N ARG J 359 14.44 -52.54 -30.50
CA ARG J 359 15.01 -51.82 -29.36
C ARG J 359 15.50 -52.79 -28.30
N LEU J 360 14.75 -53.88 -28.12
CA LEU J 360 15.08 -54.88 -27.12
C LEU J 360 16.42 -55.53 -27.40
N PHE J 361 16.58 -56.05 -28.62
CA PHE J 361 17.80 -56.76 -29.01
C PHE J 361 19.03 -55.88 -28.79
N ASN J 362 18.93 -54.61 -29.17
CA ASN J 362 20.04 -53.68 -29.03
C ASN J 362 20.30 -53.33 -27.57
N TRP J 363 19.26 -53.39 -26.75
CA TRP J 363 19.40 -53.16 -25.31
C TRP J 363 19.77 -54.46 -24.61
N LEU J 364 19.51 -55.57 -25.27
CA LEU J 364 19.84 -56.89 -24.72
C LEU J 364 21.35 -57.12 -24.81
N VAL J 365 21.90 -56.88 -26.01
CA VAL J 365 23.34 -57.06 -26.23
C VAL J 365 24.14 -56.17 -25.29
N SER J 366 23.58 -55.02 -24.91
CA SER J 366 24.22 -54.12 -23.97
C SER J 366 24.20 -54.71 -22.58
N LYS J 367 23.16 -55.48 -22.27
CA LYS J 367 23.04 -56.14 -20.97
C LYS J 367 23.81 -57.45 -20.97
N ILE J 368 24.11 -57.96 -22.16
CA ILE J 368 25.00 -59.11 -22.28
C ILE J 368 26.41 -58.67 -21.88
N ASN J 369 26.71 -57.40 -22.14
CA ASN J 369 28.00 -56.82 -21.77
C ASN J 369 28.06 -56.38 -20.32
N THR J 370 26.92 -56.43 -19.62
CA THR J 370 26.87 -56.10 -18.21
C THR J 370 27.83 -56.99 -17.40
N ILE J 371 28.02 -58.23 -17.87
CA ILE J 371 28.93 -59.15 -17.20
C ILE J 371 30.16 -59.36 -18.07
N ILE J 372 30.54 -58.31 -18.80
CA ILE J 372 31.67 -58.38 -19.73
C ILE J 372 32.36 -57.02 -19.84
N ASN J 373 31.57 -55.98 -20.13
CA ASN J 373 32.09 -54.63 -20.28
C ASN J 373 32.70 -54.09 -18.98
N CYS J 374 33.73 -53.27 -19.10
CA CYS J 374 34.38 -52.66 -17.96
C CYS J 374 34.13 -51.16 -17.91
N THR J 375 34.24 -50.58 -16.72
CA THR J 375 34.00 -49.15 -16.55
C THR J 375 35.06 -48.55 -15.63
N THR J 376 36.33 -48.83 -15.95
CA THR J 376 37.45 -48.34 -15.14
C THR J 376 38.23 -47.24 -15.86
N GLU J 377 38.42 -47.40 -17.16
CA GLU J 377 39.11 -46.39 -17.96
C GLU J 377 38.25 -45.89 -19.11
N LYS J 378 38.57 -44.68 -19.58
CA LYS J 378 37.97 -44.14 -20.80
C LYS J 378 39.07 -43.63 -21.72
N GLY J 379 39.11 -44.12 -22.95
CA GLY J 379 40.15 -43.75 -23.88
C GLY J 379 39.80 -44.02 -25.33
N PRO J 380 40.79 -43.91 -26.22
CA PRO J 380 40.65 -44.14 -27.67
C PRO J 380 39.72 -45.30 -28.01
N VAL J 381 39.11 -45.22 -29.20
CA VAL J 381 38.18 -46.25 -29.66
C VAL J 381 38.47 -46.70 -31.08
N ILE J 382 38.80 -47.98 -31.24
CA ILE J 382 38.99 -48.57 -32.55
C ILE J 382 37.70 -49.26 -33.01
N GLY J 383 37.09 -48.72 -34.06
CA GLY J 383 35.81 -49.23 -34.53
C GLY J 383 35.94 -50.31 -35.58
N ILE J 384 34.94 -51.18 -35.65
CA ILE J 384 34.88 -52.23 -36.65
C ILE J 384 33.50 -52.28 -37.28
N LEU J 385 33.45 -52.15 -38.60
CA LEU J 385 32.17 -52.09 -39.31
C LEU J 385 31.70 -53.48 -39.73
N ASP J 386 30.39 -53.69 -39.72
CA ASP J 386 29.80 -54.95 -40.13
C ASP J 386 28.32 -54.77 -40.42
N ILE J 387 27.95 -54.83 -41.69
CA ILE J 387 26.57 -54.61 -42.11
C ILE J 387 26.15 -55.67 -43.12
N TYR J 388 24.84 -55.79 -43.34
CA TYR J 388 24.30 -56.75 -44.29
C TYR J 388 25.03 -56.68 -45.64
N GLY J 389 25.24 -57.84 -46.25
CA GLY J 389 26.00 -57.93 -47.49
C GLY J 389 25.14 -57.79 -48.73
N PHE J 390 25.79 -57.50 -49.85
CA PHE J 390 25.11 -57.33 -51.13
C PHE J 390 24.60 -58.67 -51.65
N GLU J 391 23.33 -58.96 -51.38
CA GLU J 391 22.73 -60.23 -51.80
C GLU J 391 22.29 -60.15 -53.25
N VAL J 392 22.36 -61.29 -53.96
CA VAL J 392 22.01 -61.33 -55.37
C VAL J 392 21.08 -62.50 -55.67
N PHE J 393 19.90 -62.18 -56.20
CA PHE J 393 18.97 -63.19 -56.65
C PHE J 393 18.70 -62.99 -58.14
N GLN J 394 17.90 -63.88 -58.72
CA GLN J 394 17.49 -63.74 -60.11
C GLN J 394 16.13 -63.05 -60.18
N ASN J 395 15.79 -62.36 -59.10
CA ASN J 395 14.51 -61.65 -58.99
C ASN J 395 14.49 -60.77 -57.75
N ASN J 396 14.68 -59.47 -57.95
CA ASN J 396 14.79 -58.54 -56.84
C ASN J 396 13.50 -57.79 -56.55
N SER J 397 13.49 -57.07 -55.44
CA SER J 397 12.32 -56.29 -55.03
C SER J 397 12.78 -55.10 -54.18
N PHE J 398 11.86 -54.52 -53.42
CA PHE J 398 12.18 -53.35 -52.60
C PHE J 398 13.23 -53.67 -51.54
N GLU J 399 12.98 -54.70 -50.75
CA GLU J 399 13.87 -55.05 -49.64
C GLU J 399 15.32 -55.18 -50.11
N GLN J 400 15.51 -55.48 -51.40
CA GLN J 400 16.85 -55.55 -51.96
C GLN J 400 17.43 -54.16 -52.15
N LEU J 401 16.59 -53.20 -52.51
CA LEU J 401 17.05 -51.83 -52.76
C LEU J 401 17.81 -51.26 -51.58
N ASN J 402 17.23 -51.37 -50.38
CA ASN J 402 17.86 -50.86 -49.18
C ASN J 402 19.25 -51.45 -48.96
N ILE J 403 19.38 -52.76 -49.19
CA ILE J 403 20.64 -53.44 -49.03
C ILE J 403 21.62 -53.03 -50.14
N ASN J 404 21.12 -53.00 -51.37
CA ASN J 404 21.94 -52.60 -52.51
C ASN J 404 22.30 -51.11 -52.44
N PHE J 405 21.43 -50.32 -51.83
CA PHE J 405 21.68 -48.89 -51.64
C PHE J 405 22.91 -48.65 -50.78
N CYS J 406 23.11 -49.51 -49.78
CA CYS J 406 24.25 -49.38 -48.88
C CYS J 406 25.56 -49.54 -49.64
N ASN J 407 25.57 -50.42 -50.64
CA ASN J 407 26.74 -50.66 -51.45
C ASN J 407 27.08 -49.44 -52.31
N GLU J 408 26.03 -48.74 -52.77
CA GLU J 408 26.22 -47.50 -53.51
C GLU J 408 26.92 -46.47 -52.64
N LYS J 409 26.64 -46.52 -51.33
CA LYS J 409 27.27 -45.63 -50.38
C LYS J 409 28.65 -46.17 -50.00
N LEU J 410 28.81 -47.49 -50.05
CA LEU J 410 30.07 -48.14 -49.71
C LEU J 410 31.12 -47.85 -50.78
N GLN J 411 30.70 -47.88 -52.04
CA GLN J 411 31.60 -47.56 -53.15
C GLN J 411 31.99 -46.08 -53.07
N GLN J 412 31.02 -45.24 -52.72
CA GLN J 412 31.29 -43.82 -52.52
C GLN J 412 32.29 -43.60 -51.39
N LEU J 413 32.24 -44.48 -50.39
CA LEU J 413 33.16 -44.39 -49.26
C LEU J 413 34.59 -44.55 -49.71
N PHE J 414 34.86 -45.61 -50.47
CA PHE J 414 36.21 -45.87 -50.97
C PHE J 414 36.70 -44.73 -51.86
N ILE J 415 35.90 -44.36 -52.85
CA ILE J 415 36.27 -43.28 -53.76
C ILE J 415 36.55 -42.00 -52.98
N GLU J 416 35.86 -41.84 -51.84
CA GLU J 416 36.09 -40.70 -50.96
C GLU J 416 37.41 -40.87 -50.20
N LEU J 417 37.81 -42.11 -49.99
CA LEU J 417 39.01 -42.42 -49.21
C LEU J 417 40.22 -42.72 -50.08
N THR J 418 40.14 -43.81 -50.85
CA THR J 418 41.28 -44.29 -51.62
C THR J 418 41.52 -43.48 -52.90
N LEU J 419 40.68 -42.49 -53.16
CA LEU J 419 40.81 -41.69 -54.38
C LEU J 419 40.77 -40.18 -54.12
N LYS J 420 40.19 -39.77 -53.00
CA LYS J 420 40.08 -38.35 -52.69
C LYS J 420 40.91 -37.95 -51.48
N SER J 421 40.49 -38.39 -50.30
CA SER J 421 41.16 -37.99 -49.06
C SER J 421 42.62 -38.42 -49.05
N GLU J 422 42.93 -39.50 -49.77
CA GLU J 422 44.30 -40.02 -49.82
C GLU J 422 45.15 -39.27 -50.83
N GLN J 423 44.56 -38.90 -51.96
CA GLN J 423 45.26 -38.13 -52.98
C GLN J 423 45.61 -36.74 -52.47
N GLU J 424 44.73 -36.17 -51.66
CA GLU J 424 44.97 -34.86 -51.06
C GLU J 424 46.12 -34.95 -50.05
N GLU J 425 46.33 -36.14 -49.51
CA GLU J 425 47.41 -36.36 -48.55
C GLU J 425 48.75 -36.44 -49.30
N TYR J 426 48.70 -36.92 -50.55
CA TYR J 426 49.90 -37.01 -51.36
C TYR J 426 50.50 -35.63 -51.59
N VAL J 427 49.68 -34.71 -52.08
CA VAL J 427 50.14 -33.36 -52.36
C VAL J 427 50.48 -32.58 -51.09
N ARG J 428 49.85 -32.97 -49.98
CA ARG J 428 50.12 -32.33 -48.70
C ARG J 428 51.55 -32.62 -48.25
N GLU J 429 52.04 -33.80 -48.63
CA GLU J 429 53.42 -34.17 -48.36
C GLU J 429 54.36 -33.51 -49.36
N GLY J 430 53.83 -33.22 -50.55
CA GLY J 430 54.59 -32.55 -51.58
C GLY J 430 55.38 -33.54 -52.42
N ILE J 431 54.82 -34.73 -52.61
CA ILE J 431 55.48 -35.79 -53.37
C ILE J 431 54.86 -35.93 -54.75
N GLU J 432 55.70 -36.26 -55.74
CA GLU J 432 55.28 -36.36 -57.13
C GLU J 432 53.92 -37.05 -57.26
N TRP J 433 52.97 -36.36 -57.88
CA TRP J 433 51.65 -36.92 -58.12
C TRP J 433 50.90 -36.11 -59.17
N LYS J 434 50.20 -36.81 -60.06
CA LYS J 434 49.42 -36.18 -61.10
C LYS J 434 48.12 -36.95 -61.32
N ASN J 435 47.02 -36.23 -61.48
CA ASN J 435 45.71 -36.86 -61.60
C ASN J 435 45.60 -37.77 -62.82
N ILE J 436 45.76 -39.07 -62.59
CA ILE J 436 45.65 -40.06 -63.64
C ILE J 436 44.19 -40.44 -63.86
N GLU J 437 43.83 -40.74 -65.10
CA GLU J 437 42.44 -41.00 -65.50
C GLU J 437 41.52 -41.31 -64.31
N TYR J 438 40.83 -40.28 -63.84
CA TYR J 438 39.90 -40.41 -62.72
C TYR J 438 38.49 -40.67 -63.23
N PHE J 439 38.03 -41.91 -63.12
CA PHE J 439 36.68 -42.27 -63.54
C PHE J 439 35.69 -41.52 -62.68
N ASN J 440 34.47 -41.35 -63.19
CA ASN J 440 33.45 -40.56 -62.53
C ASN J 440 33.43 -40.78 -61.02
N ASN J 441 33.46 -39.69 -60.26
CA ASN J 441 33.40 -39.74 -58.81
C ASN J 441 32.02 -40.18 -58.34
N LYS J 442 31.12 -40.40 -59.30
CA LYS J 442 29.74 -40.78 -59.04
C LYS J 442 29.09 -40.10 -57.82
N PRO J 443 29.17 -38.77 -57.76
CA PRO J 443 28.37 -38.07 -56.74
C PRO J 443 26.93 -37.93 -57.24
N ILE J 444 26.72 -38.24 -58.51
CA ILE J 444 25.39 -38.22 -59.10
C ILE J 444 24.54 -39.31 -58.47
N CYS J 445 25.14 -40.48 -58.23
CA CYS J 445 24.45 -41.58 -57.59
C CYS J 445 24.08 -41.23 -56.15
N GLU J 446 24.65 -40.16 -55.62
CA GLU J 446 24.33 -39.69 -54.29
C GLU J 446 23.29 -38.58 -54.35
N LEU J 447 23.49 -37.65 -55.28
CA LEU J 447 22.55 -36.54 -55.46
C LEU J 447 21.23 -37.05 -56.05
N ILE J 448 21.26 -38.23 -56.66
CA ILE J 448 20.07 -38.82 -57.27
C ILE J 448 19.12 -39.36 -56.19
N GLU J 449 19.55 -39.32 -54.94
CA GLU J 449 18.74 -39.85 -53.84
C GLU J 449 19.07 -39.19 -52.51
N LYS J 450 19.07 -37.86 -52.47
CA LYS J 450 19.29 -37.12 -51.23
C LYS J 450 18.63 -35.75 -51.27
N LYS J 451 19.26 -34.81 -51.96
CA LYS J 451 18.74 -33.45 -52.07
C LYS J 451 17.45 -33.45 -52.88
N PRO J 452 16.69 -32.34 -52.86
CA PRO J 452 15.46 -32.29 -53.64
C PRO J 452 15.66 -32.76 -55.08
N ILE J 453 14.61 -33.30 -55.68
CA ILE J 453 14.70 -33.92 -57.00
C ILE J 453 15.65 -35.12 -56.95
N GLY J 454 15.28 -36.12 -56.16
CA GLY J 454 16.06 -37.34 -56.04
C GLY J 454 15.18 -38.54 -55.78
N LEU J 455 15.71 -39.73 -56.04
CA LEU J 455 14.97 -40.98 -55.88
C LEU J 455 14.20 -41.04 -54.55
N ILE J 456 14.92 -41.27 -53.46
CA ILE J 456 14.28 -41.40 -52.15
C ILE J 456 13.54 -40.11 -51.79
N SER J 457 13.97 -39.00 -52.36
CA SER J 457 13.28 -37.72 -52.18
C SER J 457 11.98 -37.72 -52.96
N LEU J 458 11.96 -38.48 -54.06
CA LEU J 458 10.75 -38.66 -54.86
C LEU J 458 10.00 -39.92 -54.42
N LEU J 459 10.70 -40.80 -53.71
CA LEU J 459 10.10 -42.05 -53.26
C LEU J 459 9.36 -41.84 -51.94
N ASP J 460 10.11 -41.44 -50.91
CA ASP J 460 9.53 -41.19 -49.60
C ASP J 460 8.37 -40.20 -49.71
N GLU J 461 8.45 -39.30 -50.68
CA GLU J 461 7.39 -38.33 -50.90
C GLU J 461 6.12 -39.03 -51.35
N ALA J 462 6.28 -40.09 -52.13
CA ALA J 462 5.16 -40.86 -52.63
C ALA J 462 4.61 -41.78 -51.54
N CYS J 463 5.47 -42.18 -50.62
CA CYS J 463 5.07 -43.03 -49.50
C CYS J 463 3.98 -42.35 -48.67
N LEU J 464 4.02 -41.02 -48.63
CA LEU J 464 3.02 -40.27 -47.88
C LEU J 464 1.77 -40.06 -48.73
N ILE J 465 1.96 -39.79 -50.02
CA ILE J 465 0.84 -39.70 -50.95
C ILE J 465 0.25 -41.10 -51.14
N ALA J 466 -0.63 -41.49 -50.23
CA ALA J 466 -1.19 -42.84 -50.24
C ALA J 466 -2.02 -43.10 -51.50
N LYS J 467 -2.55 -42.05 -52.09
CA LYS J 467 -3.36 -42.18 -53.30
C LYS J 467 -2.49 -42.44 -54.52
N SER J 468 -1.18 -42.30 -54.34
CA SER J 468 -0.23 -42.70 -55.38
C SER J 468 0.30 -44.08 -55.06
N THR J 469 -0.35 -45.10 -55.60
CA THR J 469 -0.04 -46.48 -55.26
C THR J 469 1.33 -46.89 -55.82
N ASP J 470 1.35 -47.83 -56.76
CA ASP J 470 2.60 -48.34 -57.30
C ASP J 470 2.77 -47.97 -58.77
N GLN J 471 1.68 -48.05 -59.52
CA GLN J 471 1.70 -47.73 -60.94
C GLN J 471 1.92 -46.24 -61.17
N THR J 472 1.25 -45.42 -60.36
CA THR J 472 1.40 -43.97 -60.45
C THR J 472 2.78 -43.55 -59.96
N PHE J 473 3.25 -44.23 -58.91
CA PHE J 473 4.58 -43.98 -58.36
C PHE J 473 5.66 -44.28 -59.39
N LEU J 474 5.47 -45.35 -60.15
CA LEU J 474 6.41 -45.73 -61.19
C LEU J 474 6.62 -44.58 -62.18
N ASP J 475 5.53 -43.92 -62.54
CA ASP J 475 5.57 -42.84 -63.52
C ASP J 475 6.30 -41.62 -63.00
N SER J 476 6.43 -41.53 -61.68
CA SER J 476 7.12 -40.40 -61.05
C SER J 476 8.64 -40.63 -61.03
N ILE J 477 9.07 -41.79 -61.51
CA ILE J 477 10.49 -42.12 -61.55
C ILE J 477 11.00 -42.04 -62.98
N CYS J 478 10.30 -42.70 -63.90
CA CYS J 478 10.71 -42.75 -65.30
C CYS J 478 10.81 -41.35 -65.89
N LYS J 479 9.90 -40.46 -65.50
CA LYS J 479 9.89 -39.10 -66.01
C LYS J 479 10.97 -38.26 -65.33
N GLN J 480 11.07 -38.38 -64.01
CA GLN J 480 12.07 -37.64 -63.25
C GLN J 480 13.48 -38.03 -63.70
N PHE J 481 13.65 -39.29 -64.09
CA PHE J 481 14.95 -39.79 -64.53
C PHE J 481 14.85 -40.32 -65.97
N GLU J 482 15.59 -41.39 -66.27
CA GLU J 482 15.66 -41.90 -67.64
C GLU J 482 16.07 -40.77 -68.58
N LYS J 483 16.92 -39.90 -68.08
CA LYS J 483 17.41 -38.74 -68.81
C LYS J 483 18.69 -38.29 -68.11
N ASN J 484 18.61 -38.23 -66.79
CA ASN J 484 19.79 -38.14 -65.95
C ASN J 484 20.67 -39.36 -66.25
N PRO J 485 21.99 -39.20 -66.24
CA PRO J 485 22.82 -40.33 -66.66
C PRO J 485 22.86 -41.48 -65.64
N HIS J 486 23.09 -42.68 -66.15
CA HIS J 486 23.26 -43.87 -65.31
C HIS J 486 21.94 -44.38 -64.73
N LEU J 487 20.97 -44.63 -65.60
CA LEU J 487 19.69 -45.20 -65.20
C LEU J 487 18.83 -45.49 -66.43
N GLN J 488 18.45 -46.75 -66.60
CA GLN J 488 17.72 -47.18 -67.79
C GLN J 488 16.37 -47.81 -67.45
N SER J 489 15.68 -48.27 -68.49
CA SER J 489 14.39 -48.96 -68.34
C SER J 489 14.03 -49.61 -69.66
N TYR J 490 12.76 -49.98 -69.82
CA TYR J 490 12.31 -50.57 -71.08
C TYR J 490 12.10 -49.50 -72.16
N VAL J 491 11.48 -48.39 -71.78
CA VAL J 491 11.12 -47.34 -72.73
C VAL J 491 12.33 -46.81 -73.49
N VAL J 492 13.29 -46.25 -72.76
CA VAL J 492 14.48 -45.68 -73.39
C VAL J 492 15.33 -46.80 -73.98
N SER J 493 15.80 -47.71 -73.13
CA SER J 493 16.56 -48.87 -73.57
C SER J 493 15.60 -49.97 -74.00
N LYS J 494 15.36 -50.06 -75.30
CA LYS J 494 14.40 -51.03 -75.84
C LYS J 494 14.85 -52.46 -75.58
N ASP J 495 14.64 -52.93 -74.36
CA ASP J 495 15.00 -54.29 -73.97
C ASP J 495 13.78 -55.00 -73.39
N ARG J 496 13.46 -56.17 -73.94
CA ARG J 496 12.26 -56.90 -73.54
C ARG J 496 12.40 -57.50 -72.14
N SER J 497 13.63 -57.67 -71.68
CA SER J 497 13.90 -58.24 -70.36
C SER J 497 13.26 -57.41 -69.26
N ILE J 498 13.08 -56.12 -69.54
CA ILE J 498 12.47 -55.20 -68.58
C ILE J 498 10.97 -55.11 -68.81
N GLY J 499 10.19 -55.33 -67.76
CA GLY J 499 8.75 -55.23 -67.84
C GLY J 499 8.31 -53.78 -67.97
N ASP J 500 7.05 -53.58 -68.37
CA ASP J 500 6.51 -52.23 -68.52
C ASP J 500 6.30 -51.58 -67.16
N THR J 501 6.25 -52.39 -66.12
CA THR J 501 6.05 -51.89 -64.76
C THR J 501 7.37 -51.84 -64.00
N CYS J 502 8.39 -52.49 -64.54
CA CYS J 502 9.70 -52.55 -63.90
C CYS J 502 10.68 -51.57 -64.56
N PHE J 503 11.90 -51.50 -64.03
CA PHE J 503 12.92 -50.60 -64.57
C PHE J 503 14.32 -51.19 -64.42
N ARG J 504 15.28 -50.59 -65.12
CA ARG J 504 16.66 -51.06 -65.10
C ARG J 504 17.56 -50.08 -64.34
N LEU J 505 18.01 -50.51 -63.16
CA LEU J 505 18.89 -49.67 -62.36
C LEU J 505 20.35 -50.15 -62.46
N LYS J 506 21.20 -49.31 -63.01
CA LYS J 506 22.61 -49.64 -63.16
C LYS J 506 23.42 -49.24 -61.93
N HIS J 507 23.97 -50.23 -61.25
CA HIS J 507 24.87 -49.99 -60.12
C HIS J 507 26.29 -49.80 -60.65
N TYR J 508 27.25 -49.80 -59.74
CA TYR J 508 28.66 -49.71 -60.12
C TYR J 508 29.21 -51.08 -60.48
N ALA J 509 28.31 -52.01 -60.79
CA ALA J 509 28.69 -53.39 -61.05
C ALA J 509 27.99 -53.96 -62.28
N GLY J 510 26.73 -54.35 -62.14
CA GLY J 510 25.99 -54.96 -63.23
C GLY J 510 24.60 -54.37 -63.41
N ASP J 511 23.63 -55.24 -63.65
CA ASP J 511 22.25 -54.81 -63.89
C ASP J 511 21.28 -55.53 -62.96
N VAL J 512 20.27 -54.81 -62.50
CA VAL J 512 19.27 -55.39 -61.60
C VAL J 512 17.87 -54.83 -61.91
N THR J 513 16.88 -55.73 -61.93
CA THR J 513 15.50 -55.33 -62.18
C THR J 513 14.67 -55.59 -60.93
N TYR J 514 13.74 -54.68 -60.64
CA TYR J 514 12.93 -54.77 -59.44
C TYR J 514 11.45 -54.91 -59.75
N ASP J 515 10.71 -55.52 -58.82
CA ASP J 515 9.26 -55.67 -58.96
C ASP J 515 8.59 -54.48 -58.28
N VAL J 516 7.35 -54.64 -57.83
CA VAL J 516 6.63 -53.56 -57.17
C VAL J 516 5.71 -54.03 -56.03
N ARG J 517 5.55 -55.34 -55.90
CA ARG J 517 4.66 -55.92 -54.88
C ARG J 517 4.94 -55.36 -53.49
N GLY J 518 3.99 -54.60 -52.96
CA GLY J 518 4.05 -54.16 -51.58
C GLY J 518 4.91 -52.93 -51.33
N PHE J 519 5.51 -52.38 -52.38
CA PHE J 519 6.40 -51.24 -52.27
C PHE J 519 6.04 -50.28 -51.13
N LEU J 520 4.84 -49.70 -51.19
CA LEU J 520 4.44 -48.68 -50.24
C LEU J 520 4.53 -49.14 -48.79
N ASP J 521 3.55 -49.94 -48.36
CA ASP J 521 3.44 -50.35 -46.96
C ASP J 521 4.76 -50.86 -46.39
N LYS J 522 5.62 -51.40 -47.25
CA LYS J 522 6.90 -51.95 -46.82
C LYS J 522 7.94 -50.85 -46.69
N ASN J 523 7.80 -49.79 -47.48
CA ASN J 523 8.78 -48.71 -47.51
C ASN J 523 8.42 -47.55 -46.60
N LYS J 524 7.13 -47.23 -46.54
CA LYS J 524 6.65 -46.08 -45.76
C LYS J 524 7.41 -45.96 -44.45
N ASP J 525 7.32 -46.99 -43.63
CA ASP J 525 8.02 -47.04 -42.35
C ASP J 525 7.44 -46.04 -41.34
N THR J 526 6.60 -45.11 -41.82
CA THR J 526 6.01 -44.08 -40.98
C THR J 526 5.43 -44.68 -39.71
N LEU J 527 6.02 -44.31 -38.57
CA LEU J 527 5.56 -44.79 -37.27
C LEU J 527 5.25 -43.61 -36.36
N PHE J 528 3.98 -43.19 -36.35
CA PHE J 528 3.53 -42.07 -35.54
C PHE J 528 3.53 -42.45 -34.05
N GLY J 529 3.26 -41.47 -33.21
CA GLY J 529 3.28 -41.66 -31.77
C GLY J 529 1.94 -42.10 -31.20
N ASP J 530 1.33 -43.10 -31.82
CA ASP J 530 0.08 -43.66 -31.33
C ASP J 530 0.26 -45.13 -30.97
N LEU J 531 1.08 -45.82 -31.74
CA LEU J 531 1.39 -47.23 -31.47
C LEU J 531 2.53 -47.32 -30.45
N ILE J 532 3.34 -46.28 -30.37
CA ILE J 532 4.50 -46.26 -29.50
C ILE J 532 4.12 -45.93 -28.06
N SER J 533 3.23 -44.95 -27.91
CA SER J 533 2.87 -44.45 -26.58
C SER J 533 2.10 -45.46 -25.75
N SER J 534 1.37 -46.36 -26.41
CA SER J 534 0.55 -47.34 -25.73
C SER J 534 1.36 -48.15 -24.73
N MET J 535 2.39 -48.82 -25.23
CA MET J 535 3.24 -49.67 -24.40
C MET J 535 3.93 -48.88 -23.29
N GLN J 536 4.25 -47.62 -23.58
CA GLN J 536 4.94 -46.78 -22.60
C GLN J 536 4.08 -46.54 -21.36
N SER J 537 2.77 -46.47 -21.56
CA SER J 537 1.85 -46.20 -20.45
C SER J 537 1.35 -47.48 -19.80
N SER J 538 1.93 -48.61 -20.17
CA SER J 538 1.53 -49.90 -19.61
C SER J 538 2.19 -50.12 -18.25
N SER J 539 1.76 -51.17 -17.55
CA SER J 539 2.31 -51.49 -16.24
C SER J 539 3.01 -52.85 -16.26
N ASP J 540 4.31 -52.84 -16.57
CA ASP J 540 5.09 -54.06 -16.62
C ASP J 540 6.58 -53.70 -16.60
N PRO J 541 7.40 -54.47 -15.87
CA PRO J 541 8.83 -54.14 -15.77
C PRO J 541 9.58 -54.28 -17.09
N LEU J 542 8.97 -54.91 -18.08
CA LEU J 542 9.60 -55.10 -19.38
C LEU J 542 8.96 -54.26 -20.48
N VAL J 543 7.63 -54.29 -20.55
CA VAL J 543 6.91 -53.57 -21.60
C VAL J 543 7.41 -52.14 -21.73
N GLN J 544 7.63 -51.48 -20.59
CA GLN J 544 8.18 -50.14 -20.59
C GLN J 544 9.71 -50.20 -20.62
N GLY J 545 10.26 -51.35 -20.23
CA GLY J 545 11.70 -51.56 -20.24
C GLY J 545 12.25 -51.71 -21.64
N LEU J 546 11.44 -52.24 -22.55
CA LEU J 546 11.86 -52.38 -23.95
C LEU J 546 12.11 -50.99 -24.51
N PHE J 547 11.37 -50.01 -24.00
CA PHE J 547 11.61 -48.61 -24.30
C PHE J 547 12.52 -48.03 -23.22
N PRO J 548 13.84 -48.12 -23.42
CA PRO J 548 14.81 -47.82 -22.36
C PRO J 548 14.89 -46.34 -22.04
N PRO J 549 15.66 -45.95 -21.01
CA PRO J 549 15.87 -44.54 -20.68
C PRO J 549 15.78 -43.65 -21.93
N THR J 550 14.77 -42.79 -21.95
CA THR J 550 14.47 -41.98 -23.13
C THR J 550 15.71 -41.31 -23.69
N ARG J 551 15.80 -41.29 -25.03
CA ARG J 551 16.85 -40.57 -25.75
C ARG J 551 18.24 -41.20 -25.58
N PRO J 552 18.48 -42.34 -26.25
CA PRO J 552 19.83 -42.92 -26.29
C PRO J 552 20.55 -42.59 -27.60
N GLU J 553 21.42 -41.58 -27.58
CA GLU J 553 22.16 -41.17 -28.77
C GLU J 553 21.24 -40.72 -29.91
N ASP J 554 19.96 -40.53 -29.60
CA ASP J 554 18.99 -40.07 -30.59
C ASP J 554 17.86 -39.34 -29.89
N SER J 555 17.92 -38.01 -29.90
CA SER J 555 16.95 -37.20 -29.16
C SER J 555 16.32 -36.15 -30.07
N LYS J 556 16.95 -34.97 -30.14
CA LYS J 556 16.41 -33.86 -30.92
C LYS J 556 14.92 -33.67 -30.60
N LYS J 557 14.05 -34.09 -31.52
CA LYS J 557 12.61 -34.06 -31.28
C LYS J 557 12.00 -35.39 -31.71
N ARG J 558 11.01 -35.85 -30.95
CA ARG J 558 10.48 -37.20 -31.11
C ARG J 558 9.38 -37.31 -32.17
N PRO J 559 8.31 -36.51 -32.05
CA PRO J 559 7.16 -36.71 -32.94
C PRO J 559 7.44 -36.35 -34.40
N GLU J 560 7.64 -37.37 -35.23
CA GLU J 560 7.86 -37.18 -36.67
C GLU J 560 7.92 -38.51 -37.39
N THR J 561 7.39 -38.56 -38.61
CA THR J 561 7.40 -39.76 -39.42
C THR J 561 8.77 -40.43 -39.41
N ALA J 562 8.78 -41.76 -39.49
CA ALA J 562 10.02 -42.51 -39.46
C ALA J 562 10.73 -42.43 -40.82
N GLY J 563 10.00 -42.04 -41.85
CA GLY J 563 10.59 -41.84 -43.16
C GLY J 563 11.84 -40.97 -43.09
N SER J 564 11.82 -39.99 -42.18
CA SER J 564 12.95 -39.11 -41.98
C SER J 564 13.91 -39.67 -40.94
N GLN J 565 13.36 -40.45 -40.01
CA GLN J 565 14.16 -41.06 -38.95
C GLN J 565 15.19 -42.02 -39.54
N PHE J 566 14.77 -42.85 -40.49
CA PHE J 566 15.68 -43.78 -41.15
C PHE J 566 16.70 -43.02 -41.99
N ARG J 567 16.28 -41.91 -42.59
CA ARG J 567 17.17 -41.06 -43.37
C ARG J 567 18.30 -40.53 -42.50
N ASN J 568 18.00 -40.28 -41.22
CA ASN J 568 19.01 -39.82 -40.27
C ASN J 568 19.95 -40.95 -39.88
N ALA J 569 19.43 -42.17 -39.87
CA ALA J 569 20.21 -43.35 -39.50
C ALA J 569 21.36 -43.57 -40.48
N MET J 570 21.07 -43.40 -41.77
CA MET J 570 22.09 -43.60 -42.80
C MET J 570 23.06 -42.42 -42.83
N ASN J 571 22.55 -41.22 -42.55
CA ASN J 571 23.38 -40.03 -42.47
C ASN J 571 24.33 -40.07 -41.28
N ALA J 572 23.93 -40.77 -40.23
CA ALA J 572 24.78 -40.93 -39.05
C ALA J 572 25.88 -41.95 -39.33
N LEU J 573 25.77 -42.66 -40.45
CA LEU J 573 26.75 -43.67 -40.84
C LEU J 573 27.81 -43.05 -41.74
N ILE J 574 27.40 -42.13 -42.60
CA ILE J 574 28.31 -41.52 -43.57
C ILE J 574 29.16 -40.43 -42.95
N THR J 575 28.51 -39.46 -42.31
CA THR J 575 29.21 -38.32 -41.72
C THR J 575 30.32 -38.74 -40.77
N THR J 576 30.12 -39.84 -40.05
CA THR J 576 31.09 -40.30 -39.06
C THR J 576 32.24 -41.09 -39.69
N LEU J 577 32.13 -41.37 -40.99
CA LEU J 577 33.17 -42.13 -41.70
C LEU J 577 34.06 -41.20 -42.52
N LEU J 578 33.57 -40.01 -42.83
CA LEU J 578 34.31 -39.08 -43.66
C LEU J 578 35.55 -38.55 -42.93
N ALA J 579 35.33 -37.87 -41.81
CA ALA J 579 36.42 -37.27 -41.06
C ALA J 579 37.09 -38.29 -40.13
N CYS J 580 37.92 -39.15 -40.70
CA CYS J 580 38.63 -40.15 -39.91
C CYS J 580 39.72 -40.84 -40.73
N SER J 581 40.31 -41.90 -40.18
CA SER J 581 41.34 -42.66 -40.87
C SER J 581 40.98 -44.14 -40.90
N PRO J 582 40.02 -44.51 -41.77
CA PRO J 582 39.55 -45.89 -41.87
C PRO J 582 40.62 -46.87 -42.35
N HIS J 583 40.31 -48.16 -42.26
CA HIS J 583 41.19 -49.22 -42.76
C HIS J 583 40.37 -50.21 -43.56
N TYR J 584 40.91 -50.67 -44.68
CA TYR J 584 40.14 -51.47 -45.65
C TYR J 584 40.39 -52.96 -45.51
N VAL J 585 39.30 -53.73 -45.42
CA VAL J 585 39.38 -55.18 -45.43
C VAL J 585 38.24 -55.75 -46.26
N ARG J 586 38.59 -56.50 -47.31
CA ARG J 586 37.60 -57.08 -48.20
C ARG J 586 37.89 -58.57 -48.38
N CYS J 587 36.86 -59.40 -48.24
CA CYS J 587 37.03 -60.84 -48.31
C CYS J 587 36.24 -61.46 -49.46
N ILE J 588 36.70 -62.62 -49.92
CA ILE J 588 36.03 -63.36 -50.99
C ILE J 588 35.72 -64.77 -50.52
N LYS J 589 34.61 -65.33 -50.97
CA LYS J 589 34.21 -66.68 -50.56
C LYS J 589 34.77 -67.72 -51.53
N SER J 590 35.30 -68.81 -50.98
CA SER J 590 35.89 -69.87 -51.79
C SER J 590 34.82 -70.55 -52.65
N ASN J 591 33.84 -71.16 -52.00
CA ASN J 591 32.76 -71.84 -52.70
C ASN J 591 31.51 -71.95 -51.82
N ASP J 592 30.38 -72.27 -52.45
CA ASP J 592 29.10 -72.34 -51.75
C ASP J 592 28.91 -73.68 -51.05
N ASN J 593 29.84 -74.60 -51.25
CA ASN J 593 29.74 -75.93 -50.65
C ASN J 593 30.65 -76.10 -49.43
N LYS J 594 31.24 -74.99 -48.97
CA LYS J 594 32.14 -75.00 -47.82
C LYS J 594 33.24 -76.05 -47.98
N GLN J 595 33.70 -76.25 -49.21
CA GLN J 595 34.74 -77.22 -49.51
C GLN J 595 36.12 -76.59 -49.40
N ALA J 596 37.06 -77.34 -48.83
CA ALA J 596 38.44 -76.85 -48.68
C ALA J 596 39.31 -77.43 -49.79
N GLY J 597 39.28 -76.79 -50.95
CA GLY J 597 40.06 -77.23 -52.10
C GLY J 597 39.37 -76.95 -53.42
N VAL J 598 38.05 -76.80 -53.38
CA VAL J 598 37.28 -76.54 -54.59
C VAL J 598 37.11 -75.05 -54.87
N ILE J 599 37.43 -74.64 -56.09
CA ILE J 599 37.29 -73.25 -56.51
C ILE J 599 36.28 -73.13 -57.65
N ASP J 600 35.23 -72.35 -57.42
CA ASP J 600 34.22 -72.10 -58.44
C ASP J 600 34.67 -70.91 -59.29
N GLU J 601 35.13 -71.19 -60.50
CA GLU J 601 35.69 -70.17 -61.38
C GLU J 601 34.71 -69.02 -61.63
N ASP J 602 33.50 -69.36 -62.07
CA ASP J 602 32.50 -68.35 -62.41
C ASP J 602 32.15 -67.47 -61.21
N ARG J 603 31.86 -68.10 -60.08
CA ARG J 603 31.46 -67.36 -58.88
C ARG J 603 32.58 -66.44 -58.39
N VAL J 604 33.78 -66.98 -58.28
CA VAL J 604 34.92 -66.20 -57.81
C VAL J 604 35.25 -65.05 -58.77
N ARG J 605 35.31 -65.37 -60.06
CA ARG J 605 35.58 -64.37 -61.09
C ARG J 605 34.55 -63.25 -61.03
N HIS J 606 33.31 -63.61 -60.75
CA HIS J 606 32.23 -62.63 -60.66
C HIS J 606 32.45 -61.68 -59.49
N GLN J 607 32.88 -62.22 -58.36
CA GLN J 607 33.14 -61.42 -57.17
C GLN J 607 34.24 -60.40 -57.43
N VAL J 608 35.30 -60.84 -58.09
CA VAL J 608 36.39 -59.94 -58.44
C VAL J 608 35.92 -58.92 -59.48
N ARG J 609 34.88 -59.27 -60.23
CA ARG J 609 34.33 -58.40 -61.26
C ARG J 609 33.46 -57.29 -60.68
N TYR J 610 32.37 -57.67 -60.02
CA TYR J 610 31.36 -56.70 -59.60
C TYR J 610 31.84 -55.81 -58.46
N LEU J 611 32.99 -56.15 -57.88
CA LEU J 611 33.57 -55.33 -56.82
C LEU J 611 34.54 -54.30 -57.39
N GLY J 612 34.93 -54.49 -58.65
CA GLY J 612 35.83 -53.56 -59.31
C GLY J 612 37.17 -53.45 -58.61
N LEU J 613 37.86 -54.59 -58.48
CA LEU J 613 39.14 -54.62 -57.80
C LEU J 613 40.29 -54.59 -58.80
N LEU J 614 40.14 -55.31 -59.91
CA LEU J 614 41.15 -55.33 -60.95
C LEU J 614 41.23 -53.98 -61.66
N GLU J 615 40.17 -53.19 -61.54
CA GLU J 615 40.18 -51.83 -62.09
C GLU J 615 41.06 -50.94 -61.23
N ASN J 616 40.96 -51.12 -59.91
CA ASN J 616 41.84 -50.40 -58.99
C ASN J 616 43.30 -50.78 -59.25
N VAL J 617 43.52 -52.04 -59.64
CA VAL J 617 44.84 -52.51 -60.02
C VAL J 617 45.37 -51.71 -61.22
N ARG J 618 44.46 -51.08 -61.96
CA ARG J 618 44.84 -50.27 -63.11
C ARG J 618 44.58 -48.78 -62.84
N VAL J 619 43.98 -48.48 -61.70
CA VAL J 619 43.72 -47.09 -61.32
C VAL J 619 44.50 -46.71 -60.06
N ARG J 620 44.20 -47.37 -58.94
CA ARG J 620 44.95 -47.14 -57.71
C ARG J 620 46.44 -47.19 -58.01
N ARG J 621 46.81 -48.12 -58.89
CA ARG J 621 48.16 -48.17 -59.44
C ARG J 621 48.33 -47.04 -60.46
N ALA J 622 47.90 -47.30 -61.69
CA ALA J 622 47.88 -46.29 -62.76
C ALA J 622 47.42 -46.89 -64.09
N GLY J 623 47.87 -48.11 -64.37
CA GLY J 623 47.42 -48.85 -65.54
C GLY J 623 48.45 -49.03 -66.65
N PHE J 624 48.90 -50.26 -66.84
CA PHE J 624 49.81 -50.61 -67.94
C PHE J 624 50.18 -52.11 -67.92
N ALA J 625 51.40 -52.45 -68.33
CA ALA J 625 51.82 -53.84 -68.43
C ALA J 625 52.52 -54.34 -67.16
N GLY J 626 53.86 -54.35 -67.18
CA GLY J 626 54.64 -54.90 -66.07
C GLY J 626 54.77 -53.93 -64.91
N ARG J 627 54.34 -54.36 -63.73
CA ARG J 627 54.27 -53.46 -62.57
C ARG J 627 55.16 -53.87 -61.40
N ILE J 628 55.77 -52.89 -60.76
CA ILE J 628 56.61 -53.12 -59.58
C ILE J 628 56.40 -51.98 -58.58
N GLU J 629 56.67 -52.25 -57.30
CA GLU J 629 56.44 -51.27 -56.24
C GLU J 629 57.59 -50.27 -56.12
N TYR J 630 57.57 -49.49 -55.04
CA TYR J 630 58.70 -48.66 -54.67
C TYR J 630 59.38 -49.28 -53.45
N THR J 631 58.57 -49.65 -52.47
CA THR J 631 59.08 -50.27 -51.24
C THR J 631 59.74 -51.61 -51.53
N ARG J 632 59.06 -52.46 -52.30
CA ARG J 632 59.59 -53.78 -52.63
C ARG J 632 60.67 -53.69 -53.69
N PHE J 633 60.56 -52.71 -54.57
CA PHE J 633 61.58 -52.46 -55.58
C PHE J 633 62.85 -51.95 -54.92
N TYR J 634 62.69 -51.21 -53.83
CA TYR J 634 63.82 -50.69 -53.08
C TYR J 634 64.74 -51.82 -52.63
N ASN J 635 64.28 -52.61 -51.68
CA ASN J 635 65.06 -53.73 -51.16
C ASN J 635 65.24 -54.82 -52.22
N ARG J 636 65.94 -54.46 -53.30
CA ARG J 636 66.17 -55.38 -54.41
C ARG J 636 67.22 -54.80 -55.35
N TYR J 637 67.08 -53.51 -55.64
CA TYR J 637 68.04 -52.81 -56.50
C TYR J 637 68.73 -51.70 -55.71
N LYS J 638 69.14 -52.00 -54.48
CA LYS J 638 69.79 -51.02 -53.63
C LYS J 638 71.22 -50.75 -54.08
N MET J 639 71.94 -51.82 -54.39
CA MET J 639 73.36 -51.71 -54.74
C MET J 639 73.55 -51.47 -56.23
N LEU J 640 72.55 -50.91 -56.90
CA LEU J 640 72.63 -50.60 -58.31
C LEU J 640 72.46 -49.10 -58.57
N CYS J 641 72.15 -48.35 -57.53
CA CYS J 641 71.90 -46.91 -57.69
C CYS J 641 72.77 -46.09 -56.73
N LYS J 642 72.89 -44.80 -57.01
CA LYS J 642 73.69 -43.90 -56.20
C LYS J 642 72.83 -43.04 -55.29
N LYS J 643 73.35 -42.73 -54.10
CA LYS J 643 72.67 -41.85 -53.16
C LYS J 643 71.28 -42.38 -52.79
N THR J 644 71.11 -43.68 -52.86
CA THR J 644 69.87 -44.32 -52.44
C THR J 644 70.16 -45.25 -51.26
N TRP J 645 71.01 -44.79 -50.36
CA TRP J 645 71.41 -45.55 -49.19
C TRP J 645 70.76 -44.96 -47.94
N PRO J 646 70.82 -45.70 -46.81
CA PRO J 646 70.24 -45.20 -45.55
C PRO J 646 70.49 -43.72 -45.28
N SER J 647 71.46 -43.11 -45.98
CA SER J 647 71.71 -41.69 -45.87
C SER J 647 70.67 -40.87 -46.65
N PHE J 648 69.62 -41.52 -47.12
CA PHE J 648 68.57 -40.85 -47.88
C PHE J 648 67.97 -39.69 -47.08
N ASN J 649 67.50 -38.67 -47.78
CA ASN J 649 66.96 -37.48 -47.13
C ASN J 649 65.60 -37.77 -46.48
N GLY J 650 64.85 -38.70 -47.05
CA GLY J 650 63.55 -39.06 -46.54
C GLY J 650 62.45 -38.71 -47.53
N THR J 651 62.69 -37.68 -48.33
CA THR J 651 61.73 -37.25 -49.34
C THR J 651 61.77 -38.18 -50.54
N ALA J 652 60.67 -38.86 -50.79
CA ALA J 652 60.57 -39.82 -51.88
C ALA J 652 60.69 -39.13 -53.23
N LYS J 653 59.91 -38.07 -53.42
CA LYS J 653 59.90 -37.33 -54.67
C LYS J 653 61.30 -36.88 -55.08
N GLN J 654 62.12 -36.53 -54.11
CA GLN J 654 63.49 -36.09 -54.39
C GLN J 654 64.42 -37.29 -54.51
N ALA J 655 64.07 -38.38 -53.83
CA ALA J 655 64.86 -39.60 -53.89
C ALA J 655 64.78 -40.24 -55.26
N THR J 656 63.56 -40.37 -55.77
CA THR J 656 63.33 -40.99 -57.08
C THR J 656 64.02 -40.21 -58.19
N GLU J 657 63.97 -38.88 -58.10
CA GLU J 657 64.62 -38.02 -59.08
C GLU J 657 66.13 -38.21 -59.06
N LEU J 658 66.69 -38.34 -57.85
CA LEU J 658 68.13 -38.57 -57.68
C LEU J 658 68.52 -39.90 -58.31
N ILE J 659 67.59 -40.84 -58.35
CA ILE J 659 67.86 -42.16 -58.91
C ILE J 659 68.01 -42.12 -60.43
N LEU J 660 67.29 -41.20 -61.08
CA LEU J 660 67.25 -41.16 -62.53
C LEU J 660 68.11 -40.03 -63.11
N GLN J 661 68.14 -38.89 -62.43
CA GLN J 661 68.85 -37.72 -62.95
C GLN J 661 70.36 -37.96 -63.10
N GLN J 662 70.91 -38.83 -62.26
CA GLN J 662 72.34 -39.10 -62.29
C GLN J 662 72.71 -40.09 -63.39
N HIS J 663 71.71 -40.65 -64.05
CA HIS J 663 71.94 -41.56 -65.17
C HIS J 663 71.46 -40.94 -66.48
N ASN J 664 71.12 -39.66 -66.44
CA ASN J 664 70.69 -38.92 -67.62
C ASN J 664 69.50 -39.57 -68.35
N ILE J 665 68.31 -39.33 -67.82
CA ILE J 665 67.07 -39.83 -68.44
C ILE J 665 66.02 -38.72 -68.47
N ASP J 666 65.32 -38.60 -69.59
CA ASP J 666 64.31 -37.55 -69.76
C ASP J 666 63.19 -37.69 -68.73
N LYS J 667 62.49 -36.59 -68.48
CA LYS J 667 61.48 -36.53 -67.42
C LYS J 667 60.23 -37.32 -67.79
N GLU J 668 59.72 -37.07 -68.99
CA GLU J 668 58.45 -37.63 -69.43
C GLU J 668 58.57 -39.12 -69.78
N GLU J 669 59.79 -39.60 -69.96
CA GLU J 669 60.02 -41.00 -70.31
C GLU J 669 59.47 -41.93 -69.23
N ILE J 670 59.44 -41.46 -67.98
CA ILE J 670 58.93 -42.26 -66.88
C ILE J 670 57.74 -41.56 -66.24
N ARG J 671 57.05 -42.26 -65.34
CA ARG J 671 55.88 -41.71 -64.67
C ARG J 671 55.89 -42.14 -63.21
N MET J 672 55.86 -41.17 -62.30
CA MET J 672 55.99 -41.46 -60.87
C MET J 672 54.81 -40.93 -60.06
N GLY J 673 54.10 -41.85 -59.40
CA GLY J 673 53.03 -41.49 -58.50
C GLY J 673 53.49 -41.48 -57.06
N LYS J 674 52.75 -42.15 -56.19
CA LYS J 674 53.13 -42.28 -54.79
C LYS J 674 53.78 -43.63 -54.57
N THR J 675 53.06 -44.69 -54.93
CA THR J 675 53.59 -46.04 -54.87
C THR J 675 53.56 -46.67 -56.27
N LYS J 676 54.32 -47.76 -56.44
CA LYS J 676 54.37 -48.47 -57.71
C LYS J 676 55.05 -47.64 -58.79
N VAL J 677 56.15 -48.16 -59.33
CA VAL J 677 56.87 -47.50 -60.42
C VAL J 677 56.23 -47.92 -61.75
N PHE J 678 56.27 -47.03 -62.73
CA PHE J 678 55.62 -47.29 -64.00
C PHE J 678 56.50 -47.04 -65.22
N ILE J 679 56.98 -48.14 -65.80
CA ILE J 679 57.73 -48.09 -67.06
C ILE J 679 56.94 -48.83 -68.14
N ARG J 680 56.57 -48.11 -69.20
CA ARG J 680 55.76 -48.69 -70.27
C ARG J 680 56.57 -49.64 -71.16
N ASN J 681 55.99 -50.80 -71.44
CA ASN J 681 56.56 -51.76 -72.38
C ASN J 681 57.85 -52.39 -71.85
N PRO J 682 58.05 -53.70 -72.11
CA PRO J 682 59.23 -54.40 -71.59
C PRO J 682 60.56 -53.88 -72.12
N THR J 683 60.62 -53.60 -73.42
CA THR J 683 61.86 -53.18 -74.07
C THR J 683 62.59 -52.09 -73.30
N THR J 684 61.83 -51.24 -72.61
CA THR J 684 62.40 -50.13 -71.87
C THR J 684 63.27 -50.62 -70.71
N LEU J 685 62.97 -51.82 -70.20
CA LEU J 685 63.76 -52.41 -69.13
C LEU J 685 65.18 -52.71 -69.62
N PHE J 686 65.29 -53.12 -70.88
CA PHE J 686 66.59 -53.32 -71.51
C PHE J 686 67.28 -51.98 -71.68
N TYR J 687 66.49 -50.96 -71.97
CA TYR J 687 67.02 -49.61 -72.14
C TYR J 687 67.66 -49.11 -70.85
N PHE J 688 67.08 -49.49 -69.72
CA PHE J 688 67.63 -49.14 -68.41
C PHE J 688 68.91 -49.93 -68.16
N GLU J 689 68.85 -51.24 -68.38
CA GLU J 689 70.00 -52.11 -68.15
C GLU J 689 71.20 -51.68 -68.97
N GLU J 690 70.93 -51.21 -70.19
CA GLU J 690 71.98 -50.78 -71.10
C GLU J 690 72.50 -49.39 -70.73
N LYS J 691 71.60 -48.50 -70.34
CA LYS J 691 71.98 -47.14 -69.97
C LYS J 691 73.00 -47.17 -68.83
N ARG J 692 72.87 -48.17 -67.96
CA ARG J 692 73.79 -48.33 -66.83
C ARG J 692 75.11 -48.95 -67.28
N GLU J 693 75.10 -49.59 -68.44
CA GLU J 693 76.27 -50.30 -68.94
C GLU J 693 77.24 -49.38 -69.69
N LEU J 694 76.71 -48.36 -70.36
CA LEU J 694 77.53 -47.47 -71.18
C LEU J 694 77.84 -46.15 -70.47
N GLU J 695 77.69 -46.13 -69.15
CA GLU J 695 78.04 -44.95 -68.36
C GLU J 695 79.24 -45.23 -67.45
N MET J 696 79.43 -46.50 -67.10
CA MET J 696 80.53 -46.89 -66.22
C MET J 696 80.86 -48.38 -66.38
N PRO J 697 82.06 -48.68 -66.91
CA PRO J 697 82.41 -50.09 -67.15
C PRO J 697 82.65 -50.87 -65.86
PB ADP K . -14.59 6.28 6.68
O1B ADP K . -13.30 6.26 5.98
O2B ADP K . -14.64 7.52 7.53
O3B ADP K . -15.84 6.02 5.81
PA ADP K . -13.37 4.19 8.34
O1A ADP K . -12.75 3.20 7.42
O2A ADP K . -12.41 5.11 9.02
O3A ADP K . -14.52 5.03 7.65
O5' ADP K . -14.15 3.28 9.42
C5' ADP K . -14.83 3.99 10.51
C4' ADP K . -16.00 3.09 10.92
O4' ADP K . -15.45 1.81 11.31
C3' ADP K . -16.77 3.67 12.14
O3' ADP K . -18.18 3.39 11.90
C2' ADP K . -16.28 2.77 13.28
O2' ADP K . -17.23 2.62 14.35
C1' ADP K . -15.92 1.48 12.58
N9 ADP K . -14.99 0.63 13.28
C8 ADP K . -13.74 0.92 13.75
N7 ADP K . -13.13 -0.03 14.39
C5 ADP K . -14.02 -1.02 14.33
C6 ADP K . -13.95 -2.30 14.86
N6 ADP K . -12.90 -2.76 15.53
N1 ADP K . -15.03 -3.06 14.65
C2 ADP K . -16.14 -2.61 13.97
N3 ADP K . -16.28 -1.40 13.45
C4 ADP K . -15.18 -0.68 13.68
CA CA L . -15.55 5.79 2.54
PB ADP M . -20.27 37.51 52.62
O1B ADP M . -19.24 37.95 51.67
O2B ADP M . -20.66 38.69 53.46
O3B ADP M . -21.44 36.69 52.03
PA ADP M . -18.01 36.23 54.00
O1A ADP M . -17.22 35.51 52.99
O2A ADP M . -17.41 37.52 54.46
O3A ADP M . -19.50 36.48 53.57
O5' ADP M . -18.13 35.20 55.22
C5' ADP M . -18.83 35.67 56.43
C4' ADP M . -19.43 34.41 57.07
O4' ADP M . -18.33 33.50 57.35
C3' ADP M . -20.12 34.73 58.42
O3' ADP M . -21.30 33.89 58.48
C2' ADP M . -19.09 34.21 59.44
O2' ADP M . -19.68 33.79 60.68
C1' ADP M . -18.38 33.12 58.68
N9 ADP M . -17.06 32.78 59.18
C8 ADP M . -15.98 33.58 59.38
N7 ADP M . -14.92 33.02 59.89
C5 ADP M . -15.31 31.76 60.01
C6 ADP M . -14.64 30.66 60.52
N6 ADP M . -13.37 30.73 60.96
N1 ADP M . -15.31 29.53 60.55
C2 ADP M . -16.62 29.42 60.10
N3 ADP M . -17.35 30.42 59.62
C4 ADP M . -16.61 31.55 59.61
CA CA N . -21.70 36.31 48.77
PB ADP O . -12.55 -24.34 -39.95
O1B ADP O . -11.26 -24.90 -40.39
O2B ADP O . -12.27 -23.20 -39.02
O3B ADP O . -13.60 -24.07 -41.06
PA ADP O . -12.66 -26.76 -38.28
O1A ADP O . -12.32 -27.90 -39.15
O2A ADP O . -11.57 -26.32 -37.36
O3A ADP O . -13.20 -25.52 -39.10
O5' ADP O . -13.93 -27.26 -37.45
C5' ADP O . -14.48 -26.33 -36.45
C4' ADP O . -15.97 -26.68 -36.35
O4' ADP O . -16.08 -28.07 -35.96
C3' ADP O . -16.68 -25.83 -35.25
O3' ADP O . -17.99 -25.52 -35.77
C2' ADP O . -16.83 -26.86 -34.12
O2' ADP O . -17.96 -26.61 -33.26
C1' ADP O . -16.89 -28.18 -34.84
N9 ADP O . -16.55 -29.35 -34.06
C8 ADP O . -15.41 -29.59 -33.35
N7 ADP O . -15.39 -30.72 -32.69
C5 ADP O . -16.55 -31.25 -32.99
C6 ADP O . -17.13 -32.44 -32.58
N6 ADP O . -16.50 -33.31 -31.76
N1 ADP O . -18.34 -32.71 -33.04
C2 ADP O . -19.02 -31.83 -33.89
N3 ADP O . -18.55 -30.66 -34.31
C4 ADP O . -17.32 -30.46 -33.82
CA CA P . -12.76 -24.38 -44.22
PB ADP Q . -44.24 2.69 -25.69
O1B ADP Q . -45.42 2.31 -26.48
O2B ADP Q . -44.62 2.60 -24.23
O3B ADP Q . -42.91 2.00 -26.07
PA ADP Q . -44.90 5.41 -26.55
O1A ADP Q . -45.14 5.36 -28.01
O2A ADP Q . -46.14 5.51 -25.72
O3A ADP Q . -44.01 4.22 -26.03
O5' ADP Q . -43.98 6.70 -26.35
C5' ADP Q . -43.61 7.04 -24.97
C4' ADP Q . -42.26 7.76 -25.07
O4' ADP Q . -42.44 8.92 -25.93
C3' ADP Q . -41.78 8.28 -23.68
O3' ADP Q . -40.34 8.09 -23.66
C2' ADP Q . -42.07 9.78 -23.79
O2' ADP Q . -41.19 10.59 -22.98
C1' ADP Q . -41.98 10.05 -25.27
N9 ADP Q . -42.67 11.24 -25.73
C8 ADP Q . -43.98 11.58 -25.57
N7 ADP Q . -44.33 12.75 -26.05
C5 ADP Q . -43.19 13.18 -26.58
C6 ADP Q . -42.91 14.38 -27.23
N6 ADP Q . -43.85 15.32 -27.44
N1 ADP Q . -41.66 14.54 -27.62
C2 ADP Q . -40.67 13.59 -27.40
N3 ADP Q . -40.85 12.43 -26.77
C4 ADP Q . -42.14 12.32 -26.40
CA CA R . -42.89 -0.41 -28.32
PB ADP S . -51.25 19.49 27.13
O1B ADP S . -52.30 18.61 26.59
O2B ADP S . -51.29 19.39 28.62
O3B ADP S . -49.86 19.36 26.48
PA ADP S . -53.13 21.63 26.40
O1A ADP S . -53.59 21.36 25.03
O2A ADP S . -54.11 21.29 27.48
O3A ADP S . -51.75 20.95 26.73
O5' ADP S . -52.81 23.20 26.41
C5' ADP S . -52.35 23.78 27.68
C4' ADP S . -51.46 24.97 27.31
O4' ADP S . -52.25 25.87 26.50
C3' ADP S . -50.99 25.75 28.57
O3' ADP S . -49.62 26.16 28.29
C2' ADP S . -51.88 27.00 28.51
O2' ADP S . -51.29 28.16 29.12
C1' ADP S . -52.19 27.14 27.06
N9 ADP S . -53.38 27.92 26.74
C8 ADP S . -54.66 27.72 27.17
N7 ADP S . -55.54 28.60 26.77
C5 ADP S . -54.81 29.40 26.02
C6 ADP S . -55.18 30.55 25.33
N6 ADP S . -56.43 31.02 25.30
N1 ADP S . -54.19 31.17 24.68
C2 ADP S . -52.89 30.71 24.68
N3 ADP S . -52.46 29.64 25.34
C4 ADP S . -53.48 29.05 25.97
CA CA T . -49.26 16.99 24.28
#